data_9G8P
#
_entry.id   9G8P
#
_cell.length_a   1.00
_cell.length_b   1.00
_cell.length_c   1.00
_cell.angle_alpha   90.00
_cell.angle_beta   90.00
_cell.angle_gamma   90.00
#
_symmetry.space_group_name_H-M   'P 1'
#
loop_
_entity.id
_entity.type
_entity.pdbx_description
1 polymer 'Exosome complex component RRP43'
2 polymer 'Exosome complex component RRP46'
3 polymer 'Exosome complex component RRP42'
4 polymer 'Exosome complex component RRP40'
5 polymer 'Exosome complex component CSL4'
6 polymer 'CrPV-IRES RNA'
7 polymer 'Helicase SKI2W'
8 polymer 'Exosome complex component MTR3'
9 polymer 'Exosome complex component RRP4'
10 polymer 'Isoform 2 of HBS1-like protein'
11 polymer 'Exosome complex component RRP45'
12 polymer 'DIS3-like exonuclease 1'
13 polymer 'Exosome complex component RRP41'
#
loop_
_entity_poly.entity_id
_entity_poly.type
_entity_poly.pdbx_seq_one_letter_code
_entity_poly.pdbx_strand_id
1 'polypeptide(L)'
;GPDSMAAGFKTVEPLEYYRRFLKENCRPDGRELGEFRTTTVNIGSISTADGSALVKLGNTTVICGVKAEFAAPSTDAPDK
GYVVPNVDLPPLCSSRFRSGPPGEEAQVASQFIADVIENSQIIQKEDLCISPGKLVWVLYCDLICLDYDGNILDACTFAL
LAALKNVQLPEVTINEETALAEVNLKKKSYLNIRTHPVATSFAVFDDTLLIVDPTGEEEHLATGTLTIVMDEEGKLCCLH
KPGGSGLTGAKLQDCMSRAVTRHKEVKKLMDEVIKSMKPK
;
N
2 'polypeptide(L)'
;GPDSMEEETHTDAKIRAENGTGSSPRGPGCSLRHFACEQNLLSRPDGSASFLQGDTSVLAGVYGPAEVKVSKEIFNKATL
EVILRPKIGLPGVAEKSRERLIRNTCEAVVLGTLHPRTSITVVLQVVSDAGSLLACCLNAACMALVDAGVPMRALFCGVA
CALDSDGTLVLDPTSKQEKEARAVLTFALDSVERKLLMSSTKGLYSDTELQQCLAAAQAASQHVFRFYRESLQRRYSKS
;
O
3 'polypeptide(L)'
;GPDSMASVTLSEAEKVYIVHGVQEDLRVDGRGCEDYRCVEVETDVVSNTSGSARVKLGHTDILVGVKAEMGTPKLEKPNE
GYLEFFVDCSASATPEFEGRGGDDLGTEIANTLYRIFNNKSSVDLKTLCISPREHCWVLYVDVLLLECGGNLFDAISIAV
KAALFNTRIPRVRVLEDEEGSKDIELSDDPYDCIRLSVENVPCIVTLCKIGYRHVVDATLQEEACSLASLLVSVTSKGVV
TCMRKVGKGSLDPESIFEMMETGKRVGKVLHASLQSVVHKEESLGPKRQKVGFLG
;
F
4 'polypeptide(L)'
;GPDSMAEPASVAAESLAGSRARAARTVLGQVVLPGEELLLPEQEDAEGPGGAVERPLSLNARACSRVRVVCGPGLRRCGD
RLLVTKCGRLRHKEPGSGSGGGVYWVDSQQKRYVPVKGDHVIGIVTAKSGDIFKVDVGGSEPASLSYLSFEGATKRNRPN
VQVGDLIYGQFVVANKDMEPEMVCIDSCGRANGMGVIGQDGLLFKVTLGLIRKLLAPDCEIIQEVGKLHPLEIVFGMNGR
IWVKAKTIQQTLILANILEACEHMTSDQRKQIFSRLAES
;
H
5 'polypeptide(L)'
;GPDSMAPPVRYCIPGERLCNLEEGSPGSGTYTRHGYIFSSLAGCLMKSSENGALPVVSVVRETESQLLPDVGAIVTCKVS
SINSRFAKVHILYVGSMPLKNSFRGTIRKEDVRATEKDKVEIYKSFRPGDIVLAKVISLGDAQSNYLLTTAENELGVVVA
HSESGIQMVPISWCEMQCPKTHTKEFRKVARVQPEFLQT
;
J
6 'polyribonucleotide' UUUUUUUUUUUUUUUUUUUUUUUUUUCUCCUCUUUUUUUUUUUU X
7 'polypeptide(L)'
;MMETERLVLPPPDPLDLPLRAVELGCTGHWELLNLPGAPESSLPHGLPPCAPDLQQEAEQLFLSSPAWLPLHGVEHSARK
WQRKTDPWSLLAVLGAPVPSDLQAQRHPTTGQILGYKEVLLENTNLSATTSLSLRRPPGPASQSLWGNPTQYPFWPGGMD
EPTITDLNTREEAEEEIDFEKDLLTIPPGFKKGMDFAPKDCPTPAPGLLSLSCMLEPLDLGGGDEDENEAVGQPGGPRGD
TVSASPCSAPLARASSLEDLVLKEASTAVSTPEAPEPPSQEQWAIPVDATSPVGDFYRLIPQPAFQWAFEPDVFQKQAIL
HLERHDSVFVAAHTSAGKTVVAEYAIALAQKHMTRTIYTSPIKALSNQKFRDFRNTFGDVGLLTGDVQLHPEASCLIMTT
EILRSMLYSGSDVIRDLEWVIFDEVHYINDVERGVVWEEVLIMLPDHVSIILLSATVPNALEFADWIGRLKRRQIYVIST
VTRPVPLEHYLFTGNSSKTQGELFLLLDSRGAFHTKGYYAAVEAKKERMSKHAQTFGAKQPTHQGGPAQDRGVYLSLLAS
LRTRAQLPVVVFTFSRGRCDEQASGLTSLDLTTSSEKSEIHLFLQRCLARLRGSDRQLPQVLHMSELLNRGLGVHHSGIL
PILKEIVEMLFSRGLVKVLFATETFAMGVNMPARTVVFDSMRKHDGSTFRDLLPGEYVQMAGRAGRRGLDPTGTVILLCK
GRVPEMADLHRMMMGKPSQLQSQFRLTYTMILNLLRVDALRVEDMMKRSFSEFPSRKDSKAHEQALAELTKRLGALEEPD
MTGQLVDLPEYYSWGEELTETQHMIQRRIMESVNGLKSLSAGRVVVVKNQEHHNALGVILQVSSNSTSRVFTTLVLCDKP
LSQDPQDRGPATAEVPYPDDLVGFKLFLPEGPCDHTVVKLQPGDMAAITTKVLRVNGEKILEDFSKRQQPKFKKDPPLAA
VTTAVQELLRLAQAHPAGPPTLDPVNDLQLKDMSVVEGGLRARKLEELIQGAQCVHSPRFPAQYLKLRERMQIQKEMERL
RFLLSDQSLLLLPEYHQRVEVLRTLGYVDEAGTVKLAGRVACAMSSHELLLTELMFDNALSTLRPEEIAALLSGLVCQSP
GDAGDQLPNTLKQGIERVRAVAKRIGEVQVACGLNQTVEEFVGELNFGLVEVVYEWARGMPFSELAGLSGTPEGLVVRCI
QRLAEMCRSLRGAARLVGEPVLGAKMETAATLLRRDIVFAASLYTQ
;
A
8 'polypeptide(L)'
;MPGDHRRIRGPEESQPPQLYAADEEEAPGTRDPTRLRPVYARAGLLSQAKGSAYLEAGGTKVLCAVSGPRQAEGGERGGG
PAGAGGEAPAALRGRLLCDFRRAPFAGRRRRAPPGGCEERELALALQEALEPAVRLGRYPRAQLEVSALLLEDGGSALAA
ALTAAALALADAGVEMYDLVVGCGLSLAPGPAPTWLLDPTRLEEERAAAGLTVALMPVLNQVAGLLGSGEGGLTESWAEA
VRLGLEGCQRLYPVLQQSLVRAARRRGAAAQP
;
G
9 'polypeptide(L)'
;GPDSMAMEMRLPVARKPLSERLGRDTKKHLVVPGDTITTDTGFMRGHGTYMGEEKLIASVAGSVERVNKLICVKALKTRY
IGEVGDIVVGRITEVQQKRWKVETNSRLDSVLLLSSMNLPGGELRRRSAEDELAMRGFLQEGDLISAEVQAVFSDGAVSL
HTRSLKYGKLGQGVLVQVSPSLVKRQKTHFHDLPCGASVILGNNGFIWIYPTPEHKEEEAGGFIANLEPVSLADREVISR
LRNCIISLVTQRMMLYDTSILYCYEASLPHQIKDILKPEIMEEIVMETRQRLLEQEG
;
I
10 'polypeptide(L)'
;GPDSSQCESPSLTELFQEHKENNISQCFTLSDLCNQSSASFTDLSLGSFPLSQLANRCQSSPGISELTGSLSSLAFHKAS
PTRDLENLSLSELIAETIDVDNSQIKKESFEVSLSEVRSPGIDSNIDLSVLIKNPDFVPKPVVDPSIAPSSRTKVLSSKL
GKNSNFAKDNKKNNKGSLTRKPPFSLSWTKALAARPSAFASTLCLRYPLKSCKRRTLDLYKTFLYSRQVQDVKDKEISPL
VAITPFDFKSASPDDIVKANQKKAFTRELEVLFQ
;
E
11 'polypeptide(L)'
;GPDSMKETPLSNCERRFLLRAIEEKKRLDGRQTYDYRNIRISFGTDYGCCIVELGKTRVLGQVSCELVSPKLNRATEGIL
FFNLELSQMAAPAFEPGRQSDLLVKLNRLMERCLRNSKCIDTESLCVVAGEKVWQIRVDLHLLNHDGNIIDAASIAAIVA
LCHFRRPDVSVQGDEVTLYTPEERDPVPLSIHHMPICVSFAFFQQGTYLLVDPNEREERVMDGLLVIAMNKHREICTIQS
SGGIMLLKDQVLRCSKIAGVKVAEITELILKALENDQKVRKEGGKFGFAESIANQRITAFKMEKAPIDTSDVEEKAEEII
AEAEPPSEVVSTPVLWTPGTAQIGEGVENSWGDLEDSEKEDDEGGGDQAIILDGIKMDTGVEVSDIGSQDAPIILSDSEE
EEMIILEPDKNPKKIRTQTTSAKQEKAPSKKPVKRRKKKRAAN
;
K
12 'polypeptide(L)'
;GPMLQKREKVLLLRTFQGRTLRIVREHYLRPCVPCHSPLCPQPAACSHDGKLLSSDVTHYVIPDWKVVQDYLEILEFPEL
KGIIFMQTACQAVQHQRGRRQYNKLRNLLKDARHDCILFANEFQQCCYLPRERGESMEKWQTRSIYNAAVWYYHHCQDRM
PIVMVTEDEEAIQQYGSETEGVFVITFKNYLDNFWPDLKAAHELCDSILQSRRERENESQESHGKEYPEHLPLEVLEAGI
KSGRYIQGILNVNKHRAQIEAFVRLQGASSKDSDLVSDILIHGMKARNRSIHGDVVVVELLPKNEWKGRTVALCENDCDD
KASGESPSEPMPTGRVVGILQKNWRDYVVTFPSKEEVQSQGKNAQKILVTPWDYRIPKIRISTQQAETLQDFRVVVRIDS
WESTSVYPNGHFVRVLGRIGDLEGEIATILVENSISVIPFSEAQMCEMPVNTPESPWKVSPEEEQKRKDLRKSHLVFSID
PKGCEDVNDTLSVRTLNNGNLELGVHIADVTHFVAPNSYIDIEARTRATTYYLADRRYDMLPSVLSADLCSLLGGVDRYA
VSIMWELDKASYEIKKVWYGRTIIRSAYKLFYEAAQELLDGNLSVVDDIPEFKDLDEKSRQAKLEELVWAIGKLTDIARH
VRAKRDGCGALELEGVEVCVQLDDKKNIHDLIPKQPLEVHETVAECMILANHWVAKKIWESFPHQALLRQHPPPHQEFFS
ELRECAKAKGFFIDTRSNKTLADSLDNANDPHDPIVNRLLRSMATQAMSNALYFSTGSCAEEEFHHYGLALDKYTHFTSP
IRRYSDIVVHRLLMAAISKDKKMEIKGNLFSNKDLEELCRHINNRNQAAQHSQKQSTELFQCMYFKDKDPATEERCISDG
VIYSIRTNGVLLFIPRFGIKGAAYLKNKDGLVISCGPDSCSEWKPGSLQRFQNKITSTTTDGESVTFHLFDHVTVRISIQ
ASRCHSDTIRLEIISNKPYKIPNTELIHQSSPLLKSELVKEVTKSVEEAQLAQEVKVNIIQEEYQEYRQTKGRSLYTLLE
EIRDLALLDVSNNYGI
;
M
13 'polypeptide(L)'
;MAGLELLSDQGYRVDGRRAGELRKIQARMGVFAQADGSAYIEQGNTKALAVVYGPHEIRGSRARALPDRALVNCQYSSAT
FSTGERKRRPHGDRKSCEMGLQLRQTFEAAILTQLHPRSQIDIYVQVLQADGGTYAACVNAATLAVLDAGIPMRDFVCAC
SAGFVDGTALADLSHVEEAAGGPQLALALLPASGQIALLEMDARLHEDHLERVLEAAAQAARDVHTLLDRVVRQHVREAS
ILLGD
;
L
#
loop_
_chem_comp.id
_chem_comp.type
_chem_comp.name
_chem_comp.formula
C RNA linking CYTIDINE-5'-MONOPHOSPHATE 'C9 H14 N3 O8 P'
U RNA linking URIDINE-5'-MONOPHOSPHATE 'C9 H13 N2 O9 P'
#
# COMPACT_ATOMS: atom_id res chain seq x y z
N GLU A 13 23.27 -32.84 26.23
CA GLU A 13 24.64 -32.33 26.18
C GLU A 13 24.79 -30.94 26.82
N PRO A 14 23.96 -29.94 26.40
CA PRO A 14 24.16 -28.57 26.93
C PRO A 14 24.09 -28.49 28.44
N LEU A 15 22.99 -28.98 29.01
CA LEU A 15 22.78 -28.86 30.46
C LEU A 15 23.76 -29.73 31.23
N GLU A 16 23.93 -30.98 30.79
CA GLU A 16 24.75 -31.92 31.54
C GLU A 16 26.21 -31.50 31.55
N TYR A 17 26.69 -30.91 30.46
CA TYR A 17 28.10 -30.53 30.41
C TYR A 17 28.38 -29.48 31.46
N TYR A 18 27.50 -28.48 31.55
CA TYR A 18 27.74 -27.42 32.52
C TYR A 18 27.57 -27.95 33.93
N ARG A 19 26.58 -28.82 34.14
CA ARG A 19 26.39 -29.37 35.49
C ARG A 19 27.58 -30.23 35.91
N ARG A 20 28.39 -30.69 34.96
CA ARG A 20 29.63 -31.38 35.35
C ARG A 20 30.56 -30.43 36.09
N PHE A 21 30.67 -29.18 35.62
CA PHE A 21 31.45 -28.18 36.35
C PHE A 21 30.72 -27.72 37.60
N LEU A 22 29.39 -27.69 37.57
CA LEU A 22 28.65 -27.24 38.75
C LEU A 22 28.86 -28.21 39.90
N LYS A 23 28.72 -29.51 39.63
CA LYS A 23 29.02 -30.52 40.64
C LYS A 23 30.50 -30.50 41.00
N GLU A 24 31.36 -30.24 40.02
CA GLU A 24 32.78 -30.08 40.29
C GLU A 24 33.06 -28.83 41.12
N ASN A 25 32.11 -27.89 41.16
CA ASN A 25 32.23 -26.64 41.90
C ASN A 25 33.31 -25.73 41.32
N CYS A 26 33.53 -25.81 40.01
CA CYS A 26 34.47 -24.91 39.33
C CYS A 26 33.97 -24.75 37.89
N ARG A 27 33.31 -23.63 37.63
CA ARG A 27 32.76 -23.38 36.30
C ARG A 27 33.89 -23.08 35.32
N PRO A 28 33.62 -23.22 34.01
CA PRO A 28 34.72 -23.13 33.03
C PRO A 28 35.50 -21.82 33.07
N ASP A 29 34.92 -20.75 33.63
CA ASP A 29 35.69 -19.53 33.80
C ASP A 29 36.85 -19.70 34.79
N GLY A 30 36.79 -20.71 35.66
CA GLY A 30 37.81 -20.88 36.66
C GLY A 30 37.46 -20.15 37.93
N ARG A 31 36.18 -20.19 38.30
CA ARG A 31 35.67 -19.41 39.43
C ARG A 31 34.93 -20.34 40.38
N GLU A 32 34.86 -19.92 41.64
CA GLU A 32 34.35 -20.76 42.72
C GLU A 32 32.84 -20.63 42.91
N LEU A 33 32.11 -20.17 41.89
CA LEU A 33 30.66 -20.07 41.86
C LEU A 33 30.13 -18.99 42.77
N GLY A 34 30.99 -18.29 43.52
CA GLY A 34 30.55 -17.23 44.38
C GLY A 34 31.47 -16.04 44.36
N GLU A 35 32.20 -15.86 43.26
CA GLU A 35 33.14 -14.77 43.12
C GLU A 35 32.91 -14.02 41.81
N PHE A 36 33.36 -12.78 41.78
CA PHE A 36 33.17 -11.88 40.66
C PHE A 36 34.41 -11.88 39.77
N ARG A 37 34.25 -11.34 38.56
CA ARG A 37 35.37 -11.20 37.65
C ARG A 37 36.33 -10.11 38.14
N THR A 38 37.39 -9.91 37.37
CA THR A 38 38.34 -8.85 37.65
C THR A 38 37.79 -7.51 37.18
N THR A 39 37.94 -6.50 38.02
CA THR A 39 37.37 -5.18 37.76
C THR A 39 38.47 -4.12 37.74
N THR A 40 38.41 -3.26 36.73
CA THR A 40 39.35 -2.15 36.58
C THR A 40 38.62 -1.02 35.87
N VAL A 41 39.02 0.21 36.19
CA VAL A 41 38.39 1.41 35.62
C VAL A 41 39.43 2.47 35.31
N ASN A 42 39.09 3.35 34.37
CA ASN A 42 39.84 4.58 34.17
C ASN A 42 38.85 5.73 34.02
N ILE A 43 39.29 6.92 34.43
CA ILE A 43 38.48 8.12 34.48
C ILE A 43 39.30 9.27 33.91
N GLY A 44 38.67 10.12 33.11
CA GLY A 44 39.38 11.30 32.63
C GLY A 44 40.29 11.04 31.45
N SER A 45 39.74 10.52 30.36
CA SER A 45 40.48 10.28 29.14
C SER A 45 39.92 11.02 27.93
N ILE A 46 38.60 11.12 27.82
CA ILE A 46 37.98 11.87 26.73
C ILE A 46 37.95 13.34 27.13
N SER A 47 38.68 14.17 26.39
CA SER A 47 38.84 15.57 26.75
C SER A 47 37.84 16.48 26.05
N THR A 48 36.92 15.93 25.27
CA THR A 48 35.85 16.70 24.64
C THR A 48 34.54 16.59 25.41
N ALA A 49 34.56 16.00 26.60
CA ALA A 49 33.38 15.83 27.41
C ALA A 49 33.62 16.37 28.82
N ASP A 50 32.53 16.75 29.48
CA ASP A 50 32.62 17.27 30.84
C ASP A 50 33.17 16.20 31.78
N GLY A 51 32.69 14.97 31.64
CA GLY A 51 33.19 13.88 32.46
C GLY A 51 33.00 12.56 31.74
N SER A 52 33.94 11.64 31.97
CA SER A 52 33.91 10.34 31.32
C SER A 52 34.65 9.33 32.18
N ALA A 53 34.32 8.06 31.97
CA ALA A 53 34.96 6.98 32.71
C ALA A 53 34.80 5.69 31.92
N LEU A 54 35.85 4.86 31.93
CA LEU A 54 35.86 3.57 31.26
C LEU A 54 35.88 2.44 32.28
N VAL A 55 34.97 1.50 32.14
CA VAL A 55 34.80 0.40 33.08
C VAL A 55 35.05 -0.91 32.34
N LYS A 56 35.98 -1.71 32.87
CA LYS A 56 36.31 -3.03 32.33
C LYS A 56 36.02 -4.07 33.40
N LEU A 57 35.27 -5.10 33.03
CA LEU A 57 34.82 -6.13 33.98
C LEU A 57 35.19 -7.51 33.46
N GLY A 58 36.43 -7.66 32.99
CA GLY A 58 36.81 -8.91 32.36
C GLY A 58 35.92 -9.18 31.17
N ASN A 59 36.02 -8.32 30.15
CA ASN A 59 35.02 -8.15 29.10
C ASN A 59 33.83 -7.41 29.69
N THR A 60 32.75 -7.25 28.93
CA THR A 60 31.62 -6.42 29.31
C THR A 60 32.08 -4.99 29.58
N THR A 61 32.64 -4.37 28.54
CA THR A 61 33.18 -3.03 28.62
C THR A 61 32.08 -2.00 28.32
N VAL A 62 32.00 -0.97 29.17
CA VAL A 62 30.99 0.07 29.05
C VAL A 62 31.67 1.40 29.30
N ILE A 63 31.34 2.40 28.48
CA ILE A 63 31.91 3.74 28.60
C ILE A 63 30.79 4.74 28.68
N CYS A 64 30.96 5.76 29.53
CA CYS A 64 29.96 6.79 29.74
C CYS A 64 30.60 8.17 29.59
N GLY A 65 29.77 9.13 29.17
CA GLY A 65 30.19 10.50 28.99
C GLY A 65 29.13 11.51 29.37
N VAL A 66 29.52 12.64 29.95
CA VAL A 66 28.57 13.62 30.47
C VAL A 66 28.81 14.94 29.76
N LYS A 67 27.73 15.54 29.25
CA LYS A 67 27.77 16.86 28.66
C LYS A 67 26.71 17.73 29.32
N ALA A 68 27.09 18.97 29.67
CA ALA A 68 26.21 19.89 30.35
C ALA A 68 25.81 21.02 29.40
N GLU A 69 24.51 21.32 29.36
CA GLU A 69 23.97 22.35 28.48
C GLU A 69 22.96 23.17 29.27
N PHE A 70 22.35 24.15 28.60
CA PHE A 70 21.31 24.96 29.21
C PHE A 70 19.94 24.60 28.65
N ALA A 71 18.92 24.75 29.49
CA ALA A 71 17.56 24.44 29.09
C ALA A 71 16.59 25.19 29.97
N ALA A 72 15.36 25.33 29.47
CA ALA A 72 14.31 26.01 30.21
C ALA A 72 13.67 25.08 31.23
N PRO A 73 13.46 25.56 32.46
CA PRO A 73 12.82 24.72 33.48
C PRO A 73 11.38 24.41 33.11
N SER A 74 10.87 23.32 33.67
CA SER A 74 9.52 22.89 33.34
C SER A 74 8.48 23.86 33.88
N THR A 75 7.26 23.75 33.34
CA THR A 75 6.20 24.67 33.73
C THR A 75 5.66 24.38 35.13
N ASP A 76 5.75 23.14 35.60
CA ASP A 76 5.18 22.83 36.91
C ASP A 76 6.11 23.29 38.02
N ALA A 77 7.35 22.80 38.04
CA ALA A 77 8.32 23.15 39.06
C ALA A 77 9.54 23.77 38.40
N PRO A 78 9.61 25.10 38.30
CA PRO A 78 10.73 25.78 37.65
C PRO A 78 11.94 25.97 38.56
N ASP A 79 12.34 24.89 39.24
CA ASP A 79 13.56 24.94 40.04
C ASP A 79 14.36 23.64 39.87
N LYS A 80 14.18 22.93 38.75
CA LYS A 80 14.81 21.64 38.57
C LYS A 80 15.59 21.62 37.25
N GLY A 81 16.75 20.98 37.26
CA GLY A 81 17.55 20.79 36.07
C GLY A 81 17.48 19.33 35.64
N TYR A 82 17.20 19.12 34.36
CA TYR A 82 16.98 17.76 33.88
C TYR A 82 18.29 16.97 33.84
N VAL A 83 18.15 15.64 33.99
CA VAL A 83 19.22 14.69 33.75
C VAL A 83 18.64 13.55 32.91
N VAL A 84 19.25 13.29 31.75
CA VAL A 84 18.66 12.31 30.83
C VAL A 84 19.67 11.21 30.52
N PRO A 85 19.45 9.99 31.00
CA PRO A 85 20.31 8.87 30.62
C PRO A 85 19.82 8.12 29.40
N ASN A 86 20.77 7.55 28.66
CA ASN A 86 20.45 6.69 27.52
C ASN A 86 21.52 5.62 27.39
N VAL A 87 21.09 4.39 27.14
CA VAL A 87 22.01 3.27 26.94
C VAL A 87 21.81 2.73 25.53
N ASP A 88 22.90 2.64 24.78
CA ASP A 88 22.89 2.20 23.39
C ASP A 88 23.74 0.95 23.23
N LEU A 89 23.24 0.01 22.42
CA LEU A 89 23.92 -1.26 22.14
C LEU A 89 24.18 -1.34 20.64
N PRO A 90 25.34 -0.88 20.18
CA PRO A 90 25.61 -0.88 18.74
C PRO A 90 25.79 -2.29 18.22
N PRO A 91 25.67 -2.50 16.91
CA PRO A 91 25.82 -3.86 16.36
C PRO A 91 27.25 -4.35 16.32
N LEU A 92 28.19 -3.58 16.89
CA LEU A 92 29.59 -4.01 16.90
C LEU A 92 30.00 -4.64 18.22
N CYS A 93 29.33 -4.30 19.32
CA CYS A 93 29.67 -4.92 20.60
C CYS A 93 29.34 -6.41 20.58
N SER A 94 28.21 -6.79 19.98
CA SER A 94 27.83 -8.19 19.84
C SER A 94 27.52 -8.49 18.38
N SER A 95 27.00 -9.68 18.10
CA SER A 95 26.64 -10.07 16.76
C SER A 95 25.15 -10.34 16.59
N ARG A 96 24.36 -10.18 17.65
CA ARG A 96 22.92 -10.39 17.57
C ARG A 96 22.15 -9.08 17.42
N PHE A 97 22.80 -7.95 17.63
CA PHE A 97 22.16 -6.65 17.48
C PHE A 97 22.24 -6.22 16.02
N ARG A 98 21.12 -5.71 15.50
CA ARG A 98 21.03 -5.29 14.12
C ARG A 98 20.80 -3.78 14.05
N SER A 99 21.20 -3.19 12.93
CA SER A 99 21.13 -1.74 12.80
C SER A 99 19.69 -1.27 12.73
N GLY A 100 19.49 0.00 13.10
CA GLY A 100 18.17 0.59 13.08
C GLY A 100 17.88 1.30 14.38
N PRO A 101 16.61 1.43 14.72
CA PRO A 101 16.23 2.03 16.00
C PRO A 101 16.66 1.16 17.15
N PRO A 102 16.83 1.73 18.34
CA PRO A 102 17.31 0.94 19.48
C PRO A 102 16.34 -0.19 19.81
N GLY A 103 16.90 -1.32 20.25
CA GLY A 103 16.11 -2.50 20.50
C GLY A 103 15.61 -2.57 21.95
N GLU A 104 14.93 -3.67 22.25
CA GLU A 104 14.35 -3.84 23.58
C GLU A 104 15.41 -3.90 24.67
N GLU A 105 16.52 -4.60 24.43
CA GLU A 105 17.52 -4.74 25.47
C GLU A 105 18.16 -3.40 25.85
N ALA A 106 18.44 -2.54 24.87
CA ALA A 106 19.06 -1.25 25.21
C ALA A 106 18.05 -0.30 25.84
N GLN A 107 16.79 -0.38 25.42
CA GLN A 107 15.76 0.45 26.01
C GLN A 107 15.52 0.07 27.47
N VAL A 108 15.47 -1.23 27.75
CA VAL A 108 15.32 -1.66 29.15
C VAL A 108 16.55 -1.29 29.94
N ALA A 109 17.74 -1.40 29.33
CA ALA A 109 18.96 -1.01 30.01
C ALA A 109 19.02 0.49 30.26
N SER A 110 18.16 1.27 29.61
CA SER A 110 18.08 2.70 29.84
C SER A 110 16.99 3.07 30.82
N GLN A 111 15.85 2.39 30.76
CA GLN A 111 14.78 2.61 31.73
C GLN A 111 15.21 2.17 33.12
N PHE A 112 16.02 1.10 33.21
CA PHE A 112 16.53 0.68 34.50
C PHE A 112 17.42 1.75 35.11
N ILE A 113 18.29 2.36 34.31
CA ILE A 113 19.18 3.39 34.83
C ILE A 113 18.39 4.64 35.20
N ALA A 114 17.37 4.98 34.42
CA ALA A 114 16.53 6.13 34.77
C ALA A 114 15.82 5.89 36.10
N ASP A 115 15.33 4.66 36.31
CA ASP A 115 14.68 4.34 37.57
C ASP A 115 15.67 4.40 38.74
N VAL A 116 16.90 3.94 38.52
CA VAL A 116 17.91 3.99 39.57
C VAL A 116 18.22 5.45 39.92
N ILE A 117 18.35 6.29 38.89
CA ILE A 117 18.66 7.70 39.11
C ILE A 117 17.53 8.37 39.88
N GLU A 118 16.29 7.99 39.61
CA GLU A 118 15.19 8.64 40.29
C GLU A 118 15.06 8.15 41.73
N ASN A 119 14.94 6.83 41.92
CA ASN A 119 14.69 6.31 43.25
C ASN A 119 15.87 6.57 44.19
N SER A 120 17.10 6.40 43.70
CA SER A 120 18.26 6.50 44.58
C SER A 120 18.47 7.91 45.13
N GLN A 121 17.93 8.93 44.48
CA GLN A 121 18.11 10.32 44.89
C GLN A 121 19.58 10.66 45.02
N ILE A 122 20.39 10.18 44.07
CA ILE A 122 21.83 10.45 44.11
C ILE A 122 22.09 11.94 43.92
N ILE A 123 21.28 12.61 43.11
CA ILE A 123 21.44 14.04 42.84
C ILE A 123 20.10 14.72 43.06
N GLN A 124 20.16 16.03 43.37
CA GLN A 124 18.98 16.85 43.57
C GLN A 124 18.94 17.91 42.48
N LYS A 125 17.82 17.96 41.75
CA LYS A 125 17.71 18.87 40.62
C LYS A 125 17.72 20.34 41.05
N GLU A 126 17.51 20.61 42.33
CA GLU A 126 17.56 21.98 42.84
C GLU A 126 18.98 22.52 42.94
N ASP A 127 20.00 21.66 42.80
CA ASP A 127 21.38 22.11 42.84
C ASP A 127 21.93 22.52 41.48
N LEU A 128 21.12 22.46 40.41
CA LEU A 128 21.58 22.80 39.09
C LEU A 128 21.01 24.11 38.55
N CYS A 129 19.99 24.66 39.19
CA CYS A 129 19.40 25.90 38.70
C CYS A 129 20.33 27.08 38.92
N ILE A 130 20.28 28.03 37.99
CA ILE A 130 21.10 29.23 38.09
C ILE A 130 20.20 30.36 38.57
N SER A 131 19.16 30.66 37.79
CA SER A 131 18.12 31.61 38.18
C SER A 131 16.77 30.94 38.00
N PRO A 132 15.98 30.80 39.04
CA PRO A 132 14.71 30.05 38.97
C PRO A 132 13.74 30.56 37.92
N GLY A 133 13.14 29.62 37.19
CA GLY A 133 12.16 29.87 36.15
C GLY A 133 12.63 30.25 34.75
N LYS A 134 13.91 30.53 34.52
CA LYS A 134 14.31 30.90 33.18
C LYS A 134 15.22 29.86 32.54
N LEU A 135 16.30 29.46 33.21
CA LEU A 135 17.29 28.55 32.65
C LEU A 135 17.79 27.63 33.75
N VAL A 136 18.01 26.37 33.38
CA VAL A 136 18.54 25.33 34.26
C VAL A 136 19.53 24.49 33.47
N TRP A 137 20.54 23.96 34.18
CA TRP A 137 21.46 23.04 33.55
C TRP A 137 20.75 21.76 33.16
N VAL A 138 21.27 21.10 32.12
CA VAL A 138 20.81 19.78 31.71
C VAL A 138 22.02 18.89 31.43
N LEU A 139 21.98 17.67 31.96
CA LEU A 139 23.08 16.72 31.84
C LEU A 139 22.64 15.59 30.92
N TYR A 140 23.44 15.32 29.89
CA TYR A 140 23.18 14.28 28.91
C TYR A 140 24.23 13.19 29.09
N CYS A 141 23.85 12.10 29.74
CA CYS A 141 24.74 10.97 29.95
C CYS A 141 24.29 9.82 29.05
N ASP A 142 25.15 9.47 28.10
CA ASP A 142 24.88 8.46 27.10
C ASP A 142 25.89 7.34 27.30
N LEU A 143 25.39 6.10 27.37
CA LEU A 143 26.23 4.94 27.59
C LEU A 143 26.24 4.08 26.33
N ILE A 144 27.43 3.69 25.92
CA ILE A 144 27.65 2.87 24.74
C ILE A 144 28.47 1.66 25.19
N CYS A 145 27.95 0.47 24.93
CA CYS A 145 28.63 -0.76 25.31
C CYS A 145 29.65 -1.19 24.26
N LEU A 146 30.89 -1.40 24.70
CA LEU A 146 31.95 -1.83 23.82
C LEU A 146 32.06 -3.35 23.74
N ASP A 147 31.46 -4.08 24.67
CA ASP A 147 31.55 -5.53 24.71
C ASP A 147 30.45 -6.10 25.58
N TYR A 148 29.68 -7.04 25.05
CA TYR A 148 28.57 -7.65 25.77
C TYR A 148 28.95 -9.08 26.16
N ASP A 149 29.27 -9.31 27.44
CA ASP A 149 29.53 -10.67 27.91
C ASP A 149 28.53 -11.16 28.94
N GLY A 150 27.81 -10.26 29.60
CA GLY A 150 26.84 -10.61 30.61
C GLY A 150 26.94 -9.58 31.72
N ASN A 151 25.89 -9.52 32.54
CA ASN A 151 25.83 -8.59 33.66
C ASN A 151 25.98 -7.15 33.16
N ILE A 152 25.05 -6.77 32.29
CA ILE A 152 25.12 -5.45 31.66
C ILE A 152 24.71 -4.36 32.63
N LEU A 153 23.68 -4.62 33.44
CA LEU A 153 23.14 -3.59 34.30
C LEU A 153 24.05 -3.27 35.47
N ASP A 154 25.07 -4.11 35.71
CA ASP A 154 26.02 -3.81 36.77
C ASP A 154 27.13 -2.88 36.27
N ALA A 155 27.71 -3.19 35.10
CA ALA A 155 28.77 -2.34 34.62
C ALA A 155 28.25 -1.03 34.07
N CYS A 156 27.00 -0.99 33.57
CA CYS A 156 26.48 0.29 33.12
C CYS A 156 26.29 1.23 34.31
N THR A 157 25.79 0.68 35.42
CA THR A 157 25.59 1.46 36.62
C THR A 157 26.92 1.93 37.19
N PHE A 158 27.92 1.05 37.22
CA PHE A 158 29.22 1.46 37.75
C PHE A 158 29.88 2.51 36.85
N ALA A 159 29.69 2.40 35.53
CA ALA A 159 30.24 3.40 34.63
C ALA A 159 29.58 4.75 34.88
N LEU A 160 28.27 4.75 35.08
CA LEU A 160 27.56 6.01 35.30
C LEU A 160 27.99 6.64 36.61
N LEU A 161 28.05 5.84 37.69
CA LEU A 161 28.42 6.38 38.98
C LEU A 161 29.86 6.90 38.97
N ALA A 162 30.76 6.18 38.30
CA ALA A 162 32.15 6.63 38.20
C ALA A 162 32.25 7.92 37.40
N ALA A 163 31.45 8.04 36.33
CA ALA A 163 31.47 9.26 35.52
C ALA A 163 30.93 10.46 36.29
N LEU A 164 29.86 10.26 37.07
CA LEU A 164 29.25 11.38 37.78
C LEU A 164 30.16 11.96 38.86
N LYS A 165 31.18 11.23 39.27
CA LYS A 165 32.14 11.71 40.24
C LYS A 165 33.26 12.53 39.61
N ASN A 166 33.26 12.70 38.29
CA ASN A 166 34.28 13.47 37.62
C ASN A 166 33.74 14.69 36.88
N VAL A 167 32.43 14.76 36.61
CA VAL A 167 31.88 15.90 35.90
C VAL A 167 32.05 17.14 36.76
N GLN A 168 32.53 18.22 36.15
CA GLN A 168 32.75 19.47 36.86
C GLN A 168 32.18 20.63 36.04
N LEU A 169 31.46 21.52 36.71
CA LEU A 169 30.79 22.57 35.96
C LEU A 169 31.41 23.93 36.26
N PRO A 170 31.41 24.85 35.31
CA PRO A 170 31.98 26.17 35.56
C PRO A 170 30.98 27.10 36.24
N GLU A 171 31.53 28.05 36.99
CA GLU A 171 30.71 29.02 37.71
C GLU A 171 30.16 30.04 36.72
N VAL A 172 28.83 30.12 36.63
CA VAL A 172 28.14 31.00 35.72
C VAL A 172 27.49 32.13 36.52
N THR A 173 27.67 33.36 36.05
CA THR A 173 27.12 34.54 36.70
C THR A 173 26.32 35.32 35.68
N ILE A 174 25.12 35.73 36.07
CA ILE A 174 24.17 36.43 35.20
C ILE A 174 24.17 37.90 35.55
N ASN A 175 24.25 38.76 34.54
CA ASN A 175 24.23 40.20 34.74
C ASN A 175 22.82 40.65 35.06
N GLU A 176 22.65 41.96 35.25
CA GLU A 176 21.35 42.53 35.59
C GLU A 176 20.77 43.37 34.46
N GLU A 177 21.53 44.35 33.95
CA GLU A 177 21.06 45.12 32.80
C GLU A 177 21.17 44.30 31.51
N THR A 178 22.27 43.58 31.34
CA THR A 178 22.43 42.75 30.16
C THR A 178 21.59 41.49 30.26
N ALA A 179 21.46 40.92 31.47
CA ALA A 179 20.66 39.75 31.77
C ALA A 179 21.11 38.50 31.04
N LEU A 180 22.29 38.53 30.42
CA LEU A 180 22.84 37.37 29.75
C LEU A 180 23.67 36.54 30.74
N ALA A 181 24.28 35.48 30.25
CA ALA A 181 25.08 34.59 31.07
C ALA A 181 26.54 34.69 30.66
N GLU A 182 27.39 34.99 31.63
CA GLU A 182 28.84 35.08 31.45
C GLU A 182 29.48 33.91 32.18
N VAL A 183 30.11 33.01 31.43
CA VAL A 183 30.69 31.81 32.00
C VAL A 183 32.13 32.09 32.42
N ASN A 184 32.43 31.83 33.70
CA ASN A 184 33.78 31.95 34.22
C ASN A 184 34.45 30.59 34.06
N LEU A 185 35.23 30.43 32.99
CA LEU A 185 35.82 29.15 32.64
C LEU A 185 37.05 28.80 33.47
N LYS A 186 37.54 29.71 34.31
CA LYS A 186 38.74 29.41 35.09
C LYS A 186 38.42 28.69 36.40
N LYS A 187 37.49 29.23 37.19
CA LYS A 187 37.07 28.60 38.44
C LYS A 187 35.94 27.62 38.13
N LYS A 188 36.26 26.32 38.20
CA LYS A 188 35.31 25.27 37.90
C LYS A 188 34.97 24.49 39.16
N SER A 189 33.68 24.36 39.46
CA SER A 189 33.23 23.70 40.68
C SER A 189 33.05 22.20 40.44
N TYR A 190 32.51 21.51 41.44
CA TYR A 190 32.24 20.08 41.39
C TYR A 190 30.75 19.83 41.56
N LEU A 191 30.38 18.56 41.64
CA LEU A 191 29.00 18.13 41.81
C LEU A 191 28.79 17.49 43.17
N ASN A 192 27.60 17.72 43.73
CA ASN A 192 27.22 17.18 45.03
C ASN A 192 26.54 15.83 44.86
N ILE A 193 27.14 14.79 45.44
CA ILE A 193 26.65 13.42 45.33
C ILE A 193 26.26 12.94 46.72
N ARG A 194 25.05 12.40 46.84
CA ARG A 194 24.51 12.01 48.14
C ARG A 194 24.78 10.54 48.46
N THR A 195 24.34 9.63 47.60
CA THR A 195 24.43 8.20 47.84
C THR A 195 25.29 7.56 46.77
N HIS A 196 25.44 6.24 46.86
CA HIS A 196 26.26 5.48 45.89
C HIS A 196 25.61 4.13 45.62
N PRO A 197 24.58 4.11 44.77
CA PRO A 197 23.88 2.85 44.49
C PRO A 197 24.72 1.95 43.57
N VAL A 198 24.96 0.73 44.04
CA VAL A 198 25.73 -0.27 43.31
C VAL A 198 24.85 -1.50 43.13
N ALA A 199 24.81 -2.04 41.93
CA ALA A 199 23.92 -3.15 41.63
C ALA A 199 24.68 -4.48 41.64
N THR A 200 23.92 -5.55 41.82
CA THR A 200 24.46 -6.90 41.80
C THR A 200 23.42 -7.82 41.18
N SER A 201 23.89 -8.74 40.34
CA SER A 201 23.02 -9.59 39.54
C SER A 201 23.27 -11.05 39.86
N PHE A 202 22.18 -11.82 39.94
CA PHE A 202 22.23 -13.25 40.20
C PHE A 202 21.50 -13.99 39.09
N ALA A 203 22.01 -15.15 38.72
CA ALA A 203 21.37 -16.00 37.73
C ALA A 203 20.97 -17.31 38.39
N VAL A 204 19.69 -17.66 38.30
CA VAL A 204 19.12 -18.83 38.95
C VAL A 204 19.02 -19.95 37.93
N PHE A 205 19.52 -21.12 38.29
CA PHE A 205 19.42 -22.29 37.42
C PHE A 205 18.06 -22.95 37.64
N ASP A 206 17.87 -24.15 37.08
CA ASP A 206 16.53 -24.67 36.82
C ASP A 206 15.53 -24.45 37.95
N ASP A 207 15.81 -24.94 39.16
CA ASP A 207 14.95 -24.52 40.25
C ASP A 207 15.64 -24.11 41.55
N THR A 208 16.91 -24.41 41.76
CA THR A 208 17.52 -24.09 43.05
C THR A 208 18.88 -23.40 42.98
N LEU A 209 19.62 -23.54 41.89
CA LEU A 209 21.00 -23.07 41.85
C LEU A 209 21.08 -21.59 41.51
N LEU A 210 21.81 -20.85 42.33
CA LEU A 210 22.05 -19.43 42.11
C LEU A 210 23.55 -19.18 41.99
N ILE A 211 23.94 -18.42 40.97
CA ILE A 211 25.33 -18.05 40.76
C ILE A 211 25.44 -16.54 40.70
N VAL A 212 26.65 -16.05 40.88
CA VAL A 212 26.94 -14.62 40.84
C VAL A 212 27.76 -14.32 39.60
N ASP A 213 27.62 -13.11 39.08
CA ASP A 213 28.36 -12.63 37.93
C ASP A 213 28.25 -13.61 36.77
N PRO A 214 27.08 -13.74 36.15
CA PRO A 214 26.91 -14.74 35.09
C PRO A 214 27.57 -14.35 33.78
N THR A 215 27.41 -15.18 32.75
CA THR A 215 27.98 -14.94 31.43
C THR A 215 26.89 -15.13 30.39
N GLY A 216 27.14 -14.61 29.18
CA GLY A 216 26.14 -14.66 28.14
C GLY A 216 25.66 -16.06 27.82
N GLU A 217 26.58 -17.04 27.81
CA GLU A 217 26.16 -18.42 27.61
C GLU A 217 25.32 -18.90 28.79
N GLU A 218 25.73 -18.57 30.01
CA GLU A 218 24.97 -18.98 31.17
C GLU A 218 23.59 -18.34 31.18
N GLU A 219 23.51 -17.05 30.82
CA GLU A 219 22.21 -16.42 30.70
C GLU A 219 21.43 -17.04 29.55
N HIS A 220 22.12 -17.60 28.56
CA HIS A 220 21.44 -18.26 27.45
C HIS A 220 20.81 -19.57 27.90
N LEU A 221 21.39 -20.18 28.94
CA LEU A 221 20.89 -21.45 29.45
C LEU A 221 20.16 -21.31 30.79
N ALA A 222 20.28 -20.17 31.46
CA ALA A 222 19.63 -19.98 32.75
C ALA A 222 18.12 -19.86 32.56
N THR A 223 17.42 -19.91 33.68
CA THR A 223 15.96 -19.82 33.69
C THR A 223 15.44 -18.63 34.46
N GLY A 224 16.31 -17.68 34.81
CA GLY A 224 15.87 -16.50 35.53
C GLY A 224 17.04 -15.58 35.79
N THR A 225 16.73 -14.43 36.39
CA THR A 225 17.74 -13.43 36.69
C THR A 225 17.20 -12.49 37.75
N LEU A 226 18.06 -12.10 38.68
CA LEU A 226 17.72 -11.17 39.76
C LEU A 226 18.79 -10.11 39.88
N THR A 227 18.38 -8.87 40.18
CA THR A 227 19.32 -7.77 40.35
C THR A 227 18.92 -6.99 41.59
N ILE A 228 19.89 -6.65 42.43
CA ILE A 228 19.66 -5.91 43.66
C ILE A 228 20.68 -4.79 43.80
N VAL A 229 20.22 -3.59 44.12
CA VAL A 229 21.08 -2.43 44.30
C VAL A 229 20.90 -1.90 45.71
N MET A 230 22.01 -1.56 46.36
CA MET A 230 22.02 -1.18 47.77
C MET A 230 22.64 0.19 47.94
N ASP A 231 22.21 0.92 48.97
CA ASP A 231 22.80 2.20 49.28
C ASP A 231 23.99 1.99 50.22
N GLU A 232 24.53 3.09 50.76
CA GLU A 232 25.62 3.04 51.73
C GLU A 232 25.10 2.94 53.16
N GLU A 233 23.80 2.84 53.35
CA GLU A 233 23.20 2.73 54.67
C GLU A 233 22.27 1.51 54.75
N GLY A 234 22.52 0.52 53.90
CA GLY A 234 21.73 -0.70 53.90
C GLY A 234 20.27 -0.52 53.52
N LYS A 235 20.00 0.31 52.51
CA LYS A 235 18.64 0.56 52.06
C LYS A 235 18.50 0.08 50.62
N LEU A 236 17.43 -0.66 50.34
CA LEU A 236 17.20 -1.17 49.01
C LEU A 236 16.53 -0.10 48.16
N CYS A 237 17.03 0.11 46.94
CA CYS A 237 16.41 1.05 46.02
C CYS A 237 15.42 0.38 45.06
N CYS A 238 15.86 -0.69 44.40
CA CYS A 238 15.03 -1.44 43.47
C CYS A 238 15.32 -2.91 43.62
N LEU A 239 14.32 -3.75 43.32
CA LEU A 239 14.47 -5.20 43.34
C LEU A 239 14.00 -5.68 41.98
N HIS A 240 14.95 -5.78 41.05
CA HIS A 240 14.70 -6.11 39.65
C HIS A 240 14.74 -7.62 39.50
N LYS A 241 13.57 -8.22 39.30
CA LYS A 241 13.44 -9.64 39.00
C LYS A 241 12.61 -9.81 37.74
N PRO A 242 13.25 -9.91 36.57
CA PRO A 242 12.49 -10.04 35.33
C PRO A 242 11.63 -11.29 35.28
N GLY A 243 11.94 -12.31 36.07
CA GLY A 243 11.17 -13.53 36.10
C GLY A 243 11.92 -14.82 35.90
N GLY A 244 11.27 -15.93 36.23
CA GLY A 244 11.89 -17.23 36.06
C GLY A 244 11.41 -18.33 36.99
N SER A 245 12.38 -19.02 37.59
CA SER A 245 12.08 -20.23 38.37
C SER A 245 11.26 -19.92 39.61
N GLY A 246 11.77 -19.07 40.50
CA GLY A 246 11.13 -18.79 41.77
C GLY A 246 12.13 -18.89 42.90
N LEU A 247 12.01 -18.05 43.90
CA LEU A 247 12.98 -17.99 44.99
C LEU A 247 12.25 -17.96 46.33
N THR A 248 13.04 -17.97 47.41
CA THR A 248 12.50 -17.94 48.77
C THR A 248 13.17 -16.83 49.56
N GLY A 249 12.57 -16.52 50.72
CA GLY A 249 13.13 -15.48 51.56
C GLY A 249 14.53 -15.81 52.03
N ALA A 250 14.80 -17.09 52.28
CA ALA A 250 16.13 -17.52 52.70
C ALA A 250 17.14 -17.27 51.60
N LYS A 251 16.75 -17.50 50.35
CA LYS A 251 17.71 -17.31 49.26
C LYS A 251 18.00 -15.82 49.06
N LEU A 252 16.99 -14.97 49.17
CA LEU A 252 17.23 -13.54 49.09
C LEU A 252 18.13 -13.06 50.22
N GLN A 253 17.88 -13.54 51.45
CA GLN A 253 18.74 -13.20 52.56
C GLN A 253 20.16 -13.72 52.37
N ASP A 254 20.33 -14.81 51.63
CA ASP A 254 21.67 -15.28 51.30
C ASP A 254 22.31 -14.38 50.26
N CYS A 255 21.52 -13.87 49.33
CA CYS A 255 22.06 -13.00 48.27
C CYS A 255 22.51 -11.67 48.85
N MET A 256 21.71 -11.09 49.74
CA MET A 256 22.06 -9.78 50.28
C MET A 256 23.31 -9.85 51.15
N SER A 257 23.58 -11.01 51.76
CA SER A 257 24.82 -11.13 52.53
C SER A 257 26.05 -11.03 51.64
N ARG A 258 25.96 -11.53 50.41
CA ARG A 258 27.05 -11.37 49.46
C ARG A 258 27.07 -9.97 48.91
N ALA A 259 25.88 -9.40 48.69
CA ALA A 259 25.79 -8.06 48.11
C ALA A 259 26.37 -7.02 49.06
N VAL A 260 26.30 -7.25 50.37
CA VAL A 260 26.90 -6.30 51.32
C VAL A 260 28.41 -6.24 51.11
N THR A 261 29.05 -7.40 50.93
CA THR A 261 30.49 -7.42 50.71
C THR A 261 30.82 -6.80 49.37
N ARG A 262 30.00 -7.07 48.35
CA ARG A 262 30.26 -6.50 47.04
C ARG A 262 30.17 -4.98 47.11
N HIS A 263 29.16 -4.46 47.81
CA HIS A 263 29.00 -3.02 47.96
C HIS A 263 30.18 -2.42 48.70
N LYS A 264 30.66 -3.09 49.76
CA LYS A 264 31.83 -2.57 50.46
C LYS A 264 33.04 -2.54 49.56
N GLU A 265 33.18 -3.55 48.70
CA GLU A 265 34.28 -3.59 47.74
C GLU A 265 34.20 -2.41 46.79
N VAL A 266 33.02 -2.18 46.23
CA VAL A 266 32.84 -1.14 45.22
C VAL A 266 33.02 0.24 45.87
N LYS A 267 32.45 0.43 47.05
CA LYS A 267 32.58 1.72 47.71
C LYS A 267 34.03 1.98 48.08
N LYS A 268 34.79 0.94 48.40
CA LYS A 268 36.23 1.11 48.59
C LYS A 268 36.92 1.49 47.29
N LEU A 269 36.42 0.96 46.17
CA LEU A 269 37.02 1.31 44.88
C LEU A 269 36.84 2.78 44.59
N MET A 270 35.61 3.26 44.72
CA MET A 270 35.35 4.67 44.47
C MET A 270 36.05 5.56 45.49
N ASP A 271 36.08 5.14 46.77
CA ASP A 271 36.76 5.92 47.79
C ASP A 271 38.27 5.97 47.59
N GLU A 272 38.82 5.04 46.83
CA GLU A 272 40.27 5.06 46.62
C GLU A 272 40.69 5.73 45.32
N VAL A 273 39.98 5.48 44.23
CA VAL A 273 40.38 6.08 42.96
C VAL A 273 40.27 7.59 42.97
N ILE A 274 39.22 8.14 43.59
CA ILE A 274 39.11 9.60 43.59
C ILE A 274 40.21 10.27 44.40
N LYS A 275 40.63 9.66 45.53
CA LYS A 275 41.70 10.30 46.30
C LYS A 275 43.01 10.37 45.52
N SER A 276 43.28 9.36 44.70
CA SER A 276 44.50 9.35 43.92
C SER A 276 44.52 10.45 42.85
N MET A 277 43.39 11.08 42.59
CA MET A 277 43.30 12.16 41.62
C MET A 277 43.75 11.71 40.24
N CYS B 30 -5.50 -3.09 57.26
CA CYS B 30 -5.30 -3.64 55.93
C CYS B 30 -6.55 -4.38 55.44
N SER B 31 -7.00 -4.04 54.23
CA SER B 31 -8.20 -4.65 53.68
C SER B 31 -8.22 -4.45 52.17
N LEU B 32 -8.34 -5.56 51.42
CA LEU B 32 -8.50 -5.47 49.98
C LEU B 32 -9.82 -4.79 49.64
N ARG B 33 -9.79 -3.97 48.59
CA ARG B 33 -10.94 -3.15 48.22
C ARG B 33 -11.87 -3.94 47.30
N HIS B 34 -12.84 -3.23 46.74
CA HIS B 34 -13.92 -3.84 45.97
C HIS B 34 -13.35 -4.58 44.75
N PHE B 35 -13.84 -5.79 44.52
CA PHE B 35 -13.37 -6.62 43.41
C PHE B 35 -14.53 -6.94 42.46
N ALA B 36 -14.22 -7.02 41.16
CA ALA B 36 -15.22 -7.42 40.18
C ALA B 36 -14.54 -8.01 38.96
N CYS B 37 -15.27 -8.85 38.24
CA CYS B 37 -14.74 -9.53 37.06
C CYS B 37 -15.89 -9.93 36.15
N GLU B 38 -15.62 -9.90 34.84
CA GLU B 38 -16.59 -10.34 33.84
C GLU B 38 -15.88 -11.17 32.78
N GLN B 39 -16.57 -12.21 32.29
CA GLN B 39 -16.00 -13.15 31.33
C GLN B 39 -16.86 -13.28 30.08
N ASN B 40 -16.20 -13.63 28.97
CA ASN B 40 -16.82 -13.78 27.66
C ASN B 40 -17.57 -12.51 27.22
N LEU B 41 -16.83 -11.40 27.23
CA LEU B 41 -17.40 -10.14 26.74
C LEU B 41 -17.44 -10.10 25.22
N LEU B 42 -16.29 -10.26 24.58
CA LEU B 42 -16.19 -10.11 23.13
C LEU B 42 -16.41 -11.44 22.42
N SER B 43 -17.03 -11.36 21.24
CA SER B 43 -17.38 -12.55 20.49
C SER B 43 -16.29 -12.99 19.52
N ARG B 44 -15.41 -12.10 19.10
CA ARG B 44 -14.40 -12.43 18.11
C ARG B 44 -13.23 -13.23 18.69
N PRO B 45 -12.64 -12.84 19.83
CA PRO B 45 -11.53 -13.63 20.37
C PRO B 45 -11.96 -14.99 20.89
N ASP B 46 -10.99 -15.79 21.33
CA ASP B 46 -11.29 -17.12 21.85
C ASP B 46 -11.72 -17.04 23.30
N GLY B 47 -11.09 -16.15 24.07
CA GLY B 47 -11.45 -15.94 25.46
C GLY B 47 -11.21 -14.51 25.89
N SER B 48 -12.20 -13.92 26.56
CA SER B 48 -12.11 -12.54 27.01
C SER B 48 -12.40 -12.49 28.50
N ALA B 49 -11.81 -11.50 29.16
CA ALA B 49 -11.98 -11.38 30.61
C ALA B 49 -11.67 -9.95 31.03
N SER B 50 -12.65 -9.27 31.61
CA SER B 50 -12.45 -7.95 32.19
C SER B 50 -12.37 -8.08 33.70
N PHE B 51 -11.30 -7.55 34.28
CA PHE B 51 -11.03 -7.65 35.71
C PHE B 51 -10.85 -6.24 36.25
N LEU B 52 -11.80 -5.78 37.06
CA LEU B 52 -11.72 -4.50 37.73
C LEU B 52 -11.73 -4.69 39.24
N GLN B 53 -10.78 -4.04 39.91
CA GLN B 53 -10.60 -4.13 41.36
C GLN B 53 -10.77 -2.75 41.99
N GLY B 54 -12.01 -2.44 42.34
CA GLY B 54 -12.35 -1.14 42.92
C GLY B 54 -12.83 -0.15 41.86
N ASP B 55 -11.96 0.81 41.51
CA ASP B 55 -12.23 1.77 40.46
C ASP B 55 -11.41 1.51 39.21
N THR B 56 -10.16 1.10 39.38
CA THR B 56 -9.32 0.74 38.26
C THR B 56 -9.85 -0.51 37.57
N SER B 57 -9.58 -0.62 36.27
CA SER B 57 -10.08 -1.75 35.51
C SER B 57 -9.15 -2.02 34.34
N VAL B 58 -9.10 -3.29 33.95
CA VAL B 58 -8.29 -3.74 32.83
C VAL B 58 -9.04 -4.84 32.07
N LEU B 59 -9.04 -4.74 30.75
CA LEU B 59 -9.68 -5.72 29.88
C LEU B 59 -8.62 -6.50 29.10
N ALA B 60 -8.87 -7.80 28.90
CA ALA B 60 -7.90 -8.65 28.24
C ALA B 60 -8.62 -9.69 27.39
N GLY B 61 -7.93 -10.14 26.34
CA GLY B 61 -8.41 -11.20 25.47
C GLY B 61 -7.25 -11.99 24.93
N VAL B 62 -7.51 -13.24 24.55
CA VAL B 62 -6.44 -14.12 24.10
C VAL B 62 -6.91 -14.89 22.87
N TYR B 63 -6.04 -14.96 21.85
CA TYR B 63 -6.22 -15.83 20.70
C TYR B 63 -5.41 -17.10 20.92
N GLY B 64 -6.04 -18.26 20.71
CA GLY B 64 -5.39 -19.52 20.97
C GLY B 64 -4.19 -19.76 20.07
N PRO B 65 -3.55 -20.92 20.24
CA PRO B 65 -2.38 -21.26 19.42
C PRO B 65 -2.70 -21.21 17.94
N ALA B 66 -2.04 -20.30 17.22
CA ALA B 66 -2.31 -20.12 15.80
C ALA B 66 -0.99 -20.07 15.03
N GLU B 67 -1.05 -19.76 13.74
CA GLU B 67 0.17 -19.74 12.94
C GLU B 67 1.04 -18.56 13.34
N VAL B 68 2.34 -18.72 13.10
CA VAL B 68 3.37 -17.76 13.48
C VAL B 68 4.28 -17.53 12.28
N LYS B 69 4.79 -16.31 12.15
CA LYS B 69 5.75 -16.01 11.10
C LYS B 69 6.99 -16.88 11.21
N VAL B 70 7.47 -17.35 10.04
CA VAL B 70 8.58 -18.28 10.01
C VAL B 70 9.85 -17.66 10.57
N SER B 71 9.99 -16.34 10.46
CA SER B 71 11.19 -15.66 10.92
C SER B 71 11.26 -15.51 12.43
N LYS B 72 10.18 -15.82 13.13
CA LYS B 72 10.10 -15.70 14.59
C LYS B 72 9.79 -17.02 15.26
N GLU B 73 9.49 -18.07 14.50
CA GLU B 73 9.09 -19.35 15.08
C GLU B 73 10.28 -20.05 15.72
N ILE B 74 9.98 -20.87 16.73
CA ILE B 74 10.98 -21.69 17.42
C ILE B 74 10.48 -23.13 17.44
N PHE B 75 11.38 -24.07 17.25
CA PHE B 75 11.00 -25.47 17.40
C PHE B 75 11.00 -25.85 18.87
N ASN B 76 10.18 -26.87 19.18
CA ASN B 76 9.93 -27.48 20.51
C ASN B 76 9.41 -26.49 21.54
N LYS B 77 8.96 -25.31 21.10
CA LYS B 77 8.45 -24.27 22.00
C LYS B 77 7.59 -23.31 21.19
N ALA B 78 6.75 -22.57 21.90
CA ALA B 78 5.95 -21.51 21.32
C ALA B 78 6.65 -20.16 21.46
N THR B 79 5.94 -19.09 21.09
CA THR B 79 6.45 -17.72 21.18
C THR B 79 5.36 -16.83 21.77
N LEU B 80 5.67 -16.15 22.88
CA LEU B 80 4.73 -15.28 23.58
C LEU B 80 4.86 -13.80 23.15
N GLU B 81 3.72 -13.17 22.87
CA GLU B 81 3.65 -11.76 22.49
C GLU B 81 2.70 -11.03 23.42
N VAL B 82 3.18 -9.99 24.09
CA VAL B 82 2.38 -9.20 25.04
C VAL B 82 2.41 -7.72 24.65
N ILE B 83 1.23 -7.11 24.47
CA ILE B 83 1.13 -5.68 24.22
C ILE B 83 0.13 -5.04 25.16
N LEU B 84 0.46 -3.86 25.68
CA LEU B 84 -0.33 -3.10 26.64
C LEU B 84 -0.64 -1.72 26.05
N ARG B 85 -1.89 -1.27 26.15
CA ARG B 85 -2.22 0.04 25.56
C ARG B 85 -2.70 0.99 26.65
N PRO B 86 -2.06 2.14 26.83
CA PRO B 86 -2.56 3.15 27.76
C PRO B 86 -3.70 3.98 27.17
N LYS B 87 -4.25 4.83 28.04
CA LYS B 87 -5.37 5.72 27.73
C LYS B 87 -4.94 7.11 27.29
N ILE B 88 -3.78 7.58 27.75
CA ILE B 88 -3.32 8.91 27.40
C ILE B 88 -1.91 8.79 26.83
N GLY B 89 -1.74 9.27 25.62
CA GLY B 89 -0.45 9.20 24.95
C GLY B 89 -0.36 7.98 24.07
N LEU B 90 0.89 7.59 23.83
CA LEU B 90 1.27 6.44 23.04
C LEU B 90 2.29 5.66 23.86
N PRO B 91 2.34 4.35 23.72
CA PRO B 91 3.28 3.57 24.54
C PRO B 91 4.72 3.96 24.22
N GLY B 92 5.55 3.94 25.25
CA GLY B 92 6.95 4.28 25.13
C GLY B 92 7.84 3.21 25.74
N VAL B 93 8.98 3.66 26.26
CA VAL B 93 9.92 2.74 26.88
C VAL B 93 9.33 2.11 28.13
N ALA B 94 8.59 2.88 28.93
CA ALA B 94 8.06 2.36 30.18
C ALA B 94 7.05 1.25 29.95
N GLU B 95 6.18 1.40 28.96
CA GLU B 95 5.13 0.40 28.77
C GLU B 95 5.67 -0.91 28.19
N LYS B 96 6.73 -0.85 27.38
CA LYS B 96 7.32 -2.10 26.91
C LYS B 96 8.18 -2.72 28.01
N SER B 97 8.78 -1.88 28.85
CA SER B 97 9.54 -2.39 29.98
C SER B 97 8.61 -3.07 30.96
N ARG B 98 7.35 -2.65 31.03
CA ARG B 98 6.38 -3.34 31.85
C ARG B 98 5.66 -4.43 31.08
N GLU B 99 5.97 -4.57 29.79
CA GLU B 99 5.48 -5.68 28.98
C GLU B 99 6.42 -6.88 29.09
N ARG B 100 7.71 -6.60 29.23
CA ARG B 100 8.70 -7.64 29.45
C ARG B 100 8.43 -8.43 30.73
N LEU B 101 8.07 -7.73 31.81
CA LEU B 101 7.81 -8.42 33.07
C LEU B 101 6.63 -9.38 32.94
N ILE B 102 5.57 -8.93 32.27
CA ILE B 102 4.38 -9.77 32.11
C ILE B 102 4.69 -10.95 31.19
N ARG B 103 5.52 -10.74 30.17
CA ARG B 103 5.83 -11.84 29.27
C ARG B 103 6.74 -12.86 29.95
N ASN B 104 7.72 -12.39 30.72
CA ASN B 104 8.61 -13.30 31.43
C ASN B 104 7.94 -13.92 32.64
N THR B 105 6.76 -13.42 33.03
CA THR B 105 5.96 -14.04 34.07
C THR B 105 5.06 -15.12 33.49
N CYS B 106 4.44 -14.85 32.34
CA CYS B 106 3.67 -15.88 31.67
C CYS B 106 4.56 -16.98 31.10
N GLU B 107 5.84 -16.71 30.85
CA GLU B 107 6.72 -17.74 30.29
C GLU B 107 7.03 -18.84 31.29
N ALA B 108 6.89 -18.58 32.58
CA ALA B 108 7.26 -19.54 33.62
C ALA B 108 6.08 -20.42 34.02
N VAL B 109 4.89 -20.15 33.48
CA VAL B 109 3.70 -20.91 33.82
C VAL B 109 2.98 -21.46 32.59
N VAL B 110 3.52 -21.28 31.39
CA VAL B 110 2.90 -21.79 30.17
C VAL B 110 3.71 -22.96 29.64
N LEU B 111 3.03 -24.09 29.42
CA LEU B 111 3.69 -25.31 28.93
C LEU B 111 3.80 -25.21 27.41
N GLY B 112 4.85 -24.52 26.96
CA GLY B 112 5.02 -24.37 25.52
C GLY B 112 5.40 -25.64 24.80
N THR B 113 6.04 -26.58 25.51
CA THR B 113 6.48 -27.80 24.85
C THR B 113 5.33 -28.62 24.31
N LEU B 114 4.12 -28.46 24.85
CA LEU B 114 2.97 -29.17 24.31
C LEU B 114 2.46 -28.59 23.01
N HIS B 115 2.94 -27.41 22.60
CA HIS B 115 2.48 -26.75 21.39
C HIS B 115 3.69 -26.10 20.73
N PRO B 116 4.46 -26.84 19.94
CA PRO B 116 5.57 -26.23 19.21
C PRO B 116 5.16 -25.73 17.83
N ARG B 117 5.98 -24.82 17.31
CA ARG B 117 5.79 -24.20 16.00
C ARG B 117 4.44 -23.50 15.91
N THR B 118 4.03 -22.88 17.01
CA THR B 118 2.81 -22.08 17.05
C THR B 118 3.08 -20.85 17.90
N SER B 119 2.07 -20.01 18.02
CA SER B 119 2.23 -18.76 18.76
C SER B 119 1.05 -18.59 19.71
N ILE B 120 1.35 -18.13 20.92
CA ILE B 120 0.35 -17.76 21.90
C ILE B 120 0.62 -16.32 22.31
N THR B 121 -0.40 -15.49 22.22
CA THR B 121 -0.23 -14.06 22.48
C THR B 121 -1.20 -13.61 23.55
N VAL B 122 -0.72 -12.75 24.45
CA VAL B 122 -1.54 -12.20 25.53
C VAL B 122 -1.49 -10.69 25.40
N VAL B 123 -2.67 -10.09 25.35
CA VAL B 123 -2.87 -8.66 25.20
C VAL B 123 -3.68 -8.15 26.38
N LEU B 124 -3.22 -7.07 27.00
CA LEU B 124 -3.87 -6.51 28.17
C LEU B 124 -4.21 -5.07 27.80
N GLN B 125 -5.44 -4.67 28.10
CA GLN B 125 -5.91 -3.32 27.84
C GLN B 125 -6.36 -2.64 29.12
N VAL B 126 -5.83 -1.44 29.35
CA VAL B 126 -6.17 -0.64 30.53
C VAL B 126 -7.38 0.22 30.23
N VAL B 127 -8.49 -0.04 30.92
CA VAL B 127 -9.72 0.73 30.72
C VAL B 127 -9.77 1.92 31.67
N SER B 128 -9.54 1.68 32.96
CA SER B 128 -9.51 2.74 33.95
C SER B 128 -8.37 2.48 34.93
N ASP B 129 -7.82 3.56 35.47
CA ASP B 129 -6.71 3.49 36.41
C ASP B 129 -7.08 4.22 37.69
N ALA B 130 -6.89 3.54 38.83
CA ALA B 130 -7.11 4.13 40.13
C ALA B 130 -6.03 3.77 41.15
N GLY B 131 -4.96 3.11 40.72
CA GLY B 131 -3.92 2.68 41.64
C GLY B 131 -3.74 1.17 41.61
N SER B 132 -2.50 0.72 41.73
CA SER B 132 -2.16 -0.71 41.69
C SER B 132 -2.67 -1.33 40.39
N LEU B 133 -2.15 -0.82 39.28
CA LEU B 133 -2.59 -1.25 37.96
C LEU B 133 -1.90 -2.53 37.52
N LEU B 134 -0.61 -2.69 37.86
CA LEU B 134 0.13 -3.85 37.41
C LEU B 134 -0.42 -5.14 38.00
N ALA B 135 -0.81 -5.10 39.28
CA ALA B 135 -1.40 -6.31 39.89
C ALA B 135 -2.72 -6.68 39.21
N CYS B 136 -3.55 -5.67 38.91
CA CYS B 136 -4.80 -5.96 38.24
C CYS B 136 -4.57 -6.43 36.82
N CYS B 137 -3.45 -6.03 36.21
CA CYS B 137 -3.14 -6.49 34.86
C CYS B 137 -2.70 -7.94 34.90
N LEU B 138 -1.91 -8.31 35.91
CA LEU B 138 -1.50 -9.72 36.02
C LEU B 138 -2.71 -10.60 36.29
N ASN B 139 -3.64 -10.15 37.14
CA ASN B 139 -4.83 -10.95 37.38
C ASN B 139 -5.69 -11.05 36.13
N ALA B 140 -5.75 -9.97 35.34
CA ALA B 140 -6.49 -10.02 34.09
C ALA B 140 -5.86 -11.00 33.12
N ALA B 141 -4.53 -11.01 33.05
CA ALA B 141 -3.85 -11.95 32.16
C ALA B 141 -4.09 -13.38 32.61
N CYS B 142 -4.05 -13.64 33.91
CA CYS B 142 -4.27 -15.01 34.37
C CYS B 142 -5.69 -15.45 34.06
N MET B 143 -6.68 -14.56 34.26
CA MET B 143 -8.05 -14.96 34.00
C MET B 143 -8.33 -15.07 32.50
N ALA B 144 -7.61 -14.31 31.68
CA ALA B 144 -7.83 -14.44 30.24
C ALA B 144 -7.20 -15.72 29.71
N LEU B 145 -6.02 -16.09 30.21
CA LEU B 145 -5.43 -17.36 29.78
C LEU B 145 -6.27 -18.55 30.26
N VAL B 146 -6.77 -18.50 31.50
CA VAL B 146 -7.59 -19.61 31.97
C VAL B 146 -8.87 -19.72 31.14
N ASP B 147 -9.52 -18.59 30.83
CA ASP B 147 -10.75 -18.66 30.04
C ASP B 147 -10.44 -19.14 28.62
N ALA B 148 -9.28 -18.75 28.07
CA ALA B 148 -8.94 -19.11 26.70
C ALA B 148 -8.60 -20.58 26.53
N GLY B 149 -8.37 -21.31 27.61
CA GLY B 149 -8.05 -22.73 27.53
C GLY B 149 -6.64 -23.05 27.11
N VAL B 150 -5.68 -22.46 27.80
CA VAL B 150 -4.26 -22.68 27.54
C VAL B 150 -3.69 -23.58 28.64
N PRO B 151 -2.94 -24.62 28.29
CA PRO B 151 -2.32 -25.46 29.33
C PRO B 151 -1.47 -24.67 30.29
N MET B 152 -1.78 -24.79 31.59
CA MET B 152 -1.11 -24.05 32.66
C MET B 152 -0.58 -25.01 33.72
N ARG B 153 0.52 -24.59 34.34
CA ARG B 153 1.16 -25.37 35.40
C ARG B 153 0.64 -25.00 36.78
N ALA B 154 0.32 -23.71 36.98
CA ALA B 154 -0.19 -23.19 38.23
C ALA B 154 -0.67 -21.76 37.97
N LEU B 155 -1.69 -21.34 38.72
CA LEU B 155 -2.21 -20.00 38.54
C LEU B 155 -1.31 -18.99 39.24
N PHE B 156 -1.46 -17.72 38.87
CA PHE B 156 -0.66 -16.66 39.47
C PHE B 156 -1.53 -15.46 39.79
N CYS B 157 -1.07 -14.67 40.76
CA CYS B 157 -1.83 -13.56 41.30
C CYS B 157 -0.97 -12.30 41.29
N GLY B 158 -1.60 -11.18 41.63
CA GLY B 158 -0.91 -9.91 41.73
C GLY B 158 -1.25 -9.13 42.98
N VAL B 159 -0.25 -8.82 43.81
CA VAL B 159 -0.47 -8.08 45.05
C VAL B 159 0.55 -6.94 45.11
N ALA B 160 0.07 -5.74 45.44
CA ALA B 160 0.88 -4.54 45.52
C ALA B 160 0.83 -3.99 46.94
N CYS B 161 1.99 -3.66 47.48
CA CYS B 161 2.09 -3.09 48.82
C CYS B 161 2.66 -1.67 48.74
N ALA B 162 2.23 -0.83 49.68
CA ALA B 162 2.65 0.57 49.72
C ALA B 162 2.74 1.00 51.18
N LEU B 163 3.94 0.96 51.73
CA LEU B 163 4.17 1.39 53.11
C LEU B 163 4.32 2.90 53.17
N ASP B 164 3.77 3.50 54.21
CA ASP B 164 3.70 4.96 54.30
C ASP B 164 5.03 5.51 54.81
N SER B 165 5.05 6.81 55.11
CA SER B 165 6.26 7.49 55.54
C SER B 165 6.76 7.03 56.90
N ASP B 166 5.95 6.29 57.65
CA ASP B 166 6.35 5.80 58.96
C ASP B 166 6.61 4.31 59.00
N GLY B 167 5.89 3.53 58.21
CA GLY B 167 6.08 2.10 58.19
C GLY B 167 4.79 1.32 58.27
N THR B 168 3.65 2.02 58.23
CA THR B 168 2.36 1.35 58.30
C THR B 168 2.07 0.74 56.94
N LEU B 169 2.04 -0.58 56.87
CA LEU B 169 1.80 -1.27 55.62
C LEU B 169 0.35 -1.14 55.19
N VAL B 170 0.13 -0.89 53.91
CA VAL B 170 -1.20 -0.85 53.31
C VAL B 170 -1.17 -1.74 52.08
N LEU B 171 -2.15 -2.63 51.97
CA LEU B 171 -2.23 -3.56 50.85
C LEU B 171 -3.28 -3.09 49.85
N ASP B 172 -2.96 -3.26 48.57
CA ASP B 172 -3.81 -2.83 47.46
C ASP B 172 -4.16 -1.35 47.66
N PRO B 173 -3.17 -0.47 47.60
CA PRO B 173 -3.39 0.94 47.94
C PRO B 173 -4.13 1.68 46.82
N THR B 174 -4.31 2.98 47.01
CA THR B 174 -4.93 3.83 46.01
C THR B 174 -3.95 4.95 45.68
N SER B 175 -4.13 5.56 44.49
CA SER B 175 -3.21 6.60 44.06
C SER B 175 -3.16 7.79 45.00
N LYS B 176 -4.20 7.98 45.82
CA LYS B 176 -4.14 9.01 46.86
C LYS B 176 -3.06 8.67 47.89
N GLN B 177 -3.05 7.42 48.36
CA GLN B 177 -2.03 7.01 49.30
C GLN B 177 -0.69 6.80 48.61
N GLU B 178 -0.73 6.41 47.34
CA GLU B 178 0.49 6.22 46.57
C GLU B 178 1.29 7.50 46.38
N LYS B 179 0.62 8.65 46.20
CA LYS B 179 1.43 9.86 46.02
C LYS B 179 2.24 10.23 47.26
N GLU B 180 1.65 10.15 48.46
CA GLU B 180 2.44 10.54 49.64
C GLU B 180 3.43 9.46 50.06
N ALA B 181 3.11 8.19 49.83
CA ALA B 181 3.96 7.11 50.31
C ALA B 181 5.35 7.18 49.68
N ARG B 182 6.34 6.77 50.47
CA ARG B 182 7.74 6.79 50.05
C ARG B 182 8.20 5.51 49.36
N ALA B 183 7.36 4.47 49.29
CA ALA B 183 7.78 3.26 48.61
C ALA B 183 6.55 2.42 48.30
N VAL B 184 6.50 1.91 47.08
CA VAL B 184 5.43 1.02 46.62
C VAL B 184 6.07 -0.23 46.03
N LEU B 185 5.56 -1.39 46.41
CA LEU B 185 6.09 -2.66 45.94
C LEU B 185 4.94 -3.50 45.41
N THR B 186 5.23 -4.27 44.36
CA THR B 186 4.24 -5.16 43.76
C THR B 186 4.88 -6.51 43.55
N PHE B 187 4.14 -7.57 43.87
CA PHE B 187 4.64 -8.92 43.76
C PHE B 187 3.64 -9.80 43.02
N ALA B 188 4.16 -10.80 42.32
CA ALA B 188 3.34 -11.85 41.72
C ALA B 188 3.67 -13.19 42.38
N LEU B 189 2.64 -13.89 42.82
CA LEU B 189 2.78 -15.07 43.65
C LEU B 189 2.13 -16.28 42.97
N ASP B 190 2.77 -17.43 43.13
CA ASP B 190 2.27 -18.67 42.56
C ASP B 190 1.03 -19.12 43.37
N SER B 191 0.32 -20.12 42.84
CA SER B 191 -0.87 -20.64 43.49
C SER B 191 -0.70 -22.04 44.08
N VAL B 192 0.52 -22.54 44.21
CA VAL B 192 0.77 -23.88 44.75
C VAL B 192 1.48 -23.81 46.11
N GLU B 193 2.68 -23.22 46.16
CA GLU B 193 3.38 -23.04 47.43
C GLU B 193 3.64 -21.57 47.72
N ARG B 194 3.06 -20.67 46.92
CA ARG B 194 3.11 -19.23 47.12
C ARG B 194 4.51 -18.63 47.03
N LYS B 195 5.31 -19.09 46.08
CA LYS B 195 6.64 -18.54 45.88
C LYS B 195 6.54 -17.18 45.19
N LEU B 196 7.69 -16.59 44.89
CA LEU B 196 7.76 -15.29 44.24
C LEU B 196 8.15 -15.47 42.78
N LEU B 197 7.32 -14.92 41.90
CA LEU B 197 7.49 -14.92 40.46
C LEU B 197 7.94 -13.57 39.93
N MET B 198 7.20 -12.51 40.26
CA MET B 198 7.50 -11.18 39.76
C MET B 198 7.62 -10.19 40.90
N SER B 199 8.52 -9.23 40.72
CA SER B 199 8.78 -8.22 41.74
C SER B 199 9.19 -6.93 41.04
N SER B 200 8.36 -5.89 41.19
CA SER B 200 8.68 -4.55 40.71
C SER B 200 8.49 -3.60 41.88
N THR B 201 9.53 -2.83 42.21
CA THR B 201 9.52 -2.01 43.41
C THR B 201 9.75 -0.55 43.07
N LYS B 202 9.07 0.32 43.81
CA LYS B 202 9.20 1.76 43.71
C LYS B 202 9.48 2.32 45.09
N GLY B 203 10.42 3.25 45.20
CA GLY B 203 10.81 3.78 46.49
C GLY B 203 11.97 3.00 47.10
N LEU B 204 12.51 3.57 48.18
CA LEU B 204 13.67 3.01 48.86
C LEU B 204 13.25 2.52 50.24
N TYR B 205 13.83 1.40 50.67
CA TYR B 205 13.42 0.76 51.91
C TYR B 205 14.54 -0.14 52.40
N SER B 206 14.31 -0.79 53.55
CA SER B 206 15.21 -1.79 54.12
C SER B 206 14.60 -3.17 53.95
N ASP B 207 15.39 -4.19 54.29
CA ASP B 207 14.97 -5.56 54.02
C ASP B 207 13.88 -6.06 54.97
N THR B 208 13.82 -5.52 56.19
CA THR B 208 12.85 -6.02 57.16
C THR B 208 11.42 -5.82 56.69
N GLU B 209 11.12 -4.62 56.19
CA GLU B 209 9.76 -4.41 55.69
C GLU B 209 9.56 -4.99 54.31
N LEU B 210 10.64 -5.35 53.60
CA LEU B 210 10.47 -6.12 52.39
C LEU B 210 9.99 -7.52 52.73
N GLN B 211 10.53 -8.07 53.82
CA GLN B 211 10.09 -9.39 54.29
C GLN B 211 8.65 -9.31 54.78
N GLN B 212 8.30 -8.24 55.49
CA GLN B 212 6.95 -8.18 56.04
C GLN B 212 5.90 -7.90 54.96
N CYS B 213 6.28 -7.18 53.89
CA CYS B 213 5.31 -7.03 52.81
C CYS B 213 5.24 -8.28 51.95
N LEU B 214 6.33 -9.04 51.84
CA LEU B 214 6.23 -10.32 51.16
C LEU B 214 5.31 -11.27 51.93
N ALA B 215 5.42 -11.28 53.26
CA ALA B 215 4.53 -12.11 54.04
C ALA B 215 3.08 -11.64 53.93
N ALA B 216 2.87 -10.31 53.90
CA ALA B 216 1.52 -9.79 53.71
C ALA B 216 0.95 -10.20 52.35
N ALA B 217 1.77 -10.19 51.31
CA ALA B 217 1.31 -10.65 49.99
C ALA B 217 0.95 -12.13 50.01
N GLN B 218 1.78 -12.95 50.68
CA GLN B 218 1.48 -14.36 50.78
C GLN B 218 0.19 -14.60 51.56
N ALA B 219 -0.10 -13.76 52.54
CA ALA B 219 -1.36 -13.86 53.26
C ALA B 219 -2.54 -13.36 52.44
N ALA B 220 -2.31 -12.38 51.57
CA ALA B 220 -3.39 -11.81 50.77
C ALA B 220 -3.81 -12.69 49.61
N SER B 221 -2.87 -13.41 49.00
CA SER B 221 -3.22 -14.22 47.83
C SER B 221 -4.20 -15.35 48.14
N GLN B 222 -4.28 -15.80 49.40
CA GLN B 222 -5.19 -16.88 49.75
C GLN B 222 -6.66 -16.52 49.54
N HIS B 223 -7.01 -15.23 49.51
CA HIS B 223 -8.39 -14.84 49.21
C HIS B 223 -8.63 -14.68 47.72
N VAL B 224 -7.62 -14.18 46.99
CA VAL B 224 -7.77 -14.04 45.55
C VAL B 224 -7.90 -15.41 44.90
N PHE B 225 -7.10 -16.38 45.36
CA PHE B 225 -7.23 -17.73 44.82
C PHE B 225 -8.59 -18.31 45.15
N ARG B 226 -9.18 -17.92 46.29
CA ARG B 226 -10.55 -18.33 46.58
C ARG B 226 -11.52 -17.69 45.60
N PHE B 227 -11.24 -16.46 45.16
CA PHE B 227 -12.11 -15.87 44.15
C PHE B 227 -12.00 -16.59 42.82
N TYR B 228 -10.80 -17.05 42.49
CA TYR B 228 -10.64 -17.83 41.25
C TYR B 228 -11.45 -19.11 41.35
N ARG B 229 -11.28 -19.84 42.45
CA ARG B 229 -11.96 -21.12 42.57
C ARG B 229 -13.47 -20.95 42.60
N GLU B 230 -13.97 -19.96 43.34
CA GLU B 230 -15.41 -19.75 43.40
C GLU B 230 -15.97 -19.33 42.05
N SER B 231 -15.23 -18.51 41.30
CA SER B 231 -15.71 -18.09 40.00
C SER B 231 -15.78 -19.26 39.02
N LEU B 232 -14.75 -20.10 38.99
CA LEU B 232 -14.80 -21.20 38.04
C LEU B 232 -15.75 -22.32 38.48
N GLN B 233 -15.92 -22.55 39.78
CA GLN B 233 -16.91 -23.55 40.19
C GLN B 233 -18.31 -23.09 39.84
N ARG B 234 -18.60 -21.79 39.98
CA ARG B 234 -19.91 -21.28 39.58
C ARG B 234 -20.09 -21.30 38.07
N ARG B 235 -19.02 -21.06 37.30
CA ARG B 235 -19.17 -20.98 35.85
C ARG B 235 -19.68 -22.28 35.24
N TYR B 236 -19.25 -23.43 35.77
CA TYR B 236 -19.64 -24.72 35.23
C TYR B 236 -20.82 -25.33 35.98
N SER B 237 -21.68 -24.49 36.56
CA SER B 237 -22.85 -24.97 37.28
C SER B 237 -23.90 -25.52 36.32
N THR C 9 20.83 -4.14 -17.41
CA THR C 9 22.22 -4.54 -17.45
C THR C 9 22.55 -5.00 -18.87
N LEU C 10 23.83 -5.06 -19.22
CA LEU C 10 24.26 -5.43 -20.56
C LEU C 10 25.24 -6.60 -20.48
N SER C 11 25.26 -7.41 -21.54
CA SER C 11 26.02 -8.64 -21.53
C SER C 11 27.52 -8.36 -21.59
N GLU C 12 28.31 -9.42 -21.44
CA GLU C 12 29.76 -9.28 -21.44
C GLU C 12 30.27 -8.95 -22.84
N ALA C 13 29.64 -9.50 -23.87
CA ALA C 13 30.08 -9.25 -25.24
C ALA C 13 29.82 -7.79 -25.62
N GLU C 14 28.70 -7.23 -25.16
CA GLU C 14 28.45 -5.83 -25.43
C GLU C 14 29.48 -4.95 -24.73
N LYS C 15 29.83 -5.30 -23.50
CA LYS C 15 30.87 -4.53 -22.80
C LYS C 15 32.21 -4.64 -23.51
N VAL C 16 32.51 -5.79 -24.11
CA VAL C 16 33.78 -5.93 -24.81
C VAL C 16 33.76 -5.11 -26.09
N TYR C 17 32.63 -5.11 -26.78
CA TYR C 17 32.52 -4.32 -28.01
C TYR C 17 32.64 -2.84 -27.70
N ILE C 18 31.99 -2.38 -26.63
CA ILE C 18 32.01 -0.98 -26.28
C ILE C 18 33.40 -0.54 -25.87
N VAL C 19 34.08 -1.34 -25.02
CA VAL C 19 35.41 -0.92 -24.59
C VAL C 19 36.37 -0.91 -25.77
N HIS C 20 36.23 -1.86 -26.70
CA HIS C 20 37.08 -1.83 -27.89
C HIS C 20 36.79 -0.60 -28.74
N GLY C 21 35.51 -0.23 -28.85
CA GLY C 21 35.18 0.94 -29.64
C GLY C 21 35.75 2.18 -29.01
N VAL C 22 35.62 2.30 -27.68
CA VAL C 22 36.16 3.46 -26.99
C VAL C 22 37.66 3.54 -27.24
N GLN C 23 38.34 2.38 -27.23
CA GLN C 23 39.77 2.38 -27.52
C GLN C 23 40.04 2.75 -28.96
N GLU C 24 39.02 2.66 -29.84
CA GLU C 24 39.17 3.03 -31.24
C GLU C 24 38.55 4.39 -31.57
N ASP C 25 38.19 5.18 -30.56
CA ASP C 25 37.62 6.51 -30.76
C ASP C 25 36.31 6.46 -31.54
N LEU C 26 35.59 5.36 -31.41
CA LEU C 26 34.26 5.19 -31.99
C LEU C 26 33.26 4.80 -30.92
N ARG C 27 32.04 5.32 -31.02
CA ARG C 27 30.99 4.99 -30.08
C ARG C 27 29.71 4.70 -30.85
N VAL C 28 28.77 4.05 -30.16
CA VAL C 28 27.56 3.55 -30.82
C VAL C 28 26.76 4.68 -31.45
N ASP C 29 26.77 5.86 -30.82
CA ASP C 29 26.10 7.00 -31.42
C ASP C 29 26.88 7.53 -32.63
N GLY C 30 28.20 7.48 -32.57
CA GLY C 30 29.05 7.92 -33.65
C GLY C 30 30.02 9.02 -33.29
N ARG C 31 29.88 9.65 -32.12
CA ARG C 31 30.75 10.74 -31.71
C ARG C 31 32.09 10.19 -31.25
N GLY C 32 33.00 11.08 -30.87
CA GLY C 32 34.34 10.71 -30.49
C GLY C 32 34.49 10.53 -29.00
N CYS C 33 35.75 10.41 -28.57
CA CYS C 33 36.09 10.21 -27.17
C CYS C 33 35.90 11.46 -26.32
N GLU C 34 35.64 12.60 -26.95
CA GLU C 34 35.53 13.85 -26.21
C GLU C 34 34.36 14.71 -26.66
N ASP C 35 33.52 14.22 -27.57
CA ASP C 35 32.37 14.99 -28.04
C ASP C 35 31.31 15.08 -26.93
N TYR C 36 30.44 16.08 -27.05
CA TYR C 36 29.45 16.36 -26.02
C TYR C 36 28.10 16.61 -26.68
N ARG C 37 27.09 15.82 -26.30
CA ARG C 37 25.77 15.97 -26.89
C ARG C 37 25.12 17.28 -26.44
N CYS C 38 24.30 17.83 -27.33
CA CYS C 38 23.71 19.14 -27.07
C CYS C 38 22.67 19.08 -25.98
N VAL C 39 22.32 20.27 -25.48
CA VAL C 39 21.38 20.45 -24.39
C VAL C 39 20.44 21.59 -24.79
N GLU C 40 19.30 21.70 -24.10
CA GLU C 40 18.22 22.62 -24.45
C GLU C 40 17.81 23.51 -23.29
N VAL C 41 18.79 24.10 -22.60
CA VAL C 41 18.49 24.91 -21.42
C VAL C 41 17.50 26.02 -21.80
N GLU C 42 16.71 26.44 -20.82
CA GLU C 42 15.71 27.48 -20.97
C GLU C 42 15.47 28.09 -19.59
N THR C 43 14.79 29.23 -19.57
CA THR C 43 14.57 29.97 -18.33
C THR C 43 13.14 30.51 -18.30
N ASP C 44 12.72 30.92 -17.11
CA ASP C 44 11.42 31.55 -16.89
C ASP C 44 10.28 30.63 -17.35
N VAL C 45 10.21 29.47 -16.71
CA VAL C 45 9.19 28.47 -17.01
C VAL C 45 8.10 28.44 -15.97
N VAL C 46 8.42 28.70 -14.70
CA VAL C 46 7.47 28.61 -13.60
C VAL C 46 7.14 30.03 -13.17
N SER C 47 5.89 30.26 -12.81
CA SER C 47 5.41 31.60 -12.48
C SER C 47 5.65 31.94 -11.01
N ASN C 48 5.16 31.10 -10.11
CA ASN C 48 5.15 31.41 -8.69
C ASN C 48 6.55 31.57 -8.12
N THR C 49 7.57 31.00 -8.76
CA THR C 49 8.92 31.10 -8.23
C THR C 49 9.59 32.38 -8.73
N SER C 50 10.84 32.56 -8.32
CA SER C 50 11.65 33.72 -8.67
C SER C 50 12.86 33.33 -9.49
N GLY C 51 12.68 32.40 -10.43
CA GLY C 51 13.78 31.90 -11.22
C GLY C 51 13.59 30.45 -11.58
N SER C 52 13.91 30.08 -12.82
CA SER C 52 13.62 28.73 -13.27
C SER C 52 14.64 28.31 -14.32
N ALA C 53 14.69 27.00 -14.56
CA ALA C 53 15.54 26.43 -15.59
C ALA C 53 14.97 25.07 -15.98
N ARG C 54 15.38 24.60 -17.15
CA ARG C 54 14.91 23.32 -17.68
C ARG C 54 16.00 22.77 -18.60
N VAL C 55 16.76 21.79 -18.11
CA VAL C 55 17.90 21.25 -18.84
C VAL C 55 17.51 19.88 -19.39
N LYS C 56 17.77 19.67 -20.69
CA LYS C 56 17.49 18.40 -21.35
C LYS C 56 18.76 17.95 -22.06
N LEU C 57 19.50 17.05 -21.42
CA LEU C 57 20.76 16.55 -21.97
C LEU C 57 20.57 15.33 -22.85
N GLY C 58 19.33 14.89 -23.06
CA GLY C 58 19.07 13.65 -23.75
C GLY C 58 17.77 13.06 -23.25
N HIS C 59 17.79 11.79 -22.85
CA HIS C 59 16.61 11.20 -22.24
C HIS C 59 16.38 11.73 -20.82
N THR C 60 17.35 12.40 -20.23
CA THR C 60 17.16 13.00 -18.92
C THR C 60 16.38 14.31 -19.05
N ASP C 61 15.85 14.77 -17.91
CA ASP C 61 14.97 15.94 -17.84
C ASP C 61 15.07 16.54 -16.44
N ILE C 62 15.43 17.81 -16.37
CA ILE C 62 15.62 18.50 -15.10
C ILE C 62 14.70 19.70 -15.06
N LEU C 63 14.29 20.09 -13.86
CA LEU C 63 13.47 21.28 -13.65
C LEU C 63 13.73 21.78 -12.23
N VAL C 64 14.15 23.04 -12.12
CA VAL C 64 14.55 23.62 -10.84
C VAL C 64 13.74 24.89 -10.60
N GLY C 65 13.87 25.42 -9.38
CA GLY C 65 13.18 26.65 -9.00
C GLY C 65 13.82 27.33 -7.81
N VAL C 66 13.96 28.65 -7.86
CA VAL C 66 14.60 29.43 -6.82
C VAL C 66 13.61 30.45 -6.27
N LYS C 67 13.43 30.45 -4.95
CA LYS C 67 12.54 31.38 -4.27
C LYS C 67 13.31 32.07 -3.15
N ALA C 68 13.31 33.41 -3.17
CA ALA C 68 13.98 34.21 -2.16
C ALA C 68 12.99 34.65 -1.09
N GLU C 69 13.33 34.42 0.18
CA GLU C 69 12.42 34.70 1.28
C GLU C 69 13.17 35.40 2.42
N MET C 70 12.39 36.07 3.26
CA MET C 70 12.93 36.75 4.43
C MET C 70 13.39 35.74 5.48
N GLY C 71 14.47 36.08 6.18
CA GLY C 71 14.99 35.19 7.20
C GLY C 71 15.90 35.92 8.17
N THR C 72 16.50 35.13 9.06
CA THR C 72 17.39 35.60 10.10
C THR C 72 18.82 35.12 9.88
N PRO C 73 19.81 35.98 10.12
CA PRO C 73 21.20 35.58 9.91
C PRO C 73 21.62 34.49 10.89
N LYS C 74 22.59 33.69 10.48
CA LYS C 74 23.10 32.69 11.40
C LYS C 74 24.02 33.32 12.45
N LEU C 75 24.39 32.51 13.42
CA LEU C 75 25.12 33.01 14.59
C LEU C 75 26.57 33.37 14.27
N GLU C 76 27.27 32.54 13.49
CA GLU C 76 28.71 32.77 13.30
C GLU C 76 28.98 34.12 12.64
N LYS C 77 28.22 34.47 11.61
CA LYS C 77 28.41 35.75 10.94
C LYS C 77 27.05 36.44 10.78
N PRO C 78 26.91 37.71 11.16
CA PRO C 78 25.60 38.36 10.99
C PRO C 78 25.37 39.00 9.62
N ASN C 79 26.44 39.37 8.91
CA ASN C 79 26.23 40.04 7.62
C ASN C 79 26.20 39.07 6.45
N GLU C 80 25.36 38.04 6.52
CA GLU C 80 25.33 37.00 5.50
C GLU C 80 23.97 36.32 5.51
N GLY C 81 23.70 35.65 4.39
CA GLY C 81 22.60 34.72 4.27
C GLY C 81 23.13 33.30 4.23
N TYR C 82 22.32 32.42 3.67
CA TYR C 82 22.79 31.06 3.46
C TYR C 82 21.98 30.43 2.35
N LEU C 83 22.42 29.25 1.91
CA LEU C 83 21.75 28.53 0.83
C LEU C 83 21.33 27.17 1.36
N GLU C 84 20.15 26.73 0.95
CA GLU C 84 19.59 25.45 1.37
C GLU C 84 19.25 24.70 0.09
N PHE C 85 19.82 23.50 -0.06
CA PHE C 85 19.51 22.71 -1.25
C PHE C 85 18.68 21.51 -0.84
N PHE C 86 17.81 21.08 -1.76
CA PHE C 86 16.99 19.90 -1.54
C PHE C 86 16.71 19.29 -2.92
N VAL C 87 17.46 18.24 -3.25
CA VAL C 87 17.36 17.60 -4.56
C VAL C 87 16.31 16.49 -4.43
N ASP C 88 15.09 16.78 -4.84
CA ASP C 88 14.05 15.77 -4.87
C ASP C 88 14.25 14.85 -6.07
N CYS C 89 13.81 13.60 -5.92
CA CYS C 89 13.86 12.59 -6.96
C CYS C 89 12.44 12.06 -7.13
N SER C 90 11.69 12.64 -8.06
CA SER C 90 10.30 12.26 -8.22
C SER C 90 10.20 10.81 -8.67
N ALA C 91 9.14 10.14 -8.22
CA ALA C 91 8.95 8.73 -8.54
C ALA C 91 8.43 8.51 -9.95
N SER C 92 7.97 9.55 -10.64
CA SER C 92 7.55 9.39 -12.02
C SER C 92 8.72 9.16 -12.95
N ALA C 93 9.94 9.47 -12.51
CA ALA C 93 11.11 9.23 -13.37
C ALA C 93 11.32 7.75 -13.64
N THR C 94 11.20 6.90 -12.63
CA THR C 94 11.44 5.47 -12.82
C THR C 94 10.57 4.75 -11.79
N PRO C 95 9.96 3.61 -12.15
CA PRO C 95 9.16 2.87 -11.15
C PRO C 95 9.86 2.38 -9.89
N GLU C 96 11.16 2.04 -9.92
CA GLU C 96 11.80 1.64 -8.66
C GLU C 96 12.01 2.80 -7.70
N PHE C 97 11.80 4.04 -8.15
CA PHE C 97 11.86 5.20 -7.29
C PHE C 97 10.54 5.48 -6.59
N GLU C 98 9.67 4.48 -6.50
CA GLU C 98 8.36 4.63 -5.89
C GLU C 98 8.50 4.85 -4.40
N GLY C 99 7.91 5.94 -3.90
CA GLY C 99 7.95 6.29 -2.49
C GLY C 99 9.34 6.38 -1.90
N ARG C 100 9.67 5.46 -1.00
CA ARG C 100 11.02 5.38 -0.46
C ARG C 100 11.93 4.64 -1.41
N GLY C 101 13.15 5.15 -1.56
CA GLY C 101 14.08 4.60 -2.52
C GLY C 101 14.85 5.65 -3.30
N GLY C 102 14.25 6.83 -3.46
CA GLY C 102 14.92 7.99 -4.00
C GLY C 102 15.52 8.91 -2.97
N ASP C 103 15.59 8.47 -1.71
CA ASP C 103 16.10 9.32 -0.62
C ASP C 103 17.62 9.36 -0.62
N ASP C 104 18.27 8.21 -0.78
CA ASP C 104 19.72 8.15 -0.75
C ASP C 104 20.34 8.92 -1.91
N LEU C 105 19.77 8.78 -3.11
CA LEU C 105 20.29 9.54 -4.26
C LEU C 105 20.11 11.03 -4.07
N GLY C 106 18.94 11.44 -3.58
CA GLY C 106 18.70 12.85 -3.32
C GLY C 106 19.66 13.42 -2.29
N THR C 107 19.92 12.66 -1.23
CA THR C 107 20.87 13.12 -0.23
C THR C 107 22.29 13.19 -0.79
N GLU C 108 22.65 12.24 -1.66
CA GLU C 108 23.98 12.25 -2.26
C GLU C 108 24.16 13.50 -3.11
N ILE C 109 23.14 13.84 -3.90
CA ILE C 109 23.25 15.00 -4.76
C ILE C 109 23.24 16.28 -3.93
N ALA C 110 22.38 16.34 -2.92
CA ALA C 110 22.32 17.55 -2.10
C ALA C 110 23.63 17.80 -1.35
N ASN C 111 24.24 16.75 -0.78
CA ASN C 111 25.51 16.97 -0.08
C ASN C 111 26.61 17.34 -1.06
N THR C 112 26.62 16.75 -2.25
CA THR C 112 27.64 17.15 -3.22
C THR C 112 27.47 18.61 -3.60
N LEU C 113 26.23 19.04 -3.84
CA LEU C 113 25.97 20.42 -4.19
C LEU C 113 26.34 21.37 -3.05
N TYR C 114 26.11 20.94 -1.81
CA TYR C 114 26.52 21.75 -0.66
C TYR C 114 28.03 21.90 -0.62
N ARG C 115 28.76 20.82 -0.89
CA ARG C 115 30.22 20.93 -0.92
C ARG C 115 30.67 21.83 -2.06
N ILE C 116 29.94 21.81 -3.17
CA ILE C 116 30.27 22.69 -4.30
C ILE C 116 30.12 24.14 -3.87
N PHE C 117 29.01 24.46 -3.21
CA PHE C 117 28.66 25.84 -2.90
C PHE C 117 29.14 26.29 -1.52
N ASN C 118 29.81 25.43 -0.76
CA ASN C 118 30.26 25.80 0.59
C ASN C 118 31.61 26.52 0.49
N ASN C 119 31.56 27.78 0.04
CA ASN C 119 32.74 28.62 0.02
C ASN C 119 32.30 30.07 0.12
N LYS C 120 33.23 30.92 0.55
CA LYS C 120 32.91 32.32 0.79
C LYS C 120 32.63 33.09 -0.50
N SER C 121 33.26 32.72 -1.60
CA SER C 121 33.18 33.45 -2.86
C SER C 121 32.34 32.73 -3.91
N SER C 122 31.37 31.91 -3.50
CA SER C 122 30.58 31.17 -4.49
C SER C 122 29.83 32.13 -5.42
N VAL C 123 28.92 32.94 -4.87
CA VAL C 123 28.39 34.07 -5.63
C VAL C 123 28.63 35.39 -4.90
N ASP C 124 28.06 35.51 -3.70
CA ASP C 124 28.20 36.62 -2.76
C ASP C 124 27.42 36.25 -1.51
N LEU C 125 27.74 36.93 -0.42
CA LEU C 125 26.92 36.85 0.78
C LEU C 125 26.63 38.21 1.40
N LYS C 126 27.35 39.26 1.01
CA LYS C 126 27.06 40.61 1.52
C LYS C 126 25.70 41.10 1.01
N THR C 127 25.37 40.80 -0.24
CA THR C 127 24.15 41.32 -0.85
C THR C 127 22.89 40.77 -0.17
N LEU C 128 22.97 39.62 0.46
CA LEU C 128 21.78 39.00 1.03
C LEU C 128 21.54 39.38 2.49
N CYS C 129 22.36 40.25 3.07
CA CYS C 129 22.13 40.78 4.41
C CYS C 129 21.69 42.24 4.30
N ILE C 130 20.67 42.60 5.07
CA ILE C 130 20.14 43.96 5.07
C ILE C 130 20.36 44.67 6.40
N SER C 131 20.16 43.96 7.51
CA SER C 131 20.38 44.51 8.84
C SER C 131 21.22 43.50 9.61
N PRO C 132 22.40 43.87 10.08
CA PRO C 132 23.23 42.87 10.76
C PRO C 132 22.52 42.33 11.98
N ARG C 133 22.65 41.02 12.19
CA ARG C 133 22.16 40.32 13.37
C ARG C 133 20.63 40.33 13.49
N GLU C 134 19.92 40.89 12.51
CA GLU C 134 18.49 41.00 12.74
C GLU C 134 17.70 40.41 11.57
N HIS C 135 18.27 40.49 10.36
CA HIS C 135 17.61 40.04 9.13
C HIS C 135 18.65 39.70 8.07
N CYS C 136 18.23 38.88 7.10
CA CYS C 136 19.03 38.49 5.95
C CYS C 136 18.10 37.85 4.92
N TRP C 137 18.58 37.78 3.69
CA TRP C 137 17.88 37.06 2.62
C TRP C 137 18.28 35.59 2.63
N VAL C 138 17.31 34.73 2.34
CA VAL C 138 17.51 33.29 2.22
C VAL C 138 17.07 32.86 0.83
N LEU C 139 17.80 31.89 0.27
CA LEU C 139 17.55 31.39 -1.08
C LEU C 139 17.21 29.91 -0.99
N TYR C 140 16.11 29.54 -1.65
CA TYR C 140 15.64 28.16 -1.67
C TYR C 140 15.81 27.62 -3.08
N VAL C 141 16.80 26.75 -3.26
CA VAL C 141 17.04 26.10 -4.55
C VAL C 141 16.34 24.75 -4.51
N ASP C 142 15.41 24.52 -5.44
CA ASP C 142 14.57 23.32 -5.40
C ASP C 142 14.73 22.58 -6.71
N VAL C 143 15.57 21.54 -6.72
CA VAL C 143 15.75 20.71 -7.90
C VAL C 143 14.69 19.63 -7.93
N LEU C 144 14.19 19.29 -9.12
CA LEU C 144 13.15 18.29 -9.27
C LEU C 144 13.54 17.38 -10.43
N LEU C 145 13.96 16.16 -10.13
CA LEU C 145 14.31 15.20 -11.17
C LEU C 145 13.04 14.72 -11.87
N LEU C 146 12.99 14.89 -13.18
CA LEU C 146 11.84 14.42 -13.96
C LEU C 146 12.13 13.14 -14.73
N GLU C 147 13.32 13.01 -15.30
CA GLU C 147 13.72 11.79 -15.98
C GLU C 147 15.21 11.60 -15.79
N CYS C 148 15.65 10.35 -15.92
CA CYS C 148 17.06 9.99 -15.76
C CYS C 148 17.60 9.34 -17.02
N GLY C 149 18.59 9.96 -17.64
CA GLY C 149 19.20 9.39 -18.83
C GLY C 149 20.71 9.49 -18.83
N GLY C 150 21.31 9.50 -17.65
CA GLY C 150 22.76 9.56 -17.53
C GLY C 150 23.28 10.99 -17.44
N ASN C 151 24.49 11.10 -16.89
CA ASN C 151 25.17 12.39 -16.72
C ASN C 151 24.31 13.39 -15.98
N LEU C 152 23.80 12.98 -14.80
CA LEU C 152 22.88 13.83 -14.05
C LEU C 152 23.59 15.00 -13.39
N PHE C 153 24.86 14.82 -13.05
CA PHE C 153 25.60 15.86 -12.34
C PHE C 153 25.74 17.10 -13.19
N ASP C 154 26.10 16.95 -14.46
CA ASP C 154 26.34 18.16 -15.24
C ASP C 154 25.00 18.78 -15.63
N ALA C 155 23.97 17.94 -15.79
CA ALA C 155 22.65 18.42 -16.15
C ALA C 155 21.96 19.12 -14.99
N ILE C 156 22.51 19.01 -13.78
CA ILE C 156 21.98 19.72 -12.63
C ILE C 156 22.85 20.94 -12.29
N SER C 157 24.17 20.78 -12.41
CA SER C 157 25.06 21.91 -12.22
C SER C 157 24.90 22.96 -13.30
N ILE C 158 24.26 22.62 -14.42
CA ILE C 158 23.93 23.65 -15.40
C ILE C 158 22.61 24.32 -15.09
N ALA C 159 21.59 23.55 -14.69
CA ALA C 159 20.31 24.16 -14.34
C ALA C 159 20.40 24.97 -13.06
N VAL C 160 21.44 24.79 -12.27
CA VAL C 160 21.56 25.60 -11.07
C VAL C 160 22.16 26.96 -11.42
N LYS C 161 23.20 26.97 -12.25
CA LYS C 161 23.75 28.24 -12.71
C LYS C 161 22.70 29.01 -13.51
N ALA C 162 21.91 28.29 -14.30
CA ALA C 162 20.87 28.94 -15.09
C ALA C 162 19.81 29.57 -14.21
N ALA C 163 19.29 28.81 -13.22
CA ALA C 163 18.26 29.39 -12.37
C ALA C 163 18.82 30.52 -11.52
N LEU C 164 20.06 30.38 -11.05
CA LEU C 164 20.69 31.45 -10.28
C LEU C 164 20.85 32.72 -11.11
N PHE C 165 21.04 32.58 -12.42
CA PHE C 165 21.16 33.75 -13.28
C PHE C 165 19.84 34.49 -13.46
N ASN C 166 18.71 33.88 -13.07
CA ASN C 166 17.39 34.43 -13.35
C ASN C 166 16.67 34.87 -12.08
N THR C 167 17.42 35.09 -10.99
CA THR C 167 16.80 35.48 -9.73
C THR C 167 16.33 36.94 -9.80
N ARG C 168 15.43 37.29 -8.88
CA ARG C 168 14.86 38.63 -8.81
C ARG C 168 15.27 39.39 -7.56
N ILE C 169 15.07 38.82 -6.38
CA ILE C 169 15.40 39.45 -5.10
C ILE C 169 14.81 40.85 -5.03
N PRO C 170 13.49 40.99 -4.90
CA PRO C 170 12.88 42.33 -4.89
C PRO C 170 13.48 43.22 -3.79
N ARG C 171 13.90 44.42 -4.19
CA ARG C 171 14.59 45.32 -3.28
C ARG C 171 13.65 45.85 -2.20
N VAL C 172 14.17 45.94 -0.98
CA VAL C 172 13.44 46.50 0.16
C VAL C 172 14.27 47.63 0.74
N ARG C 173 13.65 48.81 0.87
CA ARG C 173 14.31 49.99 1.39
C ARG C 173 13.91 50.36 2.82
N VAL C 174 13.23 49.44 3.53
CA VAL C 174 12.70 49.76 4.85
C VAL C 174 13.81 50.22 5.81
N LEU C 175 13.55 51.33 6.48
CA LEU C 175 14.46 51.82 7.51
C LEU C 175 14.34 50.97 8.77
N GLU C 176 15.47 50.71 9.42
CA GLU C 176 15.52 49.90 10.62
C GLU C 176 15.30 50.73 11.88
N ASP C 177 15.20 52.05 11.73
CA ASP C 177 15.07 52.95 12.87
C ASP C 177 13.84 52.61 13.71
N GLU C 178 14.03 52.59 15.04
CA GLU C 178 12.91 52.29 15.94
C GLU C 178 11.81 53.34 15.83
N GLU C 179 12.20 54.62 15.72
CA GLU C 179 11.21 55.68 15.56
C GLU C 179 10.43 55.49 14.26
N GLY C 180 11.11 55.03 13.22
CA GLY C 180 10.49 54.77 11.94
C GLY C 180 9.82 53.40 11.94
N SER C 181 9.29 53.04 10.77
CA SER C 181 8.57 51.79 10.62
C SER C 181 9.57 50.65 10.45
N LYS C 182 10.00 50.08 11.57
CA LYS C 182 10.96 48.98 11.57
C LYS C 182 10.43 47.77 10.81
N ASP C 183 9.11 47.52 10.89
CA ASP C 183 8.52 46.41 10.18
C ASP C 183 8.83 46.53 8.69
N ILE C 184 9.26 45.42 8.10
CA ILE C 184 9.74 45.43 6.72
C ILE C 184 8.71 46.02 5.77
N GLU C 185 9.08 47.11 5.11
CA GLU C 185 8.27 47.78 4.09
C GLU C 185 8.94 47.54 2.76
N LEU C 186 8.19 47.02 1.79
CA LEU C 186 8.80 46.74 0.50
C LEU C 186 8.79 48.01 -0.36
N SER C 187 9.16 47.88 -1.63
CA SER C 187 9.13 49.04 -2.51
C SER C 187 7.77 49.25 -3.17
N ASP C 188 6.85 48.31 -2.99
CA ASP C 188 5.47 48.32 -3.49
C ASP C 188 5.43 48.22 -5.01
N ASP C 189 6.57 48.16 -5.69
CA ASP C 189 6.61 47.99 -7.13
C ASP C 189 6.64 46.51 -7.48
N PRO C 190 5.67 45.99 -8.26
CA PRO C 190 5.65 44.55 -8.54
C PRO C 190 6.74 44.10 -9.50
N TYR C 191 7.46 45.03 -10.12
CA TYR C 191 8.48 44.73 -11.13
C TYR C 191 9.76 45.49 -10.83
N ASP C 192 10.18 45.48 -9.57
CA ASP C 192 11.41 46.15 -9.14
C ASP C 192 12.29 45.16 -8.40
N CYS C 193 13.39 44.76 -9.03
CA CYS C 193 14.21 43.66 -8.54
C CYS C 193 15.69 44.04 -8.75
N ILE C 194 16.57 43.06 -8.57
CA ILE C 194 18.01 43.28 -8.64
C ILE C 194 18.68 41.98 -9.05
N ARG C 195 19.72 42.08 -9.86
CA ARG C 195 20.42 40.90 -10.37
C ARG C 195 21.30 40.32 -9.27
N LEU C 196 22.09 39.29 -9.62
CA LEU C 196 22.77 38.50 -8.61
C LEU C 196 24.25 38.24 -8.92
N SER C 197 24.75 38.64 -10.09
CA SER C 197 26.19 38.59 -10.37
C SER C 197 26.72 37.16 -10.22
N VAL C 198 26.18 36.28 -11.06
CA VAL C 198 26.46 34.85 -10.98
C VAL C 198 27.56 34.44 -11.96
N GLU C 199 28.34 35.40 -12.43
CA GLU C 199 29.31 35.17 -13.51
C GLU C 199 30.23 33.99 -13.21
N ASN C 200 30.62 33.81 -11.95
CA ASN C 200 31.63 32.81 -11.59
C ASN C 200 31.03 31.72 -10.70
N VAL C 201 29.83 31.29 -11.02
CA VAL C 201 29.23 30.13 -10.34
C VAL C 201 29.81 28.85 -10.95
N PRO C 202 30.38 27.97 -10.15
CA PRO C 202 31.05 26.80 -10.72
C PRO C 202 30.07 25.75 -11.22
N CYS C 203 30.61 24.81 -11.98
CA CYS C 203 29.84 23.71 -12.52
C CYS C 203 30.69 22.46 -12.45
N ILE C 204 30.03 21.30 -12.49
CA ILE C 204 30.68 20.02 -12.32
C ILE C 204 30.96 19.44 -13.70
N VAL C 205 32.10 18.77 -13.82
CA VAL C 205 32.49 18.08 -15.05
C VAL C 205 32.83 16.65 -14.70
N THR C 206 32.18 15.70 -15.38
CA THR C 206 32.38 14.28 -15.10
C THR C 206 33.22 13.67 -16.21
N LEU C 207 34.13 12.78 -15.82
CA LEU C 207 35.08 12.14 -16.74
C LEU C 207 35.15 10.65 -16.39
N CYS C 208 34.32 9.87 -17.05
CA CYS C 208 34.35 8.42 -16.89
C CYS C 208 35.58 7.82 -17.56
N LYS C 209 36.12 6.77 -16.95
CA LYS C 209 37.31 6.08 -17.44
C LYS C 209 36.90 4.69 -17.89
N ILE C 210 37.18 4.37 -19.16
CA ILE C 210 36.93 3.05 -19.72
C ILE C 210 38.22 2.57 -20.37
N GLY C 211 38.63 1.36 -20.03
CA GLY C 211 39.93 0.87 -20.49
C GLY C 211 41.01 1.74 -19.92
N TYR C 212 41.84 2.34 -20.79
CA TYR C 212 42.80 3.34 -20.36
C TYR C 212 42.54 4.71 -21.00
N ARG C 213 41.32 4.94 -21.44
CA ARG C 213 40.84 6.20 -22.01
C ARG C 213 39.67 6.75 -21.21
N HIS C 214 39.59 8.07 -21.13
CA HIS C 214 38.54 8.77 -20.43
C HIS C 214 37.59 9.45 -21.42
N VAL C 215 36.29 9.40 -21.11
CA VAL C 215 35.23 9.80 -22.01
C VAL C 215 34.33 10.81 -21.31
N VAL C 216 33.97 11.88 -22.02
CA VAL C 216 33.07 12.89 -21.47
C VAL C 216 31.65 12.57 -21.93
N ASP C 217 30.68 12.84 -21.06
CA ASP C 217 29.26 12.65 -21.35
C ASP C 217 28.99 11.19 -21.74
N ALA C 218 29.28 10.29 -20.81
CA ALA C 218 29.02 8.88 -21.05
C ALA C 218 27.54 8.59 -20.90
N THR C 219 27.04 7.71 -21.75
CA THR C 219 25.65 7.29 -21.63
C THR C 219 25.54 6.22 -20.54
N LEU C 220 24.29 5.84 -20.24
CA LEU C 220 24.08 4.81 -19.23
C LEU C 220 24.78 3.51 -19.62
N GLN C 221 24.69 3.13 -20.89
CA GLN C 221 25.40 1.93 -21.34
C GLN C 221 26.91 2.12 -21.23
N GLU C 222 27.41 3.31 -21.60
CA GLU C 222 28.83 3.56 -21.49
C GLU C 222 29.25 3.77 -20.04
N GLU C 223 28.31 4.11 -19.16
CA GLU C 223 28.64 4.22 -17.74
C GLU C 223 28.73 2.85 -17.11
N ALA C 224 27.90 1.90 -17.55
CA ALA C 224 27.93 0.57 -16.97
C ALA C 224 29.21 -0.18 -17.34
N CYS C 225 29.89 0.22 -18.41
CA CYS C 225 31.15 -0.37 -18.82
C CYS C 225 32.36 0.28 -18.18
N SER C 226 32.18 1.30 -17.35
CA SER C 226 33.28 2.01 -16.73
C SER C 226 33.43 1.54 -15.29
N LEU C 227 34.66 1.67 -14.77
CA LEU C 227 34.94 1.24 -13.41
C LEU C 227 35.09 2.37 -12.40
N ALA C 228 35.54 3.56 -12.80
CA ALA C 228 35.66 4.68 -11.88
C ALA C 228 35.35 5.97 -12.62
N SER C 229 35.44 7.08 -11.89
CA SER C 229 35.24 8.41 -12.44
C SER C 229 35.63 9.44 -11.39
N LEU C 230 35.83 10.66 -11.84
CA LEU C 230 36.27 11.78 -11.01
C LEU C 230 35.40 12.99 -11.33
N LEU C 231 35.09 13.79 -10.31
CA LEU C 231 34.28 14.98 -10.48
C LEU C 231 35.12 16.21 -10.14
N VAL C 232 35.09 17.21 -11.02
CA VAL C 232 35.80 18.46 -10.85
C VAL C 232 34.81 19.61 -10.98
N SER C 233 34.93 20.59 -10.08
CA SER C 233 34.08 21.77 -10.05
C SER C 233 34.91 22.97 -10.49
N VAL C 234 34.59 23.51 -11.66
CA VAL C 234 35.35 24.61 -12.26
C VAL C 234 34.40 25.75 -12.59
N THR C 235 34.83 26.97 -12.26
CA THR C 235 34.10 28.18 -12.61
C THR C 235 34.48 28.63 -14.01
N SER C 236 33.89 29.75 -14.43
CA SER C 236 34.21 30.32 -15.73
C SER C 236 35.65 30.78 -15.77
N LYS C 237 36.18 31.23 -14.63
CA LYS C 237 37.57 31.68 -14.56
C LYS C 237 38.55 30.53 -14.63
N GLY C 238 38.12 29.33 -14.29
CA GLY C 238 39.01 28.17 -14.34
C GLY C 238 39.66 27.86 -13.01
N VAL C 239 38.87 27.80 -11.94
CA VAL C 239 39.37 27.43 -10.64
C VAL C 239 38.57 26.25 -10.09
N VAL C 240 39.22 25.46 -9.24
CA VAL C 240 38.67 24.21 -8.73
C VAL C 240 38.08 24.44 -7.34
N THR C 241 36.88 23.92 -7.10
CA THR C 241 36.20 24.04 -5.82
C THR C 241 36.12 22.73 -5.05
N CYS C 242 35.65 21.67 -5.69
CA CYS C 242 35.51 20.35 -5.07
C CYS C 242 36.07 19.26 -5.98
N MET C 243 36.54 18.17 -5.37
CA MET C 243 37.18 17.09 -6.11
C MET C 243 36.90 15.77 -5.37
N ARG C 244 35.94 15.02 -5.89
CA ARG C 244 35.46 13.78 -5.27
C ARG C 244 35.57 12.65 -6.28
N LYS C 245 36.15 11.53 -5.87
CA LYS C 245 36.26 10.35 -6.72
C LYS C 245 35.13 9.37 -6.42
N VAL C 246 34.39 9.01 -7.47
CA VAL C 246 33.25 8.11 -7.36
C VAL C 246 33.43 6.99 -8.37
N GLY C 247 33.19 5.76 -7.94
CA GLY C 247 33.32 4.61 -8.81
C GLY C 247 33.55 3.34 -7.99
N LYS C 248 33.86 2.27 -8.72
CA LYS C 248 34.08 0.96 -8.10
C LYS C 248 35.43 0.36 -8.45
N GLY C 249 36.37 1.14 -8.98
CA GLY C 249 37.67 0.62 -9.37
C GLY C 249 38.76 1.61 -9.03
N SER C 250 40.00 1.11 -9.06
CA SER C 250 41.11 2.02 -8.81
C SER C 250 41.32 2.93 -10.01
N LEU C 251 42.17 3.93 -9.83
CA LEU C 251 42.35 4.93 -10.88
C LEU C 251 43.78 5.13 -11.38
N ASP C 252 44.78 5.06 -10.50
CA ASP C 252 46.22 5.22 -10.73
C ASP C 252 46.60 6.70 -10.66
N PRO C 253 47.79 7.05 -10.16
CA PRO C 253 48.13 8.49 -10.03
C PRO C 253 48.21 9.26 -11.34
N GLU C 254 48.83 8.67 -12.36
CA GLU C 254 49.04 9.36 -13.64
C GLU C 254 47.73 9.84 -14.26
N SER C 255 46.70 8.98 -14.25
CA SER C 255 45.46 9.34 -14.92
C SER C 255 44.78 10.54 -14.29
N ILE C 256 45.13 10.88 -13.04
CA ILE C 256 44.59 12.09 -12.43
C ILE C 256 45.15 13.32 -13.15
N PHE C 257 46.45 13.28 -13.44
CA PHE C 257 47.11 14.42 -14.03
C PHE C 257 46.68 14.56 -15.49
N GLU C 258 46.48 13.43 -16.17
CA GLU C 258 46.03 13.54 -17.55
C GLU C 258 44.53 13.72 -17.69
N MET C 259 43.74 13.55 -16.62
CA MET C 259 42.33 13.92 -16.65
C MET C 259 42.11 15.38 -16.25
N MET C 260 43.00 15.97 -15.45
CA MET C 260 42.84 17.38 -15.06
C MET C 260 42.89 18.31 -16.26
N GLU C 261 43.74 18.04 -17.24
CA GLU C 261 43.78 18.93 -18.40
C GLU C 261 42.48 18.89 -19.18
N THR C 262 41.95 17.69 -19.40
CA THR C 262 40.67 17.59 -20.10
C THR C 262 39.53 18.19 -19.29
N GLY C 263 39.59 18.11 -17.95
CA GLY C 263 38.56 18.74 -17.15
C GLY C 263 38.63 20.25 -17.24
N LYS C 264 39.84 20.79 -17.28
CA LYS C 264 40.00 22.23 -17.38
C LYS C 264 39.48 22.73 -18.72
N ARG C 265 39.89 22.08 -19.81
CA ARG C 265 39.50 22.56 -21.14
C ARG C 265 38.00 22.41 -21.37
N VAL C 266 37.42 21.27 -20.98
CA VAL C 266 35.98 21.13 -21.17
C VAL C 266 35.24 22.11 -20.29
N GLY C 267 35.75 22.38 -19.09
CA GLY C 267 35.09 23.37 -18.24
C GLY C 267 35.12 24.77 -18.81
N LYS C 268 36.29 25.17 -19.35
CA LYS C 268 36.40 26.51 -19.92
C LYS C 268 35.47 26.67 -21.12
N VAL C 269 35.42 25.66 -21.99
CA VAL C 269 34.56 25.76 -23.16
C VAL C 269 33.09 25.74 -22.74
N LEU C 270 32.76 24.93 -21.73
CA LEU C 270 31.37 24.84 -21.26
C LEU C 270 30.92 26.17 -20.71
N HIS C 271 31.80 26.82 -19.93
CA HIS C 271 31.43 28.08 -19.30
C HIS C 271 31.31 29.18 -20.35
N ALA C 272 32.26 29.26 -21.29
CA ALA C 272 32.18 30.32 -22.28
C ALA C 272 30.94 30.16 -23.15
N SER C 273 30.63 28.93 -23.55
CA SER C 273 29.46 28.72 -24.39
C SER C 273 28.17 28.95 -23.62
N LEU C 274 28.16 28.68 -22.31
CA LEU C 274 26.92 28.95 -21.57
C LEU C 274 26.72 30.45 -21.41
N GLN C 275 27.82 31.21 -21.24
CA GLN C 275 27.67 32.66 -21.19
C GLN C 275 27.17 33.18 -22.53
N SER C 276 27.63 32.58 -23.62
CA SER C 276 27.21 33.10 -24.92
C SER C 276 25.74 32.78 -25.14
N VAL C 277 25.30 31.58 -24.77
CA VAL C 277 23.91 31.22 -25.03
C VAL C 277 22.97 32.02 -24.12
N VAL C 278 23.36 32.24 -22.86
CA VAL C 278 22.48 33.02 -21.99
C VAL C 278 22.41 34.46 -22.47
N HIS C 279 23.52 35.03 -22.96
CA HIS C 279 23.40 36.38 -23.49
C HIS C 279 22.55 36.41 -24.75
N LYS C 280 22.62 35.37 -25.59
CA LYS C 280 21.74 35.34 -26.76
C LYS C 280 20.27 35.24 -26.38
N GLU C 281 19.93 34.38 -25.40
CA GLU C 281 18.55 34.30 -24.92
C GLU C 281 18.10 35.59 -24.26
N GLU C 282 19.04 36.37 -23.69
CA GLU C 282 18.66 37.56 -22.95
C GLU C 282 18.62 38.80 -23.83
N SER C 283 19.32 38.79 -24.96
CA SER C 283 19.38 39.95 -25.83
C SER C 283 17.99 40.37 -26.31
N LEU C 284 17.16 39.39 -26.68
CA LEU C 284 15.75 39.64 -26.92
C LEU C 284 14.93 39.21 -25.72
N GLY C 285 14.03 40.09 -25.26
CA GLY C 285 13.43 39.95 -23.96
C GLY C 285 12.05 39.35 -23.96
N PRO C 286 11.03 40.18 -23.72
CA PRO C 286 9.64 39.69 -23.71
C PRO C 286 9.17 39.09 -25.03
N LYS C 287 9.92 39.24 -26.12
CA LYS C 287 9.59 38.56 -27.35
C LYS C 287 9.96 37.08 -27.24
N ARG C 288 9.76 36.35 -28.34
CA ARG C 288 10.16 34.95 -28.54
C ARG C 288 9.25 34.01 -27.76
N GLN C 289 8.29 34.53 -26.99
CA GLN C 289 7.36 33.75 -26.19
C GLN C 289 8.13 32.81 -25.26
N LYS C 290 7.44 31.90 -24.58
CA LYS C 290 8.08 30.88 -23.75
C LYS C 290 7.31 29.58 -23.94
N VAL C 291 8.01 28.52 -24.33
CA VAL C 291 7.40 27.21 -24.55
C VAL C 291 8.07 26.20 -23.63
N GLY C 292 7.25 25.42 -22.93
CA GLY C 292 7.74 24.37 -22.06
C GLY C 292 6.61 23.48 -21.60
N PHE C 293 6.81 22.16 -21.69
CA PHE C 293 5.82 21.15 -21.33
C PHE C 293 4.57 21.22 -22.21
N LEU C 294 4.59 22.03 -23.26
CA LEU C 294 3.44 22.17 -24.15
C LEU C 294 3.88 22.73 -25.49
N ALA D 21 -4.07 -32.89 48.66
CA ALA D 21 -3.95 -33.84 47.55
C ALA D 21 -5.03 -34.91 47.66
N ARG D 22 -6.18 -34.65 47.04
CA ARG D 22 -7.28 -35.59 47.07
C ARG D 22 -6.98 -36.78 46.17
N ALA D 23 -7.94 -37.70 46.10
CA ALA D 23 -7.80 -38.93 45.33
C ALA D 23 -8.90 -39.00 44.28
N ALA D 24 -8.60 -39.68 43.17
CA ALA D 24 -9.60 -39.88 42.13
C ALA D 24 -10.69 -40.83 42.62
N ARG D 25 -11.68 -41.03 41.77
CA ARG D 25 -12.89 -41.82 42.01
C ARG D 25 -13.72 -41.26 43.16
N THR D 26 -13.38 -40.07 43.65
CA THR D 26 -14.05 -39.44 44.78
C THR D 26 -14.49 -38.04 44.38
N VAL D 27 -13.78 -37.45 43.42
CA VAL D 27 -14.02 -36.08 43.01
C VAL D 27 -14.56 -36.05 41.59
N LEU D 28 -15.23 -37.13 41.19
CA LEU D 28 -15.86 -37.18 39.89
C LEU D 28 -17.02 -36.18 39.82
N GLY D 29 -17.17 -35.53 38.68
CA GLY D 29 -18.19 -34.51 38.53
C GLY D 29 -17.95 -33.30 39.41
N GLN D 30 -16.69 -32.92 39.62
CA GLN D 30 -16.32 -31.79 40.45
C GLN D 30 -15.41 -30.87 39.66
N VAL D 31 -15.62 -29.56 39.80
CA VAL D 31 -14.82 -28.58 39.07
C VAL D 31 -13.42 -28.53 39.67
N VAL D 32 -12.41 -28.69 38.82
CA VAL D 32 -11.02 -28.65 39.24
C VAL D 32 -10.33 -27.44 38.60
N LEU D 33 -9.15 -27.12 39.10
CA LEU D 33 -8.37 -25.98 38.65
C LEU D 33 -6.97 -26.41 38.26
N PRO D 34 -6.31 -25.64 37.37
CA PRO D 34 -4.91 -25.95 37.05
C PRO D 34 -4.03 -25.86 38.28
N GLY D 35 -3.02 -26.74 38.32
CA GLY D 35 -2.10 -26.79 39.44
C GLY D 35 -2.47 -27.78 40.51
N GLU D 36 -3.73 -28.20 40.56
CA GLU D 36 -4.18 -29.18 41.53
C GLU D 36 -3.62 -30.56 41.18
N GLU D 37 -3.51 -31.41 42.20
CA GLU D 37 -3.07 -32.79 42.01
C GLU D 37 -4.12 -33.74 42.56
N LEU D 38 -4.15 -34.96 42.02
CA LEU D 38 -5.09 -35.98 42.45
C LEU D 38 -4.40 -37.34 42.43
N LEU D 39 -4.94 -38.26 43.21
CA LEU D 39 -4.35 -39.58 43.40
C LEU D 39 -5.21 -40.60 42.65
N LEU D 40 -4.63 -41.25 41.65
CA LEU D 40 -5.28 -42.38 41.02
C LEU D 40 -5.25 -43.59 41.95
N PRO D 41 -6.12 -44.58 41.72
CA PRO D 41 -6.18 -45.74 42.61
C PRO D 41 -4.84 -46.46 42.68
N GLU D 42 -4.59 -47.10 43.82
CA GLU D 42 -3.30 -47.71 44.11
C GLU D 42 -2.94 -48.76 43.06
N SER D 65 0.28 -50.38 43.12
CA SER D 65 -0.13 -51.07 41.89
C SER D 65 -0.41 -50.08 40.77
N ARG D 66 0.67 -49.59 40.15
CA ARG D 66 0.55 -48.63 39.07
C ARG D 66 -0.22 -49.24 37.90
N VAL D 67 -1.15 -48.46 37.35
CA VAL D 67 -1.99 -48.91 36.25
C VAL D 67 -1.54 -48.17 34.99
N ARG D 68 -1.86 -48.73 33.83
CA ARG D 68 -1.48 -48.17 32.55
C ARG D 68 -2.59 -47.33 31.91
N VAL D 69 -3.46 -46.71 32.72
CA VAL D 69 -4.48 -45.83 32.18
C VAL D 69 -3.83 -44.56 31.65
N VAL D 70 -4.18 -44.18 30.42
CA VAL D 70 -3.56 -43.04 29.74
C VAL D 70 -4.30 -41.76 30.11
N CYS D 71 -3.53 -40.75 30.49
CA CYS D 71 -4.10 -39.43 30.78
C CYS D 71 -4.57 -38.75 29.50
N GLY D 72 -5.67 -38.01 29.61
CA GLY D 72 -6.31 -37.42 28.46
C GLY D 72 -5.82 -36.02 28.15
N PRO D 73 -6.67 -35.21 27.52
CA PRO D 73 -6.24 -33.88 27.07
C PRO D 73 -5.76 -32.98 28.19
N GLY D 74 -6.58 -32.80 29.21
CA GLY D 74 -6.27 -31.83 30.25
C GLY D 74 -5.57 -32.40 31.47
N LEU D 75 -4.97 -33.58 31.33
CA LEU D 75 -4.27 -34.23 32.43
C LEU D 75 -2.90 -34.69 31.97
N ARG D 76 -1.94 -34.64 32.88
CA ARG D 76 -0.60 -35.15 32.65
C ARG D 76 -0.15 -36.01 33.82
N ARG D 77 0.46 -37.15 33.51
CA ARG D 77 0.85 -38.12 34.53
C ARG D 77 2.27 -37.82 34.98
N CYS D 78 2.44 -37.60 36.28
CA CYS D 78 3.77 -37.39 36.87
C CYS D 78 3.94 -38.36 38.03
N GLY D 79 5.00 -39.17 37.95
CA GLY D 79 5.22 -40.17 38.99
C GLY D 79 4.02 -41.11 39.09
N ASP D 80 3.53 -41.28 40.30
CA ASP D 80 2.34 -42.06 40.57
C ASP D 80 1.19 -41.12 40.96
N ARG D 81 1.17 -39.94 40.35
CA ARG D 81 0.11 -38.97 40.54
C ARG D 81 -0.26 -38.34 39.21
N LEU D 82 -1.41 -37.68 39.18
CA LEU D 82 -1.89 -36.94 38.03
C LEU D 82 -1.91 -35.45 38.32
N LEU D 83 -1.59 -34.65 37.30
CA LEU D 83 -1.61 -33.20 37.39
C LEU D 83 -2.68 -32.64 36.48
N VAL D 84 -3.27 -31.52 36.92
CA VAL D 84 -4.35 -30.87 36.18
C VAL D 84 -3.79 -29.64 35.48
N THR D 85 -4.02 -29.56 34.17
CA THR D 85 -3.57 -28.42 33.37
C THR D 85 -4.71 -27.63 32.75
N LYS D 86 -5.93 -28.13 32.82
CA LYS D 86 -7.10 -27.43 32.30
C LYS D 86 -8.21 -27.43 33.32
N CYS D 87 -8.99 -26.36 33.33
CA CYS D 87 -10.22 -26.35 34.12
C CYS D 87 -11.26 -27.25 33.47
N GLY D 88 -12.27 -27.61 34.23
CA GLY D 88 -13.30 -28.47 33.70
C GLY D 88 -13.86 -29.38 34.77
N ARG D 89 -14.25 -30.58 34.35
CA ARG D 89 -14.94 -31.52 35.23
C ARG D 89 -14.45 -32.94 34.96
N LEU D 90 -14.02 -33.63 36.00
CA LEU D 90 -13.47 -34.98 35.81
C LEU D 90 -14.57 -35.93 35.37
N ARG D 91 -14.24 -36.81 34.42
CA ARG D 91 -15.17 -37.79 33.91
C ARG D 91 -14.41 -39.09 33.63
N HIS D 92 -15.06 -40.22 33.90
CA HIS D 92 -14.43 -41.52 33.70
C HIS D 92 -15.38 -42.50 33.03
N LYS D 93 -14.88 -43.19 32.00
CA LYS D 93 -15.68 -44.03 31.11
C LYS D 93 -15.05 -45.41 30.99
N GLU D 94 -15.66 -46.40 31.64
CA GLU D 94 -15.24 -47.79 31.46
C GLU D 94 -16.48 -48.56 30.99
N PRO D 95 -16.45 -49.15 29.79
CA PRO D 95 -17.66 -49.80 29.27
C PRO D 95 -17.91 -51.16 29.90
N GLY D 96 -18.91 -51.23 30.77
CA GLY D 96 -19.62 -52.44 31.10
C GLY D 96 -18.92 -53.48 31.96
N SER D 97 -17.60 -53.41 32.06
CA SER D 97 -16.82 -54.51 32.63
C SER D 97 -15.89 -54.00 33.73
N GLY D 98 -15.24 -54.95 34.37
CA GLY D 98 -14.24 -54.69 35.39
C GLY D 98 -12.85 -54.75 34.79
N SER D 99 -12.71 -54.24 33.57
CA SER D 99 -11.42 -54.21 32.89
C SER D 99 -11.13 -52.79 32.41
N GLY D 100 -10.06 -52.61 31.63
CA GLY D 100 -9.74 -51.28 31.13
C GLY D 100 -10.06 -51.09 29.66
N GLY D 101 -11.13 -50.35 29.36
CA GLY D 101 -12.06 -49.90 30.38
C GLY D 101 -11.65 -48.72 31.24
N GLY D 102 -11.43 -47.57 30.63
CA GLY D 102 -11.18 -46.37 31.41
C GLY D 102 -10.09 -45.46 30.91
N VAL D 103 -10.46 -44.18 30.79
CA VAL D 103 -9.59 -43.11 30.34
C VAL D 103 -9.95 -41.89 31.18
N TYR D 104 -8.94 -41.10 31.56
CA TYR D 104 -9.14 -39.90 32.35
C TYR D 104 -9.01 -38.68 31.44
N TRP D 105 -10.05 -37.87 31.39
CA TRP D 105 -10.07 -36.68 30.54
C TRP D 105 -11.05 -35.67 31.12
N VAL D 106 -10.61 -34.44 31.29
CA VAL D 106 -11.48 -33.35 31.70
C VAL D 106 -12.12 -32.75 30.45
N ASP D 107 -13.33 -32.21 30.60
CA ASP D 107 -14.06 -31.59 29.51
C ASP D 107 -14.40 -30.15 29.86
N SER D 108 -13.95 -29.22 29.01
CA SER D 108 -14.11 -27.79 29.24
C SER D 108 -14.82 -27.17 28.04
N GLN D 109 -14.97 -25.85 28.09
CA GLN D 109 -15.62 -25.07 27.05
C GLN D 109 -14.55 -24.16 26.45
N GLN D 110 -14.34 -24.26 25.14
CA GLN D 110 -13.33 -23.47 24.43
C GLN D 110 -13.69 -23.39 22.96
N LYS D 111 -12.96 -22.52 22.26
CA LYS D 111 -13.19 -22.27 20.85
C LYS D 111 -12.04 -22.72 19.96
N ARG D 112 -10.81 -22.43 20.35
CA ARG D 112 -9.65 -22.84 19.57
C ARG D 112 -9.59 -24.36 19.47
N TYR D 113 -9.38 -24.86 18.26
CA TYR D 113 -9.41 -26.29 18.02
C TYR D 113 -8.00 -26.81 17.73
N VAL D 114 -7.68 -27.96 18.30
CA VAL D 114 -6.42 -28.66 18.06
C VAL D 114 -6.77 -29.97 17.37
N PRO D 115 -6.19 -30.30 16.23
CA PRO D 115 -6.61 -31.52 15.52
C PRO D 115 -6.34 -32.77 16.36
N VAL D 116 -7.29 -33.69 16.31
CA VAL D 116 -7.22 -34.98 17.00
C VAL D 116 -7.49 -36.08 15.98
N LYS D 117 -6.65 -37.12 16.01
CA LYS D 117 -6.79 -38.19 15.02
C LYS D 117 -8.16 -38.84 15.16
N GLY D 118 -8.83 -39.03 14.02
CA GLY D 118 -10.13 -39.68 14.01
C GLY D 118 -11.34 -38.79 14.23
N ASP D 119 -11.23 -37.49 14.00
CA ASP D 119 -12.35 -36.57 14.20
C ASP D 119 -12.92 -36.15 12.86
N HIS D 120 -14.25 -35.98 12.81
CA HIS D 120 -14.92 -35.50 11.60
C HIS D 120 -14.87 -33.97 11.58
N VAL D 121 -14.08 -33.42 10.67
CA VAL D 121 -13.77 -31.99 10.62
C VAL D 121 -14.17 -31.43 9.26
N ILE D 122 -14.93 -30.35 9.28
CA ILE D 122 -15.31 -29.62 8.08
C ILE D 122 -14.24 -28.56 7.81
N GLY D 123 -13.74 -28.51 6.56
CA GLY D 123 -12.72 -27.55 6.21
C GLY D 123 -13.04 -26.85 4.90
N ILE D 124 -12.28 -25.79 4.63
CA ILE D 124 -12.47 -24.95 3.45
C ILE D 124 -11.20 -24.95 2.61
N VAL D 125 -11.35 -25.23 1.32
CA VAL D 125 -10.21 -25.27 0.41
C VAL D 125 -9.59 -23.88 0.31
N THR D 126 -8.28 -23.82 0.22
CA THR D 126 -7.59 -22.54 0.11
C THR D 126 -6.74 -22.40 -1.15
N ALA D 127 -6.05 -23.45 -1.57
CA ALA D 127 -5.17 -23.37 -2.73
C ALA D 127 -5.26 -24.64 -3.54
N LYS D 128 -4.55 -24.67 -4.68
CA LYS D 128 -4.51 -25.82 -5.57
C LYS D 128 -3.09 -26.08 -6.05
N SER D 129 -2.10 -25.78 -5.22
CA SER D 129 -0.70 -25.89 -5.63
C SER D 129 -0.31 -27.33 -5.87
N GLY D 130 0.53 -27.55 -6.88
CA GLY D 130 0.99 -28.90 -7.18
C GLY D 130 -0.15 -29.81 -7.58
N ASP D 131 -0.20 -30.98 -6.97
CA ASP D 131 -1.24 -31.96 -7.19
C ASP D 131 -1.96 -32.32 -5.90
N ILE D 132 -2.11 -31.35 -5.01
CA ILE D 132 -2.77 -31.54 -3.73
C ILE D 132 -3.83 -30.46 -3.57
N PHE D 133 -4.51 -30.48 -2.43
CA PHE D 133 -5.59 -29.52 -2.14
C PHE D 133 -5.43 -29.05 -0.70
N LYS D 134 -4.79 -27.90 -0.53
CA LYS D 134 -4.66 -27.31 0.80
C LYS D 134 -6.03 -26.83 1.28
N VAL D 135 -6.38 -27.20 2.51
CA VAL D 135 -7.70 -26.92 3.05
C VAL D 135 -7.53 -26.36 4.45
N ASP D 136 -8.33 -25.34 4.77
CA ASP D 136 -8.27 -24.71 6.09
C ASP D 136 -9.30 -25.36 7.01
N VAL D 137 -8.81 -25.99 8.08
CA VAL D 137 -9.67 -26.68 9.02
C VAL D 137 -9.92 -25.88 10.29
N GLY D 138 -9.03 -24.97 10.65
CA GLY D 138 -9.19 -24.14 11.83
C GLY D 138 -8.05 -24.24 12.83
N GLY D 139 -7.00 -25.01 12.53
CA GLY D 139 -5.89 -25.20 13.42
C GLY D 139 -4.75 -24.24 13.14
N SER D 140 -3.56 -24.65 13.56
CA SER D 140 -2.37 -23.82 13.34
C SER D 140 -1.87 -23.89 11.91
N GLU D 141 -2.03 -25.03 11.25
CA GLU D 141 -1.54 -25.21 9.89
C GLU D 141 -2.63 -25.81 9.02
N PRO D 142 -2.63 -25.52 7.73
CA PRO D 142 -3.63 -26.11 6.84
C PRO D 142 -3.33 -27.56 6.53
N ALA D 143 -4.39 -28.31 6.23
CA ALA D 143 -4.28 -29.72 5.89
C ALA D 143 -3.87 -29.88 4.42
N SER D 144 -3.91 -31.11 3.92
CA SER D 144 -3.45 -31.41 2.57
C SER D 144 -4.20 -32.63 2.06
N LEU D 145 -4.99 -32.45 1.00
CA LEU D 145 -5.65 -33.56 0.33
C LEU D 145 -4.77 -34.10 -0.80
N SER D 146 -5.32 -35.02 -1.59
CA SER D 146 -4.71 -35.49 -2.83
C SER D 146 -5.81 -35.69 -3.86
N TYR D 147 -5.44 -35.53 -5.14
CA TYR D 147 -6.42 -35.60 -6.20
C TYR D 147 -7.07 -36.98 -6.27
N LEU D 148 -6.33 -38.03 -5.91
CA LEU D 148 -6.83 -39.39 -5.93
C LEU D 148 -7.50 -39.80 -4.63
N SER D 149 -7.55 -38.92 -3.63
CA SER D 149 -8.19 -39.28 -2.38
C SER D 149 -9.70 -39.41 -2.52
N PHE D 150 -10.31 -38.77 -3.52
CA PHE D 150 -11.74 -38.90 -3.71
C PHE D 150 -12.09 -40.27 -4.28
N GLU D 151 -13.38 -40.55 -4.36
CA GLU D 151 -13.84 -41.85 -4.84
C GLU D 151 -13.65 -41.94 -6.35
N GLY D 152 -12.97 -42.99 -6.80
CA GLY D 152 -12.80 -43.25 -8.21
C GLY D 152 -12.10 -42.12 -8.95
N ALA D 153 -11.00 -41.63 -8.39
CA ALA D 153 -10.25 -40.53 -8.98
C ALA D 153 -8.91 -41.02 -9.48
N THR D 154 -8.57 -40.68 -10.72
CA THR D 154 -7.31 -41.08 -11.32
C THR D 154 -6.64 -39.89 -11.99
N LYS D 155 -5.54 -40.13 -12.72
CA LYS D 155 -4.82 -39.04 -13.37
C LYS D 155 -5.65 -38.36 -14.45
N ARG D 156 -6.72 -39.01 -14.92
CA ARG D 156 -7.57 -38.45 -15.97
C ARG D 156 -8.89 -37.93 -15.41
N ASN D 157 -9.62 -38.76 -14.67
CA ASN D 157 -10.93 -38.37 -14.17
C ASN D 157 -10.77 -37.75 -12.78
N ARG D 158 -10.09 -36.61 -12.77
CA ARG D 158 -9.88 -35.87 -11.54
C ARG D 158 -11.19 -35.24 -11.07
N PRO D 159 -11.37 -35.06 -9.77
CA PRO D 159 -12.60 -34.44 -9.28
C PRO D 159 -12.53 -32.92 -9.34
N ASN D 160 -13.71 -32.30 -9.42
CA ASN D 160 -13.81 -30.85 -9.51
C ASN D 160 -13.88 -30.22 -8.12
N VAL D 161 -12.78 -29.62 -7.68
CA VAL D 161 -12.73 -28.94 -6.38
C VAL D 161 -12.21 -27.52 -6.63
N GLN D 162 -13.03 -26.53 -6.29
CA GLN D 162 -12.68 -25.14 -6.53
C GLN D 162 -11.98 -24.59 -5.28
N VAL D 163 -11.74 -23.29 -5.22
CA VAL D 163 -11.12 -22.65 -4.05
C VAL D 163 -12.21 -21.96 -3.22
N GLY D 164 -12.35 -22.40 -1.96
CA GLY D 164 -13.38 -21.82 -1.12
C GLY D 164 -14.63 -22.66 -1.02
N ASP D 165 -14.44 -23.97 -0.91
CA ASP D 165 -15.53 -24.93 -0.80
C ASP D 165 -15.32 -25.80 0.43
N LEU D 166 -16.44 -26.27 0.98
CA LEU D 166 -16.43 -27.00 2.25
C LEU D 166 -16.54 -28.50 1.98
N ILE D 167 -15.71 -29.26 2.69
CA ILE D 167 -15.53 -30.69 2.45
C ILE D 167 -15.75 -31.43 3.77
N TYR D 168 -16.44 -32.56 3.69
CA TYR D 168 -16.62 -33.46 4.83
C TYR D 168 -15.60 -34.59 4.69
N GLY D 169 -14.75 -34.75 5.69
CA GLY D 169 -13.70 -35.76 5.60
C GLY D 169 -13.04 -36.02 6.93
N GLN D 170 -12.36 -37.15 6.99
CA GLN D 170 -11.72 -37.64 8.21
C GLN D 170 -10.20 -37.65 8.07
N PHE D 171 -9.52 -37.60 9.21
CA PHE D 171 -8.07 -37.56 9.28
C PHE D 171 -7.47 -38.96 9.31
N VAL D 172 -6.21 -39.05 8.90
CA VAL D 172 -5.44 -40.28 9.10
C VAL D 172 -4.12 -40.02 9.80
N VAL D 173 -3.60 -38.80 9.80
CA VAL D 173 -2.40 -38.43 10.53
C VAL D 173 -2.60 -37.07 11.19
N ALA D 174 -2.56 -37.03 12.52
CA ALA D 174 -2.78 -35.75 13.19
C ALA D 174 -1.81 -35.54 14.34
N ASN D 175 -0.65 -36.19 14.31
CA ASN D 175 0.39 -36.00 15.31
C ASN D 175 1.05 -34.63 15.15
N LYS D 176 1.68 -34.16 16.22
CA LYS D 176 2.34 -32.85 16.18
C LYS D 176 3.74 -32.92 15.57
N ASP D 177 3.85 -33.47 14.36
CA ASP D 177 5.11 -33.58 13.65
C ASP D 177 5.00 -33.15 12.20
N MET D 178 3.81 -32.94 11.69
CA MET D 178 3.54 -32.61 10.30
C MET D 178 2.19 -31.94 10.20
N GLU D 179 1.95 -31.36 9.02
CA GLU D 179 0.64 -30.81 8.75
C GLU D 179 -0.34 -31.97 8.76
N PRO D 180 -1.52 -31.82 9.33
CA PRO D 180 -2.46 -32.94 9.34
C PRO D 180 -2.89 -33.27 7.92
N GLU D 181 -3.19 -34.55 7.70
CA GLU D 181 -3.59 -35.01 6.39
C GLU D 181 -4.83 -35.86 6.54
N MET D 182 -5.77 -35.65 5.63
CA MET D 182 -7.09 -36.25 5.69
C MET D 182 -7.43 -36.92 4.37
N VAL D 183 -8.06 -38.09 4.45
CA VAL D 183 -8.60 -38.73 3.28
C VAL D 183 -10.11 -38.51 3.34
N CYS D 184 -10.79 -38.79 2.22
CA CYS D 184 -12.15 -38.27 2.15
C CYS D 184 -13.15 -39.27 1.56
N ILE D 185 -12.89 -40.58 1.64
CA ILE D 185 -13.92 -41.52 1.19
C ILE D 185 -14.34 -42.48 2.30
N ASP D 186 -13.41 -43.29 2.80
CA ASP D 186 -13.76 -44.35 3.75
C ASP D 186 -12.48 -45.03 4.19
N SER D 187 -12.61 -45.94 5.16
CA SER D 187 -11.53 -46.87 5.43
C SER D 187 -11.43 -47.91 4.34
N CYS D 188 -12.57 -48.50 3.95
CA CYS D 188 -12.54 -49.51 2.89
C CYS D 188 -12.32 -48.87 1.53
N GLY D 189 -13.02 -47.78 1.25
CA GLY D 189 -12.91 -47.11 -0.03
C GLY D 189 -14.21 -46.67 -0.68
N ARG D 190 -15.34 -46.88 0.00
CA ARG D 190 -16.65 -46.46 -0.50
C ARG D 190 -17.08 -45.22 0.28
N ALA D 191 -17.13 -44.08 -0.40
CA ALA D 191 -17.49 -42.84 0.28
C ALA D 191 -18.92 -42.88 0.83
N ASN D 192 -19.05 -42.90 2.15
CA ASN D 192 -20.36 -42.99 2.80
C ASN D 192 -20.83 -41.58 3.16
N GLY D 193 -21.27 -40.85 2.14
CA GLY D 193 -21.73 -39.49 2.36
C GLY D 193 -20.63 -38.46 2.41
N MET D 194 -19.37 -38.90 2.40
CA MET D 194 -18.21 -38.02 2.45
C MET D 194 -18.02 -37.32 1.10
N GLY D 195 -16.95 -36.53 1.01
CA GLY D 195 -16.69 -35.75 -0.17
C GLY D 195 -17.07 -34.30 0.02
N VAL D 196 -17.43 -33.61 -1.07
CA VAL D 196 -17.81 -32.21 -1.01
C VAL D 196 -19.31 -32.15 -0.73
N ILE D 197 -19.68 -31.47 0.35
CA ILE D 197 -21.08 -31.33 0.73
C ILE D 197 -21.46 -29.86 0.78
N GLY D 198 -22.76 -29.61 0.74
CA GLY D 198 -23.33 -28.30 0.96
C GLY D 198 -23.66 -27.55 -0.32
N GLN D 199 -24.95 -27.45 -0.63
CA GLN D 199 -25.30 -26.70 -1.83
C GLN D 199 -26.31 -25.60 -1.55
N ASP D 200 -27.25 -25.83 -0.63
CA ASP D 200 -28.25 -24.81 -0.32
C ASP D 200 -28.45 -24.70 1.19
N GLY D 201 -27.37 -24.73 1.96
CA GLY D 201 -27.52 -24.59 3.39
C GLY D 201 -26.73 -23.43 3.98
N LEU D 202 -26.53 -23.45 5.30
CA LEU D 202 -25.74 -22.44 5.99
C LEU D 202 -24.74 -23.08 6.93
N LEU D 203 -23.48 -22.65 6.84
CA LEU D 203 -22.44 -23.11 7.73
C LEU D 203 -22.14 -22.00 8.72
N PHE D 204 -22.35 -22.27 10.00
CA PHE D 204 -22.03 -21.35 11.09
C PHE D 204 -21.08 -22.04 12.07
N LYS D 205 -20.69 -21.31 13.13
CA LYS D 205 -19.68 -21.80 14.05
C LYS D 205 -20.22 -21.75 15.47
N VAL D 206 -20.00 -22.84 16.22
CA VAL D 206 -20.37 -22.96 17.61
C VAL D 206 -19.15 -23.44 18.40
N THR D 207 -19.25 -23.34 19.72
CA THR D 207 -18.15 -23.79 20.56
C THR D 207 -18.09 -25.31 20.63
N LEU D 208 -16.95 -25.81 21.11
CA LEU D 208 -16.75 -27.26 21.20
C LEU D 208 -17.70 -27.90 22.20
N GLY D 209 -18.21 -27.12 23.17
CA GLY D 209 -19.07 -27.69 24.18
C GLY D 209 -20.40 -28.13 23.60
N LEU D 210 -20.97 -27.31 22.71
CA LEU D 210 -22.27 -27.66 22.15
C LEU D 210 -22.15 -28.88 21.25
N ILE D 211 -21.03 -28.99 20.52
CA ILE D 211 -20.79 -30.15 19.68
C ILE D 211 -20.69 -31.41 20.52
N ARG D 212 -19.96 -31.30 21.64
CA ARG D 212 -19.84 -32.43 22.55
C ARG D 212 -21.21 -32.82 23.12
N LYS D 213 -22.00 -31.82 23.48
CA LYS D 213 -23.32 -32.09 24.05
C LYS D 213 -24.24 -32.77 23.04
N LEU D 214 -24.23 -32.30 21.79
CA LEU D 214 -25.12 -32.87 20.79
C LEU D 214 -24.73 -34.29 20.42
N LEU D 215 -23.42 -34.57 20.37
CA LEU D 215 -22.92 -35.89 20.00
C LEU D 215 -22.90 -36.78 21.24
N ALA D 216 -24.09 -37.08 21.74
CA ALA D 216 -24.27 -37.94 22.89
C ALA D 216 -25.34 -38.98 22.61
N PRO D 217 -25.20 -40.19 23.17
CA PRO D 217 -26.22 -41.23 22.94
C PRO D 217 -27.48 -41.04 23.75
N ASP D 218 -27.47 -40.13 24.72
CA ASP D 218 -28.66 -39.83 25.52
C ASP D 218 -29.04 -38.37 25.33
N CYS D 219 -28.96 -37.90 24.09
CA CYS D 219 -29.24 -36.52 23.77
C CYS D 219 -30.56 -36.48 23.00
N GLU D 220 -31.52 -35.71 23.51
CA GLU D 220 -32.82 -35.56 22.89
C GLU D 220 -32.98 -34.21 22.21
N ILE D 221 -31.87 -33.48 22.04
CA ILE D 221 -31.91 -32.15 21.45
C ILE D 221 -32.36 -32.21 19.99
N ILE D 222 -31.73 -33.09 19.20
CA ILE D 222 -31.98 -33.08 17.77
C ILE D 222 -33.40 -33.53 17.47
N GLN D 223 -33.90 -34.53 18.20
CA GLN D 223 -35.25 -35.02 17.94
C GLN D 223 -36.31 -33.95 18.21
N GLU D 224 -36.16 -33.21 19.30
CA GLU D 224 -37.15 -32.19 19.63
C GLU D 224 -37.01 -30.98 18.72
N VAL D 225 -35.77 -30.58 18.40
CA VAL D 225 -35.58 -29.45 17.51
C VAL D 225 -36.11 -29.77 16.11
N GLY D 226 -35.90 -31.01 15.64
CA GLY D 226 -36.47 -31.44 14.38
C GLY D 226 -37.95 -31.70 14.42
N LYS D 227 -38.54 -31.80 15.61
CA LYS D 227 -40.00 -31.90 15.67
C LYS D 227 -40.67 -30.64 15.15
N LEU D 228 -40.15 -29.47 15.53
CA LEU D 228 -40.70 -28.23 15.02
C LEU D 228 -40.38 -28.05 13.54
N HIS D 229 -39.09 -28.03 13.21
CA HIS D 229 -38.62 -27.81 11.85
C HIS D 229 -37.85 -29.02 11.35
N PRO D 230 -38.33 -29.73 10.33
CA PRO D 230 -37.52 -30.82 9.76
C PRO D 230 -36.19 -30.31 9.25
N LEU D 231 -35.14 -31.10 9.47
CA LEU D 231 -33.78 -30.63 9.29
C LEU D 231 -32.87 -31.80 8.99
N GLU D 232 -31.65 -31.48 8.54
CA GLU D 232 -30.59 -32.46 8.37
C GLU D 232 -29.26 -31.77 8.65
N ILE D 233 -28.44 -32.37 9.51
CA ILE D 233 -27.24 -31.73 10.02
C ILE D 233 -26.03 -32.57 9.70
N VAL D 234 -24.88 -31.92 9.53
CA VAL D 234 -23.58 -32.57 9.38
C VAL D 234 -22.63 -31.88 10.35
N PHE D 235 -22.40 -32.49 11.49
CA PHE D 235 -21.56 -31.87 12.51
C PHE D 235 -20.08 -31.95 12.13
N GLY D 236 -19.30 -31.03 12.69
CA GLY D 236 -17.86 -31.05 12.53
C GLY D 236 -17.14 -30.76 13.84
N MET D 237 -16.15 -31.58 14.18
CA MET D 237 -15.46 -31.48 15.46
C MET D 237 -14.48 -30.29 15.52
N ASN D 238 -14.42 -29.46 14.48
CA ASN D 238 -13.62 -28.24 14.54
C ASN D 238 -14.42 -27.03 14.94
N GLY D 239 -15.72 -27.19 15.22
CA GLY D 239 -16.53 -26.06 15.62
C GLY D 239 -17.29 -25.51 14.43
N ARG D 240 -17.84 -26.39 13.61
CA ARG D 240 -18.61 -25.96 12.45
C ARG D 240 -19.81 -26.87 12.27
N ILE D 241 -20.90 -26.29 11.78
CA ILE D 241 -22.16 -26.99 11.61
C ILE D 241 -22.79 -26.58 10.29
N TRP D 242 -23.33 -27.55 9.55
CA TRP D 242 -24.05 -27.28 8.32
C TRP D 242 -25.52 -27.62 8.51
N VAL D 243 -26.40 -26.67 8.23
CA VAL D 243 -27.83 -26.84 8.43
C VAL D 243 -28.55 -26.56 7.13
N LYS D 244 -29.72 -27.17 6.97
CA LYS D 244 -30.54 -26.92 5.78
C LYS D 244 -32.01 -27.18 6.16
N ALA D 245 -32.76 -26.11 6.38
CA ALA D 245 -34.19 -26.24 6.60
C ALA D 245 -34.93 -26.12 5.27
N LYS D 246 -36.26 -26.04 5.32
CA LYS D 246 -37.05 -25.86 4.11
C LYS D 246 -37.07 -24.39 3.69
N THR D 247 -37.59 -23.53 4.56
CA THR D 247 -37.73 -22.11 4.32
C THR D 247 -36.51 -21.35 4.85
N ILE D 248 -36.17 -20.26 4.16
CA ILE D 248 -35.05 -19.43 4.60
C ILE D 248 -35.29 -18.89 6.01
N GLN D 249 -36.53 -18.56 6.34
CA GLN D 249 -36.83 -18.12 7.70
C GLN D 249 -36.51 -19.23 8.71
N GLN D 250 -36.85 -20.49 8.37
CA GLN D 250 -36.58 -21.58 9.30
C GLN D 250 -35.08 -21.82 9.41
N THR D 251 -34.34 -21.63 8.31
CA THR D 251 -32.89 -21.78 8.39
C THR D 251 -32.28 -20.70 9.27
N LEU D 252 -32.83 -19.48 9.22
CA LEU D 252 -32.36 -18.42 10.11
C LEU D 252 -32.65 -18.77 11.56
N ILE D 253 -33.84 -19.32 11.82
CA ILE D 253 -34.22 -19.58 13.20
C ILE D 253 -33.40 -20.72 13.76
N LEU D 254 -33.21 -21.79 12.99
CA LEU D 254 -32.40 -22.90 13.46
C LEU D 254 -30.95 -22.46 13.67
N ALA D 255 -30.43 -21.61 12.79
CA ALA D 255 -29.06 -21.14 12.95
C ALA D 255 -28.89 -20.35 14.24
N ASN D 256 -29.87 -19.49 14.55
CA ASN D 256 -29.71 -18.70 15.76
C ASN D 256 -29.95 -19.52 17.02
N ILE D 257 -30.98 -20.38 17.00
CA ILE D 257 -31.40 -21.10 18.20
C ILE D 257 -30.60 -22.34 18.48
N LEU D 258 -29.71 -22.76 17.57
CA LEU D 258 -28.89 -23.92 17.92
C LEU D 258 -27.65 -23.53 18.70
N GLU D 259 -27.14 -22.32 18.51
CA GLU D 259 -25.95 -21.89 19.22
C GLU D 259 -26.20 -21.67 20.71
N ALA D 260 -27.47 -21.55 21.11
CA ALA D 260 -27.86 -21.27 22.49
C ALA D 260 -28.32 -22.50 23.26
N CYS D 261 -28.22 -23.68 22.66
CA CYS D 261 -28.71 -24.91 23.29
C CYS D 261 -27.70 -25.55 24.23
N GLU D 262 -26.45 -25.10 24.23
CA GLU D 262 -25.49 -25.58 25.22
C GLU D 262 -25.94 -25.20 26.62
N HIS D 263 -26.47 -23.99 26.76
CA HIS D 263 -27.08 -23.46 27.96
C HIS D 263 -28.60 -23.69 27.87
N MET D 264 -29.35 -23.10 28.81
CA MET D 264 -30.82 -23.19 28.89
C MET D 264 -31.29 -24.65 29.00
N THR D 265 -30.86 -25.26 30.10
CA THR D 265 -31.21 -26.61 30.52
C THR D 265 -32.69 -26.93 30.34
N SER D 266 -32.96 -28.16 29.92
CA SER D 266 -34.26 -28.70 29.58
C SER D 266 -35.20 -28.75 30.79
N ASP D 267 -36.47 -29.09 30.49
CA ASP D 267 -37.61 -29.13 31.41
C ASP D 267 -38.14 -27.74 31.70
N GLN D 268 -38.02 -27.26 32.94
CA GLN D 268 -38.61 -25.99 33.37
C GLN D 268 -38.43 -24.88 32.34
N ARG D 269 -37.37 -24.97 31.53
CA ARG D 269 -37.02 -23.95 30.56
C ARG D 269 -37.29 -24.34 29.10
N LYS D 270 -36.91 -25.55 28.67
CA LYS D 270 -36.98 -25.90 27.25
C LYS D 270 -38.40 -25.94 26.68
N GLN D 271 -39.39 -26.51 27.39
CA GLN D 271 -40.71 -26.54 26.78
C GLN D 271 -41.25 -25.12 26.58
N ILE D 272 -41.09 -24.24 27.57
CA ILE D 272 -41.60 -22.89 27.39
C ILE D 272 -40.87 -22.18 26.25
N PHE D 273 -39.55 -22.36 26.14
CA PHE D 273 -38.86 -21.72 25.02
C PHE D 273 -39.35 -22.25 23.68
N SER D 274 -39.58 -23.56 23.58
CA SER D 274 -40.10 -24.13 22.35
C SER D 274 -41.50 -23.59 22.04
N ARG D 275 -42.36 -23.50 23.05
CA ARG D 275 -43.71 -22.97 22.83
C ARG D 275 -43.66 -21.52 22.38
N LEU D 276 -42.76 -20.73 22.96
CA LEU D 276 -42.65 -19.32 22.61
C LEU D 276 -42.21 -19.14 21.16
N ALA D 277 -41.29 -19.98 20.69
CA ALA D 277 -40.78 -19.90 19.33
C ALA D 277 -41.69 -20.56 18.30
N GLU D 278 -42.72 -21.28 18.74
CA GLU D 278 -43.65 -21.92 17.81
C GLU D 278 -44.20 -20.92 16.80
N SER D 279 -44.82 -19.86 17.30
CA SER D 279 -45.40 -18.78 16.50
C SER D 279 -46.07 -19.26 15.21
N VAL E 9 60.01 -19.54 11.60
CA VAL E 9 58.82 -19.44 10.78
C VAL E 9 58.37 -17.98 10.72
N ARG E 10 57.69 -17.61 9.63
CA ARG E 10 57.22 -16.25 9.43
C ARG E 10 55.78 -16.28 8.95
N TYR E 11 55.06 -15.19 9.24
CA TYR E 11 53.66 -15.06 8.88
C TYR E 11 53.54 -14.09 7.70
N CYS E 12 52.30 -13.81 7.31
CA CYS E 12 52.02 -13.09 6.08
C CYS E 12 51.01 -11.99 6.30
N ILE E 13 50.95 -11.10 5.32
CA ILE E 13 49.98 -10.01 5.23
C ILE E 13 49.44 -10.13 3.81
N PRO E 14 48.23 -9.74 3.53
CA PRO E 14 47.67 -10.05 2.20
C PRO E 14 48.20 -9.16 1.08
N GLY E 15 49.53 -9.04 1.01
CA GLY E 15 50.26 -8.77 -0.19
C GLY E 15 51.73 -8.63 0.15
N GLU E 16 52.60 -9.28 -0.63
CA GLU E 16 54.05 -9.16 -0.54
C GLU E 16 54.63 -10.00 -1.65
N ARG E 17 55.90 -9.77 -1.97
CA ARG E 17 56.54 -10.62 -2.97
C ARG E 17 57.00 -11.89 -2.29
N LEU E 18 56.63 -13.05 -2.84
CA LEU E 18 57.04 -14.32 -2.26
C LEU E 18 57.99 -15.10 -3.15
N CYS E 19 57.61 -15.34 -4.40
CA CYS E 19 58.37 -16.18 -5.31
C CYS E 19 58.06 -15.77 -6.73
N ASN E 20 58.91 -16.23 -7.65
CA ASN E 20 58.62 -16.10 -9.07
C ASN E 20 57.70 -17.23 -9.53
N LEU E 21 57.12 -17.06 -10.72
CA LEU E 21 56.34 -18.15 -11.31
C LEU E 21 57.21 -19.35 -11.65
N GLU E 22 58.51 -19.17 -11.83
CA GLU E 22 59.38 -20.32 -12.05
C GLU E 22 59.82 -20.95 -10.73
N GLU E 23 59.97 -20.15 -9.68
CA GLU E 23 60.36 -20.66 -8.36
C GLU E 23 59.14 -21.01 -7.50
N GLY E 24 58.27 -21.87 -8.02
CA GLY E 24 57.08 -22.29 -7.31
C GLY E 24 55.81 -21.87 -8.04
N SER E 25 54.69 -22.32 -7.48
CA SER E 25 53.38 -22.04 -8.05
C SER E 25 52.42 -21.58 -6.96
N PRO E 26 51.43 -20.77 -7.34
CA PRO E 26 50.43 -20.32 -6.35
C PRO E 26 49.60 -21.47 -5.83
N GLY E 27 49.18 -21.35 -4.58
CA GLY E 27 48.39 -22.39 -3.95
C GLY E 27 46.99 -21.95 -3.56
N SER E 28 46.65 -22.08 -2.29
CA SER E 28 45.33 -21.74 -1.79
C SER E 28 45.38 -20.38 -1.11
N GLY E 29 44.41 -19.53 -1.42
CA GLY E 29 44.37 -18.19 -0.87
C GLY E 29 45.49 -17.28 -1.31
N THR E 30 45.89 -17.35 -2.57
CA THR E 30 46.95 -16.49 -3.10
C THR E 30 46.58 -16.06 -4.51
N TYR E 31 47.26 -15.02 -4.98
CA TYR E 31 47.10 -14.51 -6.33
C TYR E 31 48.45 -14.06 -6.85
N THR E 32 48.55 -13.99 -8.18
CA THR E 32 49.80 -13.64 -8.84
C THR E 32 49.56 -12.56 -9.88
N ARG E 33 50.59 -11.77 -10.15
CA ARG E 33 50.50 -10.68 -11.10
C ARG E 33 51.89 -10.22 -11.47
N HIS E 34 52.11 -9.98 -12.76
CA HIS E 34 53.38 -9.45 -13.27
C HIS E 34 54.55 -10.37 -12.93
N GLY E 35 54.30 -11.67 -12.98
CA GLY E 35 55.36 -12.64 -12.80
C GLY E 35 55.77 -12.90 -11.37
N TYR E 36 55.08 -12.31 -10.39
CA TYR E 36 55.38 -12.52 -8.99
C TYR E 36 54.19 -13.18 -8.30
N ILE E 37 54.46 -13.77 -7.14
CA ILE E 37 53.43 -14.41 -6.33
C ILE E 37 53.14 -13.50 -5.15
N PHE E 38 51.87 -13.14 -4.97
CA PHE E 38 51.46 -12.17 -3.98
C PHE E 38 50.54 -12.84 -2.94
N SER E 39 50.76 -12.49 -1.69
CA SER E 39 49.95 -13.04 -0.61
C SER E 39 48.57 -12.41 -0.58
N SER E 40 47.59 -13.16 -0.07
CA SER E 40 46.21 -12.68 0.02
C SER E 40 45.59 -12.98 1.38
N LEU E 41 46.38 -13.33 2.39
CA LEU E 41 45.86 -13.60 3.72
C LEU E 41 46.89 -13.16 4.75
N ALA E 42 46.55 -13.32 6.03
CA ALA E 42 47.44 -12.97 7.13
C ALA E 42 47.87 -14.18 7.95
N GLY E 43 47.85 -15.37 7.33
CA GLY E 43 48.17 -16.56 8.09
C GLY E 43 49.64 -16.88 8.21
N CYS E 44 49.99 -18.15 7.97
CA CYS E 44 51.34 -18.65 8.12
C CYS E 44 51.85 -19.17 6.79
N LEU E 45 53.16 -19.02 6.57
CA LEU E 45 53.77 -19.44 5.30
C LEU E 45 54.05 -20.94 5.30
N MET E 46 53.27 -21.72 4.54
CA MET E 46 53.50 -23.16 4.43
C MET E 46 53.83 -23.46 2.98
N LYS E 47 54.92 -24.18 2.75
CA LYS E 47 55.33 -24.57 1.40
C LYS E 47 55.38 -26.09 1.36
N SER E 48 54.33 -26.68 0.78
CA SER E 48 54.17 -28.11 0.62
C SER E 48 55.06 -28.60 -0.52
N SER E 49 56.23 -29.15 -0.16
CA SER E 49 57.15 -29.63 -1.18
C SER E 49 56.52 -30.76 -2.00
N GLU E 50 55.75 -31.63 -1.34
CA GLU E 50 55.06 -32.74 -2.00
C GLU E 50 56.10 -33.59 -2.72
N ASN E 51 55.94 -33.88 -4.00
CA ASN E 51 56.90 -34.66 -4.76
C ASN E 51 56.93 -34.11 -6.19
N GLY E 52 58.15 -33.94 -6.71
CA GLY E 52 58.34 -33.33 -8.02
C GLY E 52 58.90 -31.93 -7.99
N ALA E 53 59.38 -31.46 -6.83
CA ALA E 53 59.96 -30.13 -6.67
C ALA E 53 58.96 -29.03 -7.00
N LEU E 54 59.44 -27.79 -7.09
CA LEU E 54 58.62 -26.61 -7.35
C LEU E 54 57.43 -26.56 -6.40
N PRO E 55 57.65 -26.30 -5.11
CA PRO E 55 56.56 -26.36 -4.13
C PRO E 55 55.45 -25.37 -4.45
N VAL E 56 54.22 -25.80 -4.21
CA VAL E 56 53.02 -24.98 -4.40
C VAL E 56 52.84 -24.11 -3.17
N VAL E 57 53.37 -22.88 -3.23
CA VAL E 57 53.36 -21.99 -2.06
C VAL E 57 51.95 -21.49 -1.82
N SER E 58 51.57 -21.44 -0.54
CA SER E 58 50.25 -20.97 -0.14
C SER E 58 50.32 -20.46 1.30
N VAL E 59 49.32 -19.69 1.69
CA VAL E 59 49.21 -19.12 3.02
C VAL E 59 47.87 -19.54 3.62
N VAL E 60 47.91 -20.09 4.83
CA VAL E 60 46.71 -20.56 5.53
C VAL E 60 46.78 -20.07 6.97
N ARG E 61 45.70 -19.44 7.44
CA ARG E 61 45.64 -18.98 8.82
C ARG E 61 45.66 -20.14 9.79
N GLU E 62 44.93 -21.21 9.47
CA GLU E 62 44.78 -22.44 10.24
C GLU E 62 43.95 -22.20 11.50
N THR E 63 43.30 -21.03 11.60
CA THR E 63 42.36 -20.73 12.68
C THR E 63 41.13 -20.19 11.95
N GLU E 64 40.25 -21.10 11.55
CA GLU E 64 39.08 -20.72 10.76
C GLU E 64 37.94 -20.29 11.69
N SER E 65 37.65 -18.99 11.72
CA SER E 65 36.51 -18.55 12.51
C SER E 65 35.21 -18.74 11.75
N GLN E 66 35.24 -18.42 10.46
CA GLN E 66 34.16 -18.62 9.50
C GLN E 66 34.73 -19.10 8.18
N LEU E 67 33.94 -19.87 7.45
CA LEU E 67 34.32 -20.33 6.12
C LEU E 67 33.05 -20.46 5.29
N LEU E 68 33.09 -19.89 4.10
CA LEU E 68 31.95 -19.96 3.20
C LEU E 68 31.81 -21.38 2.66
N PRO E 69 30.60 -21.92 2.58
CA PRO E 69 30.43 -23.24 1.98
C PRO E 69 30.77 -23.20 0.50
N ASP E 70 30.91 -24.39 -0.07
CA ASP E 70 31.38 -24.51 -1.45
C ASP E 70 30.42 -25.35 -2.28
N VAL E 71 30.82 -25.67 -3.51
CA VAL E 71 30.00 -26.55 -4.32
C VAL E 71 30.00 -27.96 -3.75
N GLY E 72 31.16 -28.46 -3.33
CA GLY E 72 31.22 -29.74 -2.66
C GLY E 72 31.90 -29.69 -1.31
N ALA E 73 31.17 -29.99 -0.23
CA ALA E 73 31.77 -29.95 1.09
C ALA E 73 30.91 -30.78 2.04
N ILE E 74 31.56 -31.39 3.03
CA ILE E 74 30.85 -32.17 4.03
C ILE E 74 30.53 -31.25 5.21
N VAL E 75 29.27 -31.24 5.62
CA VAL E 75 28.81 -30.36 6.68
C VAL E 75 27.93 -31.13 7.65
N THR E 76 28.01 -30.76 8.93
CA THR E 76 27.13 -31.29 9.96
C THR E 76 26.02 -30.27 10.21
N CYS E 77 24.78 -30.74 10.26
CA CYS E 77 23.62 -29.85 10.28
C CYS E 77 22.69 -30.15 11.44
N LYS E 78 21.52 -29.49 11.46
CA LYS E 78 20.54 -29.67 12.52
C LYS E 78 19.18 -29.28 11.95
N VAL E 79 18.26 -30.24 11.90
CA VAL E 79 16.96 -30.00 11.28
C VAL E 79 16.14 -29.02 12.10
N SER E 80 15.49 -28.09 11.40
CA SER E 80 14.62 -27.08 11.98
C SER E 80 13.15 -27.42 11.79
N SER E 81 12.76 -27.77 10.56
CA SER E 81 11.39 -28.19 10.32
C SER E 81 11.37 -29.13 9.12
N ILE E 82 10.32 -29.92 9.07
CA ILE E 82 10.12 -30.93 8.04
C ILE E 82 8.77 -30.71 7.37
N ASN E 83 8.70 -30.99 6.08
CA ASN E 83 7.47 -30.89 5.31
C ASN E 83 7.27 -32.17 4.52
N SER E 84 6.07 -32.34 3.97
CA SER E 84 5.74 -33.58 3.26
C SER E 84 6.57 -33.78 2.00
N ARG E 85 7.21 -32.72 1.51
CA ARG E 85 7.97 -32.80 0.27
C ARG E 85 9.35 -32.17 0.36
N PHE E 86 9.70 -31.57 1.49
CA PHE E 86 11.04 -31.04 1.72
C PHE E 86 11.27 -30.97 3.23
N ALA E 87 12.47 -30.56 3.62
CA ALA E 87 12.80 -30.48 5.04
C ALA E 87 13.88 -29.42 5.24
N LYS E 88 13.49 -28.26 5.77
CA LYS E 88 14.45 -27.20 6.04
C LYS E 88 15.38 -27.61 7.18
N VAL E 89 16.66 -27.30 7.03
CA VAL E 89 17.66 -27.65 8.02
C VAL E 89 18.46 -26.40 8.37
N HIS E 90 19.41 -26.56 9.30
CA HIS E 90 20.33 -25.51 9.71
C HIS E 90 21.74 -26.07 9.77
N ILE E 91 22.62 -25.53 8.93
CA ILE E 91 24.01 -25.96 8.90
C ILE E 91 24.69 -25.56 10.21
N LEU E 92 25.31 -26.51 10.87
CA LEU E 92 25.85 -26.28 12.20
C LEU E 92 27.36 -26.42 12.28
N TYR E 93 27.94 -27.40 11.58
CA TYR E 93 29.38 -27.61 11.56
C TYR E 93 29.79 -27.75 10.10
N VAL E 94 30.87 -27.10 9.69
CA VAL E 94 31.40 -27.34 8.35
C VAL E 94 32.51 -28.38 8.50
N GLY E 95 32.09 -29.64 8.40
CA GLY E 95 32.93 -30.82 8.44
C GLY E 95 33.29 -31.23 9.84
N SER E 96 34.23 -30.49 10.47
CA SER E 96 34.62 -30.66 11.87
C SER E 96 34.38 -29.43 12.71
N MET E 97 34.80 -28.26 12.23
CA MET E 97 34.88 -27.08 13.06
C MET E 97 33.50 -26.48 13.40
N PRO E 98 33.36 -25.90 14.58
CA PRO E 98 32.13 -25.20 14.93
C PRO E 98 31.93 -23.94 14.12
N LEU E 99 30.66 -23.59 13.91
CA LEU E 99 30.30 -22.43 13.12
C LEU E 99 29.71 -21.34 14.02
N LYS E 100 30.18 -20.10 13.85
CA LYS E 100 29.75 -19.01 14.72
C LYS E 100 28.29 -18.62 14.46
N ASN E 101 27.82 -18.75 13.23
CA ASN E 101 26.44 -18.41 12.90
C ASN E 101 25.76 -19.63 12.29
N SER E 102 24.52 -19.44 11.84
CA SER E 102 23.75 -20.52 11.23
C SER E 102 23.14 -20.07 9.92
N PHE E 103 23.40 -20.83 8.86
CA PHE E 103 22.77 -20.60 7.56
C PHE E 103 21.49 -21.43 7.50
N ARG E 104 20.87 -21.51 6.33
CA ARG E 104 19.64 -22.27 6.13
C ARG E 104 19.84 -23.24 4.97
N GLY E 105 18.96 -24.24 4.92
CA GLY E 105 19.02 -25.24 3.88
C GLY E 105 17.66 -25.80 3.55
N THR E 106 17.65 -26.75 2.61
CA THR E 106 16.44 -27.42 2.17
C THR E 106 16.83 -28.75 1.53
N ILE E 107 16.21 -29.83 2.01
CA ILE E 107 16.41 -31.17 1.46
C ILE E 107 15.18 -31.52 0.64
N ARG E 108 15.34 -31.55 -0.68
CA ARG E 108 14.25 -31.87 -1.60
C ARG E 108 13.96 -33.38 -1.54
N LYS E 109 12.81 -33.80 -2.09
CA LYS E 109 12.55 -35.24 -2.12
C LYS E 109 13.18 -35.94 -3.31
N GLU E 110 14.49 -35.77 -3.52
CA GLU E 110 15.27 -36.63 -4.41
C GLU E 110 16.61 -37.06 -3.84
N ASP E 111 17.09 -36.44 -2.77
CA ASP E 111 18.42 -36.68 -2.22
C ASP E 111 18.46 -37.59 -1.00
N VAL E 112 17.36 -38.25 -0.64
CA VAL E 112 17.37 -39.06 0.58
C VAL E 112 18.22 -40.30 0.37
N ARG E 113 17.86 -41.12 -0.61
CA ARG E 113 18.60 -42.35 -0.88
C ARG E 113 19.54 -42.15 -2.07
N ALA E 114 20.46 -43.09 -2.23
CA ALA E 114 21.49 -43.01 -3.26
C ALA E 114 21.01 -43.49 -4.63
N THR E 115 19.70 -43.64 -4.82
CA THR E 115 19.14 -44.08 -6.09
C THR E 115 18.25 -43.05 -6.77
N GLU E 116 17.87 -41.98 -6.07
CA GLU E 116 16.91 -40.98 -6.57
C GLU E 116 15.62 -41.63 -7.03
N LYS E 117 15.01 -42.41 -6.14
CA LYS E 117 13.91 -43.30 -6.48
C LYS E 117 12.58 -42.66 -6.14
N ASP E 118 11.50 -43.36 -6.46
CA ASP E 118 10.16 -42.97 -6.06
C ASP E 118 9.95 -43.46 -4.63
N LYS E 119 8.73 -43.37 -4.11
CA LYS E 119 8.39 -43.67 -2.72
C LYS E 119 9.25 -42.76 -1.85
N VAL E 120 10.09 -43.28 -0.95
CA VAL E 120 10.95 -42.47 -0.10
C VAL E 120 10.14 -41.39 0.60
N GLU E 121 9.31 -41.77 1.57
CA GLU E 121 8.49 -40.80 2.28
C GLU E 121 9.38 -39.94 3.19
N ILE E 122 9.31 -38.62 2.97
CA ILE E 122 10.15 -37.68 3.72
C ILE E 122 9.79 -37.67 5.20
N TYR E 123 8.49 -37.84 5.52
CA TYR E 123 8.04 -37.72 6.90
C TYR E 123 8.83 -38.60 7.85
N LYS E 124 8.94 -39.90 7.56
CA LYS E 124 9.78 -40.72 8.43
C LYS E 124 11.20 -40.80 7.90
N SER E 125 11.83 -39.66 7.62
CA SER E 125 13.25 -39.73 7.33
C SER E 125 14.10 -38.79 8.17
N PHE E 126 13.60 -37.58 8.45
CA PHE E 126 14.42 -36.51 8.97
C PHE E 126 13.72 -35.76 10.11
N ARG E 127 13.09 -36.50 11.02
CA ARG E 127 12.31 -35.92 12.12
C ARG E 127 13.04 -34.76 12.79
N PRO E 128 12.33 -33.67 13.10
CA PRO E 128 12.99 -32.46 13.61
C PRO E 128 13.69 -32.68 14.95
N GLY E 129 14.79 -31.96 15.12
CA GLY E 129 15.60 -32.05 16.32
C GLY E 129 16.85 -32.89 16.16
N ASP E 130 16.98 -33.63 15.06
CA ASP E 130 18.12 -34.48 14.84
C ASP E 130 19.31 -33.67 14.32
N ILE E 131 20.45 -34.36 14.24
CA ILE E 131 21.68 -33.82 13.67
C ILE E 131 22.09 -34.74 12.53
N VAL E 132 22.32 -34.17 11.36
CA VAL E 132 22.56 -34.98 10.17
C VAL E 132 23.88 -34.57 9.52
N LEU E 133 24.42 -35.49 8.74
CA LEU E 133 25.58 -35.28 7.89
C LEU E 133 25.13 -35.30 6.42
N ALA E 134 25.47 -34.25 5.69
CA ALA E 134 25.00 -34.11 4.32
C ALA E 134 26.09 -33.45 3.49
N LYS E 135 25.89 -33.46 2.17
CA LYS E 135 26.83 -32.86 1.23
C LYS E 135 26.09 -31.86 0.35
N VAL E 136 26.73 -30.71 0.10
CA VAL E 136 26.13 -29.74 -0.82
C VAL E 136 26.34 -30.20 -2.25
N ILE E 137 25.51 -29.70 -3.16
CA ILE E 137 25.70 -30.02 -4.56
C ILE E 137 25.68 -28.76 -5.41
N SER E 138 25.23 -27.64 -4.85
CA SER E 138 25.02 -26.44 -5.64
C SER E 138 24.99 -25.21 -4.76
N LEU E 139 24.99 -24.05 -5.41
CA LEU E 139 24.87 -22.76 -4.74
C LEU E 139 23.44 -22.25 -4.69
N GLY E 140 22.49 -23.03 -5.23
CA GLY E 140 21.07 -22.82 -5.01
C GLY E 140 20.44 -21.55 -5.57
N ASP E 141 19.11 -21.48 -5.47
CA ASP E 141 18.32 -20.33 -5.87
C ASP E 141 18.04 -19.45 -4.65
N ALA E 142 17.19 -18.44 -4.83
CA ALA E 142 16.85 -17.56 -3.72
C ALA E 142 15.81 -18.16 -2.77
N GLN E 143 15.12 -19.22 -3.19
CA GLN E 143 14.19 -19.91 -2.29
C GLN E 143 14.92 -20.94 -1.44
N SER E 144 15.60 -21.88 -2.09
CA SER E 144 16.50 -22.82 -1.44
C SER E 144 17.94 -22.50 -1.86
N ASN E 145 18.80 -22.28 -0.88
CA ASN E 145 20.08 -21.62 -1.12
C ASN E 145 21.25 -22.57 -1.32
N TYR E 146 21.27 -23.73 -0.65
CA TYR E 146 22.41 -24.63 -0.74
C TYR E 146 22.12 -26.02 -1.27
N LEU E 147 20.87 -26.51 -1.20
CA LEU E 147 20.50 -27.76 -1.86
C LEU E 147 21.41 -28.92 -1.43
N LEU E 148 21.36 -29.23 -0.15
CA LEU E 148 22.19 -30.31 0.38
C LEU E 148 21.66 -31.66 -0.11
N THR E 149 22.52 -32.68 -0.02
CA THR E 149 22.16 -34.03 -0.40
C THR E 149 22.64 -35.02 0.66
N THR E 150 21.94 -36.15 0.74
CA THR E 150 22.35 -37.26 1.59
C THR E 150 22.42 -38.57 0.81
N ALA E 151 22.58 -38.49 -0.51
CA ALA E 151 22.55 -39.67 -1.38
C ALA E 151 23.88 -40.42 -1.28
N GLU E 152 24.08 -41.05 -0.13
CA GLU E 152 25.28 -41.83 0.10
C GLU E 152 25.04 -42.75 1.29
N ASN E 153 25.90 -43.77 1.41
CA ASN E 153 25.83 -44.68 2.56
C ASN E 153 26.38 -44.04 3.83
N GLU E 154 27.30 -43.09 3.70
CA GLU E 154 27.91 -42.45 4.85
C GLU E 154 27.14 -41.23 5.34
N LEU E 155 26.13 -40.78 4.59
CA LEU E 155 25.37 -39.59 4.95
C LEU E 155 23.99 -39.97 5.46
N GLY E 156 23.45 -39.14 6.32
CA GLY E 156 22.17 -39.36 6.94
C GLY E 156 22.21 -38.89 8.38
N VAL E 157 21.13 -39.18 9.10
CA VAL E 157 21.06 -38.81 10.52
C VAL E 157 22.07 -39.66 11.29
N VAL E 158 22.85 -39.02 12.14
CA VAL E 158 23.92 -39.68 12.88
C VAL E 158 23.61 -39.78 14.38
N VAL E 159 23.19 -38.67 14.99
CA VAL E 159 22.84 -38.64 16.40
C VAL E 159 21.41 -38.15 16.52
N ALA E 160 20.50 -39.08 16.76
CA ALA E 160 19.09 -38.75 16.90
C ALA E 160 18.79 -38.39 18.36
N HIS E 161 17.51 -38.25 18.69
CA HIS E 161 17.10 -37.92 20.05
C HIS E 161 15.71 -38.48 20.28
N SER E 162 15.47 -38.97 21.50
CA SER E 162 14.22 -39.66 21.78
C SER E 162 13.05 -38.70 21.86
N GLU E 163 11.87 -39.28 22.02
CA GLU E 163 10.64 -38.52 22.21
C GLU E 163 10.66 -37.74 23.52
N SER E 164 11.27 -38.30 24.56
CA SER E 164 11.25 -37.72 25.90
C SER E 164 12.63 -37.30 26.37
N GLY E 165 13.57 -37.08 25.45
CA GLY E 165 14.85 -36.53 25.85
C GLY E 165 15.86 -37.55 26.32
N ILE E 166 16.17 -38.55 25.48
CA ILE E 166 17.16 -39.56 25.80
C ILE E 166 18.03 -39.79 24.57
N GLN E 167 19.35 -39.85 24.78
CA GLN E 167 20.25 -40.08 23.65
C GLN E 167 19.94 -41.42 23.01
N MET E 168 19.84 -41.42 21.68
CA MET E 168 19.43 -42.59 20.92
C MET E 168 20.70 -43.35 20.45
N VAL E 169 20.52 -44.57 19.95
CA VAL E 169 21.59 -45.40 19.38
C VAL E 169 21.02 -46.01 18.10
N PRO E 170 21.82 -46.20 17.05
CA PRO E 170 21.31 -46.86 15.84
C PRO E 170 20.96 -48.32 16.06
N ILE E 171 19.88 -48.77 15.41
CA ILE E 171 19.48 -50.16 15.58
C ILE E 171 19.42 -50.92 14.25
N SER E 172 19.21 -50.24 13.13
CA SER E 172 19.15 -50.95 11.83
C SER E 172 19.35 -49.94 10.70
N TRP E 173 19.20 -50.41 9.44
CA TRP E 173 19.26 -49.49 8.30
C TRP E 173 18.03 -48.62 8.08
N CYS E 174 16.85 -49.05 8.56
CA CYS E 174 15.61 -48.32 8.31
C CYS E 174 14.73 -48.15 9.52
N GLU E 175 15.00 -48.87 10.59
CA GLU E 175 14.13 -48.97 11.74
C GLU E 175 14.92 -48.56 12.96
N MET E 176 14.25 -47.86 13.85
CA MET E 176 14.86 -47.52 15.11
C MET E 176 13.92 -47.89 16.24
N GLN E 177 14.51 -48.18 17.40
CA GLN E 177 13.77 -48.64 18.57
C GLN E 177 14.16 -47.85 19.81
N CYS E 178 13.20 -47.56 20.68
CA CYS E 178 13.54 -46.82 21.88
C CYS E 178 14.25 -47.76 22.85
N PRO E 179 15.28 -47.29 23.55
CA PRO E 179 15.96 -48.19 24.48
C PRO E 179 15.20 -48.33 25.80
N LYS E 180 14.49 -47.27 26.18
CA LYS E 180 13.80 -47.26 27.46
C LYS E 180 12.45 -47.96 27.39
N THR E 181 11.57 -47.48 26.52
CA THR E 181 10.21 -47.97 26.39
C THR E 181 10.04 -49.00 25.28
N HIS E 182 11.11 -49.31 24.55
CA HIS E 182 11.07 -50.24 23.43
C HIS E 182 10.00 -49.82 22.43
N THR E 183 10.16 -48.62 21.89
CA THR E 183 9.26 -48.05 20.89
C THR E 183 9.97 -48.05 19.54
N LYS E 184 9.23 -48.32 18.48
CA LYS E 184 9.80 -48.46 17.15
C LYS E 184 9.56 -47.22 16.30
N GLU E 185 10.62 -46.71 15.67
CA GLU E 185 10.53 -45.52 14.83
C GLU E 185 11.41 -45.70 13.60
N PHE E 186 11.21 -44.82 12.62
CA PHE E 186 11.88 -44.89 11.32
C PHE E 186 12.85 -43.73 11.13
N ARG E 187 14.05 -44.03 10.64
CA ARG E 187 15.04 -42.99 10.35
C ARG E 187 15.77 -43.37 9.05
N LYS E 188 16.85 -42.65 8.77
CA LYS E 188 17.76 -42.92 7.65
C LYS E 188 19.17 -43.02 8.24
N VAL E 189 19.56 -44.21 8.67
CA VAL E 189 20.78 -44.40 9.44
C VAL E 189 21.99 -44.34 8.52
N ALA E 190 22.98 -43.54 8.91
CA ALA E 190 24.25 -43.37 8.24
C ALA E 190 25.36 -44.23 8.84
N ARG E 191 26.31 -44.62 7.99
CA ARG E 191 27.44 -45.43 8.42
C ARG E 191 28.31 -44.64 9.39
N VAL E 192 28.80 -45.34 10.41
CA VAL E 192 29.65 -44.72 11.41
C VAL E 192 31.09 -44.79 10.91
N GLN G 282 27.72 -45.02 -51.94
CA GLN G 282 26.82 -46.10 -52.36
C GLN G 282 25.59 -46.14 -51.46
N TRP G 283 25.83 -46.08 -50.15
CA TRP G 283 24.84 -45.98 -49.08
C TRP G 283 23.99 -47.23 -48.90
N ALA G 284 24.21 -48.28 -49.69
CA ALA G 284 23.40 -49.49 -49.57
C ALA G 284 24.29 -50.71 -49.75
N ILE G 285 24.40 -51.52 -48.71
CA ILE G 285 25.21 -52.73 -48.75
C ILE G 285 24.37 -53.93 -48.31
N PRO G 286 23.98 -54.82 -49.23
CA PRO G 286 23.31 -56.06 -48.82
C PRO G 286 24.32 -57.09 -48.34
N VAL G 287 24.30 -57.36 -47.02
CA VAL G 287 25.21 -58.33 -46.44
C VAL G 287 24.78 -59.75 -46.83
N ASP G 288 25.75 -60.56 -47.24
CA ASP G 288 25.44 -61.92 -47.67
C ASP G 288 24.95 -62.74 -46.48
N ALA G 289 24.16 -63.77 -46.78
CA ALA G 289 23.55 -64.55 -45.70
C ALA G 289 24.56 -65.40 -44.93
N THR G 290 25.74 -65.64 -45.49
CA THR G 290 26.69 -66.54 -44.83
C THR G 290 28.09 -65.91 -44.72
N SER G 291 28.40 -64.98 -45.62
CA SER G 291 29.78 -64.49 -45.73
C SER G 291 30.26 -63.77 -44.48
N PRO G 292 29.53 -62.77 -43.92
CA PRO G 292 30.11 -61.96 -42.84
C PRO G 292 30.40 -62.75 -41.57
N VAL G 293 29.40 -63.52 -41.13
CA VAL G 293 29.44 -64.14 -39.81
C VAL G 293 30.46 -65.26 -39.76
N GLY G 294 31.45 -65.11 -38.89
CA GLY G 294 32.38 -66.18 -38.55
C GLY G 294 32.35 -66.57 -37.09
N ASP G 295 31.93 -65.64 -36.22
CA ASP G 295 31.81 -65.91 -34.80
C ASP G 295 30.79 -64.97 -34.18
N PHE G 296 30.18 -65.42 -33.06
CA PHE G 296 29.17 -64.59 -32.40
C PHE G 296 29.54 -64.22 -30.98
N TYR G 297 30.09 -65.15 -30.19
CA TYR G 297 30.40 -64.86 -28.80
C TYR G 297 31.85 -64.42 -28.59
N ARG G 298 32.72 -64.63 -29.57
CA ARG G 298 34.08 -64.10 -29.46
C ARG G 298 34.08 -62.59 -29.40
N LEU G 299 33.24 -61.96 -30.22
CA LEU G 299 32.94 -60.54 -30.11
C LEU G 299 31.81 -60.32 -29.11
N ILE G 300 31.54 -59.06 -28.80
CA ILE G 300 30.61 -58.68 -27.75
C ILE G 300 31.01 -59.43 -26.49
N PRO G 301 32.15 -59.09 -25.87
CA PRO G 301 32.62 -59.85 -24.71
C PRO G 301 31.64 -59.86 -23.55
N GLN G 302 30.92 -58.81 -23.38
CA GLN G 302 29.93 -58.52 -22.36
C GLN G 302 28.54 -59.00 -22.81
N PRO G 303 27.67 -59.36 -21.87
CA PRO G 303 26.39 -60.01 -22.26
C PRO G 303 25.37 -59.06 -22.86
N ALA G 304 24.19 -59.60 -23.15
CA ALA G 304 23.14 -58.87 -23.86
C ALA G 304 21.80 -59.39 -23.37
N PHE G 305 20.74 -59.05 -24.11
CA PHE G 305 19.38 -59.47 -23.76
C PHE G 305 19.21 -60.94 -24.08
N GLN G 306 19.41 -61.80 -23.09
CA GLN G 306 19.37 -63.24 -23.32
C GLN G 306 17.97 -63.72 -23.68
N TRP G 307 17.92 -64.75 -24.51
CA TRP G 307 16.69 -65.37 -24.95
C TRP G 307 16.64 -66.81 -24.47
N ALA G 308 15.46 -67.27 -24.05
CA ALA G 308 15.34 -68.64 -23.58
C ALA G 308 15.65 -69.63 -24.69
N PHE G 309 15.19 -69.35 -25.91
CA PHE G 309 15.43 -70.21 -27.05
C PHE G 309 16.76 -69.83 -27.69
N GLU G 310 17.05 -70.39 -28.85
CA GLU G 310 18.30 -70.09 -29.52
C GLU G 310 18.10 -68.97 -30.54
N PRO G 311 19.08 -68.10 -30.72
CA PRO G 311 18.97 -67.05 -31.74
C PRO G 311 19.39 -67.57 -33.11
N ASP G 312 18.65 -67.14 -34.12
CA ASP G 312 18.99 -67.55 -35.48
C ASP G 312 20.14 -66.69 -36.02
N VAL G 313 20.66 -67.11 -37.17
CA VAL G 313 21.83 -66.43 -37.75
C VAL G 313 21.52 -64.99 -38.09
N PHE G 314 20.33 -64.73 -38.64
CA PHE G 314 19.99 -63.38 -39.05
C PHE G 314 19.69 -62.45 -37.88
N GLN G 315 19.12 -62.97 -36.78
CA GLN G 315 18.92 -62.12 -35.60
C GLN G 315 20.25 -61.67 -35.02
N LYS G 316 21.23 -62.58 -34.94
CA LYS G 316 22.54 -62.19 -34.47
C LYS G 316 23.25 -61.33 -35.50
N GLN G 317 22.94 -61.54 -36.78
CA GLN G 317 23.52 -60.72 -37.85
C GLN G 317 23.07 -59.28 -37.71
N ALA G 318 21.80 -59.08 -37.38
CA ALA G 318 21.30 -57.72 -37.22
C ALA G 318 21.81 -57.12 -35.92
N ILE G 319 21.90 -57.93 -34.86
CA ILE G 319 22.38 -57.43 -33.57
C ILE G 319 23.83 -56.96 -33.71
N LEU G 320 24.63 -57.67 -34.51
CA LEU G 320 26.02 -57.32 -34.74
C LEU G 320 26.14 -55.93 -35.34
N HIS G 321 25.29 -55.62 -36.31
CA HIS G 321 25.33 -54.28 -36.91
C HIS G 321 24.75 -53.26 -35.96
N LEU G 322 23.69 -53.62 -35.24
CA LEU G 322 23.03 -52.69 -34.34
C LEU G 322 23.96 -52.23 -33.23
N GLU G 323 24.94 -53.05 -32.86
CA GLU G 323 25.85 -52.63 -31.80
C GLU G 323 26.68 -51.42 -32.20
N ARG G 324 26.98 -51.28 -33.49
CA ARG G 324 27.74 -50.13 -33.98
C ARG G 324 26.88 -48.92 -34.28
N HIS G 325 25.65 -48.88 -33.75
CA HIS G 325 24.68 -47.81 -34.01
C HIS G 325 24.44 -47.65 -35.51
N ASP G 326 24.25 -48.78 -36.19
CA ASP G 326 24.03 -48.81 -37.63
C ASP G 326 22.54 -48.76 -37.96
N SER G 327 22.25 -48.60 -39.25
CA SER G 327 20.89 -48.65 -39.76
C SER G 327 20.64 -50.02 -40.38
N VAL G 328 19.51 -50.64 -40.04
CA VAL G 328 19.22 -52.02 -40.38
C VAL G 328 17.90 -52.10 -41.14
N PHE G 329 17.90 -52.86 -42.23
CA PHE G 329 16.69 -53.23 -42.94
C PHE G 329 16.54 -54.74 -42.88
N VAL G 330 15.30 -55.20 -42.67
CA VAL G 330 15.01 -56.62 -42.47
C VAL G 330 13.85 -57.03 -43.37
N ALA G 331 14.01 -58.17 -44.05
CA ALA G 331 12.98 -58.74 -44.93
C ALA G 331 12.90 -60.24 -44.63
N ALA G 332 11.91 -60.63 -43.83
CA ALA G 332 11.74 -62.00 -43.39
C ALA G 332 10.26 -62.36 -43.48
N HIS G 333 9.88 -63.52 -42.94
CA HIS G 333 8.52 -64.00 -43.04
C HIS G 333 7.84 -64.11 -41.69
N THR G 334 8.52 -64.67 -40.69
CA THR G 334 7.93 -64.81 -39.37
C THR G 334 7.83 -63.44 -38.69
N SER G 335 6.78 -63.27 -37.88
CA SER G 335 6.52 -61.96 -37.29
C SER G 335 7.44 -61.71 -36.09
N ALA G 336 7.35 -62.56 -35.08
CA ALA G 336 8.14 -62.37 -33.87
C ALA G 336 9.64 -62.54 -34.12
N GLY G 337 10.01 -63.22 -35.19
CA GLY G 337 11.43 -63.38 -35.49
C GLY G 337 12.11 -62.06 -35.77
N LYS G 338 11.37 -61.10 -36.32
CA LYS G 338 11.93 -59.79 -36.57
C LYS G 338 11.95 -58.92 -35.32
N THR G 339 11.14 -59.30 -34.31
CA THR G 339 11.02 -58.54 -33.07
C THR G 339 12.17 -58.77 -32.11
N VAL G 340 13.03 -59.75 -32.38
CA VAL G 340 14.14 -60.01 -31.49
C VAL G 340 15.11 -58.84 -31.48
N VAL G 341 15.46 -58.32 -32.66
CA VAL G 341 16.33 -57.15 -32.71
C VAL G 341 15.60 -55.93 -32.18
N ALA G 342 14.27 -55.89 -32.33
CA ALA G 342 13.50 -54.76 -31.81
C ALA G 342 13.59 -54.70 -30.29
N GLU G 343 13.43 -55.84 -29.63
CA GLU G 343 13.52 -55.82 -28.17
C GLU G 343 14.97 -55.81 -27.72
N TYR G 344 15.91 -56.15 -28.61
CA TYR G 344 17.31 -55.92 -28.30
C TYR G 344 17.58 -54.43 -28.19
N ALA G 345 17.08 -53.65 -29.15
CA ALA G 345 17.23 -52.20 -29.10
C ALA G 345 16.49 -51.63 -27.90
N ILE G 346 15.31 -52.18 -27.60
CA ILE G 346 14.53 -51.68 -26.47
C ILE G 346 15.28 -51.92 -25.16
N ALA G 347 15.86 -53.11 -24.98
CA ALA G 347 16.63 -53.36 -23.78
C ALA G 347 17.91 -52.55 -23.74
N LEU G 348 18.52 -52.31 -24.92
CA LEU G 348 19.71 -51.48 -24.99
C LEU G 348 19.44 -50.04 -24.60
N ALA G 349 18.22 -49.54 -24.83
CA ALA G 349 17.95 -48.14 -24.49
C ALA G 349 18.04 -47.87 -23.00
N GLN G 350 17.51 -48.76 -22.15
CA GLN G 350 17.61 -48.53 -20.71
C GLN G 350 19.03 -48.65 -20.19
N LYS G 351 19.93 -49.26 -20.96
CA LYS G 351 21.32 -49.21 -20.58
C LYS G 351 21.96 -47.91 -21.03
N HIS G 352 21.26 -47.15 -21.87
CA HIS G 352 21.72 -45.85 -22.33
C HIS G 352 20.80 -44.75 -21.82
N MET G 353 19.72 -45.12 -21.12
CA MET G 353 18.75 -44.21 -20.49
C MET G 353 18.02 -43.34 -21.49
N THR G 354 18.14 -43.62 -22.78
CA THR G 354 17.48 -42.84 -23.82
C THR G 354 16.06 -43.34 -24.01
N ARG G 355 15.40 -42.83 -25.05
CA ARG G 355 14.04 -43.22 -25.37
C ARG G 355 13.98 -43.73 -26.79
N THR G 356 13.04 -44.63 -27.05
CA THR G 356 12.84 -45.21 -28.37
C THR G 356 11.36 -45.14 -28.72
N ILE G 357 11.08 -45.04 -30.02
CA ILE G 357 9.72 -44.94 -30.51
C ILE G 357 9.46 -46.14 -31.40
N TYR G 358 8.38 -46.85 -31.13
CA TYR G 358 7.94 -47.99 -31.93
C TYR G 358 6.62 -47.62 -32.61
N THR G 359 6.55 -47.74 -33.93
CA THR G 359 5.32 -47.36 -34.64
C THR G 359 4.64 -48.60 -35.20
N SER G 360 3.37 -48.78 -34.85
CA SER G 360 2.54 -49.89 -35.29
C SER G 360 1.25 -49.35 -35.89
N PRO G 361 1.06 -49.40 -37.21
CA PRO G 361 -0.14 -48.84 -37.83
C PRO G 361 -1.39 -49.72 -37.79
N ILE G 362 -1.69 -50.25 -36.61
CA ILE G 362 -2.96 -50.94 -36.37
C ILE G 362 -3.17 -51.04 -34.87
N LYS G 363 -4.43 -50.94 -34.44
CA LYS G 363 -4.71 -50.81 -33.02
C LYS G 363 -4.55 -52.13 -32.26
N ALA G 364 -4.94 -53.25 -32.88
CA ALA G 364 -4.84 -54.53 -32.18
C ALA G 364 -3.39 -54.91 -31.89
N LEU G 365 -2.51 -54.76 -32.89
CA LEU G 365 -1.11 -55.09 -32.68
C LEU G 365 -0.41 -54.06 -31.81
N SER G 366 -0.94 -52.83 -31.76
CA SER G 366 -0.29 -51.74 -31.04
C SER G 366 -0.22 -51.99 -29.54
N ASN G 367 -1.22 -52.67 -28.97
CA ASN G 367 -1.25 -52.89 -27.55
C ASN G 367 -0.70 -54.25 -27.13
N GLN G 368 -0.66 -55.22 -28.04
CA GLN G 368 -0.11 -56.53 -27.70
C GLN G 368 1.36 -56.44 -27.33
N LYS G 369 2.16 -55.71 -28.10
CA LYS G 369 3.57 -55.53 -27.77
C LYS G 369 3.75 -54.77 -26.45
N PHE G 370 2.88 -53.79 -26.20
CA PHE G 370 2.90 -53.08 -24.91
C PHE G 370 2.64 -54.03 -23.76
N ARG G 371 1.65 -54.91 -23.92
CA ARG G 371 1.35 -55.92 -22.90
C ARG G 371 2.51 -56.90 -22.75
N ASP G 372 3.13 -57.27 -23.86
CA ASP G 372 4.26 -58.20 -23.82
C ASP G 372 5.42 -57.61 -23.04
N PHE G 373 5.69 -56.32 -23.23
CA PHE G 373 6.83 -55.72 -22.55
C PHE G 373 6.48 -55.12 -21.20
N ARG G 374 5.19 -55.05 -20.84
CA ARG G 374 4.84 -54.49 -19.53
C ARG G 374 5.28 -55.41 -18.41
N ASN G 375 4.76 -56.66 -18.39
CA ASN G 375 5.18 -57.59 -17.37
C ASN G 375 6.62 -58.05 -17.57
N THR G 376 7.13 -57.93 -18.81
CA THR G 376 8.47 -58.39 -19.12
C THR G 376 9.52 -57.54 -18.40
N PHE G 377 9.41 -56.21 -18.53
CA PHE G 377 10.32 -55.29 -17.87
C PHE G 377 9.79 -53.87 -17.91
N GLY G 378 10.28 -53.05 -16.97
CA GLY G 378 10.26 -51.61 -17.01
C GLY G 378 8.87 -51.02 -17.10
N ASP G 379 8.80 -49.85 -17.75
CA ASP G 379 7.57 -49.12 -17.97
C ASP G 379 7.44 -48.81 -19.46
N VAL G 380 6.25 -49.03 -19.99
CA VAL G 380 5.97 -48.79 -21.41
C VAL G 380 4.75 -47.89 -21.51
N GLY G 381 4.81 -46.90 -22.39
CA GLY G 381 3.70 -45.99 -22.61
C GLY G 381 2.97 -46.34 -23.89
N LEU G 382 1.66 -46.16 -23.87
CA LEU G 382 0.79 -46.47 -25.00
C LEU G 382 0.05 -45.20 -25.42
N LEU G 383 0.36 -44.70 -26.62
CA LEU G 383 -0.27 -43.49 -27.12
C LEU G 383 -1.31 -43.79 -28.21
N THR G 384 -2.02 -44.91 -28.10
CA THR G 384 -3.10 -45.20 -29.02
C THR G 384 -4.23 -44.19 -28.81
N GLY G 385 -5.05 -44.02 -29.85
CA GLY G 385 -6.08 -42.99 -29.79
C GLY G 385 -7.06 -43.15 -28.65
N ASP G 386 -7.54 -44.38 -28.41
CA ASP G 386 -8.55 -44.57 -27.38
C ASP G 386 -8.00 -44.98 -26.02
N VAL G 387 -6.70 -45.24 -25.89
CA VAL G 387 -6.07 -45.59 -24.62
C VAL G 387 -4.80 -44.77 -24.47
N GLN G 388 -4.69 -44.02 -23.38
CA GLN G 388 -3.50 -43.22 -23.09
C GLN G 388 -3.01 -43.61 -21.70
N LEU G 389 -1.83 -44.22 -21.67
CA LEU G 389 -1.25 -44.73 -20.42
C LEU G 389 0.22 -44.36 -20.36
N HIS G 390 0.62 -43.70 -19.26
CA HIS G 390 2.00 -43.32 -18.98
C HIS G 390 2.64 -42.59 -20.15
N PRO G 391 2.21 -41.36 -20.44
CA PRO G 391 2.77 -40.62 -21.58
C PRO G 391 4.20 -40.15 -21.39
N GLU G 392 4.82 -40.41 -20.24
CA GLU G 392 6.19 -40.00 -19.97
C GLU G 392 7.14 -41.17 -19.77
N ALA G 393 6.72 -42.37 -20.16
CA ALA G 393 7.55 -43.56 -19.97
C ALA G 393 8.78 -43.48 -20.87
N SER G 394 9.75 -44.37 -20.60
CA SER G 394 10.96 -44.39 -21.42
C SER G 394 10.66 -44.83 -22.85
N CYS G 395 9.81 -45.83 -23.02
CA CYS G 395 9.45 -46.36 -24.33
C CYS G 395 8.00 -46.04 -24.63
N LEU G 396 7.75 -45.38 -25.76
CA LEU G 396 6.39 -45.04 -26.19
C LEU G 396 6.02 -45.86 -27.42
N ILE G 397 4.85 -46.48 -27.38
CA ILE G 397 4.29 -47.22 -28.51
C ILE G 397 2.99 -46.55 -28.96
N MET G 398 2.92 -46.17 -30.23
CA MET G 398 1.86 -45.31 -30.74
C MET G 398 1.57 -45.67 -32.19
N THR G 399 0.42 -45.22 -32.68
CA THR G 399 0.12 -45.32 -34.10
C THR G 399 0.93 -44.27 -34.87
N THR G 400 0.94 -44.41 -36.19
CA THR G 400 1.83 -43.59 -37.02
C THR G 400 1.45 -42.11 -37.01
N GLU G 401 0.16 -41.78 -37.02
CA GLU G 401 -0.21 -40.37 -37.08
C GLU G 401 0.27 -39.60 -35.85
N ILE G 402 0.46 -40.30 -34.73
CA ILE G 402 0.96 -39.63 -33.53
C ILE G 402 2.38 -39.16 -33.75
N LEU G 403 3.17 -39.94 -34.50
CA LEU G 403 4.57 -39.57 -34.72
C LEU G 403 4.65 -38.27 -35.51
N ARG G 404 3.82 -38.11 -36.54
CA ARG G 404 3.83 -36.85 -37.27
C ARG G 404 3.23 -35.74 -36.44
N SER G 405 2.30 -36.08 -35.54
CA SER G 405 1.71 -35.06 -34.69
C SER G 405 2.77 -34.48 -33.75
N MET G 406 3.64 -35.33 -33.21
CA MET G 406 4.71 -34.83 -32.35
C MET G 406 5.92 -34.37 -33.14
N LEU G 407 5.95 -34.62 -34.45
CA LEU G 407 7.04 -34.10 -35.28
C LEU G 407 6.73 -32.75 -35.89
N TYR G 408 5.44 -32.42 -36.06
CA TYR G 408 5.09 -31.06 -36.47
C TYR G 408 5.48 -30.04 -35.41
N SER G 409 5.22 -30.35 -34.15
CA SER G 409 5.67 -29.52 -33.05
C SER G 409 7.00 -30.02 -32.52
N GLY G 410 7.56 -29.28 -31.57
CA GLY G 410 8.83 -29.66 -31.01
C GLY G 410 8.64 -30.85 -30.08
N SER G 411 7.87 -30.65 -29.02
CA SER G 411 7.47 -31.64 -28.02
C SER G 411 8.64 -32.08 -27.15
N ASP G 412 9.85 -31.56 -27.39
CA ASP G 412 11.05 -31.81 -26.59
C ASP G 412 11.27 -33.30 -26.31
N VAL G 413 10.83 -34.16 -27.21
CA VAL G 413 11.08 -35.58 -27.11
C VAL G 413 12.10 -36.04 -28.15
N ILE G 414 12.29 -35.28 -29.23
CA ILE G 414 13.28 -35.63 -30.25
C ILE G 414 14.70 -35.53 -29.73
N ARG G 415 14.94 -34.74 -28.69
CA ARG G 415 16.30 -34.59 -28.20
C ARG G 415 16.83 -35.89 -27.59
N ASP G 416 15.97 -36.63 -26.91
CA ASP G 416 16.37 -37.87 -26.23
C ASP G 416 15.91 -39.14 -26.96
N LEU G 417 15.87 -39.14 -28.29
CA LEU G 417 15.50 -40.33 -29.04
C LEU G 417 16.76 -40.96 -29.63
N GLU G 418 16.96 -42.25 -29.33
CA GLU G 418 18.10 -43.00 -29.82
C GLU G 418 17.75 -43.97 -30.94
N TRP G 419 16.59 -44.63 -30.86
CA TRP G 419 16.14 -45.56 -31.87
C TRP G 419 14.66 -45.35 -32.16
N VAL G 420 14.32 -45.26 -33.43
CA VAL G 420 12.93 -45.20 -33.88
C VAL G 420 12.74 -46.29 -34.93
N ILE G 421 11.81 -47.22 -34.66
CA ILE G 421 11.65 -48.41 -35.46
C ILE G 421 10.21 -48.49 -35.96
N PHE G 422 10.06 -48.89 -37.22
CA PHE G 422 8.77 -49.03 -37.88
C PHE G 422 8.43 -50.50 -38.09
N ASP G 423 7.18 -50.86 -37.82
CA ASP G 423 6.76 -52.26 -37.80
C ASP G 423 6.12 -52.72 -39.10
N GLU G 424 5.51 -51.82 -39.86
CA GLU G 424 4.88 -52.18 -41.14
C GLU G 424 5.23 -51.13 -42.19
N VAL G 425 6.31 -51.39 -42.93
CA VAL G 425 6.81 -50.44 -43.92
C VAL G 425 6.09 -50.56 -45.25
N HIS G 426 5.29 -51.61 -45.44
CA HIS G 426 4.58 -51.86 -46.69
C HIS G 426 3.35 -50.97 -46.88
N TYR G 427 3.15 -49.96 -46.05
CA TYR G 427 2.11 -48.97 -46.28
C TYR G 427 2.56 -47.76 -47.06
N ILE G 428 3.80 -47.74 -47.57
CA ILE G 428 4.15 -46.71 -48.53
C ILE G 428 3.27 -46.83 -49.77
N ASN G 429 2.82 -48.03 -50.08
CA ASN G 429 1.92 -48.27 -51.21
C ASN G 429 0.46 -48.06 -50.85
N ASP G 430 0.16 -47.71 -49.59
CA ASP G 430 -1.22 -47.48 -49.18
C ASP G 430 -1.80 -46.30 -49.94
N VAL G 431 -3.03 -46.47 -50.41
CA VAL G 431 -3.64 -45.47 -51.27
C VAL G 431 -4.12 -44.24 -50.51
N GLU G 432 -4.33 -44.34 -49.20
CA GLU G 432 -4.84 -43.20 -48.44
C GLU G 432 -4.02 -42.83 -47.21
N ARG G 433 -3.07 -43.66 -46.77
CA ARG G 433 -2.27 -43.34 -45.61
C ARG G 433 -0.77 -43.37 -45.87
N GLY G 434 -0.34 -43.63 -47.11
CA GLY G 434 1.07 -43.77 -47.40
C GLY G 434 1.89 -42.51 -47.20
N VAL G 435 1.29 -41.34 -47.44
CA VAL G 435 2.01 -40.08 -47.35
C VAL G 435 2.51 -39.80 -45.94
N VAL G 436 1.90 -40.40 -44.92
CA VAL G 436 2.30 -40.15 -43.53
C VAL G 436 3.74 -40.61 -43.32
N TRP G 437 4.08 -41.80 -43.81
CA TRP G 437 5.41 -42.32 -43.60
C TRP G 437 6.43 -41.47 -44.34
N GLU G 438 6.13 -41.07 -45.58
CA GLU G 438 7.09 -40.28 -46.34
C GLU G 438 7.33 -38.93 -45.66
N GLU G 439 6.25 -38.29 -45.20
CA GLU G 439 6.41 -36.96 -44.59
C GLU G 439 7.22 -37.06 -43.31
N VAL G 440 6.98 -38.11 -42.53
CA VAL G 440 7.77 -38.30 -41.32
C VAL G 440 9.23 -38.56 -41.67
N LEU G 441 9.48 -39.41 -42.66
CA LEU G 441 10.84 -39.82 -42.95
C LEU G 441 11.65 -38.64 -43.44
N ILE G 442 11.05 -37.78 -44.26
CA ILE G 442 11.74 -36.57 -44.70
C ILE G 442 11.96 -35.63 -43.52
N MET G 443 10.93 -35.41 -42.71
CA MET G 443 11.10 -34.48 -41.60
C MET G 443 11.96 -35.03 -40.46
N LEU G 444 12.25 -36.33 -40.43
CA LEU G 444 13.04 -36.89 -39.34
C LEU G 444 14.50 -36.44 -39.44
N PRO G 445 15.13 -36.02 -38.33
CA PRO G 445 16.50 -35.51 -38.40
C PRO G 445 17.52 -36.61 -38.68
N ASP G 446 18.80 -36.25 -38.73
CA ASP G 446 19.87 -37.15 -39.13
C ASP G 446 20.60 -37.79 -37.96
N HIS G 447 20.15 -37.56 -36.72
CA HIS G 447 20.81 -38.10 -35.53
C HIS G 447 20.12 -39.36 -35.00
N VAL G 448 19.22 -39.94 -35.78
CA VAL G 448 18.46 -41.12 -35.38
C VAL G 448 18.78 -42.26 -36.32
N SER G 449 18.97 -43.46 -35.76
CA SER G 449 19.25 -44.65 -36.56
C SER G 449 17.97 -45.46 -36.63
N ILE G 450 17.30 -45.37 -37.78
CA ILE G 450 16.04 -46.08 -38.00
C ILE G 450 16.34 -47.53 -38.32
N ILE G 451 15.40 -48.41 -37.93
CA ILE G 451 15.49 -49.83 -38.19
C ILE G 451 14.15 -50.21 -38.80
N LEU G 452 14.09 -50.27 -40.12
CA LEU G 452 12.86 -50.62 -40.82
C LEU G 452 12.66 -52.14 -40.76
N LEU G 453 11.41 -52.55 -40.54
CA LEU G 453 11.08 -53.97 -40.45
C LEU G 453 9.89 -54.23 -41.35
N SER G 454 10.16 -54.57 -42.60
CA SER G 454 9.11 -54.91 -43.54
C SER G 454 8.90 -56.43 -43.53
N ALA G 455 8.07 -56.94 -44.42
CA ALA G 455 7.87 -58.37 -44.58
C ALA G 455 8.04 -58.70 -46.06
N THR G 456 9.28 -58.96 -46.48
CA THR G 456 9.58 -59.43 -47.83
C THR G 456 8.98 -58.51 -48.89
N VAL G 457 9.41 -57.25 -48.89
CA VAL G 457 9.00 -56.34 -49.95
C VAL G 457 9.98 -56.48 -51.11
N PRO G 458 9.49 -56.66 -52.34
CA PRO G 458 10.38 -57.01 -53.46
C PRO G 458 11.49 -56.00 -53.71
N ASN G 459 11.14 -54.73 -53.93
CA ASN G 459 12.12 -53.72 -54.32
C ASN G 459 12.66 -52.97 -53.11
N ALA G 460 13.26 -53.74 -52.20
CA ALA G 460 13.82 -53.17 -50.98
C ALA G 460 15.29 -52.77 -51.13
N LEU G 461 15.91 -53.10 -52.26
CA LEU G 461 17.32 -52.76 -52.46
C LEU G 461 17.53 -51.31 -52.88
N GLU G 462 16.49 -50.61 -53.34
CA GLU G 462 16.61 -49.19 -53.62
C GLU G 462 15.85 -48.29 -52.65
N PHE G 463 14.88 -48.83 -51.90
CA PHE G 463 14.24 -48.02 -50.87
C PHE G 463 15.24 -47.63 -49.79
N ALA G 464 16.08 -48.58 -49.38
CA ALA G 464 17.13 -48.22 -48.42
C ALA G 464 18.24 -47.42 -49.07
N ASP G 465 18.39 -47.52 -50.41
CA ASP G 465 19.33 -46.64 -51.09
C ASP G 465 18.87 -45.19 -50.99
N TRP G 466 17.57 -44.98 -51.21
CA TRP G 466 16.99 -43.64 -51.10
C TRP G 466 17.07 -43.12 -49.68
N ILE G 467 16.83 -43.98 -48.68
CA ILE G 467 16.96 -43.53 -47.30
C ILE G 467 18.42 -43.17 -46.99
N GLY G 468 19.35 -44.03 -47.39
CA GLY G 468 20.78 -43.76 -47.19
C GLY G 468 21.33 -42.60 -47.98
N ARG G 469 20.61 -42.13 -49.00
CA ARG G 469 21.05 -40.96 -49.72
C ARG G 469 20.38 -39.67 -49.25
N LEU G 470 19.12 -39.74 -48.82
CA LEU G 470 18.48 -38.56 -48.25
C LEU G 470 19.19 -38.10 -46.99
N LYS G 471 19.57 -39.04 -46.13
CA LYS G 471 20.36 -38.77 -44.95
C LYS G 471 21.81 -39.19 -45.19
N ARG G 472 22.74 -38.43 -44.63
CA ARG G 472 24.16 -38.75 -44.73
C ARG G 472 24.49 -39.90 -43.77
N ARG G 473 23.93 -41.07 -44.08
CA ARG G 473 24.02 -42.23 -43.21
C ARG G 473 24.07 -43.49 -44.09
N GLN G 474 24.59 -44.56 -43.49
CA GLN G 474 24.81 -45.82 -44.20
C GLN G 474 23.90 -46.88 -43.60
N ILE G 475 23.18 -47.60 -44.47
CA ILE G 475 22.20 -48.60 -44.05
C ILE G 475 22.65 -49.97 -44.53
N TYR G 476 22.13 -51.00 -43.87
CA TYR G 476 22.40 -52.39 -44.21
C TYR G 476 21.09 -53.13 -44.40
N VAL G 477 21.08 -54.07 -45.34
CA VAL G 477 19.87 -54.79 -45.73
C VAL G 477 20.07 -56.26 -45.44
N ILE G 478 19.09 -56.87 -44.77
CA ILE G 478 19.11 -58.28 -44.41
C ILE G 478 17.82 -58.93 -44.91
N SER G 479 17.96 -60.09 -45.54
CA SER G 479 16.81 -60.85 -46.02
C SER G 479 17.08 -62.33 -45.81
N THR G 480 16.00 -63.11 -45.67
CA THR G 480 16.11 -64.53 -45.42
C THR G 480 15.16 -65.29 -46.35
N VAL G 481 15.31 -66.61 -46.35
CA VAL G 481 14.49 -67.53 -47.10
C VAL G 481 14.11 -68.70 -46.19
N THR G 482 13.37 -69.66 -46.74
CA THR G 482 13.02 -70.90 -46.05
C THR G 482 12.28 -70.62 -44.74
N ARG G 483 11.12 -69.98 -44.87
CA ARG G 483 10.30 -69.69 -43.71
C ARG G 483 9.97 -70.97 -42.95
N PRO G 484 10.12 -70.99 -41.62
CA PRO G 484 9.82 -72.20 -40.85
C PRO G 484 8.34 -72.50 -40.78
N VAL G 485 8.00 -73.57 -40.05
CA VAL G 485 6.64 -74.09 -39.86
C VAL G 485 5.84 -74.03 -41.15
N PRO G 486 6.21 -74.83 -42.15
CA PRO G 486 5.55 -74.76 -43.47
C PRO G 486 4.05 -75.02 -43.36
N LEU G 487 3.28 -74.30 -44.17
CA LEU G 487 1.82 -74.37 -44.16
C LEU G 487 1.32 -74.50 -45.60
N GLU G 488 0.26 -75.28 -45.78
CA GLU G 488 -0.34 -75.51 -47.08
C GLU G 488 -1.76 -74.98 -47.11
N HIS G 489 -2.20 -74.52 -48.28
CA HIS G 489 -3.50 -73.89 -48.45
C HIS G 489 -4.48 -74.83 -49.15
N TYR G 490 -5.53 -75.23 -48.43
CA TYR G 490 -6.56 -76.12 -48.96
C TYR G 490 -7.71 -75.29 -49.54
N LEU G 491 -8.78 -75.98 -49.94
CA LEU G 491 -9.99 -75.35 -50.45
C LEU G 491 -11.19 -76.15 -49.99
N PHE G 492 -12.24 -75.44 -49.56
CA PHE G 492 -13.41 -76.07 -48.98
C PHE G 492 -14.61 -75.86 -49.91
N THR G 493 -15.39 -76.92 -50.10
CA THR G 493 -16.66 -76.84 -50.80
C THR G 493 -17.68 -77.67 -50.03
N GLY G 494 -18.70 -77.02 -49.52
CA GLY G 494 -19.69 -77.70 -48.71
C GLY G 494 -20.43 -78.81 -49.42
N ASN G 495 -20.16 -80.06 -49.05
CA ASN G 495 -20.86 -81.21 -49.60
C ASN G 495 -21.09 -82.18 -48.47
N SER G 496 -22.30 -82.72 -48.37
CA SER G 496 -22.67 -83.59 -47.26
C SER G 496 -22.36 -82.87 -45.96
N SER G 497 -23.01 -81.71 -45.78
CA SER G 497 -22.60 -80.76 -44.75
C SER G 497 -23.13 -81.16 -43.36
N LYS G 498 -22.78 -82.37 -42.95
CA LYS G 498 -22.91 -82.76 -41.55
C LYS G 498 -21.55 -82.98 -40.90
N THR G 499 -20.74 -83.86 -41.48
CA THR G 499 -19.34 -84.01 -41.10
C THR G 499 -18.38 -84.05 -42.28
N GLN G 500 -18.87 -84.37 -43.48
CA GLN G 500 -18.03 -84.73 -44.62
C GLN G 500 -17.54 -83.52 -45.41
N GLY G 501 -17.59 -82.31 -44.84
CA GLY G 501 -17.06 -81.17 -45.55
C GLY G 501 -15.59 -81.35 -45.89
N GLU G 502 -15.30 -81.52 -47.17
CA GLU G 502 -14.00 -81.97 -47.65
C GLU G 502 -13.07 -80.79 -47.94
N LEU G 503 -11.78 -81.09 -48.03
CA LEU G 503 -10.76 -80.12 -48.37
C LEU G 503 -9.98 -80.60 -49.59
N PHE G 504 -9.54 -79.65 -50.41
CA PHE G 504 -8.79 -79.94 -51.62
C PHE G 504 -7.44 -79.26 -51.57
N LEU G 505 -6.36 -80.01 -51.82
CA LEU G 505 -5.01 -79.47 -51.76
C LEU G 505 -4.73 -78.66 -53.02
N LEU G 506 -4.71 -77.33 -52.87
CA LEU G 506 -4.39 -76.43 -53.96
C LEU G 506 -2.93 -75.99 -53.95
N LEU G 507 -2.48 -75.42 -52.84
CA LEU G 507 -1.11 -75.00 -52.66
C LEU G 507 -0.47 -75.78 -51.52
N ASP G 508 0.73 -76.28 -51.75
CA ASP G 508 1.50 -77.05 -50.80
C ASP G 508 2.77 -76.28 -50.44
N SER G 509 3.52 -76.83 -49.49
CA SER G 509 4.76 -76.22 -49.05
C SER G 509 5.84 -76.25 -50.12
N ARG G 510 5.66 -77.05 -51.17
CA ARG G 510 6.60 -77.12 -52.27
C ARG G 510 6.42 -75.97 -53.26
N GLY G 511 5.46 -75.07 -53.02
CA GLY G 511 5.26 -73.94 -53.90
C GLY G 511 4.80 -74.30 -55.30
N ALA G 512 3.89 -75.26 -55.42
CA ALA G 512 3.38 -75.69 -56.71
C ALA G 512 1.86 -75.53 -56.73
N PHE G 513 1.36 -74.86 -57.76
CA PHE G 513 -0.07 -74.65 -57.97
C PHE G 513 -0.67 -75.89 -58.60
N HIS G 514 -1.26 -76.76 -57.79
CA HIS G 514 -1.84 -77.99 -58.35
C HIS G 514 -3.13 -77.63 -59.06
N THR G 515 -3.04 -77.47 -60.39
CA THR G 515 -4.23 -77.25 -61.21
C THR G 515 -5.17 -78.43 -61.10
N LYS G 516 -4.62 -79.62 -60.88
CA LYS G 516 -5.41 -80.82 -60.62
C LYS G 516 -6.23 -80.67 -59.35
N GLY G 517 -5.73 -79.91 -58.38
CA GLY G 517 -6.51 -79.67 -57.17
C GLY G 517 -7.77 -78.89 -57.46
N TYR G 518 -7.67 -77.83 -58.27
CA TYR G 518 -8.87 -77.12 -58.70
C TYR G 518 -9.75 -78.01 -59.58
N TYR G 519 -9.13 -78.78 -60.48
CA TYR G 519 -9.92 -79.67 -61.34
C TYR G 519 -10.65 -80.72 -60.52
N ALA G 520 -10.19 -81.01 -59.30
CA ALA G 520 -10.92 -81.83 -58.36
C ALA G 520 -11.76 -80.99 -57.41
N ALA G 521 -11.92 -79.70 -57.70
CA ALA G 521 -12.70 -78.78 -56.89
C ALA G 521 -13.81 -78.09 -57.66
N VAL G 522 -13.68 -77.96 -58.98
CA VAL G 522 -14.71 -77.29 -59.77
C VAL G 522 -15.98 -78.15 -59.82
N GLU G 523 -15.82 -79.47 -59.88
CA GLU G 523 -16.95 -80.37 -60.05
C GLU G 523 -17.68 -80.64 -58.74
N ALA G 524 -17.18 -80.11 -57.63
CA ALA G 524 -17.87 -80.31 -56.34
C ALA G 524 -19.26 -79.70 -56.35
N LYS G 525 -19.45 -78.62 -57.09
CA LYS G 525 -20.74 -77.93 -57.17
C LYS G 525 -21.43 -78.12 -58.51
N LYS G 526 -20.78 -78.76 -59.48
CA LYS G 526 -21.38 -78.89 -60.81
C LYS G 526 -22.65 -79.72 -60.78
N GLU G 527 -22.64 -80.83 -60.04
CA GLU G 527 -23.81 -81.69 -59.92
C GLU G 527 -24.75 -81.27 -58.80
N ARG G 528 -24.43 -80.19 -58.09
CA ARG G 528 -25.33 -79.74 -57.01
C ARG G 528 -26.68 -79.30 -57.57
N MET G 529 -26.68 -78.62 -58.71
CA MET G 529 -27.91 -78.17 -59.33
C MET G 529 -28.28 -79.05 -60.53
N GLY G 546 -27.93 -70.03 -48.42
CA GLY G 546 -29.26 -69.68 -47.96
C GLY G 546 -29.31 -69.40 -46.47
N PRO G 547 -30.39 -68.76 -46.02
CA PRO G 547 -30.52 -68.47 -44.57
C PRO G 547 -30.44 -69.70 -43.70
N ALA G 548 -31.06 -70.80 -44.10
CA ALA G 548 -30.93 -72.07 -43.39
C ALA G 548 -29.85 -72.98 -43.97
N GLN G 549 -29.23 -72.59 -45.08
CA GLN G 549 -28.17 -73.39 -45.68
C GLN G 549 -26.77 -72.87 -45.37
N ASP G 550 -26.64 -71.57 -45.11
CA ASP G 550 -25.37 -71.03 -44.61
C ASP G 550 -25.06 -71.58 -43.23
N ARG G 551 -26.09 -71.76 -42.40
CA ARG G 551 -25.92 -72.46 -41.13
C ARG G 551 -25.40 -73.88 -41.34
N GLY G 552 -25.84 -74.54 -42.41
CA GLY G 552 -25.26 -75.84 -42.74
C GLY G 552 -23.78 -75.76 -43.04
N VAL G 553 -23.34 -74.73 -43.75
CA VAL G 553 -21.92 -74.52 -43.98
C VAL G 553 -21.19 -74.29 -42.67
N TYR G 554 -21.77 -73.48 -41.78
CA TYR G 554 -21.15 -73.21 -40.50
C TYR G 554 -21.01 -74.48 -39.66
N LEU G 555 -22.02 -75.34 -39.68
CA LEU G 555 -21.97 -76.56 -38.90
C LEU G 555 -21.32 -77.70 -39.67
N SER G 556 -20.85 -77.44 -40.88
CA SER G 556 -20.01 -78.37 -41.63
C SER G 556 -18.53 -78.10 -41.40
N LEU G 557 -18.12 -76.84 -41.57
CA LEU G 557 -16.72 -76.49 -41.32
C LEU G 557 -16.35 -76.66 -39.85
N LEU G 558 -17.25 -76.30 -38.95
CA LEU G 558 -17.02 -76.48 -37.51
C LEU G 558 -17.22 -77.92 -37.05
N ALA G 559 -17.37 -78.87 -37.97
CA ALA G 559 -17.47 -80.28 -37.62
C ALA G 559 -16.25 -81.08 -38.01
N SER G 560 -15.75 -80.93 -39.23
CA SER G 560 -14.56 -81.64 -39.68
C SER G 560 -13.27 -80.98 -39.25
N LEU G 561 -13.33 -80.05 -38.30
CA LEU G 561 -12.14 -79.39 -37.76
C LEU G 561 -12.04 -79.46 -36.25
N ARG G 562 -13.16 -79.60 -35.54
CA ARG G 562 -13.11 -79.74 -34.08
C ARG G 562 -12.64 -81.13 -33.66
N THR G 563 -12.81 -82.14 -34.51
CA THR G 563 -12.29 -83.47 -34.21
C THR G 563 -10.78 -83.46 -34.15
N ARG G 564 -10.13 -82.76 -35.06
CA ARG G 564 -8.67 -82.70 -35.09
C ARG G 564 -8.18 -81.57 -34.17
N ALA G 565 -6.87 -81.34 -34.17
CA ALA G 565 -6.26 -80.45 -33.19
C ALA G 565 -6.36 -78.98 -33.56
N GLN G 566 -6.83 -78.65 -34.76
CA GLN G 566 -6.95 -77.25 -35.18
C GLN G 566 -8.33 -76.68 -34.84
N LEU G 567 -8.71 -76.77 -33.57
CA LEU G 567 -9.97 -76.19 -33.12
C LEU G 567 -9.89 -74.66 -33.02
N PRO G 568 -8.80 -74.08 -32.51
CA PRO G 568 -8.67 -72.62 -32.59
C PRO G 568 -8.69 -72.17 -34.05
N VAL G 569 -9.71 -71.40 -34.39
CA VAL G 569 -9.94 -70.94 -35.76
C VAL G 569 -10.33 -69.48 -35.75
N VAL G 570 -9.83 -68.74 -36.73
CA VAL G 570 -10.15 -67.32 -36.91
C VAL G 570 -10.86 -67.16 -38.24
N VAL G 571 -12.01 -66.49 -38.22
CA VAL G 571 -12.83 -66.26 -39.40
C VAL G 571 -12.73 -64.79 -39.76
N PHE G 572 -12.29 -64.52 -41.00
CA PHE G 572 -12.03 -63.15 -41.44
C PHE G 572 -13.25 -62.60 -42.16
N THR G 573 -14.30 -62.33 -41.39
CA THR G 573 -15.49 -61.72 -41.94
C THR G 573 -15.21 -60.30 -42.40
N PHE G 574 -15.69 -59.95 -43.60
CA PHE G 574 -15.38 -58.67 -44.22
C PHE G 574 -16.52 -57.66 -44.07
N SER G 575 -17.25 -57.73 -42.95
CA SER G 575 -18.32 -56.77 -42.71
C SER G 575 -18.55 -56.67 -41.20
N ARG G 576 -18.51 -55.44 -40.68
CA ARG G 576 -18.75 -55.23 -39.26
C ARG G 576 -20.18 -55.61 -38.86
N GLY G 577 -21.12 -55.52 -39.79
CA GLY G 577 -22.50 -55.83 -39.49
C GLY G 577 -22.79 -57.31 -39.40
N ARG G 578 -22.54 -58.03 -40.49
CA ARG G 578 -22.82 -59.46 -40.54
C ARG G 578 -21.88 -60.29 -39.68
N CYS G 579 -20.79 -59.70 -39.17
CA CYS G 579 -19.93 -60.44 -38.26
C CYS G 579 -20.69 -60.85 -37.00
N ASP G 580 -21.49 -59.95 -36.44
CA ASP G 580 -22.33 -60.35 -35.32
C ASP G 580 -23.47 -61.26 -35.76
N GLU G 581 -23.91 -61.12 -37.02
CA GLU G 581 -24.97 -61.99 -37.51
C GLU G 581 -24.54 -63.44 -37.58
N GLN G 582 -23.25 -63.68 -37.89
CA GLN G 582 -22.77 -65.06 -37.95
C GLN G 582 -22.87 -65.73 -36.58
N ALA G 583 -22.36 -65.06 -35.55
CA ALA G 583 -22.38 -65.63 -34.21
C ALA G 583 -23.79 -65.71 -33.64
N SER G 584 -24.64 -64.76 -33.98
CA SER G 584 -26.00 -64.70 -33.42
C SER G 584 -26.85 -65.90 -33.85
N GLY G 585 -26.69 -66.35 -35.09
CA GLY G 585 -27.56 -67.40 -35.59
C GLY G 585 -27.11 -68.85 -35.46
N LEU G 586 -26.15 -69.13 -34.59
CA LEU G 586 -25.69 -70.50 -34.35
C LEU G 586 -26.08 -71.02 -32.98
N THR G 587 -25.73 -70.29 -31.92
CA THR G 587 -26.24 -70.36 -30.56
C THR G 587 -25.83 -71.65 -29.84
N SER G 588 -25.10 -72.56 -30.50
CA SER G 588 -24.76 -73.84 -29.85
C SER G 588 -23.40 -74.28 -30.38
N LEU G 589 -22.33 -73.99 -29.65
CA LEU G 589 -21.06 -74.67 -29.90
C LEU G 589 -20.47 -75.31 -28.66
N ASP G 590 -20.64 -74.68 -27.48
CA ASP G 590 -20.21 -75.15 -26.17
C ASP G 590 -18.82 -75.78 -26.20
N LEU G 591 -17.88 -75.16 -26.92
CA LEU G 591 -16.54 -75.71 -27.06
C LEU G 591 -15.65 -75.27 -25.89
N THR G 592 -16.10 -75.59 -24.67
CA THR G 592 -15.33 -75.23 -23.49
C THR G 592 -15.49 -76.31 -22.43
N THR G 593 -14.41 -76.63 -21.72
CA THR G 593 -14.51 -77.55 -20.60
C THR G 593 -15.00 -76.82 -19.36
N SER G 594 -15.62 -77.57 -18.46
CA SER G 594 -16.12 -76.96 -17.23
C SER G 594 -15.03 -76.43 -16.30
N SER G 595 -13.80 -76.93 -16.40
CA SER G 595 -12.72 -76.39 -15.58
C SER G 595 -12.22 -75.03 -16.07
N GLU G 596 -12.16 -74.84 -17.39
CA GLU G 596 -11.71 -73.58 -17.94
C GLU G 596 -12.79 -72.50 -17.82
N LYS G 597 -14.05 -72.90 -17.79
CA LYS G 597 -15.13 -71.92 -17.63
C LYS G 597 -15.02 -71.20 -16.30
N SER G 598 -14.52 -71.86 -15.26
CA SER G 598 -14.28 -71.16 -14.00
C SER G 598 -13.20 -70.10 -14.16
N GLU G 599 -12.15 -70.42 -14.93
CA GLU G 599 -11.09 -69.45 -15.18
C GLU G 599 -11.63 -68.27 -15.97
N ILE G 600 -12.48 -68.56 -16.96
CA ILE G 600 -13.08 -67.48 -17.76
C ILE G 600 -13.93 -66.60 -16.86
N HIS G 601 -14.76 -67.21 -16.00
CA HIS G 601 -15.67 -66.41 -15.19
C HIS G 601 -14.93 -65.64 -14.09
N LEU G 602 -13.72 -66.06 -13.73
CA LEU G 602 -13.00 -65.30 -12.71
C LEU G 602 -12.18 -64.19 -13.33
N PHE G 603 -11.60 -64.44 -14.51
CA PHE G 603 -10.91 -63.36 -15.20
C PHE G 603 -11.92 -62.31 -15.62
N LEU G 604 -13.09 -62.73 -16.10
CA LEU G 604 -14.10 -61.76 -16.48
C LEU G 604 -14.65 -61.06 -15.25
N GLN G 605 -14.67 -61.74 -14.10
CA GLN G 605 -15.20 -61.11 -12.90
C GLN G 605 -14.26 -60.01 -12.42
N ARG G 606 -12.95 -60.23 -12.54
CA ARG G 606 -12.02 -59.17 -12.17
C ARG G 606 -11.83 -58.13 -13.27
N CYS G 607 -12.31 -58.39 -14.48
CA CYS G 607 -12.21 -57.41 -15.55
C CYS G 607 -13.40 -56.46 -15.59
N LEU G 608 -14.61 -57.02 -15.71
CA LEU G 608 -15.79 -56.17 -15.90
C LEU G 608 -16.15 -55.38 -14.66
N ALA G 609 -15.96 -55.94 -13.46
CA ALA G 609 -16.43 -55.25 -12.26
C ALA G 609 -15.32 -54.31 -11.76
N ARG G 610 -15.08 -53.28 -12.56
CA ARG G 610 -14.19 -52.18 -12.20
C ARG G 610 -14.79 -50.84 -12.59
N LEU G 611 -16.12 -50.74 -12.61
CA LEU G 611 -16.78 -49.54 -13.10
C LEU G 611 -18.19 -49.49 -12.54
N ARG G 612 -18.89 -48.41 -12.87
CA ARG G 612 -20.19 -48.11 -12.26
C ARG G 612 -21.24 -49.16 -12.62
N GLY G 613 -22.20 -49.33 -11.72
CA GLY G 613 -23.24 -50.33 -11.91
C GLY G 613 -24.12 -50.11 -13.12
N SER G 614 -24.40 -48.84 -13.45
CA SER G 614 -25.22 -48.55 -14.61
C SER G 614 -24.57 -49.04 -15.90
N ASP G 615 -23.25 -48.86 -16.02
CA ASP G 615 -22.51 -49.40 -17.15
C ASP G 615 -22.21 -50.89 -17.04
N ARG G 616 -22.35 -51.48 -15.85
CA ARG G 616 -22.01 -52.88 -15.67
C ARG G 616 -22.99 -53.83 -16.37
N GLN G 617 -24.22 -53.40 -16.60
CA GLN G 617 -25.23 -54.28 -17.20
C GLN G 617 -25.81 -53.60 -18.45
N LEU G 618 -25.27 -53.95 -19.61
CA LEU G 618 -25.65 -53.34 -20.87
C LEU G 618 -25.80 -54.44 -21.91
N PRO G 619 -26.69 -54.26 -22.88
CA PRO G 619 -26.94 -55.33 -23.87
C PRO G 619 -25.69 -55.81 -24.61
N GLN G 620 -24.77 -54.90 -24.95
CA GLN G 620 -23.57 -55.32 -25.67
C GLN G 620 -22.68 -56.20 -24.81
N VAL G 621 -22.54 -55.86 -23.53
CA VAL G 621 -21.57 -56.60 -22.73
C VAL G 621 -22.14 -57.93 -22.30
N LEU G 622 -23.46 -58.03 -22.11
CA LEU G 622 -24.04 -59.32 -21.78
C LEU G 622 -24.14 -60.19 -23.01
N HIS G 623 -24.42 -59.59 -24.17
CA HIS G 623 -24.52 -60.36 -25.41
C HIS G 623 -23.15 -60.79 -25.91
N MET G 624 -22.07 -60.20 -25.40
CA MET G 624 -20.74 -60.65 -25.76
C MET G 624 -20.18 -61.63 -24.73
N SER G 625 -20.31 -61.33 -23.43
CA SER G 625 -19.86 -62.28 -22.42
C SER G 625 -20.64 -63.59 -22.47
N GLU G 626 -21.87 -63.58 -22.99
CA GLU G 626 -22.59 -64.85 -23.12
C GLU G 626 -21.96 -65.72 -24.19
N LEU G 627 -21.63 -65.15 -25.35
CA LEU G 627 -20.98 -65.96 -26.37
C LEU G 627 -19.55 -66.28 -25.98
N LEU G 628 -18.94 -65.46 -25.12
CA LEU G 628 -17.61 -65.78 -24.60
C LEU G 628 -17.67 -66.96 -23.66
N ASN G 629 -18.80 -67.13 -22.97
CA ASN G 629 -18.97 -68.27 -22.07
C ASN G 629 -18.86 -69.60 -22.82
N ARG G 630 -19.47 -69.70 -23.99
CA ARG G 630 -19.39 -70.89 -24.81
C ARG G 630 -18.05 -71.05 -25.51
N GLY G 631 -17.20 -70.03 -25.50
CA GLY G 631 -15.90 -70.12 -26.13
C GLY G 631 -15.79 -69.46 -27.47
N LEU G 632 -16.64 -68.48 -27.76
CA LEU G 632 -16.66 -67.76 -29.03
C LEU G 632 -16.26 -66.31 -28.81
N GLY G 633 -16.02 -65.59 -29.90
CA GLY G 633 -15.64 -64.20 -29.81
C GLY G 633 -15.75 -63.41 -31.10
N VAL G 634 -16.30 -62.21 -31.01
CA VAL G 634 -16.46 -61.30 -32.15
C VAL G 634 -15.61 -60.07 -31.91
N HIS G 635 -14.74 -59.76 -32.88
CA HIS G 635 -13.75 -58.69 -32.75
C HIS G 635 -13.85 -57.77 -33.96
N HIS G 636 -14.25 -56.52 -33.74
CA HIS G 636 -14.18 -55.50 -34.77
C HIS G 636 -14.18 -54.14 -34.10
N SER G 637 -13.81 -53.12 -34.86
CA SER G 637 -13.68 -51.78 -34.28
C SER G 637 -15.01 -51.15 -33.91
N GLY G 638 -16.13 -51.85 -34.08
CA GLY G 638 -17.41 -51.29 -33.72
C GLY G 638 -17.92 -51.70 -32.34
N ILE G 639 -17.02 -52.20 -31.49
CA ILE G 639 -17.35 -52.58 -30.13
C ILE G 639 -16.47 -51.78 -29.17
N LEU G 640 -16.84 -51.81 -27.90
CA LEU G 640 -16.13 -51.02 -26.89
C LEU G 640 -14.70 -51.53 -26.75
N PRO G 641 -13.73 -50.63 -26.58
CA PRO G 641 -12.32 -51.09 -26.45
C PRO G 641 -12.08 -52.00 -25.28
N ILE G 642 -12.79 -51.79 -24.16
CA ILE G 642 -12.61 -52.67 -23.02
C ILE G 642 -13.12 -54.07 -23.35
N LEU G 643 -14.19 -54.16 -24.14
CA LEU G 643 -14.63 -55.44 -24.64
C LEU G 643 -13.76 -55.90 -25.80
N LYS G 644 -13.01 -54.98 -26.41
CA LYS G 644 -12.14 -55.35 -27.52
C LYS G 644 -10.94 -56.13 -27.03
N GLU G 645 -10.31 -55.66 -25.95
CA GLU G 645 -9.10 -56.31 -25.48
C GLU G 645 -9.39 -57.54 -24.62
N ILE G 646 -10.62 -57.72 -24.17
CA ILE G 646 -11.00 -58.91 -23.42
C ILE G 646 -10.86 -60.15 -24.29
N VAL G 647 -11.28 -60.04 -25.55
CA VAL G 647 -11.24 -61.19 -26.45
C VAL G 647 -9.80 -61.61 -26.67
N GLU G 648 -8.90 -60.64 -26.92
CA GLU G 648 -7.51 -61.01 -27.16
C GLU G 648 -6.84 -61.45 -25.87
N MET G 649 -7.34 -60.98 -24.71
CA MET G 649 -6.84 -61.52 -23.45
C MET G 649 -7.15 -63.00 -23.33
N LEU G 650 -8.37 -63.40 -23.70
CA LEU G 650 -8.71 -64.82 -23.59
C LEU G 650 -8.04 -65.64 -24.68
N PHE G 651 -7.91 -65.06 -25.88
CA PHE G 651 -7.29 -65.78 -26.98
C PHE G 651 -5.80 -66.00 -26.74
N SER G 652 -5.16 -65.11 -25.98
CA SER G 652 -3.77 -65.30 -25.64
C SER G 652 -3.59 -66.55 -24.80
N ARG G 653 -4.48 -66.79 -23.86
CA ARG G 653 -4.40 -67.96 -22.99
C ARG G 653 -5.11 -69.17 -23.57
N GLY G 654 -5.71 -69.02 -24.76
CA GLY G 654 -6.33 -70.14 -25.44
C GLY G 654 -7.67 -70.57 -24.89
N LEU G 655 -8.24 -69.81 -23.95
CA LEU G 655 -9.51 -70.16 -23.35
C LEU G 655 -10.70 -69.95 -24.27
N VAL G 656 -10.51 -69.27 -25.40
CA VAL G 656 -11.56 -69.10 -26.40
C VAL G 656 -11.11 -69.78 -27.69
N LYS G 657 -12.03 -70.51 -28.32
CA LYS G 657 -11.69 -71.34 -29.48
C LYS G 657 -11.91 -70.61 -30.81
N VAL G 658 -13.13 -70.15 -31.06
CA VAL G 658 -13.53 -69.60 -32.35
C VAL G 658 -13.62 -68.09 -32.24
N LEU G 659 -12.90 -67.39 -33.11
CA LEU G 659 -12.86 -65.94 -33.15
C LEU G 659 -13.33 -65.42 -34.50
N PHE G 660 -14.14 -64.37 -34.47
CA PHE G 660 -14.63 -63.68 -35.66
C PHE G 660 -14.06 -62.27 -35.64
N ALA G 661 -13.32 -61.92 -36.67
CA ALA G 661 -12.61 -60.65 -36.68
C ALA G 661 -12.53 -60.09 -38.09
N THR G 662 -12.60 -58.76 -38.19
CA THR G 662 -12.39 -58.05 -39.43
C THR G 662 -10.91 -57.68 -39.57
N GLU G 663 -10.60 -56.85 -40.55
CA GLU G 663 -9.20 -56.50 -40.85
C GLU G 663 -8.54 -55.72 -39.71
N THR G 664 -9.28 -55.40 -38.64
CA THR G 664 -8.64 -54.77 -37.49
C THR G 664 -7.72 -55.73 -36.76
N PHE G 665 -7.82 -57.03 -37.05
CA PHE G 665 -7.05 -58.06 -36.40
C PHE G 665 -6.41 -59.01 -37.39
N ALA G 666 -6.72 -58.90 -38.68
CA ALA G 666 -6.33 -59.92 -39.65
C ALA G 666 -4.89 -59.76 -40.10
N MET G 667 -4.55 -58.61 -40.69
CA MET G 667 -3.38 -58.54 -41.54
C MET G 667 -2.08 -58.70 -40.76
N GLY G 668 -2.05 -58.26 -39.50
CA GLY G 668 -0.84 -58.52 -38.73
C GLY G 668 -1.07 -58.80 -37.26
N VAL G 669 -0.55 -59.94 -36.79
CA VAL G 669 -0.61 -60.35 -35.39
C VAL G 669 0.55 -61.29 -35.13
N ASN G 670 1.04 -61.28 -33.90
CA ASN G 670 1.88 -62.36 -33.40
C ASN G 670 0.97 -63.47 -32.89
N MET G 671 1.53 -64.45 -32.21
CA MET G 671 0.79 -65.50 -31.51
C MET G 671 -0.27 -66.19 -32.38
N PRO G 672 0.07 -66.59 -33.60
CA PRO G 672 -0.94 -67.13 -34.51
C PRO G 672 -1.48 -68.46 -34.00
N ALA G 673 -2.75 -68.70 -34.35
CA ALA G 673 -3.39 -69.98 -34.07
C ALA G 673 -2.97 -70.98 -35.15
N ARG G 674 -3.61 -72.14 -35.16
CA ARG G 674 -3.22 -73.17 -36.12
C ARG G 674 -3.87 -73.00 -37.49
N THR G 675 -5.15 -72.61 -37.53
CA THR G 675 -5.86 -72.56 -38.80
C THR G 675 -6.46 -71.17 -39.03
N VAL G 676 -6.56 -70.80 -40.30
CA VAL G 676 -7.19 -69.56 -40.75
C VAL G 676 -8.14 -69.91 -41.89
N VAL G 677 -9.33 -69.28 -41.88
CA VAL G 677 -10.36 -69.54 -42.87
C VAL G 677 -10.79 -68.21 -43.50
N PHE G 678 -11.20 -68.28 -44.76
CA PHE G 678 -11.72 -67.11 -45.47
C PHE G 678 -13.16 -67.37 -45.88
N ASP G 679 -14.05 -66.45 -45.52
CA ASP G 679 -15.46 -66.56 -45.86
C ASP G 679 -15.82 -65.79 -47.13
N SER G 680 -14.87 -65.11 -47.74
CA SER G 680 -15.18 -64.34 -48.95
C SER G 680 -13.91 -64.13 -49.76
N MET G 681 -14.11 -63.75 -51.03
CA MET G 681 -13.03 -63.54 -51.98
C MET G 681 -12.70 -62.08 -52.18
N ARG G 682 -13.64 -61.18 -51.91
CA ARG G 682 -13.51 -59.76 -52.18
C ARG G 682 -13.34 -58.99 -50.87
N LYS G 683 -13.27 -57.67 -50.99
CA LYS G 683 -13.11 -56.78 -49.85
C LYS G 683 -13.65 -55.42 -50.26
N HIS G 684 -13.87 -54.55 -49.27
CA HIS G 684 -14.36 -53.21 -49.53
C HIS G 684 -13.31 -52.19 -49.09
N ASP G 685 -12.56 -51.69 -50.06
CA ASP G 685 -11.67 -50.55 -49.91
C ASP G 685 -12.48 -49.27 -50.10
N GLY G 686 -11.80 -48.15 -50.24
CA GLY G 686 -12.42 -46.84 -50.20
C GLY G 686 -13.22 -46.50 -51.45
N SER G 687 -14.33 -47.23 -51.61
CA SER G 687 -15.34 -46.99 -52.64
C SER G 687 -14.81 -47.21 -54.06
N THR G 688 -14.20 -48.37 -54.26
CA THR G 688 -14.01 -48.93 -55.60
C THR G 688 -14.40 -50.40 -55.65
N PHE G 689 -14.59 -51.04 -54.49
CA PHE G 689 -15.04 -52.44 -54.38
C PHE G 689 -14.17 -53.40 -55.19
N ARG G 690 -12.89 -53.41 -54.87
CA ARG G 690 -11.94 -54.25 -55.57
C ARG G 690 -11.90 -55.64 -54.94
N ASP G 691 -10.95 -56.45 -55.36
CA ASP G 691 -10.63 -57.74 -54.73
C ASP G 691 -9.28 -57.65 -54.06
N LEU G 692 -8.93 -58.71 -53.33
CA LEU G 692 -7.67 -58.76 -52.62
C LEU G 692 -6.50 -58.91 -53.59
N LEU G 693 -5.31 -58.54 -53.12
CA LEU G 693 -4.08 -58.60 -53.88
C LEU G 693 -3.05 -59.37 -53.06
N PRO G 694 -1.99 -59.89 -53.70
CA PRO G 694 -1.03 -60.72 -52.96
C PRO G 694 -0.41 -60.04 -51.76
N GLY G 695 -0.25 -58.71 -51.81
CA GLY G 695 0.29 -58.01 -50.66
C GLY G 695 -0.57 -58.09 -49.43
N GLU G 696 -1.88 -58.34 -49.61
CA GLU G 696 -2.78 -58.50 -48.49
C GLU G 696 -2.90 -59.96 -48.07
N TYR G 697 -2.96 -60.87 -49.05
CA TYR G 697 -3.11 -62.28 -48.74
C TYR G 697 -1.90 -62.81 -48.01
N VAL G 698 -0.72 -62.28 -48.34
CA VAL G 698 0.48 -62.71 -47.64
C VAL G 698 0.39 -62.33 -46.17
N GLN G 699 -0.06 -61.11 -45.87
CA GLN G 699 -0.10 -60.72 -44.47
C GLN G 699 -1.20 -61.41 -43.67
N MET G 700 -2.44 -61.48 -44.17
CA MET G 700 -3.43 -62.16 -43.32
C MET G 700 -3.14 -63.65 -43.18
N ALA G 701 -2.78 -64.33 -44.28
CA ALA G 701 -2.58 -65.77 -44.22
C ALA G 701 -1.14 -66.19 -43.93
N GLY G 702 -0.21 -65.25 -43.85
CA GLY G 702 1.19 -65.58 -43.63
C GLY G 702 1.55 -65.80 -42.18
N ARG G 703 0.59 -65.71 -41.27
CA ARG G 703 0.81 -65.89 -39.84
C ARG G 703 -0.13 -67.01 -39.36
N ALA G 704 0.36 -68.25 -39.46
CA ALA G 704 -0.33 -69.41 -38.94
C ALA G 704 0.58 -70.34 -38.14
N GLY G 705 1.89 -70.14 -38.19
CA GLY G 705 2.82 -70.92 -37.40
C GLY G 705 3.77 -70.09 -36.57
N ARG G 706 3.84 -70.38 -35.27
CA ARG G 706 4.71 -69.67 -34.35
C ARG G 706 6.13 -70.19 -34.60
N ARG G 707 7.13 -69.78 -33.80
CA ARG G 707 8.51 -70.18 -34.08
C ARG G 707 8.72 -71.64 -33.64
N GLY G 708 8.05 -72.52 -34.37
CA GLY G 708 8.04 -73.94 -34.09
C GLY G 708 7.03 -74.40 -33.08
N LEU G 709 6.22 -73.50 -32.51
CA LEU G 709 5.28 -73.92 -31.47
C LEU G 709 3.92 -74.30 -32.05
N ASP G 710 3.95 -75.22 -33.01
CA ASP G 710 2.82 -75.96 -33.53
C ASP G 710 3.36 -77.00 -34.51
N PRO G 711 2.63 -78.10 -34.73
CA PRO G 711 3.10 -79.06 -35.76
C PRO G 711 3.15 -78.46 -37.14
N THR G 712 2.03 -77.90 -37.61
CA THR G 712 1.87 -77.33 -38.94
C THR G 712 0.87 -76.19 -38.85
N GLY G 713 0.38 -75.74 -40.01
CA GLY G 713 -0.68 -74.75 -40.04
C GLY G 713 -1.40 -74.86 -41.36
N THR G 714 -2.65 -74.39 -41.35
CA THR G 714 -3.51 -74.52 -42.51
C THR G 714 -4.27 -73.22 -42.78
N VAL G 715 -4.44 -72.90 -44.06
CA VAL G 715 -5.21 -71.74 -44.49
C VAL G 715 -6.27 -72.25 -45.45
N ILE G 716 -7.50 -72.44 -44.97
CA ILE G 716 -8.59 -72.95 -45.78
C ILE G 716 -9.27 -71.77 -46.46
N LEU G 717 -9.50 -71.89 -47.77
CA LEU G 717 -10.37 -70.95 -48.48
C LEU G 717 -11.75 -71.57 -48.61
N LEU G 718 -12.76 -70.82 -48.18
CA LEU G 718 -14.15 -71.30 -48.16
C LEU G 718 -14.94 -70.48 -49.17
N CYS G 719 -15.26 -71.09 -50.31
CA CYS G 719 -16.13 -70.47 -51.30
C CYS G 719 -17.54 -71.02 -51.10
N LYS G 720 -18.50 -70.12 -50.91
CA LYS G 720 -19.86 -70.49 -50.57
C LYS G 720 -20.91 -70.01 -51.57
N GLY G 721 -20.56 -69.22 -52.57
CA GLY G 721 -21.57 -68.74 -53.48
C GLY G 721 -21.47 -69.20 -54.92
N ARG G 722 -20.25 -69.46 -55.39
CA ARG G 722 -19.96 -69.82 -56.78
C ARG G 722 -18.48 -70.17 -56.86
N VAL G 723 -18.09 -70.67 -58.03
CA VAL G 723 -16.69 -71.04 -58.26
C VAL G 723 -15.82 -69.78 -58.16
N PRO G 724 -14.62 -69.85 -57.57
CA PRO G 724 -13.85 -68.63 -57.32
C PRO G 724 -12.95 -68.18 -58.47
N GLU G 725 -13.12 -68.71 -59.68
CA GLU G 725 -12.39 -68.23 -60.86
C GLU G 725 -10.88 -68.32 -60.65
N MET G 726 -10.40 -69.56 -60.49
CA MET G 726 -9.05 -69.90 -60.08
C MET G 726 -7.97 -69.10 -60.81
N ALA G 727 -8.28 -68.70 -62.04
CA ALA G 727 -7.30 -67.98 -62.86
C ALA G 727 -6.80 -66.70 -62.18
N ASP G 728 -7.58 -66.11 -61.27
CA ASP G 728 -7.10 -64.97 -60.49
C ASP G 728 -6.56 -65.42 -59.14
N LEU G 729 -6.90 -66.64 -58.76
CA LEU G 729 -6.30 -67.25 -57.59
C LEU G 729 -4.80 -67.40 -57.84
N HIS G 730 -4.43 -67.85 -59.06
CA HIS G 730 -3.01 -67.92 -59.35
C HIS G 730 -2.38 -66.54 -59.40
N ARG G 731 -3.11 -65.50 -59.85
CA ARG G 731 -2.48 -64.17 -59.81
C ARG G 731 -2.20 -63.75 -58.37
N MET G 732 -3.03 -64.18 -57.41
CA MET G 732 -2.70 -63.68 -56.07
C MET G 732 -1.73 -64.60 -55.31
N MET G 733 -2.03 -65.90 -55.19
CA MET G 733 -1.11 -66.75 -54.42
C MET G 733 0.26 -66.80 -55.06
N MET G 734 0.35 -67.28 -56.30
CA MET G 734 1.65 -67.43 -56.95
C MET G 734 1.87 -66.20 -57.81
N GLY G 735 2.54 -65.21 -57.24
CA GLY G 735 2.83 -63.96 -57.91
C GLY G 735 3.59 -63.02 -56.99
N LYS G 736 4.59 -62.33 -57.52
CA LYS G 736 5.40 -61.45 -56.69
C LYS G 736 4.59 -60.27 -56.19
N PRO G 737 4.91 -59.75 -55.01
CA PRO G 737 4.14 -58.62 -54.46
C PRO G 737 4.31 -57.38 -55.32
N SER G 738 3.35 -56.47 -55.18
CA SER G 738 3.37 -55.24 -55.96
C SER G 738 4.58 -54.38 -55.59
N GLN G 739 5.07 -53.64 -56.57
CA GLN G 739 6.21 -52.75 -56.34
C GLN G 739 5.85 -51.62 -55.40
N LEU G 740 6.85 -51.18 -54.63
CA LEU G 740 6.65 -50.14 -53.62
C LEU G 740 6.57 -48.81 -54.37
N GLN G 741 5.34 -48.45 -54.71
CA GLN G 741 5.01 -47.22 -55.42
C GLN G 741 4.97 -46.07 -54.41
N SER G 742 4.52 -44.88 -54.82
CA SER G 742 4.40 -43.73 -53.93
C SER G 742 3.06 -43.04 -54.14
N GLN G 743 2.44 -42.60 -53.06
CA GLN G 743 1.15 -41.91 -53.12
C GLN G 743 1.22 -40.57 -52.40
N PHE G 744 2.30 -39.83 -52.67
CA PHE G 744 2.42 -38.47 -52.14
C PHE G 744 1.32 -37.57 -52.68
N ARG G 745 0.70 -36.82 -51.78
CA ARG G 745 -0.40 -35.94 -52.15
C ARG G 745 -0.37 -34.71 -51.26
N LEU G 746 -1.14 -33.69 -51.66
CA LEU G 746 -1.15 -32.40 -50.99
C LEU G 746 -2.50 -32.16 -50.33
N THR G 747 -2.48 -31.56 -49.13
CA THR G 747 -3.71 -31.19 -48.45
C THR G 747 -3.54 -29.82 -47.81
N TYR G 748 -4.66 -29.20 -47.47
CA TYR G 748 -4.59 -27.89 -46.82
C TYR G 748 -3.86 -27.92 -45.49
N THR G 749 -3.95 -29.03 -44.76
CA THR G 749 -3.34 -29.07 -43.44
C THR G 749 -1.82 -28.96 -43.49
N MET G 750 -1.19 -29.68 -44.41
CA MET G 750 0.27 -29.65 -44.50
C MET G 750 0.76 -28.26 -44.85
N ILE G 751 0.12 -27.63 -45.84
CA ILE G 751 0.55 -26.29 -46.28
C ILE G 751 0.31 -25.28 -45.17
N LEU G 752 -0.86 -25.36 -44.53
CA LEU G 752 -1.17 -24.40 -43.47
C LEU G 752 -0.19 -24.52 -42.32
N ASN G 753 0.14 -25.75 -41.93
CA ASN G 753 1.09 -25.93 -40.84
C ASN G 753 2.49 -25.46 -41.21
N LEU G 754 2.92 -25.72 -42.46
CA LEU G 754 4.26 -25.31 -42.86
C LEU G 754 4.36 -23.87 -43.33
N LEU G 755 3.26 -23.12 -43.38
CA LEU G 755 3.35 -21.73 -43.80
C LEU G 755 3.65 -20.83 -42.60
N ARG G 756 3.01 -21.10 -41.46
CA ARG G 756 3.20 -20.26 -40.28
C ARG G 756 4.65 -20.30 -39.84
N VAL G 757 5.16 -21.47 -39.50
CA VAL G 757 6.58 -21.60 -39.21
C VAL G 757 7.32 -21.70 -40.54
N ASP G 758 8.52 -21.12 -40.57
CA ASP G 758 9.33 -21.04 -41.79
C ASP G 758 10.71 -21.63 -41.52
N ALA G 759 10.83 -22.95 -41.72
CA ALA G 759 12.15 -23.57 -41.75
C ALA G 759 12.33 -24.44 -42.99
N LEU G 760 11.22 -24.92 -43.54
CA LEU G 760 11.24 -25.64 -44.81
C LEU G 760 10.39 -24.90 -45.85
N ARG G 761 10.24 -25.53 -47.02
CA ARG G 761 9.41 -25.02 -48.10
C ARG G 761 8.66 -26.18 -48.74
N VAL G 762 7.55 -25.84 -49.40
CA VAL G 762 6.76 -26.89 -50.06
C VAL G 762 7.49 -27.48 -51.25
N GLU G 763 8.34 -26.69 -51.92
CA GLU G 763 9.09 -27.27 -53.01
C GLU G 763 10.13 -28.26 -52.50
N ASP G 764 10.73 -27.99 -51.34
CA ASP G 764 11.72 -28.91 -50.79
C ASP G 764 11.12 -30.27 -50.44
N MET G 765 9.96 -30.29 -49.77
CA MET G 765 9.32 -31.58 -49.50
C MET G 765 8.79 -32.23 -50.78
N MET G 766 8.42 -31.42 -51.77
CA MET G 766 7.97 -31.97 -53.04
C MET G 766 9.10 -32.68 -53.77
N LYS G 767 10.26 -32.04 -53.88
CA LYS G 767 11.38 -32.58 -54.64
C LYS G 767 12.08 -33.70 -53.88
N ARG G 768 12.11 -33.64 -52.55
CA ARG G 768 12.80 -34.62 -51.74
C ARG G 768 11.91 -35.83 -51.44
N SER G 769 10.76 -35.92 -52.09
CA SER G 769 9.82 -37.02 -51.92
C SER G 769 10.31 -38.23 -52.71
N PHE G 770 9.47 -39.27 -52.77
CA PHE G 770 9.82 -40.50 -53.49
C PHE G 770 9.25 -40.56 -54.90
N SER G 771 8.24 -39.75 -55.21
CA SER G 771 7.69 -39.73 -56.56
C SER G 771 8.66 -39.15 -57.58
N GLU G 772 9.57 -38.28 -57.14
CA GLU G 772 10.58 -37.68 -58.00
C GLU G 772 11.90 -38.46 -58.00
N PHE G 773 11.95 -39.58 -57.30
CA PHE G 773 13.17 -40.39 -57.25
C PHE G 773 13.64 -40.87 -58.62
N PRO G 774 12.78 -41.40 -59.50
CA PRO G 774 13.25 -41.87 -60.82
C PRO G 774 13.77 -40.75 -61.70
N SER G 775 13.60 -39.51 -61.28
CA SER G 775 14.05 -38.30 -61.98
C SER G 775 15.26 -37.66 -61.34
N ARG G 776 15.30 -37.62 -60.01
CA ARG G 776 16.38 -36.96 -59.31
C ARG G 776 17.50 -37.91 -58.90
N LYS G 777 17.47 -39.17 -59.34
CA LYS G 777 18.58 -40.06 -58.99
C LYS G 777 19.91 -39.62 -59.62
N ASP G 778 19.89 -38.93 -60.75
CA ASP G 778 21.12 -38.52 -61.41
C ASP G 778 21.21 -37.01 -61.56
N SER G 779 20.83 -36.28 -60.51
CA SER G 779 20.82 -34.82 -60.63
C SER G 779 22.23 -34.26 -60.72
N LYS G 780 23.12 -34.71 -59.83
CA LYS G 780 24.48 -34.19 -59.81
C LYS G 780 25.13 -34.36 -61.18
N ALA G 781 24.98 -35.55 -61.76
CA ALA G 781 25.41 -35.79 -63.12
C ALA G 781 24.72 -34.86 -64.11
N HIS G 782 23.47 -34.49 -63.81
CA HIS G 782 22.76 -33.61 -64.74
C HIS G 782 23.41 -32.23 -64.80
N GLU G 783 23.67 -31.61 -63.63
CA GLU G 783 24.33 -30.30 -63.73
C GLU G 783 25.79 -30.42 -64.13
N GLN G 784 26.44 -31.56 -63.87
CA GLN G 784 27.81 -31.73 -64.36
C GLN G 784 27.84 -31.77 -65.88
N ALA G 785 26.91 -32.51 -66.48
CA ALA G 785 26.83 -32.54 -67.94
C ALA G 785 26.43 -31.17 -68.48
N LEU G 786 25.55 -30.45 -67.77
CA LEU G 786 25.22 -29.09 -68.18
C LEU G 786 26.46 -28.21 -68.23
N ALA G 787 27.29 -28.26 -67.18
CA ALA G 787 28.50 -27.45 -67.15
C ALA G 787 29.46 -27.83 -68.28
N GLU G 788 29.65 -29.13 -68.52
CA GLU G 788 30.54 -29.56 -69.59
C GLU G 788 30.02 -29.11 -70.95
N LEU G 789 28.71 -29.23 -71.18
CA LEU G 789 28.13 -28.85 -72.45
C LEU G 789 28.16 -27.33 -72.65
N THR G 790 27.98 -26.57 -71.57
CA THR G 790 28.10 -25.12 -71.68
C THR G 790 29.52 -24.72 -71.99
N LYS G 791 30.50 -25.42 -71.42
CA LYS G 791 31.89 -25.14 -71.79
C LYS G 791 32.11 -25.47 -73.25
N ARG G 792 31.51 -26.57 -73.73
CA ARG G 792 31.62 -26.94 -75.13
C ARG G 792 30.93 -25.94 -76.04
N LEU G 793 30.04 -25.10 -75.48
CA LEU G 793 29.37 -24.09 -76.30
C LEU G 793 30.34 -23.02 -76.78
N GLY G 794 31.25 -22.60 -75.91
CA GLY G 794 32.20 -21.54 -76.20
C GLY G 794 33.26 -21.89 -77.22
N ALA G 795 33.45 -23.18 -77.49
CA ALA G 795 34.46 -23.66 -78.44
C ALA G 795 34.02 -23.61 -79.89
N LEU G 796 32.80 -23.17 -80.18
CA LEU G 796 32.27 -23.12 -81.54
C LEU G 796 32.36 -21.70 -82.06
N GLU G 797 33.08 -21.52 -83.17
CA GLU G 797 33.16 -20.22 -83.83
C GLU G 797 31.80 -19.82 -84.41
N GLU G 798 31.57 -18.53 -84.48
CA GLU G 798 30.31 -17.99 -84.96
C GLU G 798 30.18 -18.24 -86.46
N PRO G 799 29.13 -18.91 -86.93
CA PRO G 799 28.95 -19.11 -88.38
C PRO G 799 28.71 -17.78 -89.10
N ASP G 800 29.15 -17.74 -90.35
CA ASP G 800 29.08 -16.50 -91.13
C ASP G 800 27.63 -16.14 -91.40
N MET G 801 27.27 -14.89 -91.09
CA MET G 801 25.92 -14.39 -91.30
C MET G 801 25.83 -13.23 -92.27
N THR G 802 26.94 -12.82 -92.88
CA THR G 802 26.96 -11.69 -93.79
C THR G 802 27.20 -12.16 -95.22
N GLY G 803 26.91 -11.29 -96.17
CA GLY G 803 27.01 -11.63 -97.57
C GLY G 803 25.72 -12.24 -98.09
N GLN G 804 25.84 -13.38 -98.78
CA GLN G 804 24.69 -14.12 -99.28
C GLN G 804 24.24 -15.21 -98.30
N LEU G 805 24.90 -15.35 -97.15
CA LEU G 805 24.44 -16.23 -96.09
C LEU G 805 23.51 -15.53 -95.10
N VAL G 806 22.86 -14.43 -95.50
CA VAL G 806 21.94 -13.74 -94.60
C VAL G 806 20.72 -14.61 -94.31
N ASP G 807 20.21 -15.32 -95.31
CA ASP G 807 19.04 -16.18 -95.19
C ASP G 807 19.35 -17.55 -94.58
N LEU G 808 20.57 -17.75 -94.10
CA LEU G 808 20.95 -19.04 -93.54
C LEU G 808 20.12 -19.44 -92.33
N PRO G 809 19.90 -18.60 -91.31
CA PRO G 809 19.04 -19.05 -90.20
C PRO G 809 17.61 -19.31 -90.61
N GLU G 810 17.06 -18.47 -91.50
CA GLU G 810 15.71 -18.70 -91.98
C GLU G 810 15.64 -19.98 -92.81
N TYR G 811 16.68 -20.25 -93.60
CA TYR G 811 16.72 -21.50 -94.35
C TYR G 811 16.79 -22.70 -93.41
N TYR G 812 17.58 -22.62 -92.35
CA TYR G 812 17.63 -23.69 -91.37
C TYR G 812 16.27 -23.92 -90.74
N SER G 813 15.60 -22.83 -90.35
CA SER G 813 14.27 -22.96 -89.77
C SER G 813 13.30 -23.58 -90.76
N TRP G 814 13.35 -23.17 -92.02
CA TRP G 814 12.50 -23.75 -93.06
C TRP G 814 12.75 -25.24 -93.18
N GLY G 815 14.02 -25.65 -93.21
CA GLY G 815 14.34 -27.06 -93.37
C GLY G 815 13.86 -27.89 -92.20
N GLU G 816 14.13 -27.42 -90.98
CA GLU G 816 13.71 -28.17 -89.79
C GLU G 816 12.19 -28.25 -89.72
N GLU G 817 11.50 -27.13 -90.00
CA GLU G 817 10.05 -27.12 -89.97
C GLU G 817 9.48 -28.06 -91.01
N LEU G 818 10.04 -28.08 -92.22
CA LEU G 818 9.54 -28.99 -93.25
C LEU G 818 9.79 -30.45 -92.87
N THR G 819 10.96 -30.76 -92.31
CA THR G 819 11.23 -32.13 -91.90
C THR G 819 10.24 -32.59 -90.84
N GLU G 820 10.01 -31.75 -89.81
CA GLU G 820 9.09 -32.13 -88.76
C GLU G 820 7.67 -32.25 -89.29
N THR G 821 7.25 -31.31 -90.15
CA THR G 821 5.89 -31.38 -90.68
C THR G 821 5.70 -32.61 -91.55
N GLN G 822 6.69 -32.98 -92.36
CA GLN G 822 6.55 -34.18 -93.16
C GLN G 822 6.50 -35.44 -92.30
N HIS G 823 7.32 -35.49 -91.24
CA HIS G 823 7.25 -36.63 -90.33
C HIS G 823 5.88 -36.74 -89.66
N MET G 824 5.35 -35.60 -89.17
CA MET G 824 4.03 -35.62 -88.55
C MET G 824 2.95 -35.99 -89.55
N ILE G 825 3.09 -35.51 -90.79
CA ILE G 825 2.10 -35.80 -91.82
C ILE G 825 2.05 -37.30 -92.08
N GLN G 826 3.22 -37.92 -92.25
CA GLN G 826 3.23 -39.36 -92.45
C GLN G 826 2.68 -40.09 -91.23
N ARG G 827 3.01 -39.61 -90.03
CA ARG G 827 2.47 -40.24 -88.82
C ARG G 827 0.94 -40.21 -88.76
N ARG G 828 0.31 -39.04 -88.99
CA ARG G 828 -1.16 -39.04 -88.98
C ARG G 828 -1.74 -39.88 -90.10
N ILE G 829 -1.05 -39.97 -91.25
CA ILE G 829 -1.58 -40.81 -92.33
C ILE G 829 -1.53 -42.29 -91.94
N MET G 830 -0.47 -42.71 -91.26
CA MET G 830 -0.31 -44.13 -90.96
C MET G 830 -1.48 -44.67 -90.14
N GLU G 831 -1.81 -44.04 -89.00
CA GLU G 831 -2.76 -44.66 -88.08
C GLU G 831 -4.17 -44.75 -88.65
N SER G 832 -4.46 -44.02 -89.74
CA SER G 832 -5.75 -44.13 -90.38
C SER G 832 -5.87 -45.47 -91.09
N VAL G 833 -6.98 -46.17 -90.86
CA VAL G 833 -7.20 -47.47 -91.48
C VAL G 833 -7.35 -47.34 -92.99
N ASN G 834 -7.80 -46.17 -93.47
CA ASN G 834 -7.88 -45.95 -94.91
C ASN G 834 -6.51 -46.07 -95.56
N GLY G 835 -5.49 -45.48 -94.94
CA GLY G 835 -4.15 -45.59 -95.47
C GLY G 835 -3.61 -47.02 -95.44
N LEU G 836 -3.91 -47.75 -94.36
CA LEU G 836 -3.47 -49.14 -94.29
C LEU G 836 -4.15 -49.99 -95.35
N LYS G 837 -5.43 -49.74 -95.61
CA LYS G 837 -6.10 -50.42 -96.72
C LYS G 837 -5.45 -50.03 -98.05
N SER G 838 -5.04 -48.77 -98.18
CA SER G 838 -4.39 -48.33 -99.42
C SER G 838 -3.11 -49.09 -99.68
N LEU G 839 -2.43 -49.56 -98.63
CA LEU G 839 -1.19 -50.31 -98.80
C LEU G 839 -1.48 -51.78 -99.10
N SER G 840 -2.28 -52.04 -100.13
CA SER G 840 -2.60 -53.38 -100.56
C SER G 840 -1.60 -53.86 -101.61
N ALA G 841 -1.87 -54.99 -102.24
CA ALA G 841 -1.01 -55.51 -103.29
C ALA G 841 -0.97 -54.54 -104.47
N GLY G 842 0.22 -54.26 -104.96
CA GLY G 842 0.39 -53.35 -106.07
C GLY G 842 0.61 -51.90 -105.69
N ARG G 843 0.57 -51.57 -104.41
CA ARG G 843 0.77 -50.20 -103.97
C ARG G 843 2.25 -49.85 -103.98
N VAL G 844 2.58 -48.73 -104.60
CA VAL G 844 3.96 -48.24 -104.71
C VAL G 844 4.10 -47.04 -103.78
N VAL G 845 5.08 -47.10 -102.88
CA VAL G 845 5.30 -46.10 -101.86
C VAL G 845 6.77 -45.69 -101.87
N VAL G 846 7.10 -44.73 -101.02
CA VAL G 846 8.46 -44.23 -100.87
C VAL G 846 9.07 -44.91 -99.65
N VAL G 847 10.29 -45.42 -99.80
CA VAL G 847 10.98 -46.16 -98.76
C VAL G 847 12.15 -45.34 -98.25
N LYS G 848 12.23 -45.18 -96.94
CA LYS G 848 13.29 -44.39 -96.28
C LYS G 848 13.90 -45.26 -95.19
N ASN G 849 14.92 -46.02 -95.56
CA ASN G 849 15.63 -46.90 -94.62
C ASN G 849 17.12 -46.76 -94.90
N GLN G 850 17.91 -47.63 -94.27
CA GLN G 850 19.35 -47.60 -94.40
C GLN G 850 19.85 -48.22 -95.71
N GLU G 851 18.97 -48.86 -96.48
CA GLU G 851 19.36 -49.48 -97.75
C GLU G 851 18.62 -48.89 -98.95
N HIS G 852 17.69 -47.95 -98.73
CA HIS G 852 16.97 -47.32 -99.83
C HIS G 852 16.64 -45.90 -99.39
N HIS G 853 17.43 -44.93 -99.87
CA HIS G 853 17.19 -43.53 -99.55
C HIS G 853 16.13 -43.00 -100.52
N ASN G 854 14.93 -42.71 -100.00
CA ASN G 854 13.78 -42.23 -100.76
C ASN G 854 13.61 -42.97 -102.09
N ALA G 855 13.77 -44.30 -102.06
CA ALA G 855 13.72 -45.12 -103.26
C ALA G 855 12.34 -45.77 -103.38
N LEU G 856 11.77 -45.70 -104.57
CA LEU G 856 10.40 -46.16 -104.78
C LEU G 856 10.36 -47.68 -104.85
N GLY G 857 9.33 -48.25 -104.23
CA GLY G 857 9.15 -49.69 -104.25
C GLY G 857 7.68 -50.03 -104.14
N VAL G 858 7.37 -51.29 -104.45
CA VAL G 858 6.01 -51.80 -104.43
C VAL G 858 5.90 -52.89 -103.38
N ILE G 859 4.86 -52.82 -102.56
CA ILE G 859 4.65 -53.81 -101.51
C ILE G 859 4.19 -55.10 -102.16
N LEU G 860 5.01 -56.16 -102.06
CA LEU G 860 4.68 -57.41 -102.71
C LEU G 860 3.57 -58.14 -101.95
N GLN G 861 3.64 -58.17 -100.62
CA GLN G 861 2.63 -58.82 -99.82
C GLN G 861 2.68 -58.27 -98.41
N VAL G 862 1.56 -58.39 -97.70
CA VAL G 862 1.44 -57.98 -96.31
C VAL G 862 0.99 -59.18 -95.49
N SER G 863 1.71 -59.47 -94.41
CA SER G 863 1.40 -60.64 -93.60
C SER G 863 0.03 -60.51 -92.94
N SER G 864 -0.65 -61.65 -92.77
CA SER G 864 -1.97 -61.70 -92.17
C SER G 864 -1.96 -61.35 -90.68
N ASN G 865 -0.79 -61.29 -90.05
CA ASN G 865 -0.71 -60.95 -88.64
C ASN G 865 -1.27 -59.56 -88.37
N SER G 866 -2.12 -59.44 -87.35
CA SER G 866 -2.74 -58.18 -86.99
C SER G 866 -1.94 -57.39 -85.98
N THR G 867 -1.26 -58.07 -85.04
CA THR G 867 -0.47 -57.38 -84.04
C THR G 867 0.77 -56.72 -84.63
N SER G 868 1.26 -57.20 -85.77
CA SER G 868 2.41 -56.59 -86.43
C SER G 868 2.36 -56.99 -87.90
N ARG G 869 2.13 -56.00 -88.77
CA ARG G 869 1.97 -56.25 -90.20
C ARG G 869 3.30 -56.06 -90.92
N VAL G 870 3.70 -57.10 -91.65
CA VAL G 870 4.93 -57.13 -92.42
C VAL G 870 4.73 -56.39 -93.74
N PHE G 871 5.76 -55.65 -94.17
CA PHE G 871 5.72 -54.90 -95.42
C PHE G 871 6.97 -55.32 -96.19
N THR G 872 6.84 -56.38 -96.99
CA THR G 872 7.93 -56.83 -97.85
C THR G 872 7.80 -56.05 -99.16
N THR G 873 8.69 -55.09 -99.38
CA THR G 873 8.60 -54.18 -100.50
C THR G 873 9.76 -54.42 -101.45
N LEU G 874 9.45 -54.67 -102.73
CA LEU G 874 10.49 -54.79 -103.74
C LEU G 874 10.87 -53.39 -104.21
N VAL G 875 12.13 -53.01 -103.99
CA VAL G 875 12.58 -51.65 -104.24
C VAL G 875 13.79 -51.69 -105.17
N LEU G 876 13.79 -50.78 -106.15
CA LEU G 876 14.90 -50.68 -107.09
C LEU G 876 16.19 -50.30 -106.37
N CYS G 877 17.30 -50.90 -106.80
CA CYS G 877 18.59 -50.60 -106.22
C CYS G 877 19.67 -50.85 -107.27
N ASP G 878 20.84 -50.29 -107.02
CA ASP G 878 22.00 -50.49 -107.89
C ASP G 878 22.72 -51.78 -107.52
N LYS G 879 23.50 -52.28 -108.47
CA LYS G 879 24.29 -53.46 -108.22
C LYS G 879 25.43 -53.12 -107.27
N PRO G 880 25.59 -53.84 -106.15
CA PRO G 880 26.63 -53.49 -105.18
C PRO G 880 28.02 -53.65 -105.78
N LEU G 881 28.73 -52.54 -105.90
CA LEU G 881 30.08 -52.56 -106.44
C LEU G 881 31.00 -53.30 -105.46
N SER G 882 31.78 -54.25 -105.99
CA SER G 882 32.65 -55.10 -105.19
C SER G 882 31.86 -55.88 -104.14
N GLN G 883 32.56 -56.50 -103.20
CA GLN G 883 31.90 -57.22 -102.12
C GLN G 883 32.58 -56.95 -100.78
N ASP G 884 33.15 -55.76 -100.61
CA ASP G 884 33.80 -55.38 -99.37
C ASP G 884 32.88 -54.45 -98.58
N PRO G 885 32.20 -54.93 -97.53
CA PRO G 885 31.30 -54.03 -96.78
C PRO G 885 32.04 -52.89 -96.09
N GLN G 886 33.33 -53.05 -95.79
CA GLN G 886 34.09 -52.03 -95.10
C GLN G 886 34.50 -50.88 -96.02
N ASP G 887 34.40 -51.06 -97.34
CA ASP G 887 34.77 -50.01 -98.28
C ASP G 887 33.73 -48.90 -98.39
N ARG G 888 32.54 -49.09 -97.83
CA ARG G 888 31.54 -48.03 -97.79
C ARG G 888 32.04 -46.91 -96.88
N GLY G 889 32.33 -45.75 -97.47
CA GLY G 889 32.85 -44.64 -96.73
C GLY G 889 31.84 -44.04 -95.77
N PRO G 890 32.29 -43.13 -94.92
CA PRO G 890 31.37 -42.48 -93.97
C PRO G 890 30.25 -41.76 -94.69
N ALA G 891 29.07 -41.78 -94.08
CA ALA G 891 27.89 -41.16 -94.68
C ALA G 891 28.08 -39.67 -94.82
N THR G 892 28.16 -39.20 -96.07
CA THR G 892 28.39 -37.78 -96.33
C THR G 892 27.20 -36.96 -95.85
N ALA G 893 27.49 -35.72 -95.44
CA ALA G 893 26.45 -34.84 -94.92
C ALA G 893 25.54 -34.44 -96.08
N GLU G 894 24.32 -34.98 -96.08
CA GLU G 894 23.33 -34.63 -97.10
C GLU G 894 22.62 -33.35 -96.70
N VAL G 895 23.33 -32.24 -96.85
CA VAL G 895 22.76 -30.94 -96.50
C VAL G 895 21.53 -30.67 -97.35
N PRO G 896 20.39 -30.31 -96.76
CA PRO G 896 19.15 -30.21 -97.54
C PRO G 896 19.20 -29.10 -98.58
N TYR G 897 19.16 -29.46 -99.85
CA TYR G 897 19.08 -28.50 -100.93
C TYR G 897 17.62 -28.21 -101.25
N PRO G 898 17.33 -27.20 -102.09
CA PRO G 898 15.94 -27.01 -102.51
C PRO G 898 15.32 -28.23 -103.18
N ASP G 899 16.10 -29.04 -103.87
CA ASP G 899 15.58 -30.28 -104.43
C ASP G 899 15.11 -31.23 -103.34
N ASP G 900 15.88 -31.34 -102.26
CA ASP G 900 15.51 -32.24 -101.17
C ASP G 900 14.34 -31.68 -100.37
N LEU G 901 14.37 -30.39 -100.07
CA LEU G 901 13.33 -29.80 -99.22
C LEU G 901 12.00 -29.72 -99.96
N VAL G 902 12.04 -29.36 -101.23
CA VAL G 902 10.82 -29.30 -102.03
C VAL G 902 10.57 -30.71 -102.57
N GLY G 903 9.55 -31.37 -102.06
CA GLY G 903 9.25 -32.75 -102.40
C GLY G 903 10.34 -33.68 -101.92
N PHE G 904 10.59 -34.74 -102.70
CA PHE G 904 11.63 -35.72 -102.41
C PHE G 904 12.52 -35.91 -103.62
N LYS G 905 13.81 -35.61 -103.49
CA LYS G 905 14.77 -35.88 -104.55
C LYS G 905 15.00 -37.38 -104.65
N LEU G 906 14.47 -37.99 -105.70
CA LEU G 906 14.50 -39.45 -105.82
C LEU G 906 15.92 -39.93 -106.07
N PHE G 907 16.21 -41.15 -105.62
CA PHE G 907 17.48 -41.80 -105.86
C PHE G 907 17.39 -42.57 -107.18
N LEU G 908 18.05 -42.04 -108.21
CA LEU G 908 17.92 -42.72 -109.49
C LEU G 908 19.12 -43.62 -109.76
N PRO G 909 18.90 -44.80 -110.34
CA PRO G 909 20.02 -45.70 -110.65
C PRO G 909 20.87 -45.18 -111.79
N GLU G 910 22.09 -44.76 -111.49
CA GLU G 910 23.01 -44.23 -112.48
C GLU G 910 23.83 -45.30 -113.19
N GLY G 911 23.64 -46.57 -112.84
CA GLY G 911 24.33 -47.65 -113.49
C GLY G 911 23.41 -48.84 -113.74
N PRO G 912 23.92 -50.05 -113.51
CA PRO G 912 23.08 -51.24 -113.65
C PRO G 912 21.95 -51.22 -112.64
N CYS G 913 20.81 -51.77 -113.04
CA CYS G 913 19.60 -51.78 -112.24
C CYS G 913 19.42 -53.16 -111.61
N ASP G 914 19.29 -53.20 -110.29
CA ASP G 914 19.08 -54.41 -109.53
C ASP G 914 17.75 -54.30 -108.79
N HIS G 915 17.46 -55.29 -107.96
CA HIS G 915 16.24 -55.27 -107.17
C HIS G 915 16.46 -56.08 -105.90
N THR G 916 15.68 -55.74 -104.86
CA THR G 916 15.74 -56.44 -103.59
C THR G 916 14.45 -56.15 -102.83
N VAL G 917 14.12 -57.04 -101.90
CA VAL G 917 12.92 -56.91 -101.08
C VAL G 917 13.37 -56.87 -99.62
N VAL G 918 12.91 -55.84 -98.91
CA VAL G 918 13.32 -55.59 -97.54
C VAL G 918 12.08 -55.51 -96.66
N LYS G 919 12.14 -56.16 -95.51
CA LYS G 919 11.05 -56.07 -94.54
C LYS G 919 11.13 -54.71 -93.84
N LEU G 920 10.09 -53.90 -94.03
CA LEU G 920 10.12 -52.50 -93.63
C LEU G 920 9.22 -52.27 -92.42
N GLN G 921 9.30 -51.04 -91.91
CA GLN G 921 8.50 -50.59 -90.79
C GLN G 921 7.71 -49.35 -91.19
N PRO G 922 6.65 -49.01 -90.45
CA PRO G 922 5.86 -47.81 -90.81
C PRO G 922 6.69 -46.54 -90.88
N GLY G 923 7.70 -46.40 -90.01
CA GLY G 923 8.54 -45.22 -90.08
C GLY G 923 9.45 -45.22 -91.28
N ASP G 924 9.79 -46.40 -91.80
CA ASP G 924 10.65 -46.51 -92.97
C ASP G 924 9.92 -46.17 -94.26
N MET G 925 8.60 -45.99 -94.22
CA MET G 925 7.84 -45.59 -95.40
C MET G 925 7.69 -44.07 -95.35
N ALA G 926 8.54 -43.38 -96.12
CA ALA G 926 8.56 -41.93 -96.08
C ALA G 926 7.27 -41.33 -96.60
N ALA G 927 6.71 -41.90 -97.67
CA ALA G 927 5.51 -41.34 -98.27
C ALA G 927 4.74 -42.44 -98.98
N ILE G 928 3.47 -42.16 -99.26
CA ILE G 928 2.56 -43.07 -99.94
C ILE G 928 2.07 -42.39 -101.21
N THR G 929 2.10 -43.11 -102.32
CA THR G 929 1.73 -42.58 -103.62
C THR G 929 0.46 -43.22 -104.12
N THR G 930 -0.26 -42.50 -104.99
CA THR G 930 -1.53 -42.99 -105.51
C THR G 930 -1.35 -44.04 -106.60
N LYS G 931 -0.23 -44.01 -107.32
CA LYS G 931 -0.05 -44.92 -108.44
C LYS G 931 -0.03 -46.37 -107.99
N VAL G 932 -0.72 -47.23 -108.74
CA VAL G 932 -0.83 -48.65 -108.45
C VAL G 932 -0.38 -49.44 -109.67
N LEU G 933 0.47 -50.44 -109.45
CA LEU G 933 0.97 -51.31 -110.51
C LEU G 933 0.41 -52.71 -110.29
N ARG G 934 -0.28 -53.24 -111.28
CA ARG G 934 -0.86 -54.58 -111.19
C ARG G 934 0.26 -55.61 -111.29
N VAL G 935 0.67 -56.14 -110.14
CA VAL G 935 1.77 -57.09 -110.06
C VAL G 935 1.31 -58.31 -109.28
N ASN G 936 2.00 -59.43 -109.51
CA ASN G 936 1.70 -60.69 -108.85
C ASN G 936 2.76 -60.91 -107.76
N GLY G 937 2.42 -60.50 -106.53
CA GLY G 937 3.39 -60.56 -105.44
C GLY G 937 3.84 -61.97 -105.11
N GLU G 938 2.94 -62.95 -105.22
CA GLU G 938 3.26 -64.32 -104.83
C GLU G 938 4.38 -64.89 -105.67
N LYS G 939 4.28 -64.80 -107.00
CA LYS G 939 5.31 -65.35 -107.86
C LYS G 939 6.64 -64.63 -107.68
N ILE G 940 6.60 -63.30 -107.54
CA ILE G 940 7.82 -62.53 -107.36
C ILE G 940 8.52 -62.92 -106.06
N LEU G 941 7.76 -63.05 -104.97
CA LEU G 941 8.34 -63.45 -103.69
C LEU G 941 8.91 -64.86 -103.75
N GLU G 942 8.18 -65.77 -104.41
CA GLU G 942 8.66 -67.14 -104.57
C GLU G 942 9.98 -67.15 -105.34
N ASP G 943 10.06 -66.36 -106.42
CA ASP G 943 11.28 -66.30 -107.21
C ASP G 943 12.44 -65.68 -106.43
N PHE G 944 12.17 -64.65 -105.64
CA PHE G 944 13.23 -64.05 -104.84
C PHE G 944 13.77 -65.03 -103.80
N SER G 945 12.87 -65.76 -103.15
CA SER G 945 13.31 -66.77 -102.18
C SER G 945 14.02 -67.92 -102.86
N LYS G 946 13.60 -68.26 -104.09
CA LYS G 946 14.32 -69.27 -104.85
C LYS G 946 15.74 -68.78 -105.18
N ARG G 947 15.86 -67.51 -105.55
CA ARG G 947 17.16 -66.93 -105.87
C ARG G 947 18.03 -66.74 -104.64
N GLN G 948 17.48 -66.89 -103.44
CA GLN G 948 18.31 -66.74 -102.24
C GLN G 948 19.34 -67.86 -102.12
N GLN G 949 19.02 -69.06 -102.59
CA GLN G 949 19.98 -70.15 -102.55
C GLN G 949 21.15 -69.85 -103.49
N PRO G 950 22.37 -70.25 -103.13
CA PRO G 950 23.51 -69.98 -104.04
C PRO G 950 23.35 -70.66 -105.39
N LYS G 951 22.69 -71.81 -105.44
CA LYS G 951 22.52 -72.54 -106.69
C LYS G 951 21.72 -71.74 -107.70
N PHE G 952 20.66 -71.06 -107.24
CA PHE G 952 19.78 -70.25 -108.06
C PHE G 952 20.02 -68.75 -107.87
N LYS G 953 21.15 -68.38 -107.26
CA LYS G 953 21.45 -66.98 -107.00
C LYS G 953 21.71 -66.21 -108.30
N LYS G 954 22.36 -66.86 -109.26
CA LYS G 954 22.70 -66.23 -110.53
C LYS G 954 21.59 -66.33 -111.57
N ASP G 955 20.46 -66.92 -111.21
CA ASP G 955 19.33 -66.99 -112.14
C ASP G 955 18.73 -65.60 -112.29
N PRO G 956 18.57 -65.10 -113.52
CA PRO G 956 17.96 -63.79 -113.72
C PRO G 956 16.49 -63.79 -113.32
N PRO G 957 15.94 -62.61 -113.00
CA PRO G 957 14.53 -62.55 -112.60
C PRO G 957 13.61 -62.99 -113.72
N LEU G 958 12.44 -63.49 -113.34
CA LEU G 958 11.51 -64.10 -114.29
C LEU G 958 10.72 -62.99 -114.99
N ALA G 959 9.69 -63.40 -115.74
CA ALA G 959 8.98 -62.46 -116.62
C ALA G 959 8.27 -61.39 -115.81
N ALA G 960 7.46 -61.80 -114.84
CA ALA G 960 6.67 -60.83 -114.07
C ALA G 960 7.58 -59.98 -113.18
N VAL G 961 8.62 -60.58 -112.60
CA VAL G 961 9.54 -59.82 -111.75
C VAL G 961 10.23 -58.73 -112.57
N THR G 962 10.74 -59.10 -113.75
CA THR G 962 11.42 -58.13 -114.60
C THR G 962 10.44 -57.08 -115.12
N THR G 963 9.20 -57.49 -115.40
CA THR G 963 8.18 -56.52 -115.83
C THR G 963 7.89 -55.51 -114.74
N ALA G 964 7.77 -55.96 -113.49
CA ALA G 964 7.55 -55.03 -112.38
C ALA G 964 8.76 -54.12 -112.18
N VAL G 965 9.97 -54.68 -112.32
CA VAL G 965 11.18 -53.87 -112.21
C VAL G 965 11.21 -52.78 -113.27
N GLN G 966 10.87 -53.14 -114.51
CA GLN G 966 10.88 -52.17 -115.60
C GLN G 966 9.78 -51.12 -115.41
N GLU G 967 8.61 -51.53 -114.93
CA GLU G 967 7.55 -50.56 -114.66
C GLU G 967 7.97 -49.58 -113.57
N LEU G 968 8.60 -50.07 -112.50
CA LEU G 968 9.09 -49.18 -111.46
C LEU G 968 10.16 -48.24 -112.00
N LEU G 969 11.07 -48.76 -112.84
CA LEU G 969 12.09 -47.92 -113.45
C LEU G 969 11.47 -46.82 -114.29
N ARG G 970 10.46 -47.17 -115.10
CA ARG G 970 9.79 -46.19 -115.93
C ARG G 970 9.11 -45.12 -115.09
N LEU G 971 8.43 -45.54 -114.02
CA LEU G 971 7.74 -44.57 -113.18
C LEU G 971 8.73 -43.66 -112.45
N ALA G 972 9.88 -44.20 -112.05
CA ALA G 972 10.88 -43.39 -111.36
C ALA G 972 11.57 -42.42 -112.31
N GLN G 973 11.81 -42.85 -113.55
CA GLN G 973 12.47 -41.97 -114.52
C GLN G 973 11.51 -40.92 -115.08
N ALA G 974 10.22 -41.25 -115.18
CA ALA G 974 9.25 -40.28 -115.67
C ALA G 974 9.03 -39.14 -114.69
N HIS G 975 9.22 -39.40 -113.39
CA HIS G 975 9.07 -38.39 -112.35
C HIS G 975 10.31 -38.40 -111.46
N PRO G 976 11.43 -37.89 -111.96
CA PRO G 976 12.65 -37.84 -111.14
C PRO G 976 12.51 -36.99 -109.90
N ALA G 977 11.64 -35.97 -109.93
CA ALA G 977 11.41 -35.11 -108.78
C ALA G 977 10.49 -35.75 -107.74
N GLY G 978 9.86 -36.88 -108.06
CA GLY G 978 8.98 -37.55 -107.15
C GLY G 978 7.66 -37.91 -107.80
N PRO G 979 7.18 -39.13 -107.53
CA PRO G 979 5.88 -39.52 -108.08
C PRO G 979 4.77 -38.71 -107.44
N PRO G 980 3.64 -38.55 -108.14
CA PRO G 980 2.51 -37.78 -107.58
C PRO G 980 2.07 -38.35 -106.24
N THR G 981 2.22 -37.54 -105.20
CA THR G 981 1.88 -37.97 -103.84
C THR G 981 0.40 -37.74 -103.59
N LEU G 982 -0.20 -38.67 -102.84
CA LEU G 982 -1.62 -38.57 -102.53
C LEU G 982 -1.86 -37.36 -101.63
N ASP G 983 -2.99 -36.70 -101.85
CA ASP G 983 -3.32 -35.53 -101.07
C ASP G 983 -3.67 -35.99 -99.65
N PRO G 984 -3.01 -35.49 -98.61
CA PRO G 984 -3.41 -35.85 -97.24
C PRO G 984 -4.81 -35.40 -96.86
N VAL G 985 -5.37 -34.44 -97.57
CA VAL G 985 -6.65 -33.84 -97.22
C VAL G 985 -7.78 -34.40 -98.07
N ASN G 986 -7.59 -34.40 -99.39
CA ASN G 986 -8.66 -34.72 -100.32
C ASN G 986 -8.65 -36.19 -100.71
N ASP G 987 -7.45 -36.76 -100.94
CA ASP G 987 -7.39 -38.14 -101.40
C ASP G 987 -7.83 -39.09 -100.29
N LEU G 988 -7.35 -38.89 -99.07
CA LEU G 988 -7.74 -39.72 -97.95
C LEU G 988 -8.90 -39.15 -97.13
N GLN G 989 -9.45 -38.01 -97.55
CA GLN G 989 -10.62 -37.40 -96.90
C GLN G 989 -10.37 -37.13 -95.42
N LEU G 990 -9.16 -36.69 -95.09
CA LEU G 990 -8.82 -36.34 -93.70
C LEU G 990 -9.10 -34.85 -93.50
N LYS G 991 -10.37 -34.55 -93.18
CA LYS G 991 -10.81 -33.17 -93.00
C LYS G 991 -10.49 -32.68 -91.59
N ASP G 992 -9.19 -32.64 -91.30
CA ASP G 992 -8.65 -32.10 -90.06
C ASP G 992 -8.02 -30.73 -90.29
N MET G 993 -8.42 -29.75 -89.48
CA MET G 993 -7.92 -28.39 -89.65
C MET G 993 -6.40 -28.37 -89.56
N SER G 994 -5.84 -29.11 -88.61
CA SER G 994 -4.40 -29.16 -88.45
C SER G 994 -3.74 -29.71 -89.72
N VAL G 995 -4.34 -30.73 -90.33
CA VAL G 995 -3.77 -31.33 -91.53
C VAL G 995 -3.72 -30.31 -92.67
N VAL G 996 -4.83 -29.61 -92.91
CA VAL G 996 -4.87 -28.63 -94.00
C VAL G 996 -3.86 -27.50 -93.74
N GLU G 997 -3.82 -27.01 -92.50
CA GLU G 997 -2.92 -25.91 -92.16
C GLU G 997 -1.45 -26.32 -92.27
N GLY G 998 -1.11 -27.54 -91.83
CA GLY G 998 0.25 -28.02 -91.96
C GLY G 998 0.63 -28.19 -93.42
N GLY G 999 -0.32 -28.62 -94.25
CA GLY G 999 -0.08 -28.72 -95.67
C GLY G 999 0.21 -27.36 -96.26
N LEU G 1000 -0.60 -26.37 -95.90
CA LEU G 1000 -0.37 -25.02 -96.40
C LEU G 1000 1.00 -24.49 -95.99
N ARG G 1001 1.43 -24.72 -94.73
CA ARG G 1001 2.81 -24.32 -94.42
C ARG G 1001 3.82 -25.05 -95.27
N ALA G 1002 3.61 -26.33 -95.55
CA ALA G 1002 4.62 -27.04 -96.33
C ALA G 1002 4.72 -26.49 -97.75
N ARG G 1003 3.58 -26.25 -98.40
CA ARG G 1003 3.64 -25.63 -99.72
C ARG G 1003 4.26 -24.23 -99.68
N LYS G 1004 3.88 -23.41 -98.69
CA LYS G 1004 4.46 -22.08 -98.60
C LYS G 1004 5.97 -22.12 -98.36
N LEU G 1005 6.42 -23.02 -97.48
CA LEU G 1005 7.84 -23.13 -97.20
C LEU G 1005 8.61 -23.61 -98.42
N GLU G 1006 8.05 -24.55 -99.18
CA GLU G 1006 8.72 -24.96 -100.43
C GLU G 1006 8.81 -23.79 -101.40
N GLU G 1007 7.73 -23.03 -101.54
CA GLU G 1007 7.78 -21.86 -102.42
C GLU G 1007 8.83 -20.85 -101.98
N LEU G 1008 8.93 -20.58 -100.68
CA LEU G 1008 9.92 -19.63 -100.21
C LEU G 1008 11.34 -20.17 -100.36
N ILE G 1009 11.52 -21.48 -100.17
CA ILE G 1009 12.84 -22.09 -100.34
C ILE G 1009 13.28 -22.00 -101.79
N GLN G 1010 12.33 -22.11 -102.73
CA GLN G 1010 12.69 -22.01 -104.14
C GLN G 1010 13.34 -20.68 -104.47
N GLY G 1011 13.13 -19.65 -103.64
CA GLY G 1011 13.72 -18.35 -103.85
C GLY G 1011 14.83 -18.05 -102.86
N ALA G 1012 15.48 -19.08 -102.34
CA ALA G 1012 16.52 -18.88 -101.34
C ALA G 1012 17.80 -18.35 -101.96
N GLN G 1013 18.59 -17.66 -101.13
CA GLN G 1013 19.85 -17.03 -101.49
C GLN G 1013 21.07 -17.79 -100.99
N CYS G 1014 21.02 -18.34 -99.77
CA CYS G 1014 22.19 -18.96 -99.16
C CYS G 1014 22.62 -20.23 -99.87
N VAL G 1015 21.74 -20.86 -100.65
CA VAL G 1015 22.07 -22.11 -101.32
C VAL G 1015 23.18 -21.88 -102.34
N HIS G 1016 23.27 -20.65 -102.85
CA HIS G 1016 24.08 -20.27 -104.00
C HIS G 1016 25.51 -19.92 -103.63
N SER G 1017 25.72 -19.36 -102.45
CA SER G 1017 27.02 -18.84 -102.05
C SER G 1017 28.08 -19.95 -101.92
N PRO G 1018 29.36 -19.57 -101.71
CA PRO G 1018 30.44 -20.58 -101.75
C PRO G 1018 30.40 -21.71 -100.72
N ARG G 1019 30.02 -21.45 -99.48
CA ARG G 1019 30.19 -22.46 -98.43
C ARG G 1019 28.93 -22.62 -97.58
N PHE G 1020 27.79 -22.72 -98.27
CA PHE G 1020 26.52 -22.96 -97.59
C PHE G 1020 26.51 -24.23 -96.77
N PRO G 1021 26.98 -25.38 -97.26
CA PRO G 1021 26.86 -26.60 -96.45
C PRO G 1021 27.67 -26.58 -95.16
N ALA G 1022 28.91 -26.07 -95.19
CA ALA G 1022 29.75 -26.11 -94.00
C ALA G 1022 29.19 -25.23 -92.89
N GLN G 1023 28.84 -23.99 -93.22
CA GLN G 1023 28.26 -23.11 -92.21
C GLN G 1023 26.86 -23.58 -91.81
N TYR G 1024 26.13 -24.22 -92.72
CA TYR G 1024 24.85 -24.82 -92.35
C TYR G 1024 25.04 -25.91 -91.30
N LEU G 1025 26.05 -26.76 -91.49
CA LEU G 1025 26.34 -27.81 -90.51
C LEU G 1025 26.79 -27.20 -89.19
N LYS G 1026 27.60 -26.15 -89.24
CA LYS G 1026 28.02 -25.47 -88.01
C LYS G 1026 26.81 -24.90 -87.27
N LEU G 1027 25.90 -24.25 -87.99
CA LEU G 1027 24.70 -23.73 -87.34
C LEU G 1027 23.85 -24.86 -86.77
N ARG G 1028 23.71 -25.96 -87.50
CA ARG G 1028 22.96 -27.10 -86.98
C ARG G 1028 23.56 -27.62 -85.68
N GLU G 1029 24.89 -27.81 -85.66
CA GLU G 1029 25.55 -28.34 -84.47
C GLU G 1029 25.37 -27.37 -83.30
N ARG G 1030 25.50 -26.07 -83.57
CA ARG G 1030 25.31 -25.09 -82.51
C ARG G 1030 23.89 -25.14 -81.97
N MET G 1031 22.89 -25.31 -82.86
CA MET G 1031 21.51 -25.39 -82.40
C MET G 1031 21.27 -26.62 -81.53
N GLN G 1032 21.88 -27.75 -81.89
CA GLN G 1032 21.74 -28.92 -81.02
C GLN G 1032 22.39 -28.64 -79.68
N ILE G 1033 23.56 -27.99 -79.68
CA ILE G 1033 24.22 -27.67 -78.42
C ILE G 1033 23.32 -26.76 -77.55
N GLN G 1034 22.72 -25.72 -78.14
CA GLN G 1034 21.83 -24.89 -77.34
C GLN G 1034 20.67 -25.70 -76.78
N LYS G 1035 20.08 -26.57 -77.61
CA LYS G 1035 18.96 -27.38 -77.19
C LYS G 1035 19.35 -28.32 -76.04
N GLU G 1036 20.52 -28.95 -76.13
CA GLU G 1036 20.95 -29.84 -75.07
C GLU G 1036 21.13 -29.07 -73.76
N MET G 1037 21.77 -27.89 -73.78
CA MET G 1037 21.92 -27.23 -72.49
C MET G 1037 20.59 -26.74 -71.94
N GLU G 1038 19.67 -26.27 -72.80
CA GLU G 1038 18.40 -25.81 -72.24
C GLU G 1038 17.57 -26.98 -71.72
N ARG G 1039 17.67 -28.14 -72.37
CA ARG G 1039 17.02 -29.32 -71.84
C ARG G 1039 17.60 -29.71 -70.48
N LEU G 1040 18.93 -29.61 -70.34
CA LEU G 1040 19.53 -29.96 -69.06
C LEU G 1040 19.14 -28.99 -67.95
N ARG G 1041 19.07 -27.69 -68.24
CA ARG G 1041 18.58 -26.75 -67.23
C ARG G 1041 17.13 -27.04 -66.86
N PHE G 1042 16.28 -27.33 -67.86
CA PHE G 1042 14.89 -27.63 -67.54
C PHE G 1042 14.75 -28.88 -66.69
N LEU G 1043 15.58 -29.90 -66.92
CA LEU G 1043 15.54 -31.07 -66.04
C LEU G 1043 15.88 -30.69 -64.61
N LEU G 1044 16.92 -29.89 -64.41
CA LEU G 1044 17.25 -29.36 -63.09
C LEU G 1044 16.59 -28.00 -62.87
N SER G 1045 15.26 -27.99 -62.92
CA SER G 1045 14.49 -26.78 -62.75
C SER G 1045 13.27 -27.10 -61.89
N ASP G 1046 12.75 -26.07 -61.22
CA ASP G 1046 11.61 -26.26 -60.34
C ASP G 1046 10.31 -26.45 -61.11
N GLN G 1047 10.24 -25.92 -62.33
CA GLN G 1047 9.02 -26.07 -63.12
C GLN G 1047 8.79 -27.51 -63.56
N SER G 1048 9.79 -28.38 -63.40
CA SER G 1048 9.68 -29.77 -63.79
C SER G 1048 8.79 -30.58 -62.85
N LEU G 1049 8.44 -30.02 -61.69
CA LEU G 1049 7.64 -30.72 -60.71
C LEU G 1049 6.24 -31.01 -61.23
N LEU G 1050 5.70 -32.17 -60.85
CA LEU G 1050 4.42 -32.62 -61.38
C LEU G 1050 3.26 -31.80 -60.84
N LEU G 1051 3.09 -31.78 -59.53
CA LEU G 1051 1.93 -31.17 -58.88
C LEU G 1051 2.12 -29.71 -58.52
N LEU G 1052 3.21 -29.07 -58.99
CA LEU G 1052 3.39 -27.65 -58.73
C LEU G 1052 2.22 -26.80 -59.25
N PRO G 1053 1.67 -27.03 -60.44
CA PRO G 1053 0.46 -26.29 -60.81
C PRO G 1053 -0.70 -26.55 -59.85
N GLU G 1054 -0.81 -27.78 -59.33
CA GLU G 1054 -1.84 -28.04 -58.33
C GLU G 1054 -1.55 -27.28 -57.04
N TYR G 1055 -0.28 -27.17 -56.65
CA TYR G 1055 0.05 -26.40 -55.47
C TYR G 1055 -0.31 -24.93 -55.65
N HIS G 1056 -0.06 -24.38 -56.84
CA HIS G 1056 -0.44 -23.00 -57.10
C HIS G 1056 -1.95 -22.84 -57.08
N GLN G 1057 -2.69 -23.80 -57.66
CA GLN G 1057 -4.13 -23.71 -57.63
C GLN G 1057 -4.69 -23.93 -56.22
N ARG G 1058 -3.92 -24.58 -55.35
CA ARG G 1058 -4.32 -24.74 -53.97
C ARG G 1058 -3.89 -23.57 -53.11
N VAL G 1059 -3.06 -22.69 -53.65
CA VAL G 1059 -2.66 -21.47 -52.97
C VAL G 1059 -3.57 -20.32 -53.35
N GLU G 1060 -3.96 -20.26 -54.63
CA GLU G 1060 -4.87 -19.22 -55.06
C GLU G 1060 -6.24 -19.36 -54.41
N VAL G 1061 -6.69 -20.60 -54.17
CA VAL G 1061 -7.92 -20.80 -53.42
C VAL G 1061 -7.74 -20.38 -51.97
N LEU G 1062 -6.52 -20.49 -51.43
CA LEU G 1062 -6.24 -20.00 -50.09
C LEU G 1062 -6.00 -18.50 -50.03
N ARG G 1063 -5.90 -17.84 -51.18
CA ARG G 1063 -5.72 -16.39 -51.22
C ARG G 1063 -7.00 -15.65 -51.57
N THR G 1064 -7.84 -16.22 -52.44
CA THR G 1064 -9.15 -15.64 -52.70
C THR G 1064 -9.95 -15.49 -51.42
N LEU G 1065 -9.94 -16.53 -50.58
CA LEU G 1065 -10.37 -16.38 -49.21
C LEU G 1065 -9.31 -15.60 -48.45
N GLY G 1066 -9.75 -14.70 -47.57
CA GLY G 1066 -8.81 -13.78 -46.97
C GLY G 1066 -7.92 -14.40 -45.91
N TYR G 1067 -7.17 -15.43 -46.27
CA TYR G 1067 -6.22 -16.05 -45.36
C TYR G 1067 -4.80 -15.56 -45.61
N VAL G 1068 -4.31 -15.71 -46.85
CA VAL G 1068 -3.02 -15.19 -47.27
C VAL G 1068 -3.26 -13.94 -48.11
N ASP G 1069 -2.47 -12.90 -47.87
CA ASP G 1069 -2.71 -11.65 -48.58
C ASP G 1069 -1.89 -11.52 -49.86
N GLU G 1070 -0.56 -11.58 -49.74
CA GLU G 1070 0.31 -11.35 -50.90
C GLU G 1070 1.67 -12.02 -50.64
N ALA G 1071 1.98 -13.06 -51.42
CA ALA G 1071 3.33 -13.60 -51.50
C ALA G 1071 3.86 -14.04 -50.12
N GLY G 1072 3.17 -15.01 -49.53
CA GLY G 1072 3.69 -15.67 -48.34
C GLY G 1072 3.44 -14.98 -47.02
N THR G 1073 2.54 -14.01 -46.96
CA THR G 1073 2.21 -13.35 -45.71
C THR G 1073 0.80 -13.77 -45.30
N VAL G 1074 0.65 -14.18 -44.05
CA VAL G 1074 -0.59 -14.75 -43.53
C VAL G 1074 -1.32 -13.71 -42.69
N LYS G 1075 -2.62 -13.58 -42.92
CA LYS G 1075 -3.43 -12.61 -42.20
C LYS G 1075 -3.77 -13.17 -40.81
N LEU G 1076 -4.59 -12.44 -40.06
CA LEU G 1076 -5.07 -12.95 -38.77
C LEU G 1076 -6.04 -14.10 -38.95
N ALA G 1077 -6.95 -14.00 -39.93
CA ALA G 1077 -7.88 -15.09 -40.19
C ALA G 1077 -7.16 -16.35 -40.67
N GLY G 1078 -5.98 -16.19 -41.27
CA GLY G 1078 -5.16 -17.31 -41.68
C GLY G 1078 -4.33 -17.94 -40.58
N ARG G 1079 -4.28 -17.30 -39.41
CA ARG G 1079 -3.59 -17.84 -38.25
C ARG G 1079 -4.50 -18.61 -37.31
N VAL G 1080 -5.81 -18.37 -37.37
CA VAL G 1080 -6.74 -19.19 -36.61
C VAL G 1080 -6.78 -20.61 -37.14
N ALA G 1081 -6.81 -20.76 -38.47
CA ALA G 1081 -6.91 -22.08 -39.08
C ALA G 1081 -5.69 -22.95 -38.82
N CYS G 1082 -4.52 -22.35 -38.62
CA CYS G 1082 -3.31 -23.14 -38.37
C CYS G 1082 -3.44 -23.94 -37.08
N ALA G 1083 -4.00 -23.35 -36.04
CA ALA G 1083 -4.11 -24.04 -34.75
C ALA G 1083 -5.44 -24.78 -34.62
N MET G 1084 -5.73 -25.66 -35.59
CA MET G 1084 -6.89 -26.53 -35.55
C MET G 1084 -6.45 -27.95 -35.83
N SER G 1085 -7.42 -28.86 -35.94
CA SER G 1085 -7.16 -30.26 -36.22
C SER G 1085 -7.73 -30.72 -37.54
N SER G 1086 -9.02 -30.49 -37.79
CA SER G 1086 -9.67 -30.92 -39.02
C SER G 1086 -10.69 -29.90 -39.48
N HIS G 1087 -10.97 -29.93 -40.78
CA HIS G 1087 -11.95 -29.04 -41.43
C HIS G 1087 -11.66 -27.57 -41.13
N GLU G 1088 -10.43 -27.13 -41.41
CA GLU G 1088 -10.06 -25.75 -41.11
C GLU G 1088 -10.91 -24.78 -41.93
N LEU G 1089 -11.13 -25.10 -43.21
CA LEU G 1089 -11.85 -24.23 -44.11
C LEU G 1089 -13.30 -24.06 -43.67
N LEU G 1090 -13.97 -25.16 -43.37
CA LEU G 1090 -15.38 -25.08 -43.03
C LEU G 1090 -15.60 -24.56 -41.62
N LEU G 1091 -14.60 -24.65 -40.76
CA LEU G 1091 -14.78 -24.26 -39.36
C LEU G 1091 -14.44 -22.80 -39.14
N THR G 1092 -13.48 -22.24 -39.88
CA THR G 1092 -13.19 -20.83 -39.67
C THR G 1092 -14.30 -19.97 -40.25
N GLU G 1093 -14.84 -20.36 -41.41
CA GLU G 1093 -15.93 -19.56 -41.93
C GLU G 1093 -17.18 -19.68 -41.06
N LEU G 1094 -17.40 -20.83 -40.41
CA LEU G 1094 -18.48 -20.92 -39.42
C LEU G 1094 -18.22 -20.05 -38.19
N MET G 1095 -16.97 -19.96 -37.73
CA MET G 1095 -16.69 -19.09 -36.59
C MET G 1095 -16.97 -17.64 -36.95
N PHE G 1096 -16.60 -17.22 -38.17
CA PHE G 1096 -16.83 -15.85 -38.58
C PHE G 1096 -18.27 -15.62 -38.98
N ASP G 1097 -18.76 -16.35 -39.98
CA ASP G 1097 -20.15 -16.22 -40.39
C ASP G 1097 -21.01 -16.74 -39.25
N ASN G 1098 -21.71 -15.84 -38.57
CA ASN G 1098 -22.37 -16.19 -37.31
C ASN G 1098 -23.58 -17.07 -37.58
N ALA G 1099 -23.41 -18.36 -37.34
CA ALA G 1099 -24.48 -19.33 -37.43
C ALA G 1099 -24.56 -20.29 -36.25
N LEU G 1100 -23.54 -20.33 -35.39
CA LEU G 1100 -23.52 -21.26 -34.28
C LEU G 1100 -23.26 -20.54 -32.96
N SER G 1101 -22.58 -19.40 -33.02
CA SER G 1101 -22.15 -18.71 -31.81
C SER G 1101 -23.31 -18.08 -31.04
N THR G 1102 -24.56 -18.26 -31.46
CA THR G 1102 -25.71 -17.74 -30.73
C THR G 1102 -26.65 -18.86 -30.32
N LEU G 1103 -26.09 -19.95 -29.82
CA LEU G 1103 -26.86 -21.12 -29.42
C LEU G 1103 -26.35 -21.63 -28.08
N ARG G 1104 -27.15 -22.49 -27.46
CA ARG G 1104 -26.79 -23.05 -26.16
C ARG G 1104 -25.73 -24.14 -26.32
N PRO G 1105 -24.89 -24.35 -25.29
CA PRO G 1105 -23.81 -25.33 -25.44
C PRO G 1105 -24.27 -26.75 -25.77
N GLU G 1106 -25.40 -27.19 -25.18
CA GLU G 1106 -25.85 -28.55 -25.41
C GLU G 1106 -26.36 -28.78 -26.82
N GLU G 1107 -26.54 -27.72 -27.61
CA GLU G 1107 -26.97 -27.89 -28.98
C GLU G 1107 -25.76 -27.86 -29.91
N ILE G 1108 -24.90 -26.85 -29.74
CA ILE G 1108 -23.70 -26.74 -30.55
C ILE G 1108 -22.79 -27.93 -30.30
N ALA G 1109 -22.99 -28.65 -29.20
CA ALA G 1109 -22.27 -29.90 -29.00
C ALA G 1109 -22.83 -31.01 -29.88
N ALA G 1110 -23.97 -30.77 -30.52
CA ALA G 1110 -24.64 -31.71 -31.41
C ALA G 1110 -24.39 -31.38 -32.87
N LEU G 1111 -24.40 -30.08 -33.20
CA LEU G 1111 -24.12 -29.69 -34.58
C LEU G 1111 -22.70 -30.04 -34.99
N LEU G 1112 -21.73 -29.88 -34.09
CA LEU G 1112 -20.35 -30.20 -34.39
C LEU G 1112 -20.11 -31.69 -34.61
N SER G 1113 -21.09 -32.54 -34.29
CA SER G 1113 -20.95 -33.97 -34.54
C SER G 1113 -21.07 -34.33 -36.01
N GLY G 1114 -21.75 -33.50 -36.81
CA GLY G 1114 -21.93 -33.80 -38.22
C GLY G 1114 -20.65 -33.85 -39.02
N LEU G 1115 -19.57 -33.27 -38.52
CA LEU G 1115 -18.30 -33.31 -39.25
C LEU G 1115 -17.60 -34.66 -39.13
N VAL G 1116 -17.72 -35.33 -37.99
CA VAL G 1116 -16.86 -36.46 -37.66
C VAL G 1116 -17.67 -37.68 -37.23
N CYS G 1117 -18.98 -37.67 -37.51
CA CYS G 1117 -19.83 -38.77 -37.06
C CYS G 1117 -19.53 -40.04 -37.85
N GLN G 1118 -19.27 -39.91 -39.15
CA GLN G 1118 -18.86 -41.04 -39.99
C GLN G 1118 -19.90 -42.16 -39.96
N SER G 1119 -21.10 -41.83 -40.41
CA SER G 1119 -22.21 -42.78 -40.45
C SER G 1119 -23.20 -42.31 -41.50
N PRO G 1120 -24.05 -43.20 -42.01
CA PRO G 1120 -25.10 -42.77 -42.93
C PRO G 1120 -26.07 -41.81 -42.24
N GLY G 1121 -26.58 -40.87 -43.02
CA GLY G 1121 -27.36 -39.78 -42.46
C GLY G 1121 -28.85 -39.87 -42.72
N ASP G 1122 -29.62 -40.00 -41.65
CA ASP G 1122 -31.08 -39.91 -41.72
C ASP G 1122 -31.55 -39.25 -40.44
N ALA G 1123 -32.02 -38.01 -40.55
CA ALA G 1123 -32.40 -37.22 -39.39
C ALA G 1123 -33.78 -37.65 -38.89
N GLY G 1124 -34.30 -36.92 -37.91
CA GLY G 1124 -35.61 -37.18 -37.36
C GLY G 1124 -36.53 -35.98 -37.41
N ASP G 1125 -37.74 -36.14 -37.94
CA ASP G 1125 -38.64 -35.00 -38.04
C ASP G 1125 -39.17 -34.54 -36.68
N GLN G 1126 -38.98 -35.32 -35.62
CA GLN G 1126 -39.41 -34.90 -34.29
C GLN G 1126 -38.43 -33.96 -33.60
N LEU G 1127 -37.33 -33.60 -34.25
CA LEU G 1127 -36.37 -32.68 -33.65
C LEU G 1127 -36.92 -31.26 -33.59
N PRO G 1128 -36.37 -30.42 -32.70
CA PRO G 1128 -36.84 -29.03 -32.61
C PRO G 1128 -36.82 -28.25 -33.92
N ASN G 1129 -37.65 -27.22 -33.98
CA ASN G 1129 -37.79 -26.40 -35.18
C ASN G 1129 -36.51 -25.66 -35.54
N THR G 1130 -35.62 -25.44 -34.57
CA THR G 1130 -34.38 -24.73 -34.85
C THR G 1130 -33.32 -25.64 -35.45
N LEU G 1131 -33.42 -26.95 -35.24
CA LEU G 1131 -32.46 -27.86 -35.82
C LEU G 1131 -32.70 -28.03 -37.32
N LYS G 1132 -33.97 -28.08 -37.72
CA LYS G 1132 -34.28 -28.12 -39.14
C LYS G 1132 -33.89 -26.83 -39.84
N GLN G 1133 -33.62 -25.77 -39.09
CA GLN G 1133 -32.94 -24.59 -39.61
C GLN G 1133 -31.43 -24.65 -39.39
N GLY G 1134 -30.99 -25.26 -38.30
CA GLY G 1134 -29.58 -25.30 -37.96
C GLY G 1134 -28.73 -26.15 -38.88
N ILE G 1135 -29.34 -26.96 -39.73
CA ILE G 1135 -28.59 -27.86 -40.58
C ILE G 1135 -28.23 -27.25 -41.93
N GLU G 1136 -29.06 -26.36 -42.47
CA GLU G 1136 -28.76 -25.76 -43.76
C GLU G 1136 -27.95 -24.47 -43.66
N ARG G 1137 -27.76 -23.93 -42.46
CA ARG G 1137 -26.88 -22.78 -42.32
C ARG G 1137 -25.41 -23.17 -42.31
N VAL G 1138 -25.10 -24.46 -42.34
CA VAL G 1138 -23.75 -24.93 -42.63
C VAL G 1138 -23.66 -25.53 -44.02
N ARG G 1139 -24.77 -26.05 -44.57
CA ARG G 1139 -24.72 -26.51 -45.94
C ARG G 1139 -24.66 -25.34 -46.90
N ALA G 1140 -25.19 -24.18 -46.50
CA ALA G 1140 -25.00 -22.97 -47.29
C ALA G 1140 -23.54 -22.57 -47.32
N VAL G 1141 -22.84 -22.66 -46.17
CA VAL G 1141 -21.41 -22.38 -46.21
C VAL G 1141 -20.68 -23.42 -47.05
N ALA G 1142 -21.18 -24.66 -47.07
CA ALA G 1142 -20.60 -25.65 -47.98
C ALA G 1142 -20.83 -25.28 -49.44
N LYS G 1143 -22.02 -24.79 -49.77
CA LYS G 1143 -22.34 -24.30 -51.10
C LYS G 1143 -21.84 -22.89 -51.33
N ARG G 1144 -21.00 -22.40 -50.43
CA ARG G 1144 -20.29 -21.14 -50.61
C ARG G 1144 -18.80 -21.35 -50.77
N ILE G 1145 -18.28 -22.43 -50.19
CA ILE G 1145 -16.90 -22.80 -50.38
C ILE G 1145 -16.72 -23.68 -51.63
N GLY G 1146 -17.75 -24.44 -52.02
CA GLY G 1146 -17.60 -25.32 -53.17
C GLY G 1146 -17.43 -24.60 -54.49
N GLU G 1147 -18.11 -23.47 -54.70
CA GLU G 1147 -17.97 -22.78 -55.97
C GLU G 1147 -16.55 -22.24 -56.16
N VAL G 1148 -15.98 -21.63 -55.11
CA VAL G 1148 -14.61 -21.16 -55.19
C VAL G 1148 -13.64 -22.33 -55.16
N GLN G 1149 -14.06 -23.49 -54.65
CA GLN G 1149 -13.20 -24.65 -54.72
C GLN G 1149 -13.08 -25.13 -56.16
N VAL G 1150 -14.22 -25.25 -56.85
CA VAL G 1150 -14.22 -25.83 -58.18
C VAL G 1150 -13.63 -24.85 -59.18
N ALA G 1151 -14.05 -23.59 -59.14
CA ALA G 1151 -13.56 -22.61 -60.12
C ALA G 1151 -12.30 -21.91 -59.64
N CYS G 1152 -11.28 -22.70 -59.28
CA CYS G 1152 -9.99 -22.13 -58.94
C CYS G 1152 -8.83 -22.91 -59.55
N GLY G 1153 -9.09 -24.00 -60.27
CA GLY G 1153 -8.05 -24.86 -60.80
C GLY G 1153 -8.02 -26.23 -60.17
N LEU G 1154 -8.97 -26.54 -59.29
CA LEU G 1154 -9.05 -27.82 -58.62
C LEU G 1154 -10.04 -28.73 -59.33
N ASN G 1155 -9.82 -30.04 -59.20
CA ASN G 1155 -10.60 -31.06 -59.89
C ASN G 1155 -11.47 -31.85 -58.91
N GLN G 1156 -12.00 -31.17 -57.89
CA GLN G 1156 -12.86 -31.80 -56.90
C GLN G 1156 -14.24 -31.16 -56.99
N THR G 1157 -15.26 -31.98 -57.26
CA THR G 1157 -16.59 -31.46 -57.50
C THR G 1157 -17.19 -30.83 -56.24
N VAL G 1158 -18.07 -29.85 -56.46
CA VAL G 1158 -18.73 -29.18 -55.35
C VAL G 1158 -19.68 -30.14 -54.65
N GLU G 1159 -20.37 -30.99 -55.41
CA GLU G 1159 -21.37 -31.86 -54.82
C GLU G 1159 -20.69 -32.91 -53.96
N GLU G 1160 -19.59 -33.49 -54.44
CA GLU G 1160 -18.94 -34.46 -53.58
C GLU G 1160 -18.26 -33.77 -52.41
N PHE G 1161 -18.03 -32.46 -52.50
CA PHE G 1161 -17.56 -31.71 -51.34
C PHE G 1161 -18.64 -31.60 -50.27
N VAL G 1162 -19.90 -31.38 -50.68
CA VAL G 1162 -20.96 -31.33 -49.69
C VAL G 1162 -21.35 -32.73 -49.22
N GLY G 1163 -21.03 -33.76 -50.02
CA GLY G 1163 -21.32 -35.13 -49.65
C GLY G 1163 -20.51 -35.63 -48.47
N GLU G 1164 -19.39 -34.99 -48.16
CA GLU G 1164 -18.60 -35.38 -47.00
C GLU G 1164 -19.41 -35.17 -45.72
N LEU G 1165 -20.13 -34.06 -45.64
CA LEU G 1165 -20.89 -33.72 -44.45
C LEU G 1165 -22.17 -34.56 -44.41
N ASN G 1166 -22.32 -35.34 -43.35
CA ASN G 1166 -23.53 -36.12 -43.12
C ASN G 1166 -23.90 -36.04 -41.64
N PHE G 1167 -25.18 -36.24 -41.35
CA PHE G 1167 -25.74 -35.92 -40.05
C PHE G 1167 -26.47 -37.14 -39.47
N GLY G 1168 -25.84 -38.30 -39.57
CA GLY G 1168 -26.42 -39.49 -38.97
C GLY G 1168 -26.45 -39.44 -37.45
N LEU G 1169 -25.32 -39.10 -36.85
CA LEU G 1169 -25.19 -39.00 -35.39
C LEU G 1169 -25.34 -37.55 -34.98
N VAL G 1170 -26.59 -37.06 -34.98
CA VAL G 1170 -26.90 -35.70 -34.55
C VAL G 1170 -27.86 -35.67 -33.36
N GLU G 1171 -28.91 -36.48 -33.38
CA GLU G 1171 -29.85 -36.52 -32.27
C GLU G 1171 -29.32 -37.33 -31.09
N VAL G 1172 -28.60 -38.43 -31.35
CA VAL G 1172 -28.16 -39.29 -30.26
C VAL G 1172 -27.18 -38.56 -29.33
N VAL G 1173 -26.27 -37.78 -29.90
CA VAL G 1173 -25.32 -37.05 -29.05
C VAL G 1173 -26.02 -35.95 -28.26
N TYR G 1174 -27.26 -35.62 -28.62
CA TYR G 1174 -28.01 -34.59 -27.93
C TYR G 1174 -28.53 -35.12 -26.60
N GLU G 1175 -29.33 -36.18 -26.64
CA GLU G 1175 -29.76 -36.78 -25.39
C GLU G 1175 -28.57 -37.32 -24.60
N TRP G 1176 -27.50 -37.73 -25.29
CA TRP G 1176 -26.30 -38.14 -24.58
C TRP G 1176 -25.70 -37.02 -23.74
N ALA G 1177 -25.64 -35.80 -24.30
CA ALA G 1177 -25.14 -34.64 -23.60
C ALA G 1177 -26.10 -34.06 -22.56
N ARG G 1178 -27.41 -34.22 -22.76
CA ARG G 1178 -28.35 -33.68 -21.78
C ARG G 1178 -28.21 -34.37 -20.43
N GLY G 1179 -27.64 -35.57 -20.38
CA GLY G 1179 -27.43 -36.34 -19.17
C GLY G 1179 -28.41 -37.41 -18.77
N MET G 1180 -28.82 -38.23 -19.74
CA MET G 1180 -29.68 -39.40 -19.73
C MET G 1180 -28.87 -40.68 -19.83
N PRO G 1181 -29.25 -41.69 -19.04
CA PRO G 1181 -28.48 -42.93 -19.01
C PRO G 1181 -28.40 -43.64 -20.36
N PHE G 1182 -27.26 -44.29 -20.56
CA PHE G 1182 -26.89 -44.93 -21.81
C PHE G 1182 -27.67 -46.20 -22.09
N SER G 1183 -28.28 -46.79 -21.06
CA SER G 1183 -28.91 -48.10 -21.23
C SER G 1183 -30.03 -48.03 -22.26
N GLU G 1184 -30.89 -47.02 -22.16
CA GLU G 1184 -31.91 -46.85 -23.18
C GLU G 1184 -31.39 -46.06 -24.37
N LEU G 1185 -30.23 -45.40 -24.23
CA LEU G 1185 -29.64 -44.68 -25.35
C LEU G 1185 -29.24 -45.65 -26.44
N ALA G 1186 -28.59 -46.75 -26.06
CA ALA G 1186 -28.18 -47.74 -27.03
C ALA G 1186 -29.40 -48.42 -27.64
N GLY G 1187 -30.42 -48.66 -26.82
CA GLY G 1187 -31.61 -49.34 -27.29
C GLY G 1187 -32.35 -48.54 -28.34
N LEU G 1188 -32.55 -47.24 -28.08
CA LEU G 1188 -33.30 -46.43 -29.03
C LEU G 1188 -32.48 -46.11 -30.27
N SER G 1189 -31.20 -45.81 -30.09
CA SER G 1189 -30.35 -45.51 -31.23
C SER G 1189 -30.14 -46.75 -32.09
N GLY G 1190 -30.27 -46.57 -33.41
CA GLY G 1190 -30.12 -47.69 -34.32
C GLY G 1190 -28.70 -47.87 -34.81
N THR G 1191 -27.74 -47.99 -33.88
CA THR G 1191 -26.35 -48.20 -34.25
C THR G 1191 -25.63 -48.84 -33.07
N PRO G 1192 -24.67 -49.72 -33.33
CA PRO G 1192 -23.89 -50.29 -32.23
C PRO G 1192 -23.10 -49.21 -31.52
N GLU G 1193 -22.95 -49.36 -30.21
CA GLU G 1193 -22.30 -48.34 -29.39
C GLU G 1193 -20.80 -48.60 -29.26
N GLY G 1194 -20.13 -48.75 -30.39
CA GLY G 1194 -18.69 -48.88 -30.40
C GLY G 1194 -18.00 -47.71 -31.09
N LEU G 1195 -18.70 -47.11 -32.05
CA LEU G 1195 -18.20 -45.94 -32.76
C LEU G 1195 -18.69 -44.64 -32.13
N VAL G 1196 -19.68 -44.72 -31.25
CA VAL G 1196 -20.18 -43.52 -30.57
C VAL G 1196 -19.11 -42.93 -29.68
N VAL G 1197 -18.41 -43.79 -28.91
CA VAL G 1197 -17.39 -43.29 -28.00
C VAL G 1197 -16.20 -42.70 -28.77
N ARG G 1198 -15.84 -43.29 -29.90
CA ARG G 1198 -14.76 -42.72 -30.70
C ARG G 1198 -15.17 -41.40 -31.33
N CYS G 1199 -16.42 -41.29 -31.80
CA CYS G 1199 -16.91 -40.01 -32.29
C CYS G 1199 -16.90 -38.97 -31.17
N ILE G 1200 -17.21 -39.40 -29.95
CA ILE G 1200 -17.22 -38.49 -28.81
C ILE G 1200 -15.82 -37.96 -28.53
N GLN G 1201 -14.84 -38.86 -28.46
CA GLN G 1201 -13.47 -38.46 -28.19
C GLN G 1201 -12.82 -37.76 -29.39
N ARG G 1202 -13.43 -37.84 -30.57
CA ARG G 1202 -13.01 -36.98 -31.67
C ARG G 1202 -13.61 -35.58 -31.55
N LEU G 1203 -14.87 -35.51 -31.13
CA LEU G 1203 -15.54 -34.23 -30.94
C LEU G 1203 -14.88 -33.42 -29.84
N ALA G 1204 -14.54 -34.08 -28.73
CA ALA G 1204 -13.98 -33.37 -27.60
C ALA G 1204 -12.63 -32.76 -27.92
N GLU G 1205 -11.92 -33.28 -28.92
CA GLU G 1205 -10.63 -32.70 -29.28
C GLU G 1205 -10.82 -31.39 -30.03
N MET G 1206 -11.79 -31.33 -30.93
CA MET G 1206 -12.02 -30.08 -31.65
C MET G 1206 -12.62 -29.04 -30.70
N CYS G 1207 -13.45 -29.48 -29.76
CA CYS G 1207 -13.94 -28.54 -28.76
C CYS G 1207 -12.81 -28.07 -27.85
N ARG G 1208 -11.80 -28.90 -27.60
CA ARG G 1208 -10.65 -28.42 -26.86
C ARG G 1208 -9.74 -27.52 -27.68
N SER G 1209 -9.81 -27.60 -29.01
CA SER G 1209 -8.94 -26.78 -29.84
C SER G 1209 -9.60 -25.48 -30.30
N LEU G 1210 -10.92 -25.39 -30.22
CA LEU G 1210 -11.63 -24.15 -30.52
C LEU G 1210 -11.44 -23.11 -29.43
N ARG G 1211 -11.09 -23.53 -28.21
CA ARG G 1211 -10.82 -22.57 -27.15
C ARG G 1211 -9.63 -21.69 -27.49
N GLY G 1212 -8.58 -22.26 -28.09
CA GLY G 1212 -7.45 -21.44 -28.47
C GLY G 1212 -7.79 -20.44 -29.56
N ALA G 1213 -8.79 -20.75 -30.38
CA ALA G 1213 -9.20 -19.81 -31.41
C ALA G 1213 -10.06 -18.70 -30.82
N ALA G 1214 -11.00 -19.06 -29.93
CA ALA G 1214 -11.81 -18.04 -29.30
C ALA G 1214 -10.95 -17.11 -28.45
N ARG G 1215 -9.91 -17.66 -27.83
CA ARG G 1215 -8.97 -16.82 -27.09
C ARG G 1215 -8.13 -15.95 -28.03
N LEU G 1216 -7.75 -16.48 -29.19
CA LEU G 1216 -6.98 -15.67 -30.13
C LEU G 1216 -7.80 -14.50 -30.67
N VAL G 1217 -9.07 -14.74 -31.01
CA VAL G 1217 -9.90 -13.64 -31.50
C VAL G 1217 -10.25 -12.68 -30.36
N GLY G 1218 -10.60 -13.21 -29.19
CA GLY G 1218 -10.99 -12.37 -28.08
C GLY G 1218 -12.49 -12.24 -27.91
N GLU G 1219 -13.21 -13.34 -28.10
CA GLU G 1219 -14.67 -13.36 -28.08
C GLU G 1219 -15.12 -14.43 -27.09
N PRO G 1220 -15.13 -14.12 -25.79
CA PRO G 1220 -15.46 -15.14 -24.79
C PRO G 1220 -16.94 -15.45 -24.67
N VAL G 1221 -17.80 -14.85 -25.49
CA VAL G 1221 -19.22 -15.20 -25.47
C VAL G 1221 -19.41 -16.63 -25.93
N LEU G 1222 -18.69 -17.04 -26.98
CA LEU G 1222 -18.73 -18.43 -27.40
C LEU G 1222 -17.74 -19.28 -26.60
N GLY G 1223 -16.62 -18.70 -26.20
CA GLY G 1223 -15.65 -19.44 -25.41
C GLY G 1223 -16.11 -19.78 -24.01
N ALA G 1224 -17.23 -19.24 -23.56
CA ALA G 1224 -17.75 -19.66 -22.26
C ALA G 1224 -18.75 -20.80 -22.39
N LYS G 1225 -19.66 -20.73 -23.36
CA LYS G 1225 -20.58 -21.84 -23.54
C LYS G 1225 -19.87 -23.04 -24.15
N MET G 1226 -18.75 -22.83 -24.81
CA MET G 1226 -17.95 -23.95 -25.29
C MET G 1226 -17.20 -24.61 -24.15
N GLU G 1227 -16.72 -23.82 -23.18
CA GLU G 1227 -16.08 -24.41 -22.01
C GLU G 1227 -17.10 -25.19 -21.18
N THR G 1228 -18.33 -24.68 -21.09
CA THR G 1228 -19.38 -25.40 -20.37
C THR G 1228 -19.71 -26.70 -21.08
N ALA G 1229 -19.74 -26.67 -22.42
CA ALA G 1229 -20.00 -27.91 -23.16
C ALA G 1229 -18.86 -28.90 -22.95
N ALA G 1230 -17.63 -28.41 -22.95
CA ALA G 1230 -16.46 -29.28 -22.77
C ALA G 1230 -16.51 -29.99 -21.42
N THR G 1231 -16.87 -29.26 -20.36
CA THR G 1231 -17.03 -29.88 -19.05
C THR G 1231 -18.30 -30.72 -18.95
N LEU G 1232 -19.30 -30.44 -19.78
CA LEU G 1232 -20.55 -31.20 -19.85
C LEU G 1232 -20.41 -32.48 -20.65
N LEU G 1233 -19.32 -32.66 -21.40
CA LEU G 1233 -19.14 -33.84 -22.23
C LEU G 1233 -18.35 -34.94 -21.56
N ARG G 1234 -17.50 -34.62 -20.58
CA ARG G 1234 -16.61 -35.60 -19.99
C ARG G 1234 -17.42 -36.51 -19.08
N ARG G 1235 -17.64 -37.75 -19.53
CA ARG G 1235 -18.25 -38.80 -18.72
C ARG G 1235 -17.17 -39.74 -18.19
N ASP G 1236 -17.60 -40.80 -17.52
CA ASP G 1236 -16.68 -41.75 -16.91
C ASP G 1236 -16.53 -43.04 -17.71
N ILE G 1237 -17.54 -43.40 -18.51
CA ILE G 1237 -17.42 -44.58 -19.36
C ILE G 1237 -16.36 -44.35 -20.43
N VAL G 1238 -16.19 -43.11 -20.86
CA VAL G 1238 -15.21 -42.79 -21.90
C VAL G 1238 -13.80 -43.11 -21.42
N PHE G 1239 -13.48 -42.77 -20.17
CA PHE G 1239 -12.14 -42.94 -19.64
C PHE G 1239 -11.85 -44.34 -19.14
N ALA G 1240 -12.80 -45.27 -19.24
CA ALA G 1240 -12.58 -46.62 -18.73
C ALA G 1240 -11.38 -47.27 -19.41
N ALA G 1241 -11.32 -47.17 -20.74
CA ALA G 1241 -10.17 -47.61 -21.53
C ALA G 1241 -9.87 -49.10 -21.35
N SER G 1242 -8.77 -49.41 -20.68
CA SER G 1242 -8.26 -50.77 -20.57
C SER G 1242 -8.37 -51.27 -19.13
N LEU G 1243 -7.88 -52.49 -18.91
CA LEU G 1243 -7.98 -53.11 -17.59
C LEU G 1243 -6.94 -52.58 -16.62
N TYR G 1244 -5.66 -52.74 -16.96
CA TYR G 1244 -4.58 -52.37 -16.04
C TYR G 1244 -4.10 -50.94 -16.29
N THR G 1245 -5.05 -50.01 -16.17
CA THR G 1245 -4.70 -48.60 -16.26
C THR G 1245 -3.73 -48.21 -15.16
N GLN G 1246 -4.15 -48.37 -13.90
CA GLN G 1246 -3.32 -48.02 -12.76
C GLN G 1246 -2.61 -49.26 -12.21
N GLY H 3 8.41 13.72 21.27
CA GLY H 3 9.40 13.59 20.22
C GLY H 3 9.67 12.16 19.77
N ASP H 4 10.57 11.47 20.47
CA ASP H 4 10.92 10.09 20.16
C ASP H 4 10.29 9.14 21.18
N HIS H 5 9.60 8.12 20.68
CA HIS H 5 8.90 7.15 21.51
C HIS H 5 9.76 5.93 21.83
N ARG H 6 11.02 5.92 21.42
CA ARG H 6 11.94 4.83 21.73
C ARG H 6 13.13 5.30 22.55
N ARG H 7 13.04 6.47 23.17
CA ARG H 7 14.13 7.03 23.96
C ARG H 7 13.55 7.78 25.14
N ILE H 8 14.43 8.29 25.99
CA ILE H 8 14.05 9.06 27.17
C ILE H 8 13.95 10.52 26.77
N ARG H 9 12.80 11.13 27.03
CA ARG H 9 12.54 12.49 26.59
C ARG H 9 12.98 13.47 27.67
N GLY H 10 13.75 14.48 27.26
CA GLY H 10 14.16 15.53 28.17
C GLY H 10 13.63 16.89 27.75
N PRO H 11 14.50 17.91 27.79
CA PRO H 11 14.09 19.23 27.33
C PRO H 11 13.84 19.24 25.83
N GLU H 12 12.88 20.06 25.41
CA GLU H 12 12.58 20.16 23.99
C GLU H 12 13.68 20.87 23.23
N GLU H 13 14.26 21.92 23.82
CA GLU H 13 15.36 22.67 23.22
C GLU H 13 16.48 22.83 24.23
N SER H 14 17.72 22.89 23.72
CA SER H 14 18.87 23.00 24.61
C SER H 14 20.02 23.65 23.84
N GLN H 15 20.34 24.90 24.21
CA GLN H 15 21.43 25.62 23.57
C GLN H 15 22.71 25.38 24.35
N PRO H 16 23.77 24.86 23.71
CA PRO H 16 24.99 24.57 24.45
C PRO H 16 25.68 25.85 24.89
N PRO H 17 26.48 25.79 25.96
CA PRO H 17 27.16 27.01 26.44
C PRO H 17 28.31 27.51 25.57
N GLN H 18 28.70 26.80 24.50
CA GLN H 18 29.71 27.35 23.60
C GLN H 18 29.22 28.63 22.93
N LEU H 19 27.95 28.65 22.52
CA LEU H 19 27.40 29.86 21.92
C LEU H 19 27.31 31.02 22.93
N TYR H 20 27.40 30.73 24.24
CA TYR H 20 27.54 31.75 25.27
C TYR H 20 28.94 31.84 25.83
N ALA H 21 29.89 31.06 25.31
CA ALA H 21 31.26 31.07 25.82
C ALA H 21 31.91 32.42 25.58
N ALA H 22 32.20 33.16 26.66
CA ALA H 22 32.73 34.51 26.56
C ALA H 22 34.24 34.55 26.30
N ASP H 23 34.90 33.40 26.24
CA ASP H 23 36.32 33.34 25.90
C ASP H 23 36.47 33.34 24.39
N GLU H 24 37.06 34.41 23.86
CA GLU H 24 37.20 34.55 22.42
C GLU H 24 38.12 33.46 21.85
N GLU H 25 37.88 33.12 20.58
CA GLU H 25 38.65 32.08 19.91
C GLU H 25 40.13 32.41 19.88
N GLU H 26 40.96 31.43 20.24
CA GLU H 26 42.39 31.64 20.45
C GLU H 26 43.13 31.56 19.12
N ALA H 27 44.46 31.55 19.18
CA ALA H 27 45.31 31.49 17.98
C ALA H 27 46.01 30.14 17.92
N PRO H 28 45.83 29.38 16.83
CA PRO H 28 46.42 28.02 16.76
C PRO H 28 47.94 27.97 16.94
N GLY H 29 48.67 28.73 16.12
CA GLY H 29 50.12 28.70 16.20
C GLY H 29 50.75 28.32 14.87
N THR H 30 51.98 27.81 14.93
CA THR H 30 52.70 27.40 13.72
C THR H 30 53.47 26.12 14.01
N ARG H 31 53.91 25.46 12.93
CA ARG H 31 54.57 24.16 13.04
C ARG H 31 55.38 23.93 11.77
N ASP H 32 55.90 22.71 11.63
CA ASP H 32 56.57 22.25 10.43
C ASP H 32 55.64 21.35 9.64
N PRO H 33 55.32 21.64 8.38
CA PRO H 33 54.35 20.83 7.64
C PRO H 33 54.90 19.51 7.12
N THR H 34 56.09 19.11 7.56
CA THR H 34 56.74 17.88 7.11
C THR H 34 56.90 16.92 8.30
N ARG H 35 55.88 16.84 9.13
CA ARG H 35 55.90 15.96 10.30
C ARG H 35 54.57 15.21 10.38
N LEU H 36 54.62 14.05 11.03
CA LEU H 36 53.44 13.21 11.24
C LEU H 36 53.28 12.93 12.72
N ARG H 37 52.04 12.96 13.19
CA ARG H 37 51.77 12.64 14.58
C ARG H 37 52.08 11.17 14.81
N PRO H 38 52.83 10.83 15.85
CA PRO H 38 53.11 9.42 16.14
C PRO H 38 51.82 8.63 16.33
N VAL H 39 51.82 7.41 15.82
CA VAL H 39 50.62 6.58 15.75
C VAL H 39 50.92 5.23 16.39
N TYR H 40 49.97 4.75 17.19
CA TYR H 40 50.00 3.43 17.79
C TYR H 40 48.80 2.62 17.32
N ALA H 41 49.05 1.41 16.84
CA ALA H 41 47.99 0.59 16.28
C ALA H 41 47.99 -0.77 16.97
N ARG H 42 46.79 -1.25 17.26
CA ARG H 42 46.55 -2.54 17.91
C ARG H 42 45.46 -3.28 17.16
N ALA H 43 45.65 -4.58 16.96
CA ALA H 43 44.71 -5.42 16.23
C ALA H 43 44.22 -6.55 17.12
N GLY H 44 43.03 -7.06 16.80
CA GLY H 44 42.42 -8.09 17.61
C GLY H 44 41.98 -7.69 19.00
N LEU H 45 41.34 -6.53 19.14
CA LEU H 45 41.01 -6.05 20.47
C LEU H 45 39.79 -6.77 21.03
N LEU H 46 38.66 -6.67 20.34
CA LEU H 46 37.44 -7.27 20.86
C LEU H 46 37.53 -8.78 20.79
N SER H 47 36.85 -9.45 21.72
CA SER H 47 36.87 -10.91 21.78
C SER H 47 35.68 -11.58 21.11
N GLN H 48 34.51 -10.96 21.14
CA GLN H 48 33.28 -11.49 20.55
C GLN H 48 33.10 -11.11 19.09
N ALA H 49 34.01 -10.35 18.51
CA ALA H 49 33.90 -9.96 17.12
C ALA H 49 34.84 -10.83 16.30
N LYS H 50 34.41 -11.13 15.08
CA LYS H 50 35.22 -11.94 14.18
C LYS H 50 36.52 -11.23 13.85
N GLY H 51 36.47 -9.91 13.68
CA GLY H 51 37.67 -9.14 13.46
C GLY H 51 37.47 -7.73 13.97
N SER H 52 38.49 -7.18 14.64
CA SER H 52 38.37 -5.85 15.23
C SER H 52 39.73 -5.17 15.27
N ALA H 53 39.72 -3.85 15.36
CA ALA H 53 40.95 -3.09 15.48
C ALA H 53 40.64 -1.76 16.15
N TYR H 54 41.64 -1.23 16.87
CA TYR H 54 41.48 0.05 17.57
C TYR H 54 42.65 0.94 17.19
N LEU H 55 42.33 2.13 16.69
CA LEU H 55 43.33 3.06 16.17
C LEU H 55 43.31 4.36 16.95
N GLU H 56 44.48 4.77 17.44
CA GLU H 56 44.59 5.99 18.23
C GLU H 56 45.87 6.70 17.82
N ALA H 57 45.75 8.00 17.54
CA ALA H 57 46.92 8.81 17.16
C ALA H 57 46.64 10.25 17.53
N GLY H 58 47.40 10.77 18.51
CA GLY H 58 47.19 12.12 18.99
C GLY H 58 45.88 12.32 19.71
N GLY H 59 44.98 13.09 19.09
CA GLY H 59 43.67 13.36 19.63
C GLY H 59 42.54 12.61 18.96
N THR H 60 42.85 11.59 18.15
CA THR H 60 41.86 10.84 17.41
C THR H 60 41.67 9.48 18.08
N LYS H 61 40.42 9.08 18.27
CA LYS H 61 40.13 7.78 18.87
C LYS H 61 39.04 7.12 18.06
N VAL H 62 39.37 6.03 17.36
CA VAL H 62 38.42 5.32 16.52
C VAL H 62 38.52 3.83 16.80
N LEU H 63 37.37 3.17 16.91
CA LEU H 63 37.31 1.74 17.14
C LEU H 63 36.54 1.09 16.00
N CYS H 64 37.12 0.08 15.37
CA CYS H 64 36.47 -0.59 14.26
C CYS H 64 36.38 -2.09 14.52
N ALA H 65 35.23 -2.67 14.22
CA ALA H 65 35.01 -4.10 14.37
C ALA H 65 34.35 -4.63 13.10
N VAL H 66 34.67 -5.88 12.75
CA VAL H 66 34.17 -6.50 11.53
C VAL H 66 33.44 -7.79 11.90
N SER H 67 32.21 -7.91 11.43
CA SER H 67 31.44 -9.13 11.58
C SER H 67 31.66 -10.02 10.36
N GLY H 68 31.48 -11.32 10.55
CA GLY H 68 31.71 -12.26 9.48
C GLY H 68 30.60 -12.27 8.46
N PRO H 69 30.82 -13.04 7.40
CA PRO H 69 29.80 -13.18 6.34
C PRO H 69 28.51 -13.76 6.89
N ARG H 70 27.38 -13.27 6.38
CA ARG H 70 26.07 -13.72 6.80
C ARG H 70 25.25 -14.05 5.56
N GLN H 71 24.04 -14.55 5.77
CA GLN H 71 23.17 -14.89 4.65
C GLN H 71 22.67 -13.61 3.97
N ALA H 72 22.28 -13.77 2.70
CA ALA H 72 21.76 -12.66 1.90
C ALA H 72 22.75 -11.50 1.83
N ALA H 90 24.63 -8.81 -9.30
CA ALA H 90 25.99 -8.86 -8.77
C ALA H 90 26.15 -10.01 -7.76
N ALA H 91 25.48 -11.12 -8.06
CA ALA H 91 25.54 -12.35 -7.26
C ALA H 91 25.79 -13.51 -8.21
N LEU H 92 26.81 -14.33 -7.94
CA LEU H 92 28.20 -14.27 -8.41
C LEU H 92 29.12 -13.27 -7.70
N ARG H 93 28.63 -12.50 -6.73
CA ARG H 93 29.46 -11.60 -5.94
C ARG H 93 28.69 -11.27 -4.67
N GLY H 94 29.42 -10.93 -3.61
CA GLY H 94 28.82 -10.59 -2.34
C GLY H 94 28.79 -9.10 -2.08
N ARG H 95 27.82 -8.66 -1.27
CA ARG H 95 27.73 -7.26 -0.94
C ARG H 95 28.70 -6.91 0.17
N LEU H 96 28.87 -5.60 0.39
CA LEU H 96 29.68 -5.09 1.50
C LEU H 96 28.88 -3.98 2.18
N LEU H 97 28.09 -4.34 3.20
CA LEU H 97 27.36 -3.31 3.94
C LEU H 97 28.32 -2.53 4.83
N CYS H 98 28.02 -1.24 5.01
CA CYS H 98 28.84 -0.37 5.83
C CYS H 98 27.96 0.48 6.73
N ASP H 99 28.52 0.91 7.86
CA ASP H 99 27.81 1.72 8.82
C ASP H 99 28.82 2.57 9.57
N PHE H 100 28.72 3.89 9.42
CA PHE H 100 29.58 4.83 10.10
C PHE H 100 28.78 5.57 11.16
N ARG H 101 29.35 5.66 12.36
CA ARG H 101 28.69 6.35 13.46
C ARG H 101 29.75 6.83 14.43
N ARG H 102 29.60 8.06 14.92
CA ARG H 102 30.56 8.67 15.82
C ARG H 102 29.90 8.95 17.16
N ALA H 103 30.71 8.88 18.21
CA ALA H 103 30.20 9.02 19.57
C ALA H 103 29.67 10.44 19.81
N PRO H 104 28.54 10.58 20.49
CA PRO H 104 28.02 11.93 20.77
C PRO H 104 28.99 12.79 21.55
N PHE H 105 29.77 12.20 22.46
CA PHE H 105 30.74 12.96 23.24
C PHE H 105 32.04 13.16 22.48
N ALA H 106 31.94 13.72 21.28
CA ALA H 106 33.11 14.01 20.45
C ALA H 106 32.88 15.37 19.80
N GLY H 107 33.87 16.24 19.89
CA GLY H 107 33.74 17.56 19.31
C GLY H 107 33.22 18.60 20.28
N ARG H 108 33.04 19.80 19.72
CA ARG H 108 32.64 20.95 20.53
C ARG H 108 31.23 20.78 21.08
N ARG H 109 30.30 20.30 20.26
CA ARG H 109 28.91 20.20 20.65
C ARG H 109 28.43 18.75 20.63
N ARG H 110 27.23 18.55 21.15
CA ARG H 110 26.56 17.26 21.12
C ARG H 110 25.96 17.02 19.74
N ARG H 111 25.59 15.76 19.48
CA ARG H 111 25.01 15.38 18.21
C ARG H 111 23.77 14.53 18.43
N ALA H 112 22.83 14.63 17.50
CA ALA H 112 21.59 13.88 17.61
C ALA H 112 21.82 12.39 17.42
N PRO H 113 21.41 11.55 18.36
CA PRO H 113 21.61 10.10 18.24
C PRO H 113 20.99 9.51 16.97
N PRO H 114 19.80 9.97 16.53
CA PRO H 114 19.18 9.29 15.38
C PRO H 114 20.04 9.19 14.14
N GLY H 115 20.84 10.21 13.84
CA GLY H 115 21.72 10.13 12.68
C GLY H 115 22.13 11.51 12.21
N GLY H 116 22.52 11.57 10.94
CA GLY H 116 22.98 12.80 10.33
C GLY H 116 23.43 12.63 8.90
N CYS H 117 23.31 13.68 8.08
CA CYS H 117 23.72 13.59 6.69
C CYS H 117 25.23 13.46 6.58
N GLU H 118 25.95 14.06 7.53
CA GLU H 118 27.41 13.96 7.54
C GLU H 118 27.85 12.52 7.77
N GLU H 119 27.15 11.81 8.65
CA GLU H 119 27.50 10.42 8.88
C GLU H 119 27.27 9.56 7.65
N ARG H 120 26.16 9.78 6.94
CA ARG H 120 25.91 9.02 5.72
C ARG H 120 26.89 9.36 4.61
N GLU H 121 27.29 10.63 4.48
CA GLU H 121 28.28 10.97 3.46
C GLU H 121 29.62 10.31 3.76
N LEU H 122 30.03 10.29 5.04
CA LEU H 122 31.31 9.67 5.36
C LEU H 122 31.22 8.14 5.26
N ALA H 123 30.04 7.58 5.52
CA ALA H 123 29.86 6.14 5.34
C ALA H 123 30.02 5.78 3.87
N LEU H 124 29.44 6.58 2.98
CA LEU H 124 29.60 6.30 1.56
C LEU H 124 31.04 6.56 1.10
N ALA H 125 31.70 7.58 1.66
CA ALA H 125 33.10 7.82 1.33
C ALA H 125 34.01 6.70 1.83
N LEU H 126 33.53 5.90 2.78
CA LEU H 126 34.24 4.73 3.25
C LEU H 126 33.96 3.52 2.35
N GLN H 127 32.68 3.37 1.98
CA GLN H 127 32.24 2.26 1.15
C GLN H 127 32.89 2.32 -0.23
N GLU H 128 33.04 3.52 -0.78
CA GLU H 128 33.67 3.66 -2.08
C GLU H 128 35.18 3.64 -1.99
N ALA H 129 35.71 3.20 -0.84
CA ALA H 129 37.14 3.11 -0.64
C ALA H 129 37.62 1.77 -0.08
N LEU H 130 36.77 0.95 0.55
CA LEU H 130 37.31 -0.31 1.04
C LEU H 130 36.97 -1.49 0.13
N GLU H 131 36.02 -1.32 -0.79
CA GLU H 131 35.65 -2.30 -1.81
C GLU H 131 36.72 -2.42 -2.89
N PRO H 132 37.46 -1.35 -3.27
CA PRO H 132 38.57 -1.53 -4.22
C PRO H 132 39.72 -2.38 -3.70
N ALA H 133 39.64 -2.91 -2.48
CA ALA H 133 40.71 -3.71 -1.90
C ALA H 133 40.32 -5.18 -1.78
N VAL H 134 39.17 -5.48 -1.17
CA VAL H 134 38.76 -6.86 -1.02
C VAL H 134 38.22 -7.39 -2.36
N ARG H 135 38.29 -8.71 -2.52
CA ARG H 135 37.80 -9.38 -3.72
C ARG H 135 36.51 -10.11 -3.35
N LEU H 136 35.38 -9.51 -3.72
CA LEU H 136 34.07 -10.08 -3.41
C LEU H 136 33.69 -11.21 -4.37
N GLY H 137 34.53 -11.50 -5.37
CA GLY H 137 34.27 -12.59 -6.29
C GLY H 137 34.63 -13.93 -5.69
N ARG H 138 34.65 -13.98 -4.35
CA ARG H 138 34.92 -15.21 -3.62
C ARG H 138 33.84 -15.50 -2.58
N TYR H 139 32.82 -14.64 -2.49
CA TYR H 139 31.74 -14.80 -1.52
C TYR H 139 30.38 -14.67 -2.20
N PRO H 140 29.98 -15.66 -3.01
CA PRO H 140 28.69 -15.56 -3.68
C PRO H 140 27.52 -15.62 -2.70
N ARG H 141 26.57 -14.72 -2.92
CA ARG H 141 25.32 -14.63 -2.14
C ARG H 141 25.55 -14.30 -0.67
N ALA H 142 26.77 -13.95 -0.29
CA ALA H 142 27.06 -13.55 1.08
C ALA H 142 27.18 -12.04 1.16
N GLN H 143 27.47 -11.54 2.37
CA GLN H 143 27.64 -10.12 2.55
C GLN H 143 28.49 -9.88 3.79
N LEU H 144 29.22 -8.76 3.79
CA LEU H 144 30.05 -8.36 4.91
C LEU H 144 29.55 -7.03 5.47
N GLU H 145 29.57 -6.91 6.80
CA GLU H 145 29.11 -5.70 7.47
C GLU H 145 30.27 -5.15 8.29
N VAL H 146 30.53 -3.85 8.11
CA VAL H 146 31.63 -3.18 8.79
C VAL H 146 31.07 -2.03 9.61
N SER H 147 31.44 -1.96 10.88
CA SER H 147 30.99 -0.91 11.78
C SER H 147 32.21 -0.20 12.35
N ALA H 148 32.20 1.13 12.28
CA ALA H 148 33.28 1.97 12.77
C ALA H 148 32.73 3.01 13.73
N LEU H 149 33.45 3.26 14.81
CA LEU H 149 33.02 4.23 15.81
C LEU H 149 34.18 5.15 16.16
N LEU H 150 33.89 6.45 16.22
CA LEU H 150 34.87 7.48 16.55
C LEU H 150 34.60 7.95 17.98
N LEU H 151 35.49 7.58 18.90
CA LEU H 151 35.31 7.98 20.29
C LEU H 151 35.69 9.44 20.51
N GLU H 152 36.62 9.98 19.71
CA GLU H 152 37.08 11.35 19.89
C GLU H 152 37.58 11.89 18.57
N ASP H 153 37.25 13.15 18.29
CA ASP H 153 37.64 13.85 17.07
C ASP H 153 38.69 14.90 17.44
N GLY H 154 39.96 14.58 17.19
CA GLY H 154 41.04 15.47 17.50
C GLY H 154 41.99 15.72 16.35
N GLY H 155 41.47 15.63 15.13
CA GLY H 155 42.30 15.82 13.95
C GLY H 155 41.63 15.24 12.72
N SER H 156 42.46 14.76 11.80
CA SER H 156 41.95 14.15 10.57
C SER H 156 41.22 12.85 10.90
N ALA H 157 39.93 12.80 10.56
CA ALA H 157 39.08 11.67 10.90
C ALA H 157 38.99 10.64 9.78
N LEU H 158 38.74 11.09 8.55
CA LEU H 158 38.63 10.17 7.43
C LEU H 158 39.95 9.46 7.14
N ALA H 159 41.07 9.97 7.65
CA ALA H 159 42.34 9.27 7.56
C ALA H 159 42.48 8.20 8.63
N ALA H 160 41.48 8.05 9.50
CA ALA H 160 41.48 7.01 10.52
C ALA H 160 40.37 5.98 10.33
N ALA H 161 39.23 6.40 9.76
CA ALA H 161 38.17 5.45 9.46
C ALA H 161 38.50 4.56 8.27
N LEU H 162 39.56 4.86 7.53
CA LEU H 162 39.99 4.02 6.42
C LEU H 162 41.08 3.04 6.83
N THR H 163 42.09 3.52 7.55
CA THR H 163 43.16 2.66 8.03
C THR H 163 42.65 1.60 9.00
N ALA H 164 41.76 1.99 9.91
CA ALA H 164 41.26 1.06 10.92
C ALA H 164 40.32 0.03 10.32
N ALA H 165 39.41 0.45 9.43
CA ALA H 165 38.50 -0.51 8.83
C ALA H 165 39.21 -1.45 7.85
N ALA H 166 40.41 -1.09 7.40
CA ALA H 166 41.20 -2.00 6.59
C ALA H 166 42.04 -2.93 7.45
N LEU H 167 42.52 -2.43 8.59
CA LEU H 167 43.22 -3.31 9.52
C LEU H 167 42.27 -4.36 10.09
N ALA H 168 41.03 -3.97 10.38
CA ALA H 168 40.07 -4.92 10.93
C ALA H 168 39.80 -6.03 9.93
N LEU H 169 39.69 -5.66 8.65
CA LEU H 169 39.45 -6.63 7.61
C LEU H 169 40.63 -7.58 7.49
N ALA H 170 41.85 -7.04 7.55
CA ALA H 170 43.02 -7.90 7.47
C ALA H 170 43.16 -8.82 8.67
N ASP H 171 42.71 -8.42 9.86
CA ASP H 171 42.87 -9.37 10.97
C ASP H 171 41.71 -10.35 11.03
N ALA H 172 40.64 -10.12 10.27
CA ALA H 172 39.50 -11.03 10.33
C ALA H 172 39.57 -12.14 9.28
N GLY H 173 40.67 -12.25 8.55
CA GLY H 173 40.78 -13.34 7.59
C GLY H 173 39.87 -13.30 6.37
N VAL H 174 39.65 -12.12 5.80
CA VAL H 174 38.96 -12.03 4.51
C VAL H 174 40.02 -11.72 3.48
N GLU H 175 39.80 -12.15 2.25
CA GLU H 175 40.83 -12.03 1.22
C GLU H 175 40.72 -10.69 0.50
N MET H 176 41.81 -9.95 0.49
CA MET H 176 41.90 -8.63 -0.12
C MET H 176 43.16 -8.60 -0.98
N TYR H 177 43.15 -7.73 -1.99
CA TYR H 177 44.32 -7.55 -2.83
C TYR H 177 45.43 -6.81 -2.09
N ASP H 178 45.08 -5.87 -1.23
CA ASP H 178 46.06 -5.05 -0.54
C ASP H 178 45.34 -4.29 0.57
N LEU H 179 46.09 -3.50 1.33
CA LEU H 179 45.51 -2.69 2.38
C LEU H 179 45.08 -1.32 1.85
N VAL H 180 44.56 -0.49 2.76
CA VAL H 180 44.19 0.89 2.48
C VAL H 180 44.75 1.75 3.59
N VAL H 181 45.56 2.74 3.22
CA VAL H 181 46.20 3.65 4.17
C VAL H 181 45.75 5.06 3.83
N GLY H 182 45.20 5.76 4.82
CA GLY H 182 44.70 7.09 4.57
C GLY H 182 45.54 8.19 5.18
N CYS H 183 45.33 9.42 4.70
CA CYS H 183 46.02 10.60 5.19
C CYS H 183 45.07 11.77 5.13
N GLY H 184 45.57 12.96 5.45
CA GLY H 184 44.75 14.15 5.44
C GLY H 184 45.60 15.39 5.31
N LEU H 185 45.00 16.45 4.78
CA LEU H 185 45.70 17.71 4.57
C LEU H 185 44.73 18.85 4.77
N SER H 186 45.29 20.05 4.95
CA SER H 186 44.50 21.26 5.09
C SER H 186 45.30 22.44 4.57
N LEU H 187 44.59 23.51 4.23
CA LEU H 187 45.18 24.68 3.60
C LEU H 187 45.20 25.83 4.58
N ALA H 188 46.37 26.44 4.74
CA ALA H 188 46.50 27.60 5.61
C ALA H 188 45.70 28.78 5.06
N PRO H 189 45.21 29.66 5.94
CA PRO H 189 44.40 30.80 5.48
C PRO H 189 45.18 32.08 5.25
N GLY H 190 46.51 32.05 5.32
CA GLY H 190 47.30 33.24 5.19
C GLY H 190 47.42 33.69 3.75
N PRO H 191 48.09 34.83 3.55
CA PRO H 191 48.30 35.34 2.19
C PRO H 191 49.21 34.47 1.35
N ALA H 192 49.97 33.55 1.96
CA ALA H 192 50.80 32.60 1.24
C ALA H 192 50.45 31.20 1.72
N PRO H 193 49.31 30.67 1.29
CA PRO H 193 48.84 29.39 1.85
C PRO H 193 49.76 28.24 1.48
N THR H 194 49.85 27.29 2.40
CA THR H 194 50.65 26.09 2.20
C THR H 194 49.92 24.91 2.82
N TRP H 195 49.96 23.77 2.13
CA TRP H 195 49.28 22.59 2.63
C TRP H 195 50.03 21.99 3.81
N LEU H 196 49.28 21.47 4.78
CA LEU H 196 49.83 20.90 6.00
C LEU H 196 49.43 19.43 6.09
N LEU H 197 50.25 18.65 6.77
CA LEU H 197 50.04 17.21 6.90
C LEU H 197 49.58 16.88 8.32
N ASP H 198 48.58 16.00 8.41
CA ASP H 198 47.94 15.64 9.67
C ASP H 198 47.50 16.89 10.44
N PRO H 199 46.48 17.59 9.96
CA PRO H 199 45.97 18.75 10.69
C PRO H 199 45.15 18.34 11.89
N THR H 200 45.09 19.24 12.86
CA THR H 200 44.27 19.09 14.06
C THR H 200 43.12 20.07 14.04
N ARG H 201 42.22 19.93 15.01
CA ARG H 201 41.04 20.79 15.08
C ARG H 201 41.42 22.26 15.18
N LEU H 202 42.53 22.57 15.85
CA LEU H 202 43.01 23.94 15.87
C LEU H 202 43.56 24.38 14.52
N GLU H 203 43.95 23.43 13.67
CA GLU H 203 44.44 23.72 12.33
C GLU H 203 43.46 23.31 11.24
N GLU H 204 42.25 22.88 11.62
CA GLU H 204 41.25 22.45 10.65
C GLU H 204 40.03 23.35 10.60
N GLU H 205 39.64 23.94 11.74
CA GLU H 205 38.52 24.86 11.74
C GLU H 205 38.94 26.24 11.27
N ARG H 206 40.25 26.51 11.23
CA ARG H 206 40.80 27.76 10.72
C ARG H 206 41.34 27.63 9.30
N ALA H 207 41.09 26.50 8.65
CA ALA H 207 41.62 26.24 7.32
C ALA H 207 40.61 26.62 6.25
N ALA H 208 41.08 26.64 5.00
CA ALA H 208 40.25 26.97 3.85
C ALA H 208 39.85 25.76 3.01
N ALA H 209 40.68 24.73 2.99
CA ALA H 209 40.40 23.54 2.21
C ALA H 209 41.05 22.34 2.88
N GLY H 210 40.56 21.15 2.52
CA GLY H 210 41.12 19.93 3.06
C GLY H 210 41.09 18.83 2.02
N LEU H 211 42.04 17.91 2.13
CA LEU H 211 42.15 16.80 1.19
C LEU H 211 42.49 15.53 1.92
N THR H 212 41.84 14.43 1.55
CA THR H 212 42.13 13.11 2.10
C THR H 212 42.29 12.13 0.96
N VAL H 213 43.39 11.36 1.00
CA VAL H 213 43.72 10.40 -0.04
C VAL H 213 43.72 8.99 0.55
N ALA H 214 43.43 8.01 -0.30
CA ALA H 214 43.43 6.59 0.08
C ALA H 214 44.30 5.87 -0.95
N LEU H 215 45.51 5.51 -0.54
CA LEU H 215 46.50 4.93 -1.43
C LEU H 215 46.79 3.48 -1.07
N MET H 216 46.84 2.61 -2.07
CA MET H 216 47.35 1.27 -1.87
C MET H 216 48.87 1.30 -2.00
N PRO H 217 49.63 0.97 -0.95
CA PRO H 217 51.07 1.28 -0.98
C PRO H 217 51.86 0.42 -1.95
N VAL H 218 51.43 -0.83 -2.15
CA VAL H 218 52.17 -1.75 -3.01
C VAL H 218 51.69 -1.68 -4.46
N LEU H 219 50.37 -1.79 -4.65
CA LEU H 219 49.79 -1.66 -5.99
C LEU H 219 49.92 -0.25 -6.57
N ASN H 220 50.25 0.74 -5.74
CA ASN H 220 50.44 2.12 -6.18
C ASN H 220 49.22 2.64 -6.94
N GLN H 221 48.05 2.45 -6.35
CA GLN H 221 46.78 2.88 -6.93
C GLN H 221 45.97 3.63 -5.90
N VAL H 222 45.47 4.80 -6.27
CA VAL H 222 44.67 5.63 -5.37
C VAL H 222 43.28 5.00 -5.24
N ALA H 223 42.83 4.80 -4.00
CA ALA H 223 41.55 4.14 -3.78
C ALA H 223 40.41 5.14 -3.61
N GLY H 224 40.61 6.21 -2.87
CA GLY H 224 39.56 7.18 -2.65
C GLY H 224 40.14 8.59 -2.61
N LEU H 225 39.34 9.54 -3.10
CA LEU H 225 39.74 10.94 -3.13
C LEU H 225 38.55 11.81 -2.74
N LEU H 226 38.83 12.84 -1.95
CA LEU H 226 37.79 13.77 -1.52
C LEU H 226 38.44 15.09 -1.13
N GLY H 227 37.92 16.19 -1.64
CA GLY H 227 38.47 17.50 -1.34
C GLY H 227 37.60 18.63 -1.80
N SER H 228 37.44 19.65 -0.96
CA SER H 228 36.63 20.81 -1.28
C SER H 228 37.14 22.01 -0.51
N GLY H 229 37.11 23.19 -1.13
CA GLY H 229 37.54 24.39 -0.46
C GLY H 229 37.75 25.61 -1.33
N GLU H 230 38.76 26.41 -1.01
CA GLU H 230 38.98 27.69 -1.68
C GLU H 230 40.24 27.69 -2.55
N GLY H 231 40.90 26.54 -2.71
CA GLY H 231 42.10 26.50 -3.54
C GLY H 231 41.74 26.19 -4.97
N GLY H 232 41.83 27.19 -5.84
CA GLY H 232 41.41 27.05 -7.23
C GLY H 232 42.47 26.97 -8.31
N LEU H 233 43.73 26.77 -7.98
CA LEU H 233 44.75 26.70 -9.02
C LEU H 233 45.20 25.26 -9.15
N THR H 234 45.22 24.75 -10.39
CA THR H 234 45.56 23.35 -10.55
C THR H 234 47.07 23.15 -10.54
N GLU H 235 47.72 23.70 -9.52
CA GLU H 235 49.10 23.39 -9.22
C GLU H 235 49.33 23.09 -7.75
N SER H 236 48.45 23.56 -6.87
CA SER H 236 48.46 23.22 -5.45
C SER H 236 47.95 21.81 -5.18
N TRP H 237 46.92 21.40 -5.90
CA TRP H 237 46.37 20.07 -5.69
C TRP H 237 47.34 18.98 -6.12
N ALA H 238 48.24 19.23 -7.08
CA ALA H 238 49.26 18.22 -7.37
C ALA H 238 50.16 17.93 -6.18
N GLU H 239 50.58 18.98 -5.44
CA GLU H 239 51.38 18.71 -4.24
C GLU H 239 50.52 18.11 -3.15
N ALA H 240 49.29 18.59 -2.96
CA ALA H 240 48.46 18.02 -1.91
C ALA H 240 48.27 16.52 -2.14
N VAL H 241 48.05 16.13 -3.40
CA VAL H 241 47.88 14.72 -3.74
C VAL H 241 49.18 13.95 -3.51
N ARG H 242 50.32 14.53 -3.90
CA ARG H 242 51.53 13.73 -3.86
C ARG H 242 52.15 13.69 -2.46
N LEU H 243 51.93 14.71 -1.63
CA LEU H 243 52.29 14.59 -0.23
C LEU H 243 51.31 13.68 0.51
N GLY H 244 50.06 13.59 0.04
CA GLY H 244 49.18 12.58 0.60
C GLY H 244 49.68 11.19 0.27
N LEU H 245 50.24 11.03 -0.93
CA LEU H 245 50.82 9.75 -1.31
C LEU H 245 52.07 9.46 -0.49
N GLU H 246 52.86 10.50 -0.20
CA GLU H 246 54.03 10.29 0.65
C GLU H 246 53.62 9.92 2.07
N GLY H 247 52.51 10.49 2.55
CA GLY H 247 52.02 10.11 3.87
C GLY H 247 51.54 8.67 3.88
N CYS H 248 50.84 8.25 2.82
CA CYS H 248 50.39 6.87 2.82
C CYS H 248 51.53 5.89 2.62
N GLN H 249 52.65 6.32 2.03
CA GLN H 249 53.82 5.45 2.00
C GLN H 249 54.68 5.56 3.26
N ARG H 250 54.42 6.52 4.14
CA ARG H 250 55.18 6.59 5.38
C ARG H 250 54.45 6.04 6.59
N LEU H 251 53.12 5.90 6.51
CA LEU H 251 52.37 5.26 7.59
C LEU H 251 52.37 3.75 7.47
N TYR H 252 52.81 3.21 6.33
CA TYR H 252 52.73 1.77 6.09
C TYR H 252 53.54 0.92 7.05
N PRO H 253 54.82 1.23 7.37
CA PRO H 253 55.60 0.31 8.22
C PRO H 253 54.98 0.03 9.58
N VAL H 254 54.35 1.01 10.21
CA VAL H 254 53.73 0.77 11.51
C VAL H 254 52.60 -0.26 11.36
N LEU H 255 51.79 -0.12 10.31
CA LEU H 255 50.77 -1.11 10.06
C LEU H 255 51.38 -2.42 9.59
N GLN H 256 52.63 -2.40 9.15
CA GLN H 256 53.32 -3.61 8.75
C GLN H 256 53.68 -4.43 9.97
N GLN H 257 54.19 -3.75 11.00
CA GLN H 257 54.56 -4.48 12.21
C GLN H 257 53.36 -4.76 13.10
N SER H 258 52.24 -4.06 12.88
CA SER H 258 51.08 -4.28 13.74
C SER H 258 50.41 -5.59 13.39
N LEU H 259 50.29 -5.89 12.09
CA LEU H 259 49.67 -7.15 11.71
C LEU H 259 50.61 -8.31 11.97
N VAL H 260 51.93 -8.07 11.92
CA VAL H 260 52.88 -9.11 12.28
C VAL H 260 52.74 -9.49 13.75
N ARG H 261 52.64 -8.48 14.62
CA ARG H 261 52.48 -8.78 16.04
C ARG H 261 51.12 -9.42 16.29
N ALA H 262 50.09 -8.98 15.57
CA ALA H 262 48.75 -9.52 15.75
C ALA H 262 48.71 -10.99 15.37
N ALA H 263 49.36 -11.36 14.27
CA ALA H 263 49.36 -12.75 13.85
C ALA H 263 50.28 -13.60 14.71
N ARG H 264 51.39 -13.02 15.19
CA ARG H 264 52.26 -13.76 16.08
C ARG H 264 51.54 -14.12 17.38
N ARG H 265 50.74 -13.18 17.90
CA ARG H 265 50.01 -13.44 19.13
C ARG H 265 48.84 -14.39 18.89
N ARG H 266 48.11 -14.21 17.79
CA ARG H 266 46.96 -15.09 17.55
C ARG H 266 47.46 -16.52 17.35
N GLY H 267 48.53 -16.71 16.59
CA GLY H 267 49.01 -18.06 16.37
C GLY H 267 49.59 -18.64 17.65
N ALA H 268 50.31 -17.82 18.42
CA ALA H 268 50.91 -18.34 19.64
C ALA H 268 49.87 -18.61 20.71
N ALA H 269 48.63 -18.15 20.53
CA ALA H 269 47.56 -18.36 21.48
C ALA H 269 46.95 -19.76 21.40
N ALA H 270 47.24 -20.51 20.35
CA ALA H 270 46.69 -21.85 20.19
C ALA H 270 47.42 -22.84 21.09
N MET I 5 35.61 21.66 -31.92
CA MET I 5 34.77 21.46 -30.74
C MET I 5 34.23 22.80 -30.28
N ALA I 6 32.90 22.97 -30.31
CA ALA I 6 32.30 24.21 -29.85
C ALA I 6 31.10 24.05 -28.92
N MET I 7 30.55 22.85 -28.77
CA MET I 7 29.46 22.62 -27.82
C MET I 7 28.31 23.59 -28.17
N GLU I 8 27.80 23.39 -29.38
CA GLU I 8 26.67 24.17 -29.91
C GLU I 8 25.48 24.11 -28.97
N MET I 9 24.89 25.29 -28.73
CA MET I 9 23.72 25.46 -27.88
C MET I 9 22.56 26.23 -28.50
N ARG I 10 21.68 25.49 -29.18
CA ARG I 10 20.56 26.03 -29.92
C ARG I 10 19.44 26.30 -28.91
N LEU I 11 18.23 26.64 -29.37
CA LEU I 11 17.12 26.94 -28.48
C LEU I 11 15.90 26.13 -28.90
N PRO I 12 15.05 25.72 -27.95
CA PRO I 12 13.89 24.90 -28.35
C PRO I 12 12.94 25.66 -29.27
N VAL I 13 12.31 24.92 -30.18
CA VAL I 13 11.42 25.48 -31.20
C VAL I 13 10.02 24.87 -31.06
N ALA I 14 9.00 25.71 -31.17
CA ALA I 14 7.63 25.24 -31.02
C ALA I 14 7.29 24.27 -32.14
N ARG I 15 6.59 23.19 -31.80
CA ARG I 15 6.20 22.18 -32.77
C ARG I 15 5.02 22.65 -33.61
N LYS I 16 5.05 22.31 -34.90
CA LYS I 16 3.97 22.65 -35.82
C LYS I 16 2.98 21.50 -35.90
N PRO I 17 1.73 21.69 -35.48
CA PRO I 17 0.77 20.58 -35.48
C PRO I 17 0.08 20.39 -36.83
N LEU I 18 -0.82 19.42 -36.91
CA LEU I 18 -1.69 19.09 -38.04
C LEU I 18 -0.98 18.50 -39.25
N SER I 19 0.35 18.34 -39.20
CA SER I 19 1.12 17.78 -40.30
C SER I 19 0.83 18.46 -41.65
N GLU I 20 0.77 19.79 -41.65
CA GLU I 20 0.45 20.48 -42.90
C GLU I 20 1.56 20.38 -43.94
N ARG I 21 2.73 19.85 -43.58
CA ARG I 21 3.85 19.85 -44.52
C ARG I 21 3.59 19.00 -45.76
N LEU I 22 2.74 17.98 -45.66
CA LEU I 22 2.39 17.23 -46.87
C LEU I 22 0.92 17.36 -47.23
N GLY I 23 0.02 17.09 -46.29
CA GLY I 23 -1.41 17.29 -46.49
C GLY I 23 -2.14 16.04 -46.92
N ARG I 24 -2.89 15.43 -46.02
CA ARG I 24 -3.70 14.26 -46.37
C ARG I 24 -4.99 14.25 -45.56
N ASP I 25 -6.02 13.62 -46.13
CA ASP I 25 -7.29 13.43 -45.47
C ASP I 25 -7.48 11.94 -45.29
N THR I 26 -7.87 11.51 -44.09
CA THR I 26 -8.06 10.08 -43.84
C THR I 26 -9.47 9.67 -44.25
N LYS I 27 -9.58 8.49 -44.86
CA LYS I 27 -10.86 7.91 -45.21
C LYS I 27 -11.31 6.82 -44.23
N LYS I 28 -10.59 6.64 -43.13
CA LYS I 28 -10.92 5.58 -42.18
C LYS I 28 -12.05 6.00 -41.24
N HIS I 29 -12.37 5.11 -40.32
CA HIS I 29 -13.35 5.34 -39.27
C HIS I 29 -12.61 5.36 -37.94
N LEU I 30 -12.66 6.48 -37.22
CA LEU I 30 -11.91 6.64 -35.99
C LEU I 30 -12.88 6.75 -34.82
N VAL I 31 -12.51 6.15 -33.69
CA VAL I 31 -13.37 6.11 -32.50
C VAL I 31 -12.54 6.40 -31.26
N VAL I 32 -13.25 6.74 -30.19
CA VAL I 32 -12.65 6.91 -28.88
C VAL I 32 -13.49 6.13 -27.86
N PRO I 33 -12.92 5.79 -26.72
CA PRO I 33 -13.68 5.01 -25.72
C PRO I 33 -14.99 5.69 -25.36
N GLY I 34 -16.05 4.89 -25.28
CA GLY I 34 -17.38 5.38 -25.04
C GLY I 34 -18.23 5.55 -26.29
N ASP I 35 -17.60 5.63 -27.45
CA ASP I 35 -18.35 5.76 -28.69
C ASP I 35 -19.12 4.47 -28.98
N THR I 36 -20.33 4.61 -29.51
CA THR I 36 -21.14 3.44 -29.86
C THR I 36 -20.88 3.07 -31.31
N ILE I 37 -20.26 1.91 -31.52
CA ILE I 37 -19.99 1.36 -32.84
C ILE I 37 -21.30 0.76 -33.37
N THR I 38 -21.34 0.46 -34.67
CA THR I 38 -22.50 -0.16 -35.31
C THR I 38 -23.08 -1.26 -34.43
N THR I 39 -24.41 -1.26 -34.32
CA THR I 39 -25.17 -2.06 -33.36
C THR I 39 -26.23 -2.89 -34.07
N ASP I 40 -25.83 -3.54 -35.16
CA ASP I 40 -26.76 -4.29 -36.00
C ASP I 40 -27.12 -5.60 -35.30
N THR I 41 -27.87 -6.46 -35.99
CA THR I 41 -28.45 -7.64 -35.35
C THR I 41 -27.38 -8.52 -34.70
N GLY I 42 -26.44 -9.03 -35.51
CA GLY I 42 -25.43 -9.89 -34.93
C GLY I 42 -24.01 -9.56 -35.36
N PHE I 43 -23.17 -9.27 -34.38
CA PHE I 43 -21.77 -8.95 -34.61
C PHE I 43 -20.95 -9.52 -33.47
N MET I 44 -19.66 -9.71 -33.74
CA MET I 44 -18.72 -10.26 -32.77
C MET I 44 -17.70 -9.20 -32.37
N ARG I 45 -17.46 -9.12 -31.05
CA ARG I 45 -16.54 -8.15 -30.51
C ARG I 45 -15.10 -8.62 -30.70
N GLY I 46 -14.23 -7.67 -31.02
CA GLY I 46 -12.82 -7.92 -31.16
C GLY I 46 -12.03 -7.49 -29.94
N HIS I 47 -10.74 -7.27 -30.14
CA HIS I 47 -9.88 -6.77 -29.07
C HIS I 47 -9.81 -5.26 -29.16
N GLY I 48 -10.11 -4.59 -28.04
CA GLY I 48 -10.23 -3.15 -28.02
C GLY I 48 -11.64 -2.64 -27.79
N THR I 49 -12.65 -3.51 -27.81
CA THR I 49 -14.03 -3.12 -27.62
C THR I 49 -14.66 -3.99 -26.53
N TYR I 50 -15.83 -3.56 -26.07
CA TYR I 50 -16.63 -4.33 -25.13
C TYR I 50 -18.09 -4.06 -25.42
N MET I 51 -18.96 -4.71 -24.65
CA MET I 51 -20.40 -4.64 -24.87
C MET I 51 -21.08 -4.15 -23.60
N GLY I 52 -22.10 -3.31 -23.77
CA GLY I 52 -22.88 -2.79 -22.66
C GLY I 52 -24.31 -3.29 -22.62
N GLU I 53 -25.26 -2.43 -22.97
CA GLU I 53 -26.65 -2.83 -23.12
C GLU I 53 -27.02 -2.65 -24.58
N GLU I 54 -27.20 -3.78 -25.28
CA GLU I 54 -27.49 -3.84 -26.70
C GLU I 54 -26.62 -2.83 -27.45
N LYS I 55 -25.35 -2.74 -27.06
CA LYS I 55 -24.48 -1.75 -27.65
C LYS I 55 -23.07 -2.32 -27.76
N LEU I 56 -22.41 -2.03 -28.88
CA LEU I 56 -20.99 -2.33 -29.04
C LEU I 56 -20.23 -1.04 -28.76
N ILE I 57 -19.56 -0.98 -27.61
CA ILE I 57 -18.90 0.24 -27.15
C ILE I 57 -17.40 0.08 -27.31
N ALA I 58 -16.78 1.00 -28.02
CA ALA I 58 -15.32 1.01 -28.16
C ALA I 58 -14.67 1.32 -26.82
N SER I 59 -13.54 0.66 -26.56
CA SER I 59 -12.85 0.84 -25.29
C SER I 59 -11.42 1.35 -25.43
N VAL I 60 -10.96 1.67 -26.63
CA VAL I 60 -9.61 2.16 -26.82
C VAL I 60 -9.55 3.00 -28.09
N ALA I 61 -8.68 4.01 -28.10
CA ALA I 61 -8.54 4.87 -29.26
C ALA I 61 -7.81 4.16 -30.39
N GLY I 62 -8.33 4.31 -31.60
CA GLY I 62 -7.73 3.69 -32.77
C GLY I 62 -8.69 3.69 -33.94
N SER I 63 -8.46 2.78 -34.88
CA SER I 63 -9.28 2.66 -36.07
C SER I 63 -9.89 1.28 -36.16
N VAL I 64 -11.17 1.23 -36.55
CA VAL I 64 -11.88 -0.04 -36.66
C VAL I 64 -11.41 -0.81 -37.89
N GLU I 65 -11.20 -2.12 -37.73
CA GLU I 65 -10.85 -2.99 -38.85
C GLU I 65 -11.74 -4.23 -38.75
N ARG I 66 -12.53 -4.46 -39.79
CA ARG I 66 -13.51 -5.54 -39.82
C ARG I 66 -13.19 -6.54 -40.93
N VAL I 67 -13.10 -7.84 -40.61
CA VAL I 67 -13.09 -8.82 -41.69
C VAL I 67 -14.30 -9.73 -41.48
N ASN I 68 -15.41 -9.31 -42.10
CA ASN I 68 -16.67 -9.82 -42.62
C ASN I 68 -17.71 -10.27 -41.58
N LYS I 69 -17.36 -10.36 -40.30
CA LYS I 69 -18.35 -10.27 -39.22
C LYS I 69 -17.82 -9.53 -38.00
N LEU I 70 -16.59 -9.02 -38.04
CA LEU I 70 -15.84 -8.75 -36.82
C LEU I 70 -15.53 -7.27 -36.64
N ILE I 71 -16.10 -6.64 -35.64
CA ILE I 71 -15.76 -5.25 -35.34
C ILE I 71 -14.71 -5.26 -34.24
N CYS I 72 -13.56 -4.66 -34.51
CA CYS I 72 -12.48 -4.54 -33.54
C CYS I 72 -11.80 -3.19 -33.73
N VAL I 73 -11.10 -2.73 -32.69
CA VAL I 73 -10.40 -1.46 -32.73
C VAL I 73 -8.91 -1.72 -32.52
N LYS I 74 -8.08 -1.19 -33.40
CA LYS I 74 -6.63 -1.36 -33.33
C LYS I 74 -6.00 -0.12 -32.70
N ALA I 75 -5.53 -0.26 -31.47
CA ALA I 75 -4.85 0.84 -30.82
C ALA I 75 -3.46 1.06 -31.41
N LEU I 76 -2.91 2.26 -31.18
CA LEU I 76 -1.60 2.63 -31.71
C LEU I 76 -0.50 2.52 -30.67
N LYS I 77 -0.82 2.11 -29.45
CA LYS I 77 0.20 1.89 -28.44
C LYS I 77 -0.31 0.78 -27.53
N THR I 78 0.39 -0.34 -27.54
CA THR I 78 0.09 -1.51 -26.74
C THR I 78 1.41 -2.15 -26.34
N ARG I 79 1.31 -3.28 -25.65
CA ARG I 79 2.48 -4.09 -25.38
C ARG I 79 2.41 -5.35 -26.25
N TYR I 80 3.55 -6.04 -26.36
CA TYR I 80 3.61 -7.19 -27.25
C TYR I 80 2.68 -8.29 -26.79
N ILE I 81 2.00 -8.91 -27.75
CA ILE I 81 1.14 -10.06 -27.50
C ILE I 81 1.69 -11.23 -28.29
N GLY I 82 1.79 -12.38 -27.64
CA GLY I 82 2.43 -13.52 -28.26
C GLY I 82 1.52 -14.23 -29.25
N GLU I 83 2.13 -14.77 -30.30
CA GLU I 83 1.44 -15.60 -31.27
C GLU I 83 2.34 -16.75 -31.68
N VAL I 84 1.73 -17.83 -32.13
CA VAL I 84 2.47 -19.04 -32.47
C VAL I 84 3.31 -18.77 -33.72
N GLY I 85 4.56 -19.20 -33.68
CA GLY I 85 5.47 -19.01 -34.79
C GLY I 85 5.86 -17.56 -35.01
N ASP I 86 6.31 -16.89 -33.96
CA ASP I 86 6.68 -15.48 -34.02
C ASP I 86 8.11 -15.32 -33.51
N ILE I 87 8.93 -14.61 -34.29
CA ILE I 87 10.33 -14.39 -33.93
C ILE I 87 10.42 -13.30 -32.86
N VAL I 88 11.06 -13.62 -31.74
CA VAL I 88 11.23 -12.66 -30.65
C VAL I 88 12.69 -12.64 -30.23
N VAL I 89 13.06 -11.56 -29.54
CA VAL I 89 14.38 -11.38 -28.95
C VAL I 89 14.21 -10.93 -27.51
N GLY I 90 14.96 -11.52 -26.59
CA GLY I 90 14.80 -11.22 -25.18
C GLY I 90 16.11 -11.34 -24.41
N ARG I 91 16.04 -11.01 -23.12
CA ARG I 91 17.19 -11.03 -22.23
C ARG I 91 16.85 -11.79 -20.96
N ILE I 92 17.81 -12.56 -20.46
CA ILE I 92 17.60 -13.34 -19.24
C ILE I 92 17.66 -12.42 -18.03
N THR I 93 16.61 -12.48 -17.21
CA THR I 93 16.53 -11.69 -15.99
C THR I 93 16.47 -12.52 -14.71
N GLU I 94 16.12 -13.80 -14.80
CA GLU I 94 16.12 -14.68 -13.64
C GLU I 94 16.49 -16.08 -14.10
N VAL I 95 17.35 -16.74 -13.32
CA VAL I 95 17.71 -18.14 -13.57
C VAL I 95 17.16 -19.00 -12.44
N GLN I 96 16.21 -19.86 -12.77
CA GLN I 96 15.50 -20.68 -11.80
C GLN I 96 16.06 -22.10 -11.80
N GLN I 97 15.41 -22.98 -11.03
CA GLN I 97 15.88 -24.36 -10.93
C GLN I 97 15.70 -25.11 -12.24
N LYS I 98 14.58 -24.90 -12.93
CA LYS I 98 14.28 -25.66 -14.14
C LYS I 98 13.86 -24.75 -15.29
N ARG I 99 14.18 -23.47 -15.22
CA ARG I 99 13.76 -22.53 -16.25
C ARG I 99 14.57 -21.24 -16.09
N TRP I 100 14.48 -20.40 -17.12
CA TRP I 100 14.92 -19.02 -17.09
C TRP I 100 13.70 -18.11 -17.23
N LYS I 101 13.88 -16.84 -16.92
CA LYS I 101 12.83 -15.84 -17.13
C LYS I 101 13.36 -14.74 -18.03
N VAL I 102 12.63 -14.47 -19.11
CA VAL I 102 13.07 -13.57 -20.16
C VAL I 102 12.07 -12.43 -20.30
N GLU I 103 12.59 -11.21 -20.45
CA GLU I 103 11.79 -10.01 -20.61
C GLU I 103 11.74 -9.61 -22.08
N THR I 104 10.53 -9.56 -22.64
CA THR I 104 10.33 -9.31 -24.05
C THR I 104 9.24 -8.27 -24.26
N ASN I 105 9.13 -7.30 -23.36
CA ASN I 105 8.13 -6.24 -23.45
C ASN I 105 6.72 -6.79 -23.62
N SER I 106 6.33 -7.70 -22.73
CA SER I 106 4.99 -8.26 -22.70
C SER I 106 4.38 -7.97 -21.34
N ARG I 107 3.10 -8.31 -21.18
CA ARG I 107 2.41 -8.06 -19.90
C ARG I 107 2.91 -8.94 -18.77
N LEU I 108 3.69 -9.98 -19.08
CA LEU I 108 4.24 -10.88 -18.07
C LEU I 108 5.65 -11.24 -18.49
N ASP I 109 6.22 -12.23 -17.82
CA ASP I 109 7.51 -12.77 -18.18
C ASP I 109 7.36 -14.03 -19.03
N SER I 110 8.40 -14.32 -19.80
CA SER I 110 8.43 -15.46 -20.70
C SER I 110 9.40 -16.50 -20.17
N VAL I 111 9.01 -17.77 -20.32
CA VAL I 111 9.71 -18.89 -19.71
C VAL I 111 10.42 -19.67 -20.81
N LEU I 112 11.72 -19.89 -20.62
CA LEU I 112 12.52 -20.73 -21.51
C LEU I 112 12.80 -22.03 -20.75
N LEU I 113 12.11 -23.09 -21.14
CA LEU I 113 12.25 -24.36 -20.45
C LEU I 113 13.58 -25.01 -20.79
N LEU I 114 14.16 -25.69 -19.79
CA LEU I 114 15.40 -26.42 -20.00
C LEU I 114 15.23 -27.53 -21.02
N SER I 115 14.01 -28.09 -21.13
CA SER I 115 13.79 -29.16 -22.10
C SER I 115 14.01 -28.69 -23.53
N SER I 116 13.87 -27.39 -23.79
CA SER I 116 14.04 -26.80 -25.12
C SER I 116 15.24 -25.86 -25.08
N MET I 117 16.43 -26.41 -25.33
CA MET I 117 17.65 -25.61 -25.39
C MET I 117 18.77 -26.41 -26.06
N ASN I 118 19.45 -25.79 -27.01
CA ASN I 118 20.59 -26.40 -27.69
C ASN I 118 21.82 -26.34 -26.79
N LEU I 119 22.03 -27.41 -26.02
CA LEU I 119 23.15 -27.47 -25.10
C LEU I 119 24.46 -27.57 -25.90
N PRO I 120 25.59 -27.20 -25.28
CA PRO I 120 26.88 -27.30 -25.98
C PRO I 120 27.16 -28.71 -26.45
N GLY I 121 27.69 -28.83 -27.67
CA GLY I 121 27.87 -30.14 -28.26
C GLY I 121 27.05 -30.34 -29.53
N GLY I 122 25.83 -29.84 -29.52
CA GLY I 122 24.99 -29.82 -30.71
C GLY I 122 24.73 -31.17 -31.34
N GLU I 123 24.53 -32.21 -30.53
CA GLU I 123 24.24 -33.54 -31.03
C GLU I 123 23.68 -34.38 -29.89
N LEU I 124 23.47 -35.66 -30.18
CA LEU I 124 22.86 -36.60 -29.23
C LEU I 124 24.00 -37.22 -28.42
N ARG I 125 24.26 -36.67 -27.24
CA ARG I 125 25.16 -37.28 -26.26
C ARG I 125 24.44 -37.76 -25.00
N ARG I 126 23.68 -36.88 -24.34
CA ARG I 126 22.95 -37.23 -23.12
C ARG I 126 22.09 -36.07 -22.67
N ARG I 127 21.09 -36.39 -21.86
CA ARG I 127 20.30 -35.38 -21.15
C ARG I 127 19.90 -36.01 -19.83
N SER I 128 20.40 -35.48 -18.72
CA SER I 128 20.06 -36.05 -17.42
C SER I 128 20.11 -34.93 -16.38
N ALA I 129 20.09 -35.32 -15.10
CA ALA I 129 20.08 -34.31 -14.05
C ALA I 129 21.46 -33.70 -13.83
N GLU I 130 22.51 -34.25 -14.45
CA GLU I 130 23.83 -33.65 -14.32
C GLU I 130 23.90 -32.32 -15.05
N ASP I 131 23.11 -32.16 -16.13
CA ASP I 131 23.10 -30.91 -16.85
C ASP I 131 22.39 -29.81 -16.07
N GLU I 132 21.48 -30.17 -15.18
CA GLU I 132 20.71 -29.16 -14.45
C GLU I 132 21.61 -28.29 -13.59
N LEU I 133 22.70 -28.88 -13.10
CA LEU I 133 23.66 -28.13 -12.28
C LEU I 133 24.38 -27.05 -13.08
N ALA I 134 24.80 -27.36 -14.31
CA ALA I 134 25.53 -26.41 -15.13
C ALA I 134 24.64 -25.59 -16.07
N MET I 135 23.33 -25.83 -16.08
CA MET I 135 22.47 -25.00 -16.92
C MET I 135 22.52 -23.55 -16.46
N ARG I 136 22.62 -23.34 -15.15
CA ARG I 136 22.69 -21.99 -14.59
C ARG I 136 24.09 -21.40 -14.67
N GLY I 137 24.98 -22.02 -15.44
CA GLY I 137 26.37 -21.57 -15.53
C GLY I 137 26.65 -20.82 -16.81
N PHE I 138 26.06 -21.30 -17.90
CA PHE I 138 26.30 -20.75 -19.23
C PHE I 138 25.27 -19.70 -19.62
N LEU I 139 24.00 -19.93 -19.29
CA LEU I 139 22.94 -18.93 -19.46
C LEU I 139 22.80 -18.10 -18.19
N GLN I 140 23.77 -17.22 -17.96
CA GLN I 140 23.80 -16.47 -16.71
C GLN I 140 22.87 -15.26 -16.81
N GLU I 141 22.94 -14.39 -15.80
CA GLU I 141 22.06 -13.24 -15.72
C GLU I 141 22.44 -12.17 -16.75
N GLY I 142 21.46 -11.64 -17.46
CA GLY I 142 21.71 -10.54 -18.36
C GLY I 142 22.28 -10.90 -19.71
N ASP I 143 22.03 -12.11 -20.21
CA ASP I 143 22.48 -12.53 -21.53
C ASP I 143 21.37 -12.35 -22.56
N LEU I 144 21.78 -12.40 -23.82
CA LEU I 144 20.88 -12.22 -24.96
C LEU I 144 20.71 -13.54 -25.69
N ILE I 145 19.47 -13.88 -26.00
CA ILE I 145 19.14 -15.04 -26.81
C ILE I 145 18.29 -14.54 -27.99
N SER I 146 17.92 -15.47 -28.87
CA SER I 146 17.02 -15.18 -29.98
C SER I 146 16.28 -16.48 -30.27
N ALA I 147 15.05 -16.58 -29.78
CA ALA I 147 14.32 -17.83 -29.80
C ALA I 147 12.99 -17.64 -30.54
N GLU I 148 12.18 -18.69 -30.53
CA GLU I 148 10.90 -18.69 -31.21
C GLU I 148 9.82 -19.14 -30.24
N VAL I 149 8.68 -18.44 -30.27
CA VAL I 149 7.59 -18.75 -29.34
C VAL I 149 7.04 -20.14 -29.65
N GLN I 150 6.79 -20.91 -28.59
CA GLN I 150 6.28 -22.28 -28.75
C GLN I 150 4.77 -22.33 -28.60
N ALA I 151 4.24 -21.82 -27.49
CA ALA I 151 2.81 -21.93 -27.23
C ALA I 151 2.39 -20.80 -26.29
N VAL I 152 1.07 -20.66 -26.16
CA VAL I 152 0.44 -19.61 -25.35
C VAL I 152 -0.13 -20.28 -24.11
N PHE I 153 0.19 -19.74 -22.94
CA PHE I 153 -0.32 -20.31 -21.70
C PHE I 153 -1.75 -19.83 -21.46
N SER I 154 -2.28 -20.11 -20.28
CA SER I 154 -3.67 -19.80 -19.95
C SER I 154 -3.84 -18.46 -19.28
N ASP I 155 -2.75 -17.72 -19.05
CA ASP I 155 -2.80 -16.41 -18.41
C ASP I 155 -1.97 -15.39 -19.19
N GLY I 156 -1.91 -15.54 -20.51
CA GLY I 156 -1.17 -14.63 -21.34
C GLY I 156 0.32 -14.83 -21.32
N ALA I 157 0.82 -15.86 -20.65
CA ALA I 157 2.24 -16.13 -20.65
C ALA I 157 2.63 -16.84 -21.95
N VAL I 158 3.90 -16.72 -22.30
CA VAL I 158 4.41 -17.27 -23.54
C VAL I 158 5.59 -18.18 -23.22
N SER I 159 5.61 -19.36 -23.84
CA SER I 159 6.75 -20.27 -23.75
C SER I 159 7.47 -20.25 -25.10
N LEU I 160 8.79 -20.05 -25.05
CA LEU I 160 9.59 -19.90 -26.25
C LEU I 160 10.67 -20.97 -26.28
N HIS I 161 10.99 -21.45 -27.48
CA HIS I 161 11.93 -22.56 -27.64
C HIS I 161 13.08 -22.14 -28.56
N THR I 162 14.15 -22.92 -28.50
CA THR I 162 15.39 -22.64 -29.23
C THR I 162 15.84 -23.89 -29.97
N ARG I 163 14.89 -24.54 -30.64
CA ARG I 163 15.16 -25.82 -31.31
C ARG I 163 15.48 -25.60 -32.78
N SER I 164 16.61 -24.93 -33.04
CA SER I 164 17.09 -24.77 -34.40
C SER I 164 18.59 -24.49 -34.36
N LEU I 165 19.15 -24.10 -35.50
CA LEU I 165 20.56 -23.77 -35.63
C LEU I 165 20.83 -22.28 -35.67
N LYS I 166 19.86 -21.49 -36.14
CA LYS I 166 19.97 -20.05 -36.20
C LYS I 166 19.64 -19.36 -34.88
N TYR I 167 19.11 -20.10 -33.91
CA TYR I 167 18.74 -19.53 -32.63
C TYR I 167 19.80 -19.86 -31.59
N GLY I 168 19.87 -19.02 -30.57
CA GLY I 168 20.78 -19.21 -29.46
C GLY I 168 21.36 -17.89 -29.00
N LYS I 169 22.35 -17.99 -28.12
CA LYS I 169 23.00 -16.80 -27.58
C LYS I 169 23.71 -16.01 -28.67
N LEU I 170 23.56 -14.69 -28.62
CA LEU I 170 24.12 -13.77 -29.60
C LEU I 170 25.46 -13.25 -29.11
N GLY I 171 26.17 -12.58 -30.01
CA GLY I 171 27.50 -12.10 -29.69
C GLY I 171 27.62 -10.60 -29.62
N GLN I 172 28.61 -10.04 -30.31
CA GLN I 172 28.86 -8.61 -30.25
C GLN I 172 27.88 -7.85 -31.12
N GLY I 173 27.73 -6.56 -30.81
CA GLY I 173 26.84 -5.70 -31.57
C GLY I 173 26.19 -4.68 -30.65
N VAL I 174 25.16 -4.02 -31.20
CA VAL I 174 24.41 -3.00 -30.48
C VAL I 174 22.92 -3.32 -30.54
N LEU I 175 22.19 -2.86 -29.54
CA LEU I 175 20.76 -3.10 -29.40
C LEU I 175 20.02 -1.77 -29.38
N VAL I 176 18.90 -1.71 -30.09
CA VAL I 176 18.03 -0.55 -30.16
C VAL I 176 16.62 -1.00 -29.86
N GLN I 177 16.00 -0.40 -28.85
CA GLN I 177 14.64 -0.76 -28.46
C GLN I 177 13.65 0.30 -28.90
N VAL I 178 12.61 -0.16 -29.60
CA VAL I 178 11.54 0.67 -30.11
C VAL I 178 10.21 0.07 -29.68
N SER I 179 9.11 0.74 -30.04
CA SER I 179 7.79 0.20 -29.74
C SER I 179 7.54 -1.04 -30.59
N PRO I 180 6.87 -2.07 -30.04
CA PRO I 180 6.58 -3.30 -30.81
C PRO I 180 5.37 -3.20 -31.73
N SER I 181 5.31 -2.12 -32.51
CA SER I 181 4.30 -1.99 -33.54
C SER I 181 4.86 -1.40 -34.82
N LEU I 182 6.17 -1.16 -34.89
CA LEU I 182 6.82 -0.60 -36.07
C LEU I 182 7.59 -1.62 -36.89
N VAL I 183 7.46 -2.91 -36.59
CA VAL I 183 8.16 -3.95 -37.33
C VAL I 183 7.13 -4.61 -38.23
N LYS I 184 7.46 -4.68 -39.52
CA LYS I 184 6.51 -5.18 -40.52
C LYS I 184 6.53 -6.69 -40.62
N ARG I 185 5.35 -7.28 -40.59
CA ARG I 185 5.23 -8.72 -40.68
C ARG I 185 5.69 -9.16 -42.06
N GLN I 186 6.44 -10.26 -42.10
CA GLN I 186 7.02 -10.78 -43.32
C GLN I 186 7.11 -12.29 -43.20
N LYS I 187 7.88 -12.91 -44.10
CA LYS I 187 8.18 -14.32 -44.01
C LYS I 187 9.66 -14.57 -43.77
N THR I 188 10.50 -13.55 -43.88
CA THR I 188 11.94 -13.64 -43.58
C THR I 188 12.28 -12.46 -42.67
N HIS I 189 12.38 -12.69 -41.37
CA HIS I 189 12.77 -11.64 -40.43
C HIS I 189 14.27 -11.60 -40.21
N PHE I 190 15.00 -12.51 -40.84
CA PHE I 190 16.46 -12.54 -40.82
C PHE I 190 16.99 -11.91 -42.10
N HIS I 191 17.94 -10.99 -41.97
CA HIS I 191 18.46 -10.27 -43.11
C HIS I 191 19.99 -10.22 -43.06
N ASP I 192 20.59 -10.08 -44.23
CA ASP I 192 22.03 -10.10 -44.42
C ASP I 192 22.47 -8.94 -45.30
N LEU I 193 21.96 -7.74 -45.01
CA LEU I 193 22.11 -6.53 -45.84
C LEU I 193 23.52 -6.40 -46.38
N PRO I 194 23.65 -6.10 -47.68
CA PRO I 194 24.97 -6.00 -48.35
C PRO I 194 25.72 -4.72 -48.03
N CYS I 195 25.98 -4.51 -46.74
CA CYS I 195 26.71 -3.35 -46.27
C CYS I 195 27.94 -3.72 -45.43
N GLY I 196 27.91 -4.87 -44.76
CA GLY I 196 28.99 -5.31 -43.90
C GLY I 196 28.52 -5.79 -42.55
N ALA I 197 27.21 -5.81 -42.35
CA ALA I 197 26.62 -6.25 -41.10
C ALA I 197 25.28 -6.92 -41.40
N SER I 198 24.67 -7.47 -40.36
CA SER I 198 23.36 -8.11 -40.47
C SER I 198 22.41 -7.46 -39.46
N VAL I 199 21.20 -8.01 -39.37
CA VAL I 199 20.20 -7.46 -38.46
C VAL I 199 19.11 -8.53 -38.28
N ILE I 200 18.50 -8.53 -37.10
CA ILE I 200 17.34 -9.35 -36.80
C ILE I 200 16.23 -8.42 -36.35
N LEU I 201 15.10 -8.44 -37.06
CA LEU I 201 13.98 -7.57 -36.75
C LEU I 201 12.97 -8.34 -35.90
N GLY I 202 13.26 -8.36 -34.59
CA GLY I 202 12.38 -9.00 -33.64
C GLY I 202 10.98 -8.41 -33.60
N ASN I 203 9.96 -9.26 -33.65
CA ASN I 203 8.58 -8.79 -33.66
C ASN I 203 8.17 -8.20 -32.32
N ASN I 204 8.99 -8.37 -31.28
CA ASN I 204 8.69 -7.80 -29.97
C ASN I 204 9.32 -6.44 -29.75
N GLY I 205 10.04 -5.90 -30.73
CA GLY I 205 10.64 -4.58 -30.58
C GLY I 205 12.12 -4.55 -30.32
N PHE I 206 12.80 -5.69 -30.33
CA PHE I 206 14.25 -5.74 -30.11
C PHE I 206 14.96 -5.76 -31.46
N ILE I 207 15.79 -4.75 -31.74
CA ILE I 207 16.55 -4.71 -32.97
C ILE I 207 18.01 -4.96 -32.63
N TRP I 208 18.59 -6.00 -33.23
CA TRP I 208 19.97 -6.39 -32.96
C TRP I 208 20.81 -6.22 -34.21
N ILE I 209 21.92 -5.49 -34.09
CA ILE I 209 22.80 -5.21 -35.23
C ILE I 209 24.16 -5.80 -34.91
N TYR I 210 24.65 -6.68 -35.79
CA TYR I 210 25.94 -7.32 -35.59
C TYR I 210 26.64 -7.48 -36.94
N PRO I 211 27.97 -7.55 -36.94
CA PRO I 211 28.69 -7.74 -38.21
C PRO I 211 28.42 -9.12 -38.80
N THR I 212 28.69 -9.24 -40.10
CA THR I 212 28.52 -10.50 -40.79
C THR I 212 29.49 -11.54 -40.20
N PRO I 213 29.03 -12.79 -40.03
CA PRO I 213 29.85 -13.81 -39.36
C PRO I 213 30.92 -14.43 -40.27
N GLU I 214 31.67 -13.56 -40.95
CA GLU I 214 32.76 -13.95 -41.85
C GLU I 214 32.29 -15.00 -42.87
N HIS I 215 32.77 -16.24 -42.74
CA HIS I 215 32.40 -17.30 -43.66
C HIS I 215 31.24 -18.11 -43.08
N LYS I 216 30.90 -19.20 -43.75
CA LYS I 216 29.79 -20.07 -43.36
C LYS I 216 28.48 -19.30 -43.32
N GLY I 221 25.12 -20.73 -32.03
CA GLY I 221 24.70 -21.51 -30.89
C GLY I 221 25.39 -21.10 -29.61
N GLY I 222 26.21 -20.06 -29.69
CA GLY I 222 26.94 -19.56 -28.53
C GLY I 222 28.16 -20.35 -28.13
N PHE I 223 28.49 -21.42 -28.83
CA PHE I 223 29.68 -22.20 -28.52
C PHE I 223 30.96 -21.39 -28.74
N ILE I 224 30.97 -20.56 -29.78
CA ILE I 224 32.13 -19.74 -30.09
C ILE I 224 32.01 -18.40 -29.37
N ALA I 225 33.10 -17.98 -28.74
CA ALA I 225 33.18 -16.68 -28.07
C ALA I 225 33.55 -15.57 -29.04
N ASN I 226 34.67 -15.74 -29.76
CA ASN I 226 35.12 -14.77 -30.77
C ASN I 226 35.26 -13.37 -30.15
N LEU I 227 35.81 -13.32 -28.94
CA LEU I 227 36.04 -12.06 -28.23
C LEU I 227 37.35 -11.41 -28.68
N GLU I 228 37.47 -11.21 -29.98
CA GLU I 228 38.61 -10.56 -30.60
C GLU I 228 38.21 -9.23 -31.25
N PRO I 229 39.14 -8.31 -31.40
CA PRO I 229 38.78 -6.97 -31.91
C PRO I 229 38.13 -7.01 -33.28
N VAL I 230 37.16 -6.12 -33.47
CA VAL I 230 36.41 -5.99 -34.72
C VAL I 230 37.00 -4.85 -35.52
N SER I 231 37.15 -5.07 -36.83
CA SER I 231 37.82 -4.11 -37.70
C SER I 231 37.13 -2.75 -37.67
N LEU I 232 37.92 -1.71 -37.98
CA LEU I 232 37.42 -0.34 -37.95
C LEU I 232 36.31 -0.13 -38.97
N ALA I 233 36.43 -0.73 -40.15
CA ALA I 233 35.44 -0.55 -41.21
C ALA I 233 34.09 -1.16 -40.86
N ASP I 234 34.00 -1.96 -39.80
CA ASP I 234 32.72 -2.54 -39.40
C ASP I 234 31.98 -1.67 -38.40
N ARG I 235 32.71 -1.00 -37.50
CA ARG I 235 32.06 -0.15 -36.53
C ARG I 235 31.35 1.02 -37.21
N GLU I 236 31.99 1.61 -38.22
CA GLU I 236 31.37 2.77 -38.85
C GLU I 236 30.06 2.38 -39.51
N VAL I 237 29.97 1.15 -40.03
CA VAL I 237 28.74 0.65 -40.61
C VAL I 237 27.69 0.39 -39.53
N ILE I 238 28.12 -0.14 -38.39
CA ILE I 238 27.15 -0.41 -37.33
C ILE I 238 26.60 0.89 -36.77
N SER I 239 27.46 1.89 -36.59
CA SER I 239 27.01 3.19 -36.10
C SER I 239 26.09 3.86 -37.11
N ARG I 240 26.39 3.73 -38.40
CA ARG I 240 25.52 4.30 -39.42
C ARG I 240 24.15 3.66 -39.37
N LEU I 241 24.09 2.33 -39.27
CA LEU I 241 22.78 1.67 -39.19
C LEU I 241 22.06 2.00 -37.89
N ARG I 242 22.79 2.17 -36.79
CA ARG I 242 22.15 2.53 -35.52
C ARG I 242 21.48 3.89 -35.61
N ASN I 243 22.17 4.86 -36.22
CA ASN I 243 21.61 6.19 -36.30
C ASN I 243 20.47 6.20 -37.32
N CYS I 244 20.63 5.48 -38.42
CA CYS I 244 19.56 5.43 -39.41
C CYS I 244 18.32 4.74 -38.84
N ILE I 245 18.50 3.68 -38.04
CA ILE I 245 17.35 3.03 -37.44
C ILE I 245 16.63 3.97 -36.49
N ILE I 246 17.37 4.72 -35.67
CA ILE I 246 16.71 5.69 -34.81
C ILE I 246 15.93 6.70 -35.64
N SER I 247 16.52 7.15 -36.75
CA SER I 247 15.87 8.17 -37.57
C SER I 247 14.59 7.66 -38.19
N LEU I 248 14.65 6.47 -38.83
CA LEU I 248 13.45 5.92 -39.44
C LEU I 248 12.38 5.56 -38.41
N VAL I 249 12.77 4.94 -37.30
CA VAL I 249 11.76 4.55 -36.34
C VAL I 249 11.03 5.74 -35.74
N THR I 250 11.72 6.86 -35.52
CA THR I 250 11.06 7.94 -34.77
C THR I 250 9.80 8.52 -35.44
N GLN I 251 9.89 9.15 -36.62
CA GLN I 251 8.64 9.85 -36.95
C GLN I 251 7.37 9.02 -37.21
N ARG I 252 7.30 8.25 -38.31
CA ARG I 252 6.26 7.22 -38.41
C ARG I 252 6.75 5.89 -38.97
N MET I 253 7.85 5.90 -39.74
CA MET I 253 8.02 4.90 -40.80
C MET I 253 8.01 3.47 -40.25
N MET I 254 7.27 2.62 -40.94
CA MET I 254 7.24 1.21 -40.62
C MET I 254 8.53 0.61 -41.16
N LEU I 255 9.16 -0.25 -40.36
CA LEU I 255 10.52 -0.76 -40.62
C LEU I 255 10.57 -2.09 -41.38
N TYR I 256 11.39 -2.13 -42.42
CA TYR I 256 11.75 -3.38 -43.10
C TYR I 256 12.97 -3.11 -43.99
N ASP I 257 13.37 -4.13 -44.76
CA ASP I 257 14.71 -4.15 -45.35
C ASP I 257 14.96 -3.00 -46.31
N THR I 258 13.97 -2.66 -47.16
CA THR I 258 14.23 -1.69 -48.22
C THR I 258 14.35 -0.29 -47.64
N SER I 259 13.56 0.02 -46.62
CA SER I 259 13.62 1.36 -46.04
C SER I 259 14.98 1.62 -45.41
N ILE I 260 15.51 0.63 -44.68
CA ILE I 260 16.82 0.77 -44.07
C ILE I 260 17.91 0.85 -45.13
N LEU I 261 17.83 0.03 -46.17
CA LEU I 261 18.82 0.12 -47.24
C LEU I 261 18.79 1.48 -47.93
N TYR I 262 17.58 1.98 -48.19
CA TYR I 262 17.41 3.26 -48.87
C TYR I 262 17.99 4.39 -48.02
N CYS I 263 17.71 4.39 -46.72
CA CYS I 263 18.23 5.46 -45.90
C CYS I 263 19.73 5.34 -45.74
N TYR I 264 20.24 4.10 -45.69
CA TYR I 264 21.68 3.94 -45.56
C TYR I 264 22.38 4.53 -46.76
N GLU I 265 21.87 4.25 -47.95
CA GLU I 265 22.48 4.81 -49.15
C GLU I 265 22.33 6.33 -49.16
N ALA I 266 21.19 6.83 -48.69
CA ALA I 266 20.96 8.26 -48.61
C ALA I 266 21.82 8.97 -47.56
N SER I 267 22.46 8.21 -46.67
CA SER I 267 23.23 8.81 -45.58
C SER I 267 24.72 8.93 -45.86
N LEU I 268 25.19 8.45 -47.01
CA LEU I 268 26.62 8.57 -47.32
C LEU I 268 27.16 10.00 -47.40
N PRO I 269 26.48 10.97 -48.03
CA PRO I 269 27.17 12.24 -48.35
C PRO I 269 27.82 12.95 -47.17
N HIS I 270 27.22 12.92 -45.99
CA HIS I 270 27.77 13.64 -44.85
C HIS I 270 27.94 12.72 -43.64
N GLN I 271 28.69 13.22 -42.66
CA GLN I 271 29.33 12.36 -41.67
C GLN I 271 28.31 11.72 -40.73
N ILE I 272 28.76 10.67 -40.04
CA ILE I 272 27.91 9.93 -39.11
C ILE I 272 27.75 10.67 -37.77
N LYS I 273 28.76 11.44 -37.39
CA LYS I 273 28.72 12.16 -36.11
C LYS I 273 27.76 13.35 -36.15
N ASP I 274 27.58 13.98 -37.31
CA ASP I 274 26.81 15.21 -37.38
C ASP I 274 25.31 14.99 -37.55
N ILE I 275 24.85 13.76 -37.76
CA ILE I 275 23.42 13.52 -37.93
C ILE I 275 22.84 13.25 -36.54
N LEU I 276 22.51 14.35 -35.85
CA LEU I 276 21.58 14.28 -34.73
C LEU I 276 20.63 15.47 -34.75
N LYS I 277 20.70 16.31 -35.76
CA LYS I 277 19.93 17.54 -35.78
C LYS I 277 18.49 17.29 -36.23
N PRO I 278 17.55 18.10 -35.75
CA PRO I 278 16.14 17.93 -36.15
C PRO I 278 15.94 18.04 -37.65
N GLU I 279 16.69 18.91 -38.32
CA GLU I 279 16.50 19.12 -39.75
C GLU I 279 17.24 18.11 -40.63
N ILE I 280 18.41 17.60 -40.20
CA ILE I 280 19.09 16.64 -41.06
C ILE I 280 18.29 15.35 -41.11
N MET I 281 17.63 15.04 -40.01
CA MET I 281 16.73 13.90 -39.99
C MET I 281 15.58 14.13 -40.95
N GLU I 282 15.05 15.36 -40.97
CA GLU I 282 13.93 15.66 -41.85
C GLU I 282 14.32 15.55 -43.31
N GLU I 283 15.50 16.09 -43.66
CA GLU I 283 15.97 16.05 -45.04
C GLU I 283 16.35 14.65 -45.48
N ILE I 284 16.50 13.72 -44.53
CA ILE I 284 16.74 12.32 -44.92
C ILE I 284 15.43 11.54 -44.98
N VAL I 285 14.53 11.77 -44.02
CA VAL I 285 13.24 11.07 -44.04
C VAL I 285 12.43 11.48 -45.26
N MET I 286 12.42 12.76 -45.62
CA MET I 286 11.69 13.18 -46.82
C MET I 286 12.28 12.58 -48.07
N GLU I 287 13.62 12.54 -48.15
CA GLU I 287 14.26 11.92 -49.31
C GLU I 287 13.94 10.43 -49.41
N THR I 288 13.96 9.72 -48.29
CA THR I 288 13.54 8.31 -48.34
C THR I 288 12.07 8.17 -48.71
N ARG I 289 11.24 9.10 -48.25
CA ARG I 289 9.81 9.05 -48.58
C ARG I 289 9.60 9.22 -50.07
N GLN I 290 10.32 10.15 -50.69
CA GLN I 290 10.11 10.37 -52.10
C GLN I 290 10.78 9.30 -52.95
N ARG I 291 11.88 8.71 -52.48
CA ARG I 291 12.47 7.60 -53.21
C ARG I 291 11.55 6.38 -53.19
N LEU I 292 10.92 6.13 -52.03
CA LEU I 292 9.90 5.08 -51.95
C LEU I 292 8.69 5.42 -52.81
N LEU I 293 8.39 6.71 -52.98
CA LEU I 293 7.24 7.10 -53.78
C LEU I 293 7.53 6.90 -55.25
N GLU I 294 8.77 7.18 -55.67
CA GLU I 294 9.14 7.06 -57.07
C GLU I 294 9.53 5.63 -57.43
N GLN I 295 9.67 4.74 -56.44
CA GLN I 295 9.96 3.34 -56.72
C GLN I 295 8.67 2.51 -56.66
N GLU I 296 7.94 2.57 -55.54
CA GLU I 296 6.67 1.85 -55.46
C GLU I 296 5.66 2.42 -56.45
N GLY I 297 5.64 3.74 -56.61
CA GLY I 297 4.73 4.38 -57.54
C GLY I 297 5.36 4.61 -58.90
N ALA J 191 58.59 8.24 10.78
CA ALA J 191 57.60 7.18 10.97
C ALA J 191 57.89 6.38 12.24
N LEU J 192 57.86 7.07 13.38
CA LEU J 192 58.15 6.46 14.67
C LEU J 192 56.86 6.07 15.37
N ALA J 193 56.79 4.84 15.86
CA ALA J 193 55.67 4.37 16.64
C ALA J 193 55.89 4.71 18.11
N ALA J 194 54.79 4.84 18.84
CA ALA J 194 54.80 5.42 20.18
C ALA J 194 54.30 4.40 21.19
N ARG J 195 54.42 4.77 22.46
CA ARG J 195 54.04 4.06 23.67
C ARG J 195 52.59 4.33 24.03
N PRO J 196 51.90 3.33 24.59
CA PRO J 196 50.46 3.45 24.82
C PRO J 196 50.13 4.39 25.97
N SER J 197 48.85 4.55 26.28
CA SER J 197 48.43 5.29 27.46
C SER J 197 47.28 4.56 28.13
N ALA J 198 46.96 5.02 29.35
CA ALA J 198 46.06 4.32 30.26
C ALA J 198 44.85 3.70 29.57
N PHE J 199 44.11 4.51 28.82
CA PHE J 199 42.83 4.05 28.27
C PHE J 199 43.04 2.87 27.33
N ALA J 200 44.11 2.89 26.53
CA ALA J 200 44.36 1.78 25.64
C ALA J 200 44.85 0.56 26.40
N SER J 201 45.76 0.76 27.35
CA SER J 201 46.30 -0.39 28.08
C SER J 201 45.27 -1.03 29.01
N THR J 202 44.17 -0.33 29.33
CA THR J 202 43.08 -1.02 30.01
C THR J 202 42.04 -1.58 29.06
N LEU J 203 41.87 -0.99 27.88
CA LEU J 203 40.93 -1.56 26.92
C LEU J 203 41.42 -2.89 26.38
N CYS J 204 42.74 -3.06 26.25
CA CYS J 204 43.32 -4.31 25.76
C CYS J 204 43.73 -5.19 26.94
N LEU J 205 42.71 -5.73 27.61
CA LEU J 205 42.91 -6.70 28.67
C LEU J 205 42.43 -8.06 28.21
N ARG J 206 43.30 -9.07 28.36
CA ARG J 206 42.93 -10.45 28.10
C ARG J 206 42.43 -11.08 29.40
N TYR J 207 41.17 -11.50 29.41
CA TYR J 207 40.62 -12.17 30.59
C TYR J 207 40.73 -13.68 30.39
N PRO J 208 41.70 -14.36 31.03
CA PRO J 208 41.94 -15.79 30.81
C PRO J 208 41.01 -16.68 31.62
N ARG J 215 42.66 -25.22 42.50
CA ARG J 215 41.68 -25.26 43.58
C ARG J 215 41.90 -24.10 44.54
N THR J 216 43.09 -24.04 45.14
CA THR J 216 43.49 -22.96 46.04
C THR J 216 42.41 -22.70 47.09
N LEU J 217 42.15 -23.73 47.90
CA LEU J 217 41.31 -23.66 49.10
C LEU J 217 39.91 -23.19 48.78
N ASP J 218 39.16 -22.75 49.80
CA ASP J 218 37.72 -22.57 49.66
C ASP J 218 37.32 -21.26 50.32
N LEU J 219 36.51 -20.49 49.60
CA LEU J 219 35.96 -19.22 50.05
C LEU J 219 34.60 -19.05 49.39
N TYR J 220 33.85 -18.04 49.85
CA TYR J 220 32.47 -17.84 49.39
C TYR J 220 31.63 -19.08 49.67
N LYS J 221 31.50 -19.38 50.96
CA LYS J 221 31.11 -20.71 51.42
C LYS J 221 29.68 -21.03 51.01
N THR J 222 28.71 -20.20 51.41
CA THR J 222 27.31 -20.49 51.14
C THR J 222 27.08 -20.89 49.67
N PHE J 223 27.89 -20.38 48.76
CA PHE J 223 27.78 -20.75 47.34
C PHE J 223 28.72 -21.90 46.99
N LEU J 224 28.57 -23.03 47.67
CA LEU J 224 28.91 -24.33 47.09
C LEU J 224 27.65 -25.06 46.62
N TYR J 225 27.84 -26.22 46.01
CA TYR J 225 26.75 -26.91 45.33
C TYR J 225 26.13 -28.02 46.17
N SER J 226 26.92 -28.70 47.02
CA SER J 226 26.35 -29.73 47.87
C SER J 226 25.42 -29.12 48.92
N ARG J 227 25.78 -27.93 49.40
CA ARG J 227 25.03 -27.26 50.46
C ARG J 227 23.75 -26.61 49.96
N GLN J 228 23.65 -26.33 48.67
CA GLN J 228 22.51 -25.58 48.15
C GLN J 228 21.46 -26.47 47.50
N VAL J 229 21.83 -27.65 47.01
CA VAL J 229 20.87 -28.58 46.46
C VAL J 229 19.92 -29.08 47.55
N GLU J 236 14.74 -48.07 39.67
CA GLU J 236 15.98 -48.65 39.16
C GLU J 236 15.97 -48.63 37.64
N ILE J 237 17.16 -48.65 37.03
CA ILE J 237 17.28 -48.64 35.58
C ILE J 237 17.84 -49.97 35.10
N SER J 238 16.96 -50.91 34.74
CA SER J 238 17.40 -52.10 34.01
C SER J 238 17.18 -51.88 32.53
N PRO J 239 18.22 -51.59 31.76
CA PRO J 239 18.02 -51.26 30.34
C PRO J 239 17.52 -52.43 29.50
N LEU J 240 18.16 -53.59 29.61
CA LEU J 240 18.14 -54.63 28.58
C LEU J 240 18.39 -54.06 27.19
N VAL J 241 19.58 -53.47 27.02
CA VAL J 241 19.91 -52.80 25.77
C VAL J 241 20.02 -53.81 24.64
N ALA J 242 19.60 -53.38 23.44
CA ALA J 242 19.74 -54.18 22.24
C ALA J 242 21.21 -54.17 21.82
N ILE J 243 21.51 -54.81 20.68
CA ILE J 243 22.84 -54.65 20.10
C ILE J 243 23.18 -53.17 20.09
N THR J 244 24.38 -52.84 20.54
CA THR J 244 24.68 -51.42 20.76
C THR J 244 24.74 -50.62 19.46
N PRO J 245 25.69 -50.85 18.52
CA PRO J 245 25.43 -50.41 17.14
C PRO J 245 24.71 -51.44 16.28
N PHE J 246 24.47 -51.07 15.03
CA PHE J 246 24.01 -51.97 13.98
C PHE J 246 25.07 -51.87 12.90
N ASP J 247 25.92 -52.89 12.79
CA ASP J 247 27.18 -52.75 12.07
C ASP J 247 26.99 -52.79 10.55
N PHE J 248 25.75 -52.71 10.07
CA PHE J 248 25.44 -52.59 8.64
C PHE J 248 25.94 -53.77 7.82
N LYS J 249 26.38 -54.83 8.51
CA LYS J 249 26.91 -56.07 7.95
C LYS J 249 25.96 -56.70 6.95
N SER J 250 24.70 -56.26 6.94
CA SER J 250 23.54 -56.75 6.23
C SER J 250 23.04 -55.74 5.20
N ALA J 251 21.86 -56.02 4.63
CA ALA J 251 21.60 -55.91 3.21
C ALA J 251 21.85 -54.52 2.61
N SER J 252 21.46 -53.43 3.28
CA SER J 252 21.68 -52.10 2.74
C SER J 252 21.13 -51.98 1.31
N PRO J 253 19.79 -52.07 1.14
CA PRO J 253 19.16 -52.09 -0.19
C PRO J 253 19.73 -51.26 -1.34
N ASP J 254 20.02 -49.97 -1.20
CA ASP J 254 20.60 -49.22 -2.32
C ASP J 254 21.74 -49.98 -3.02
N ASP J 255 22.74 -50.41 -2.24
CA ASP J 255 23.85 -51.18 -2.80
C ASP J 255 23.36 -52.43 -3.50
N ILE J 256 22.37 -53.10 -2.90
CA ILE J 256 21.74 -54.27 -3.52
C ILE J 256 21.25 -53.91 -4.90
N VAL J 257 20.32 -52.96 -4.98
CA VAL J 257 19.63 -52.73 -6.25
C VAL J 257 20.64 -52.33 -7.32
N LYS J 258 21.65 -51.55 -6.92
CA LYS J 258 22.63 -51.10 -7.91
C LYS J 258 23.44 -52.28 -8.46
N ALA J 259 24.14 -53.01 -7.58
CA ALA J 259 24.94 -54.14 -8.04
C ALA J 259 24.09 -55.20 -8.70
N ASN J 260 22.92 -55.48 -8.12
CA ASN J 260 21.90 -56.35 -8.70
C ASN J 260 21.66 -56.05 -10.17
N GLN J 261 21.26 -54.81 -10.48
CA GLN J 261 20.90 -54.54 -11.88
C GLN J 261 22.13 -54.53 -12.76
N LYS J 262 23.23 -53.91 -12.31
CA LYS J 262 24.43 -53.87 -13.15
C LYS J 262 24.94 -55.26 -13.52
N LYS J 263 25.09 -56.15 -12.53
CA LYS J 263 25.49 -57.52 -12.82
C LYS J 263 24.43 -58.25 -13.66
N ALA J 264 23.18 -58.23 -13.20
CA ALA J 264 22.07 -58.93 -13.83
C ALA J 264 21.99 -58.66 -15.33
N PHE J 265 21.77 -57.39 -15.67
CA PHE J 265 22.03 -56.84 -17.00
C PHE J 265 21.27 -57.65 -18.06
N THR J 266 20.06 -58.07 -17.69
CA THR J 266 19.26 -59.00 -18.48
C THR J 266 18.00 -58.32 -19.01
N ARG J 267 17.20 -57.73 -18.12
CA ARG J 267 15.95 -57.04 -18.47
C ARG J 267 14.99 -57.95 -19.25
N GLU J 268 14.58 -59.05 -18.62
CA GLU J 268 13.66 -59.98 -19.28
C GLU J 268 12.82 -60.74 -18.25
N MET K 5 -0.52 -13.60 11.06
CA MET K 5 -1.68 -14.46 10.84
C MET K 5 -2.71 -13.67 10.04
N LYS K 6 -3.66 -14.37 9.45
CA LYS K 6 -4.72 -13.76 8.66
C LYS K 6 -6.07 -14.25 9.16
N GLU K 7 -7.11 -13.79 8.48
CA GLU K 7 -8.49 -14.07 8.84
C GLU K 7 -9.00 -15.27 8.08
N THR K 8 -9.95 -15.98 8.69
CA THR K 8 -10.52 -17.15 8.05
C THR K 8 -11.02 -16.73 6.66
N PRO K 9 -10.86 -17.57 5.64
CA PRO K 9 -11.36 -17.19 4.31
C PRO K 9 -12.87 -17.31 4.25
N LEU K 10 -13.41 -16.73 3.18
CA LEU K 10 -14.84 -16.76 2.92
C LEU K 10 -15.16 -17.87 1.92
N SER K 11 -16.13 -18.71 2.27
CA SER K 11 -16.51 -19.83 1.42
C SER K 11 -17.34 -19.31 0.24
N ASN K 12 -17.86 -20.24 -0.55
CA ASN K 12 -18.73 -19.91 -1.67
C ASN K 12 -20.17 -20.29 -1.36
N CYS K 13 -20.44 -20.80 -0.16
CA CYS K 13 -21.78 -21.11 0.31
C CYS K 13 -22.35 -19.93 1.07
N GLU K 14 -21.51 -19.21 1.83
CA GLU K 14 -22.00 -18.04 2.56
C GLU K 14 -22.39 -16.92 1.61
N ARG K 15 -21.60 -16.70 0.55
CA ARG K 15 -21.96 -15.67 -0.41
C ARG K 15 -23.32 -15.96 -1.02
N ARG K 16 -23.51 -17.19 -1.50
CA ARG K 16 -24.80 -17.61 -2.04
C ARG K 16 -25.92 -17.45 -1.03
N PHE K 17 -25.63 -17.75 0.24
CA PHE K 17 -26.68 -17.73 1.25
C PHE K 17 -27.11 -16.29 1.56
N LEU K 18 -26.13 -15.40 1.72
CA LEU K 18 -26.46 -14.00 1.93
C LEU K 18 -27.19 -13.42 0.73
N LEU K 19 -26.77 -13.76 -0.49
CA LEU K 19 -27.43 -13.17 -1.65
C LEU K 19 -28.83 -13.72 -1.92
N ARG K 20 -29.11 -15.00 -1.68
CA ARG K 20 -30.51 -15.43 -1.81
C ARG K 20 -31.35 -14.75 -0.74
N ALA K 21 -30.82 -14.61 0.47
CA ALA K 21 -31.54 -13.85 1.48
C ALA K 21 -31.82 -12.42 1.03
N ILE K 22 -30.76 -11.67 0.70
CA ILE K 22 -30.90 -10.26 0.32
C ILE K 22 -31.87 -10.07 -0.85
N GLU K 23 -31.82 -10.96 -1.85
CA GLU K 23 -32.83 -10.88 -2.93
C GLU K 23 -34.23 -11.02 -2.37
N GLU K 24 -34.41 -11.88 -1.37
CA GLU K 24 -35.70 -12.17 -0.77
C GLU K 24 -36.03 -11.17 0.34
N LYS K 25 -35.09 -10.30 0.67
CA LYS K 25 -35.26 -9.19 1.61
C LYS K 25 -35.52 -9.68 3.04
N LYS K 26 -34.72 -10.64 3.47
CA LYS K 26 -34.73 -11.12 4.84
C LYS K 26 -33.27 -11.37 5.23
N ARG K 27 -32.89 -10.90 6.42
CA ARG K 27 -31.52 -11.04 6.87
C ARG K 27 -31.38 -12.09 7.98
N LEU K 28 -30.13 -12.43 8.27
CA LEU K 28 -29.83 -13.48 9.26
C LEU K 28 -30.43 -13.20 10.63
N ASP K 29 -30.04 -12.10 11.27
CA ASP K 29 -30.42 -11.83 12.65
C ASP K 29 -31.80 -11.17 12.80
N GLY K 30 -32.67 -11.23 11.79
CA GLY K 30 -34.06 -10.88 11.96
C GLY K 30 -34.43 -9.44 11.70
N ARG K 31 -33.50 -8.50 11.78
CA ARG K 31 -33.85 -7.10 11.67
C ARG K 31 -34.10 -6.77 10.21
N GLN K 32 -35.11 -5.94 9.96
CA GLN K 32 -35.51 -5.63 8.60
C GLN K 32 -34.56 -4.58 8.02
N THR K 33 -34.88 -4.05 6.84
CA THR K 33 -33.88 -3.28 6.10
C THR K 33 -33.51 -2.01 6.85
N TYR K 34 -34.52 -1.22 7.20
CA TYR K 34 -34.33 0.10 7.79
C TYR K 34 -34.31 0.07 9.32
N ASP K 35 -33.45 -0.77 9.89
CA ASP K 35 -33.35 -0.94 11.33
C ASP K 35 -31.90 -0.77 11.78
N TYR K 36 -31.74 -0.37 13.04
CA TYR K 36 -30.46 -0.44 13.75
C TYR K 36 -30.43 -1.59 14.75
N ARG K 37 -29.21 -2.01 15.07
CA ARG K 37 -28.98 -2.90 16.20
C ARG K 37 -28.96 -2.07 17.48
N ASN K 38 -29.70 -2.51 18.48
CA ASN K 38 -29.97 -1.66 19.62
C ASN K 38 -28.69 -1.35 20.39
N ILE K 39 -28.72 -0.23 21.12
CA ILE K 39 -27.53 0.42 21.62
C ILE K 39 -27.57 0.39 23.14
N ARG K 40 -26.39 0.54 23.76
CA ARG K 40 -26.24 0.35 25.20
C ARG K 40 -25.01 1.13 25.64
N ILE K 41 -25.23 2.17 26.43
CA ILE K 41 -24.20 3.12 26.83
C ILE K 41 -23.86 2.88 28.30
N SER K 42 -22.61 3.18 28.67
CA SER K 42 -22.16 2.99 30.04
C SER K 42 -21.09 4.01 30.35
N PHE K 43 -21.22 4.66 31.51
CA PHE K 43 -20.39 5.80 31.87
C PHE K 43 -19.39 5.41 32.96
N GLY K 44 -18.19 5.98 32.86
CA GLY K 44 -17.15 5.78 33.86
C GLY K 44 -17.45 6.52 35.16
N THR K 45 -16.40 6.85 35.90
CA THR K 45 -16.52 7.64 37.12
C THR K 45 -15.94 9.02 36.99
N ASP K 46 -14.79 9.16 36.34
CA ASP K 46 -14.24 10.46 36.00
C ASP K 46 -14.77 10.91 34.65
N TYR K 47 -14.91 12.22 34.49
CA TYR K 47 -15.70 12.76 33.39
C TYR K 47 -15.02 12.51 32.05
N GLY K 48 -15.84 12.33 31.03
CA GLY K 48 -15.38 12.12 29.66
C GLY K 48 -14.88 10.71 29.47
N CYS K 49 -15.77 9.73 29.67
CA CYS K 49 -15.41 8.32 29.56
C CYS K 49 -16.69 7.51 29.42
N CYS K 50 -16.81 6.76 28.33
CA CYS K 50 -18.05 6.02 28.09
C CYS K 50 -17.74 4.77 27.29
N ILE K 51 -18.68 3.82 27.34
CA ILE K 51 -18.57 2.56 26.59
C ILE K 51 -19.89 2.40 25.85
N VAL K 52 -19.82 2.43 24.52
CA VAL K 52 -21.00 2.25 23.67
C VAL K 52 -20.94 0.87 23.05
N GLU K 53 -22.10 0.22 22.94
CA GLU K 53 -22.20 -1.09 22.30
C GLU K 53 -23.32 -1.03 21.27
N LEU K 54 -22.96 -0.98 20.00
CA LEU K 54 -23.88 -1.08 18.88
C LEU K 54 -23.92 -2.53 18.44
N GLY K 55 -25.05 -3.21 18.65
CA GLY K 55 -25.04 -4.63 18.37
C GLY K 55 -24.01 -5.32 19.21
N LYS K 56 -22.91 -5.77 18.60
CA LYS K 56 -21.86 -6.46 19.31
C LYS K 56 -20.50 -5.80 19.12
N THR K 57 -20.49 -4.57 18.62
CA THR K 57 -19.27 -3.78 18.51
C THR K 57 -19.10 -2.97 19.79
N ARG K 58 -17.84 -2.72 20.16
CA ARG K 58 -17.53 -1.87 21.30
C ARG K 58 -16.52 -0.81 20.92
N VAL K 59 -16.74 0.42 21.40
CA VAL K 59 -15.77 1.50 21.30
C VAL K 59 -15.65 2.18 22.65
N LEU K 60 -14.43 2.53 23.03
CA LEU K 60 -14.13 3.27 24.26
C LEU K 60 -13.70 4.68 23.90
N GLY K 61 -14.43 5.67 24.38
CA GLY K 61 -14.09 7.07 24.17
C GLY K 61 -13.67 7.70 25.48
N GLN K 62 -12.70 8.61 25.40
CA GLN K 62 -12.15 9.26 26.59
C GLN K 62 -11.56 10.60 26.18
N VAL K 63 -12.09 11.69 26.75
CA VAL K 63 -11.60 13.03 26.46
C VAL K 63 -10.70 13.49 27.60
N SER K 64 -9.75 14.35 27.27
CA SER K 64 -8.81 14.88 28.24
C SER K 64 -8.18 16.15 27.69
N CYS K 65 -7.98 17.13 28.57
CA CYS K 65 -7.53 18.46 28.18
C CYS K 65 -6.21 18.77 28.87
N GLU K 66 -5.54 19.80 28.38
CA GLU K 66 -4.20 20.14 28.87
C GLU K 66 -3.84 21.51 28.32
N LEU K 67 -2.94 22.20 29.03
CA LEU K 67 -2.68 23.63 28.82
C LEU K 67 -1.32 23.88 28.17
N VAL K 68 -1.33 24.49 26.98
CA VAL K 68 -0.14 24.77 26.19
C VAL K 68 -0.21 26.20 25.67
N SER K 69 0.81 26.59 24.90
CA SER K 69 0.92 27.90 24.25
C SER K 69 0.49 27.81 22.80
N PRO K 70 -0.35 28.75 22.33
CA PRO K 70 -1.11 28.56 21.08
C PRO K 70 -0.37 28.99 19.82
N LYS K 71 0.62 28.18 19.43
CA LYS K 71 1.35 28.29 18.16
C LYS K 71 1.69 29.73 17.78
N LEU K 72 1.57 30.04 16.49
CA LEU K 72 1.75 31.40 15.97
C LEU K 72 0.69 31.61 14.90
N ASN K 73 -0.07 32.71 15.05
CA ASN K 73 -1.35 32.97 14.38
C ASN K 73 -2.44 32.18 15.10
N ARG K 74 -3.71 32.56 14.89
CA ARG K 74 -4.85 32.00 15.60
C ARG K 74 -4.65 32.11 17.12
N ALA K 75 -4.29 33.32 17.55
CA ALA K 75 -3.93 33.60 18.93
C ALA K 75 -5.10 33.58 19.90
N THR K 76 -6.33 33.39 19.44
CA THR K 76 -7.49 33.45 20.31
C THR K 76 -8.43 32.27 20.09
N GLU K 77 -7.84 31.07 20.02
CA GLU K 77 -8.61 29.83 19.96
C GLU K 77 -7.78 28.73 20.61
N GLY K 78 -8.29 27.51 20.55
CA GLY K 78 -7.56 26.35 21.02
C GLY K 78 -7.54 25.26 19.97
N ILE K 79 -6.64 24.31 20.16
CA ILE K 79 -6.42 23.26 19.19
C ILE K 79 -7.15 22.01 19.68
N LEU K 80 -7.33 21.04 18.78
CA LEU K 80 -8.16 19.87 19.08
C LEU K 80 -7.54 18.70 18.32
N PHE K 81 -6.70 17.93 19.00
CA PHE K 81 -6.13 16.76 18.36
C PHE K 81 -7.20 15.70 18.18
N PHE K 82 -6.91 14.72 17.33
CA PHE K 82 -7.63 13.46 17.37
C PHE K 82 -6.66 12.36 16.95
N ASN K 83 -6.90 11.14 17.45
CA ASN K 83 -6.10 10.01 17.01
C ASN K 83 -6.94 8.76 17.13
N LEU K 84 -7.56 8.31 16.03
CA LEU K 84 -8.18 6.99 16.05
C LEU K 84 -7.08 5.93 16.16
N GLU K 85 -7.45 4.75 16.68
CA GLU K 85 -6.55 3.61 16.68
C GLU K 85 -7.37 2.33 16.69
N LEU K 86 -6.81 1.30 16.05
CA LEU K 86 -7.45 0.00 15.89
C LEU K 86 -6.67 -1.04 16.67
N SER K 87 -7.33 -1.60 17.69
CA SER K 87 -6.74 -2.53 18.63
C SER K 87 -6.70 -3.93 18.06
N GLN K 88 -5.54 -4.57 18.17
CA GLN K 88 -5.31 -5.95 17.73
C GLN K 88 -6.44 -6.88 18.15
N MET K 89 -7.10 -6.61 19.27
CA MET K 89 -8.21 -7.42 19.76
C MET K 89 -9.52 -7.15 19.05
N ALA K 90 -9.59 -6.11 18.23
CA ALA K 90 -10.86 -5.85 17.56
C ALA K 90 -11.16 -7.03 16.64
N ALA K 91 -10.14 -7.54 15.97
CA ALA K 91 -10.26 -8.64 15.04
C ALA K 91 -8.86 -9.23 14.81
N PRO K 92 -8.78 -10.49 14.40
CA PRO K 92 -7.45 -11.11 14.18
C PRO K 92 -6.54 -10.32 13.26
N ALA K 93 -7.09 -9.69 12.22
CA ALA K 93 -6.26 -9.14 11.14
C ALA K 93 -5.51 -7.89 11.59
N PHE K 94 -6.14 -7.04 12.39
CA PHE K 94 -5.54 -5.77 12.78
C PHE K 94 -4.19 -6.00 13.44
N GLU K 95 -3.18 -5.28 12.96
CA GLU K 95 -1.78 -5.53 13.25
C GLU K 95 -1.07 -4.18 13.29
N PRO K 96 -0.22 -3.94 14.27
CA PRO K 96 0.37 -2.61 14.45
C PRO K 96 1.36 -2.21 13.37
N GLY K 97 0.81 -1.87 12.20
CA GLY K 97 1.58 -1.41 11.06
C GLY K 97 1.40 -2.17 9.76
N ARG K 98 0.24 -2.84 9.62
CA ARG K 98 -0.05 -3.68 8.46
C ARG K 98 -1.49 -3.45 8.00
N GLN K 99 -2.16 -2.40 8.48
CA GLN K 99 -3.51 -2.03 8.07
C GLN K 99 -3.58 -0.52 7.83
N SER K 100 -2.52 0.04 7.27
CA SER K 100 -2.30 1.47 7.10
C SER K 100 -3.13 2.08 6.00
N ASP K 101 -4.09 1.40 5.38
CA ASP K 101 -4.97 2.01 4.39
C ASP K 101 -6.43 2.02 4.83
N LEU K 102 -6.73 1.61 6.06
CA LEU K 102 -8.01 1.86 6.70
C LEU K 102 -7.93 2.96 7.75
N LEU K 103 -6.82 2.97 8.51
CA LEU K 103 -6.59 4.00 9.51
C LEU K 103 -6.73 5.40 8.93
N VAL K 104 -6.21 5.59 7.71
CA VAL K 104 -6.20 6.93 7.14
C VAL K 104 -7.62 7.39 6.82
N LYS K 105 -8.38 6.56 6.11
CA LYS K 105 -9.74 6.96 5.76
C LYS K 105 -10.61 7.10 7.00
N LEU K 106 -10.30 6.37 8.06
CA LEU K 106 -11.11 6.45 9.27
C LEU K 106 -10.80 7.73 10.05
N ASN K 107 -9.52 7.98 10.33
CA ASN K 107 -9.12 9.23 10.96
C ASN K 107 -9.67 10.41 10.17
N ARG K 108 -9.60 10.35 8.85
CA ARG K 108 -10.11 11.43 8.01
C ARG K 108 -11.62 11.60 8.17
N LEU K 109 -12.39 10.52 8.02
CA LEU K 109 -13.83 10.61 8.24
C LEU K 109 -14.11 11.31 9.56
N MET K 110 -13.48 10.84 10.63
CA MET K 110 -13.72 11.37 11.97
C MET K 110 -13.36 12.85 12.06
N GLU K 111 -12.20 13.23 11.50
CA GLU K 111 -11.71 14.60 11.67
C GLU K 111 -12.53 15.57 10.82
N ARG K 112 -12.81 15.22 9.57
CA ARG K 112 -13.63 16.09 8.74
C ARG K 112 -15.00 16.29 9.37
N CYS K 113 -15.63 15.21 9.82
CA CYS K 113 -16.91 15.35 10.51
C CYS K 113 -16.81 16.26 11.72
N LEU K 114 -16.00 15.88 12.71
CA LEU K 114 -16.02 16.59 14.00
C LEU K 114 -15.47 18.01 13.94
N ARG K 115 -14.46 18.26 13.09
CA ARG K 115 -13.77 19.55 13.14
C ARG K 115 -14.27 20.56 12.11
N ASN K 116 -14.80 20.10 10.99
CA ASN K 116 -15.34 21.00 9.98
C ASN K 116 -16.81 21.34 10.19
N SER K 117 -17.54 20.52 10.94
CA SER K 117 -18.93 20.85 11.24
C SER K 117 -19.05 22.08 12.13
N LYS K 118 -18.01 22.41 12.89
CA LYS K 118 -18.05 23.50 13.86
C LYS K 118 -19.23 23.38 14.82
N CYS K 119 -19.22 22.30 15.60
CA CYS K 119 -20.16 22.16 16.70
C CYS K 119 -19.53 22.46 18.05
N ILE K 120 -18.30 22.02 18.28
CA ILE K 120 -17.59 22.42 19.48
C ILE K 120 -17.20 23.90 19.36
N ASP K 121 -17.28 24.61 20.48
CA ASP K 121 -16.98 26.04 20.52
C ASP K 121 -15.53 26.21 20.96
N THR K 122 -14.60 26.17 20.01
CA THR K 122 -13.21 26.42 20.36
C THR K 122 -12.88 27.90 20.47
N GLU K 123 -13.88 28.77 20.36
CA GLU K 123 -13.65 30.19 20.63
C GLU K 123 -13.34 30.40 22.11
N SER K 124 -14.25 29.95 22.98
CA SER K 124 -14.15 30.19 24.42
C SER K 124 -13.39 29.07 25.13
N LEU K 125 -12.17 28.85 24.68
CA LEU K 125 -11.21 27.99 25.37
C LEU K 125 -9.86 28.68 25.47
N CYS K 126 -9.87 29.95 25.85
CA CYS K 126 -8.65 30.70 26.05
C CYS K 126 -8.58 31.27 27.46
N VAL K 127 -7.37 31.62 27.87
CA VAL K 127 -7.09 32.06 29.23
C VAL K 127 -6.42 33.42 29.12
N VAL K 128 -5.35 33.48 28.33
CA VAL K 128 -4.83 34.71 27.75
C VAL K 128 -4.77 34.47 26.23
N ALA K 129 -4.41 35.48 25.46
CA ALA K 129 -4.00 35.24 24.09
C ALA K 129 -2.50 35.45 23.97
N GLY K 130 -1.89 34.70 23.05
CA GLY K 130 -0.46 34.63 22.98
C GLY K 130 0.15 33.78 24.08
N GLU K 131 -0.66 33.37 25.06
CA GLU K 131 -0.26 32.60 26.22
C GLU K 131 -1.16 31.38 26.41
N LYS K 132 -0.99 30.70 27.54
CA LYS K 132 -1.52 29.36 27.76
C LYS K 132 -3.02 29.29 27.50
N VAL K 133 -3.41 28.34 26.66
CA VAL K 133 -4.81 28.04 26.37
C VAL K 133 -5.01 26.53 26.40
N TRP K 134 -6.26 26.11 26.59
CA TRP K 134 -6.55 24.69 26.75
C TRP K 134 -6.48 23.99 25.40
N GLN K 135 -5.80 22.84 25.37
CA GLN K 135 -5.68 22.02 24.16
C GLN K 135 -6.37 20.69 24.42
N ILE K 136 -7.60 20.51 23.95
CA ILE K 136 -8.27 19.25 24.21
C ILE K 136 -7.70 18.18 23.27
N ARG K 137 -7.94 16.91 23.59
CA ARG K 137 -7.41 15.81 22.78
C ARG K 137 -8.33 14.62 23.00
N VAL K 138 -9.21 14.36 22.04
CA VAL K 138 -10.09 13.21 22.10
C VAL K 138 -9.31 11.94 21.79
N ASP K 139 -9.79 10.81 22.31
CA ASP K 139 -9.16 9.51 22.09
C ASP K 139 -10.24 8.44 22.09
N LEU K 140 -10.28 7.66 21.01
CA LEU K 140 -11.19 6.52 20.87
C LEU K 140 -10.38 5.25 20.61
N HIS K 141 -10.90 4.12 21.10
CA HIS K 141 -10.31 2.82 20.82
C HIS K 141 -11.41 1.87 20.38
N LEU K 142 -11.09 1.03 19.40
CA LEU K 142 -11.98 -0.03 18.97
C LEU K 142 -11.62 -1.31 19.73
N LEU K 143 -12.61 -1.91 20.38
CA LEU K 143 -12.39 -3.10 21.19
C LEU K 143 -12.83 -4.40 20.53
N ASN K 144 -13.96 -4.38 19.82
CA ASN K 144 -14.51 -5.59 19.23
C ASN K 144 -15.12 -5.25 17.88
N HIS K 145 -14.60 -5.89 16.83
CA HIS K 145 -15.02 -5.61 15.47
C HIS K 145 -16.18 -6.51 15.09
N ASP K 146 -17.35 -5.91 14.88
CA ASP K 146 -18.49 -6.61 14.28
C ASP K 146 -19.16 -5.75 13.22
N GLY K 147 -18.41 -4.93 12.47
CA GLY K 147 -19.07 -4.21 11.40
C GLY K 147 -19.60 -2.85 11.83
N ASN K 148 -19.56 -1.87 10.94
CA ASN K 148 -20.05 -0.51 11.22
C ASN K 148 -19.24 0.18 12.32
N ILE K 149 -17.92 0.21 12.12
CA ILE K 149 -17.01 0.79 13.11
C ILE K 149 -17.25 2.28 13.27
N ILE K 150 -17.71 2.95 12.21
CA ILE K 150 -17.69 4.41 12.20
C ILE K 150 -18.93 5.01 12.86
N ASP K 151 -20.10 4.41 12.69
CA ASP K 151 -21.26 4.84 13.45
C ASP K 151 -21.00 4.76 14.95
N ALA K 152 -20.48 3.63 15.42
CA ALA K 152 -20.18 3.47 16.83
C ALA K 152 -19.10 4.45 17.28
N ALA K 153 -18.07 4.64 16.46
CA ALA K 153 -17.00 5.58 16.85
C ALA K 153 -17.53 7.00 16.92
N SER K 154 -18.47 7.36 16.06
CA SER K 154 -19.01 8.71 16.08
C SER K 154 -19.89 8.92 17.28
N ILE K 155 -20.80 7.97 17.55
CA ILE K 155 -21.64 8.09 18.75
C ILE K 155 -20.78 8.15 20.00
N ALA K 156 -19.70 7.36 20.04
CA ALA K 156 -18.81 7.36 21.19
C ALA K 156 -18.15 8.72 21.37
N ALA K 157 -17.63 9.29 20.28
CA ALA K 157 -16.99 10.60 20.37
C ALA K 157 -17.98 11.67 20.80
N ILE K 158 -19.20 11.63 20.26
CA ILE K 158 -20.23 12.58 20.67
C ILE K 158 -20.47 12.50 22.16
N VAL K 159 -20.77 11.30 22.68
CA VAL K 159 -21.10 11.18 24.10
C VAL K 159 -19.92 11.58 24.97
N ALA K 160 -18.70 11.16 24.57
CA ALA K 160 -17.53 11.50 25.35
C ALA K 160 -17.29 13.00 25.39
N LEU K 161 -17.63 13.70 24.31
CA LEU K 161 -17.41 15.14 24.30
C LEU K 161 -18.55 15.87 25.03
N CYS K 162 -19.74 15.30 25.03
CA CYS K 162 -20.87 15.88 25.73
C CYS K 162 -20.95 15.44 27.19
N HIS K 163 -19.95 14.71 27.68
CA HIS K 163 -19.90 14.36 29.08
C HIS K 163 -18.65 14.90 29.80
N PHE K 164 -17.68 15.43 29.06
CA PHE K 164 -16.50 16.02 29.68
C PHE K 164 -16.88 17.20 30.57
N ARG K 165 -15.95 17.59 31.44
CA ARG K 165 -16.08 18.78 32.27
C ARG K 165 -14.69 19.29 32.58
N ARG K 166 -14.36 20.50 32.11
CA ARG K 166 -13.03 21.04 32.26
C ARG K 166 -12.67 21.35 33.71
N PRO K 167 -11.42 21.71 33.94
CA PRO K 167 -11.04 22.46 35.15
C PRO K 167 -11.50 23.90 34.99
N ASP K 168 -11.17 24.77 35.93
CA ASP K 168 -11.62 26.14 35.78
C ASP K 168 -10.69 27.06 36.56
N VAL K 169 -10.61 28.30 36.08
CA VAL K 169 -9.55 29.24 36.40
C VAL K 169 -10.16 30.59 36.75
N SER K 170 -9.36 31.39 37.46
CA SER K 170 -9.71 32.77 37.77
C SER K 170 -8.68 33.66 37.09
N VAL K 171 -9.17 34.62 36.32
CA VAL K 171 -8.33 35.57 35.60
C VAL K 171 -8.87 36.96 35.84
N GLN K 172 -8.02 37.82 36.41
CA GLN K 172 -8.37 39.21 36.67
C GLN K 172 -7.07 39.98 36.79
N GLY K 173 -7.09 41.23 36.35
CA GLY K 173 -5.83 41.94 36.15
C GLY K 173 -4.90 41.21 35.21
N ASP K 174 -3.66 41.00 35.64
CA ASP K 174 -2.70 40.21 34.88
C ASP K 174 -2.19 39.00 35.65
N GLU K 175 -3.07 38.25 36.32
CA GLU K 175 -2.64 37.22 37.23
C GLU K 175 -3.48 35.96 37.04
N VAL K 176 -2.81 34.81 37.11
CA VAL K 176 -3.42 33.52 36.85
C VAL K 176 -3.75 32.86 38.19
N THR K 177 -4.57 31.81 38.14
CA THR K 177 -4.71 30.88 39.25
C THR K 177 -5.49 29.66 38.77
N LEU K 178 -5.10 28.48 39.27
CA LEU K 178 -5.64 27.21 38.84
C LEU K 178 -6.30 26.52 40.03
N TYR K 179 -7.57 26.16 39.88
CA TYR K 179 -8.35 25.58 40.96
C TYR K 179 -8.32 24.05 40.88
N THR K 180 -9.12 23.42 41.73
CA THR K 180 -9.28 21.97 41.77
C THR K 180 -10.70 21.67 42.22
N PRO K 181 -11.23 20.47 41.90
CA PRO K 181 -12.65 20.18 42.17
C PRO K 181 -13.12 20.48 43.59
N GLU K 182 -12.19 20.61 44.53
CA GLU K 182 -12.54 21.04 45.87
C GLU K 182 -12.48 22.56 46.03
N GLU K 183 -11.58 23.22 45.29
CA GLU K 183 -11.52 24.68 45.34
C GLU K 183 -12.59 25.31 44.45
N ARG K 184 -12.87 24.71 43.29
CA ARG K 184 -13.90 25.21 42.40
C ARG K 184 -14.46 24.04 41.58
N ASP K 185 -15.73 24.16 41.24
CA ASP K 185 -16.50 23.07 40.63
C ASP K 185 -16.17 22.97 39.15
N PRO K 186 -15.90 21.76 38.64
CA PRO K 186 -15.62 21.62 37.20
C PRO K 186 -16.78 22.12 36.36
N VAL K 187 -16.45 22.55 35.15
CA VAL K 187 -17.38 23.28 34.29
C VAL K 187 -17.67 22.49 33.02
N PRO K 188 -18.90 22.55 32.49
CA PRO K 188 -19.22 21.78 31.27
C PRO K 188 -18.65 22.45 30.03
N LEU K 189 -18.95 21.92 28.85
CA LEU K 189 -18.55 22.56 27.61
C LEU K 189 -19.77 23.05 26.85
N SER K 190 -19.50 23.72 25.73
CA SER K 190 -20.51 24.32 24.88
C SER K 190 -20.51 23.62 23.52
N ILE K 191 -21.63 23.01 23.17
CA ILE K 191 -21.77 22.16 22.00
C ILE K 191 -22.91 22.69 21.16
N HIS K 192 -22.58 23.20 19.97
CA HIS K 192 -23.63 23.78 19.14
C HIS K 192 -24.55 22.68 18.65
N HIS K 193 -24.01 21.70 17.92
CA HIS K 193 -24.85 20.66 17.38
C HIS K 193 -24.14 19.31 17.54
N MET K 194 -24.80 18.26 17.04
CA MET K 194 -24.40 16.87 17.26
C MET K 194 -24.34 16.11 15.94
N PRO K 195 -23.23 16.18 15.22
CA PRO K 195 -23.12 15.51 13.91
C PRO K 195 -22.87 14.01 14.09
N ILE K 196 -23.75 13.21 13.50
CA ILE K 196 -23.79 11.77 13.72
C ILE K 196 -23.78 11.08 12.37
N CYS K 197 -22.83 10.17 12.18
CA CYS K 197 -22.65 9.48 10.90
C CYS K 197 -23.68 8.38 10.71
N VAL K 198 -23.97 8.08 9.45
CA VAL K 198 -24.81 6.95 9.06
C VAL K 198 -24.14 6.28 7.86
N SER K 199 -24.26 4.95 7.79
CA SER K 199 -23.69 4.22 6.67
C SER K 199 -24.74 3.38 5.96
N PHE K 200 -24.53 3.21 4.65
CA PHE K 200 -25.34 2.36 3.80
C PHE K 200 -24.44 1.47 2.96
N ALA K 201 -24.87 0.23 2.74
CA ALA K 201 -24.18 -0.73 1.89
C ALA K 201 -25.05 -1.06 0.69
N PHE K 202 -24.41 -1.24 -0.47
CA PHE K 202 -25.10 -1.58 -1.69
C PHE K 202 -24.73 -2.99 -2.14
N PHE K 203 -25.72 -3.70 -2.68
CA PHE K 203 -25.64 -5.13 -2.92
C PHE K 203 -26.05 -5.43 -4.35
N GLN K 204 -25.22 -6.22 -5.05
CA GLN K 204 -25.42 -6.57 -6.46
C GLN K 204 -25.76 -5.34 -7.31
N GLN K 205 -24.80 -4.42 -7.38
CA GLN K 205 -24.86 -3.25 -8.26
C GLN K 205 -26.09 -2.38 -7.99
N GLY K 206 -26.12 -1.83 -6.78
CA GLY K 206 -27.13 -0.88 -6.36
C GLY K 206 -28.59 -1.25 -6.39
N THR K 207 -28.91 -2.52 -6.64
CA THR K 207 -30.32 -2.88 -6.79
C THR K 207 -30.98 -2.97 -5.42
N TYR K 208 -30.21 -3.31 -4.39
CA TYR K 208 -30.70 -3.38 -3.02
C TYR K 208 -29.74 -2.61 -2.12
N LEU K 209 -30.27 -2.16 -0.98
CA LEU K 209 -29.49 -1.54 0.07
C LEU K 209 -29.92 -2.11 1.42
N LEU K 210 -29.01 -2.04 2.39
CA LEU K 210 -29.28 -2.52 3.74
C LEU K 210 -28.67 -1.55 4.74
N VAL K 211 -29.49 -1.13 5.70
CA VAL K 211 -29.07 -0.19 6.73
C VAL K 211 -28.31 -0.94 7.83
N ASP K 212 -27.19 -0.37 8.26
CA ASP K 212 -26.42 -0.84 9.40
C ASP K 212 -25.96 -2.28 9.21
N PRO K 213 -25.04 -2.54 8.28
CA PRO K 213 -24.62 -3.91 8.01
C PRO K 213 -23.46 -4.31 8.91
N ASN K 214 -23.43 -5.60 9.23
CA ASN K 214 -22.35 -6.20 9.98
C ASN K 214 -21.36 -6.93 9.08
N GLU K 215 -20.40 -7.61 9.70
CA GLU K 215 -19.10 -7.84 9.09
C GLU K 215 -19.19 -8.91 8.00
N ARG K 216 -20.09 -9.87 8.17
CA ARG K 216 -20.37 -10.84 7.12
C ARG K 216 -21.06 -10.17 5.94
N GLU K 217 -22.13 -9.41 6.20
CA GLU K 217 -22.77 -8.58 5.17
C GLU K 217 -21.77 -7.61 4.54
N GLU K 218 -20.69 -7.29 5.23
CA GLU K 218 -19.64 -6.42 4.71
C GLU K 218 -18.73 -7.12 3.72
N ARG K 219 -18.63 -8.44 3.75
CA ARG K 219 -17.79 -9.17 2.81
C ARG K 219 -18.55 -9.62 1.57
N VAL K 220 -19.87 -9.38 1.51
CA VAL K 220 -20.66 -9.72 0.34
C VAL K 220 -21.26 -8.44 -0.28
N MET K 221 -20.55 -7.33 -0.14
CA MET K 221 -21.06 -6.04 -0.61
C MET K 221 -20.11 -5.36 -1.57
N ASP K 222 -20.67 -4.49 -2.42
CA ASP K 222 -19.88 -3.80 -3.44
C ASP K 222 -19.17 -2.57 -2.88
N GLY K 223 -19.93 -1.61 -2.36
CA GLY K 223 -19.35 -0.41 -1.83
C GLY K 223 -20.24 0.20 -0.75
N LEU K 224 -19.71 1.22 -0.11
CA LEU K 224 -20.31 1.81 1.08
C LEU K 224 -20.61 3.28 0.84
N LEU K 225 -21.70 3.74 1.43
CA LEU K 225 -22.03 5.16 1.41
C LEU K 225 -22.29 5.60 2.83
N VAL K 226 -21.56 6.63 3.26
CA VAL K 226 -21.64 7.19 4.60
C VAL K 226 -22.21 8.59 4.47
N ILE K 227 -23.12 8.95 5.35
CA ILE K 227 -23.74 10.27 5.32
C ILE K 227 -23.87 10.82 6.74
N ALA K 228 -23.01 11.79 7.06
CA ALA K 228 -22.94 12.41 8.37
C ALA K 228 -23.74 13.70 8.35
N MET K 229 -24.70 13.82 9.27
CA MET K 229 -25.68 14.89 9.19
C MET K 229 -26.11 15.18 10.62
N ASN K 230 -25.89 16.41 11.06
CA ASN K 230 -26.18 16.80 12.43
C ASN K 230 -27.68 16.95 12.63
N LYS K 231 -28.06 17.24 13.87
CA LYS K 231 -29.46 17.40 14.20
C LYS K 231 -30.01 18.64 13.49
N HIS K 232 -31.32 18.83 13.63
CA HIS K 232 -32.16 19.65 12.77
C HIS K 232 -32.33 18.99 11.41
N ARG K 233 -31.97 19.68 10.32
CA ARG K 233 -32.04 19.06 9.00
C ARG K 233 -30.80 19.38 8.17
N GLU K 234 -29.61 19.32 8.75
CA GLU K 234 -28.40 19.83 8.11
C GLU K 234 -27.34 18.75 7.91
N ILE K 235 -27.05 18.43 6.66
CA ILE K 235 -26.07 17.40 6.30
C ILE K 235 -24.67 17.96 6.50
N CYS K 236 -23.74 17.14 6.96
CA CYS K 236 -22.40 17.66 7.24
C CYS K 236 -21.25 16.98 6.49
N THR K 237 -21.32 15.67 6.23
CA THR K 237 -20.41 15.04 5.27
C THR K 237 -21.09 13.86 4.61
N ILE K 238 -20.65 13.53 3.40
CA ILE K 238 -20.93 12.26 2.75
C ILE K 238 -19.63 11.73 2.14
N GLN K 239 -19.46 10.40 2.15
CA GLN K 239 -18.29 9.84 1.45
C GLN K 239 -18.67 8.45 0.90
N SER K 240 -19.10 8.43 -0.36
CA SER K 240 -19.15 7.21 -1.15
C SER K 240 -17.78 6.56 -1.24
N SER K 241 -17.72 5.24 -1.09
CA SER K 241 -16.48 4.53 -1.37
C SER K 241 -16.79 3.06 -1.63
N GLY K 242 -15.71 2.31 -1.89
CA GLY K 242 -15.77 0.89 -2.15
C GLY K 242 -15.69 0.50 -3.62
N GLY K 243 -16.83 0.08 -4.18
CA GLY K 243 -16.90 -0.30 -5.59
C GLY K 243 -18.18 0.13 -6.28
N ILE K 244 -18.80 1.19 -5.79
CA ILE K 244 -20.17 1.52 -6.14
C ILE K 244 -20.22 2.55 -7.27
N MET K 245 -21.36 2.57 -7.96
CA MET K 245 -21.65 3.44 -9.11
C MET K 245 -23.09 3.87 -8.86
N LEU K 246 -23.30 5.14 -8.51
CA LEU K 246 -24.55 5.51 -7.87
C LEU K 246 -25.43 6.35 -8.80
N LEU K 247 -26.73 6.36 -8.51
CA LEU K 247 -27.73 7.21 -9.13
C LEU K 247 -27.93 8.51 -8.35
N LYS K 248 -28.97 9.27 -8.70
CA LYS K 248 -29.20 10.58 -8.12
C LYS K 248 -30.46 10.64 -7.26
N ASP K 249 -31.47 9.82 -7.56
CA ASP K 249 -32.62 9.68 -6.66
C ASP K 249 -32.18 8.99 -5.38
N GLN K 250 -31.17 8.14 -5.49
CA GLN K 250 -30.75 7.28 -4.39
C GLN K 250 -30.04 8.12 -3.33
N VAL K 251 -29.25 9.10 -3.75
CA VAL K 251 -28.61 9.99 -2.78
C VAL K 251 -29.66 10.70 -1.94
N LEU K 252 -30.78 11.06 -2.56
CA LEU K 252 -31.83 11.78 -1.84
C LEU K 252 -32.56 10.84 -0.88
N ARG K 253 -32.91 9.64 -1.36
CA ARG K 253 -33.48 8.63 -0.48
C ARG K 253 -32.57 8.40 0.74
N CYS K 254 -31.27 8.19 0.49
CA CYS K 254 -30.31 8.02 1.57
C CYS K 254 -30.33 9.20 2.53
N SER K 255 -30.43 10.43 2.01
CA SER K 255 -30.44 11.60 2.87
C SER K 255 -31.67 11.60 3.78
N LYS K 256 -32.82 11.22 3.21
CA LYS K 256 -34.02 11.04 4.02
C LYS K 256 -33.78 10.03 5.13
N ILE K 257 -33.24 8.88 4.76
CA ILE K 257 -33.01 7.81 5.74
C ILE K 257 -32.12 8.30 6.87
N ALA K 258 -31.01 8.96 6.51
CA ALA K 258 -30.11 9.49 7.53
C ALA K 258 -30.79 10.53 8.41
N GLY K 259 -31.66 11.36 7.82
CA GLY K 259 -32.41 12.30 8.65
C GLY K 259 -33.23 11.60 9.71
N VAL K 260 -34.08 10.66 9.28
CA VAL K 260 -34.90 9.91 10.21
C VAL K 260 -34.06 9.24 11.29
N LYS K 261 -33.02 8.52 10.85
CA LYS K 261 -32.25 7.71 11.77
C LYS K 261 -31.51 8.59 12.77
N VAL K 262 -30.97 9.73 12.33
CA VAL K 262 -30.25 10.60 13.25
C VAL K 262 -31.23 11.23 14.23
N ALA K 263 -32.46 11.52 13.80
CA ALA K 263 -33.47 11.96 14.75
C ALA K 263 -33.63 10.95 15.88
N GLU K 264 -33.85 9.68 15.51
CA GLU K 264 -34.07 8.65 16.54
C GLU K 264 -32.83 8.48 17.42
N ILE K 265 -31.64 8.48 16.81
CA ILE K 265 -30.41 8.29 17.57
C ILE K 265 -30.19 9.44 18.54
N THR K 266 -30.55 10.66 18.13
CA THR K 266 -30.37 11.81 19.02
C THR K 266 -31.35 11.74 20.17
N GLU K 267 -32.58 11.29 19.90
CA GLU K 267 -33.51 10.98 20.99
C GLU K 267 -32.83 10.08 22.02
N LEU K 268 -32.32 8.94 21.56
CA LEU K 268 -31.70 7.99 22.49
C LEU K 268 -30.55 8.62 23.27
N ILE K 269 -29.63 9.30 22.57
CA ILE K 269 -28.46 9.86 23.24
C ILE K 269 -28.86 10.89 24.30
N LEU K 270 -29.80 11.79 23.94
CA LEU K 270 -30.24 12.80 24.90
C LEU K 270 -30.87 12.14 26.12
N LYS K 271 -31.73 11.15 25.90
CA LYS K 271 -32.37 10.48 27.03
C LYS K 271 -31.33 9.83 27.93
N ALA K 272 -30.34 9.18 27.33
CA ALA K 272 -29.35 8.48 28.14
C ALA K 272 -28.51 9.47 28.95
N LEU K 273 -28.08 10.56 28.33
CA LEU K 273 -27.31 11.55 29.08
C LEU K 273 -28.13 12.19 30.20
N GLU K 274 -29.42 12.45 29.95
CA GLU K 274 -30.24 13.03 31.02
C GLU K 274 -30.36 12.07 32.19
N ASN K 275 -30.78 10.82 31.91
CA ASN K 275 -30.83 9.81 32.96
C ASN K 275 -29.52 9.70 33.73
N ASP K 276 -28.38 9.71 33.03
CA ASP K 276 -27.09 9.63 33.71
C ASP K 276 -26.86 10.81 34.63
N GLN K 277 -27.24 12.01 34.18
CA GLN K 277 -27.06 13.20 35.01
C GLN K 277 -27.97 13.13 36.23
N LYS K 278 -29.20 12.67 36.04
CA LYS K 278 -30.12 12.50 37.14
C LYS K 278 -29.56 11.53 38.18
N VAL K 279 -29.01 10.41 37.72
CA VAL K 279 -28.41 9.46 38.64
C VAL K 279 -27.25 10.11 39.40
N ARG K 280 -26.37 10.80 38.68
CA ARG K 280 -25.22 11.43 39.34
C ARG K 280 -25.65 12.49 40.35
N LYS K 281 -26.82 13.09 40.16
CA LYS K 281 -27.26 14.18 41.02
C LYS K 281 -28.08 13.71 42.21
N GLU K 282 -28.90 12.67 42.02
CA GLU K 282 -29.62 12.04 43.13
C GLU K 282 -28.67 11.71 44.28
N GLY K 283 -27.56 11.06 43.97
CA GLY K 283 -26.60 10.68 45.00
C GLY K 283 -26.38 9.19 45.10
N GLY K 284 -26.77 8.45 44.07
CA GLY K 284 -26.62 7.01 44.05
C GLY K 284 -25.24 6.63 43.58
N LYS K 285 -25.05 5.35 43.35
CA LYS K 285 -23.74 4.83 42.98
C LYS K 285 -23.66 4.64 41.48
N PHE K 286 -22.53 5.06 40.90
CA PHE K 286 -22.30 5.03 39.47
C PHE K 286 -20.91 4.45 39.22
N GLY K 287 -20.63 4.14 37.97
CA GLY K 287 -19.30 3.73 37.59
C GLY K 287 -19.30 2.41 36.86
N PHE K 288 -18.11 2.03 36.40
CA PHE K 288 -17.95 0.83 35.60
C PHE K 288 -18.29 -0.41 36.41
N ALA K 289 -17.95 -0.39 37.71
CA ALA K 289 -18.26 -1.51 38.60
C ALA K 289 -19.76 -1.79 38.66
N GLU K 290 -20.55 -0.79 39.05
CA GLU K 290 -21.99 -1.04 39.14
C GLU K 290 -22.61 -0.98 37.75
N SER K 291 -22.09 -1.78 36.83
CA SER K 291 -22.71 -2.02 35.54
C SER K 291 -22.76 -3.51 35.18
N ILE K 292 -21.88 -4.32 35.77
CA ILE K 292 -21.83 -5.77 35.60
C ILE K 292 -23.16 -6.42 35.92
N ALA K 293 -23.71 -7.12 34.93
CA ALA K 293 -24.96 -7.85 35.12
C ALA K 293 -24.81 -8.86 36.24
N ASN K 294 -25.79 -8.90 37.15
CA ASN K 294 -25.78 -9.82 38.28
C ASN K 294 -26.62 -11.07 38.04
N GLN K 295 -27.52 -11.03 37.06
CA GLN K 295 -28.35 -12.16 36.67
C GLN K 295 -27.60 -13.12 35.76
N ARG K 296 -26.28 -13.01 35.76
CA ARG K 296 -25.41 -13.66 34.79
C ARG K 296 -24.33 -14.41 35.56
N ILE K 297 -23.89 -15.54 34.98
CA ILE K 297 -22.94 -16.44 35.64
C ILE K 297 -21.55 -15.87 35.85
N THR K 298 -21.09 -14.93 35.01
CA THR K 298 -19.69 -14.50 35.05
C THR K 298 -19.48 -13.21 35.84
N ALA K 299 -20.27 -12.98 36.89
CA ALA K 299 -20.13 -11.80 37.74
C ALA K 299 -20.21 -12.30 39.19
N PHE K 300 -19.40 -11.68 40.06
CA PHE K 300 -19.35 -12.04 41.47
C PHE K 300 -19.01 -10.83 42.33
N LYS K 301 -19.59 -10.72 43.51
CA LYS K 301 -19.34 -9.53 44.31
C LYS K 301 -18.90 -9.93 45.71
N MET K 302 -17.93 -9.19 46.23
CA MET K 302 -17.29 -9.42 47.53
C MET K 302 -16.96 -8.12 48.24
N GLU K 303 -17.52 -7.89 49.42
CA GLU K 303 -17.14 -6.68 50.13
C GLU K 303 -15.72 -6.85 50.69
N LYS K 304 -15.24 -5.84 51.42
CA LYS K 304 -13.82 -5.82 51.77
C LYS K 304 -13.45 -6.95 52.73
N ALA K 305 -12.14 -7.17 52.90
CA ALA K 305 -11.67 -8.24 53.78
C ALA K 305 -10.28 -8.02 54.39
N PRO K 306 -10.16 -7.79 55.71
CA PRO K 306 -8.84 -7.91 56.35
C PRO K 306 -8.46 -9.38 56.34
N ILE K 307 -7.25 -9.71 55.85
CA ILE K 307 -7.09 -11.14 55.58
C ILE K 307 -6.67 -12.05 56.74
N ASP K 308 -5.47 -11.90 57.31
CA ASP K 308 -5.24 -11.70 58.74
C ASP K 308 -3.87 -11.04 58.85
N THR K 309 -3.79 -9.73 59.09
CA THR K 309 -2.41 -9.25 59.18
C THR K 309 -1.86 -9.29 60.61
N SER K 310 -1.98 -10.46 61.25
CA SER K 310 -1.52 -10.65 62.62
C SER K 310 -0.12 -11.25 62.76
N ASP K 311 0.44 -11.87 61.74
CA ASP K 311 1.66 -12.65 61.91
C ASP K 311 2.93 -12.12 61.24
N VAL K 312 2.87 -11.04 60.46
CA VAL K 312 3.99 -10.77 59.56
C VAL K 312 5.25 -10.40 60.34
N GLU K 313 5.07 -9.69 61.46
CA GLU K 313 6.21 -9.32 62.31
C GLU K 313 7.05 -10.54 62.68
N GLU K 314 6.39 -11.58 63.20
CA GLU K 314 7.12 -12.75 63.69
C GLU K 314 7.89 -13.44 62.58
N LYS K 315 7.21 -13.69 61.45
CA LYS K 315 7.87 -14.35 60.33
C LYS K 315 9.08 -13.57 59.85
N ALA K 316 8.90 -12.26 59.60
CA ALA K 316 10.02 -11.44 59.16
C ALA K 316 11.16 -11.48 60.17
N GLU K 317 10.85 -11.39 61.47
CA GLU K 317 11.89 -11.39 62.49
C GLU K 317 12.68 -12.70 62.46
N GLU K 318 11.97 -13.82 62.45
CA GLU K 318 12.70 -15.09 62.47
C GLU K 318 13.51 -15.28 61.18
N ILE K 319 12.96 -14.84 60.04
CA ILE K 319 13.71 -14.97 58.79
C ILE K 319 15.00 -14.15 58.84
N ILE K 320 14.92 -12.89 59.28
CA ILE K 320 16.13 -12.08 59.37
C ILE K 320 17.11 -12.71 60.35
N ALA K 321 16.61 -13.28 61.45
CA ALA K 321 17.48 -13.80 62.50
C ALA K 321 18.12 -15.13 62.11
N GLU K 322 17.55 -15.85 61.15
CA GLU K 322 17.84 -17.26 60.96
C GLU K 322 18.79 -17.51 59.81
N ALA K 323 19.52 -16.48 59.35
CA ALA K 323 20.32 -16.62 58.15
C ALA K 323 21.72 -16.06 58.38
N GLU K 324 22.63 -16.52 57.54
CA GLU K 324 24.06 -16.35 57.82
C GLU K 324 24.48 -14.89 57.66
N PRO K 325 25.26 -14.34 58.59
CA PRO K 325 25.67 -12.94 58.49
C PRO K 325 26.65 -12.75 57.35
N PRO K 326 26.84 -11.51 56.89
CA PRO K 326 27.87 -11.23 55.88
C PRO K 326 29.23 -11.75 56.35
N SER K 327 29.99 -12.30 55.41
CA SER K 327 31.34 -12.78 55.74
C SER K 327 32.31 -11.59 55.82
N GLU K 328 33.60 -11.91 55.98
CA GLU K 328 34.58 -10.95 56.45
C GLU K 328 35.92 -10.99 55.72
N VAL K 329 36.08 -11.78 54.67
CA VAL K 329 37.18 -11.53 53.74
C VAL K 329 36.92 -10.23 52.98
N VAL K 330 37.72 -9.22 53.30
CA VAL K 330 37.67 -7.91 52.66
C VAL K 330 38.78 -7.84 51.62
N SER K 331 38.49 -7.26 50.47
CA SER K 331 39.48 -7.25 49.40
C SER K 331 40.29 -5.97 49.44
N THR K 332 41.42 -6.00 48.72
CA THR K 332 42.33 -4.87 48.66
C THR K 332 42.37 -4.28 47.26
N PRO K 333 42.40 -2.95 47.14
CA PRO K 333 42.60 -2.34 45.82
C PRO K 333 44.06 -2.10 45.50
N VAL K 334 44.42 -2.33 44.23
CA VAL K 334 45.79 -2.16 43.77
C VAL K 334 45.85 -0.86 42.99
N LEU K 335 46.97 -0.16 43.10
CA LEU K 335 47.14 1.11 42.41
C LEU K 335 48.23 1.02 41.36
N TRP K 336 47.88 1.27 40.11
CA TRP K 336 48.87 1.23 39.03
C TRP K 336 49.51 2.60 38.87
N THR K 337 48.70 3.62 38.61
CA THR K 337 49.07 5.01 38.39
C THR K 337 47.78 5.80 38.48
N PRO K 338 47.76 7.00 39.12
CA PRO K 338 46.49 7.68 39.38
C PRO K 338 45.58 7.67 38.16
N GLY K 339 44.40 7.08 38.29
CA GLY K 339 43.48 7.03 37.19
C GLY K 339 42.93 5.63 36.98
N THR K 340 43.75 4.61 37.29
CA THR K 340 43.39 3.22 37.06
C THR K 340 43.79 2.35 38.24
N ALA K 341 42.84 1.58 38.76
CA ALA K 341 43.07 0.66 39.86
C ALA K 341 42.37 -0.65 39.55
N GLN K 342 42.89 -1.75 40.10
CA GLN K 342 42.35 -3.07 39.82
C GLN K 342 42.13 -3.88 41.09
N ILE K 343 41.02 -4.63 41.11
CA ILE K 343 40.69 -5.55 42.20
C ILE K 343 40.26 -6.88 41.59
N GLY K 344 40.74 -7.95 42.18
CA GLY K 344 40.46 -9.30 41.75
C GLY K 344 41.72 -10.12 41.88
N GLU K 345 41.84 -11.18 41.10
CA GLU K 345 43.04 -11.99 41.18
C GLU K 345 44.27 -11.19 40.75
N GLY K 346 44.10 -10.09 40.03
CA GLY K 346 45.20 -9.23 39.66
C GLY K 346 45.98 -9.75 38.48
N VAL K 347 47.00 -8.98 38.10
CA VAL K 347 47.88 -9.35 37.00
C VAL K 347 49.29 -9.47 37.58
N GLU K 348 50.06 -10.40 37.01
CA GLU K 348 51.42 -10.65 37.49
C GLU K 348 52.35 -9.46 37.47
N ASN K 349 52.64 -8.94 36.28
CA ASN K 349 53.55 -7.82 36.14
C ASN K 349 52.89 -6.48 36.50
N SER K 350 53.76 -5.47 36.66
CA SER K 350 53.33 -4.11 36.93
C SER K 350 52.48 -3.57 35.78
N TRP K 351 53.00 -3.73 34.56
CA TRP K 351 52.29 -3.45 33.32
C TRP K 351 53.05 -4.12 32.21
N GLY K 352 52.37 -4.36 31.09
CA GLY K 352 53.05 -4.96 29.96
C GLY K 352 54.05 -3.98 29.38
N ASP K 353 55.13 -4.51 28.83
CA ASP K 353 56.13 -3.65 28.19
C ASP K 353 57.04 -4.48 27.30
N LEU K 354 57.17 -4.05 26.04
CA LEU K 354 58.00 -4.75 25.06
C LEU K 354 57.68 -6.24 25.03
N GLU K 355 56.38 -6.55 25.11
CA GLU K 355 55.95 -7.94 25.16
C GLU K 355 56.34 -8.66 23.87
N ASP K 356 56.17 -7.99 22.73
CA ASP K 356 56.46 -8.58 21.43
C ASP K 356 57.63 -7.91 20.73
N SER K 357 58.07 -6.74 21.17
CA SER K 357 59.21 -6.05 20.58
C SER K 357 60.51 -6.43 21.30
N MET L 3 -13.57 32.67 -26.59
CA MET L 3 -14.38 33.72 -25.99
C MET L 3 -13.51 34.50 -25.00
N LEU L 4 -13.45 34.06 -23.74
CA LEU L 4 -12.78 34.84 -22.71
C LEU L 4 -11.28 34.91 -22.99
N GLN L 5 -10.61 35.85 -22.33
CA GLN L 5 -9.16 36.03 -22.48
C GLN L 5 -8.50 36.12 -21.10
N LYS L 6 -7.80 35.06 -20.73
CA LYS L 6 -7.11 35.01 -19.45
C LYS L 6 -6.03 36.08 -19.35
N ARG L 7 -5.90 36.70 -18.18
CA ARG L 7 -4.73 37.48 -17.85
C ARG L 7 -4.44 37.29 -16.37
N GLU L 8 -3.31 37.81 -15.91
CA GLU L 8 -2.87 37.64 -14.53
C GLU L 8 -2.82 38.97 -13.80
N LYS L 9 -2.79 38.89 -12.47
CA LYS L 9 -2.61 40.05 -11.61
C LYS L 9 -1.76 39.61 -10.43
N VAL L 10 -0.54 40.16 -10.32
CA VAL L 10 0.24 39.94 -9.11
C VAL L 10 -0.24 40.90 -8.02
N LEU L 11 0.11 40.58 -6.77
CA LEU L 11 -0.30 41.37 -5.62
C LEU L 11 0.78 41.26 -4.55
N LEU L 12 0.89 42.30 -3.74
CA LEU L 12 1.85 42.33 -2.62
C LEU L 12 1.05 42.53 -1.34
N LEU L 13 0.62 41.42 -0.74
CA LEU L 13 -0.13 41.47 0.51
C LEU L 13 0.84 41.44 1.68
N ARG L 14 0.62 42.34 2.64
CA ARG L 14 1.42 42.41 3.86
C ARG L 14 0.57 41.87 5.00
N THR L 15 1.01 40.78 5.61
CA THR L 15 0.26 40.24 6.73
C THR L 15 0.60 40.97 8.02
N PHE L 16 -0.19 40.67 9.06
CA PHE L 16 -0.03 41.34 10.35
C PHE L 16 1.34 41.09 10.96
N GLN L 17 1.98 39.96 10.63
CA GLN L 17 3.27 39.63 11.20
C GLN L 17 4.43 40.23 10.42
N GLY L 18 4.17 41.09 9.44
CA GLY L 18 5.25 41.67 8.66
C GLY L 18 5.66 40.86 7.46
N ARG L 19 4.91 39.84 7.09
CA ARG L 19 5.25 38.97 5.97
C ARG L 19 4.49 39.40 4.72
N THR L 20 5.24 39.82 3.70
CA THR L 20 4.71 40.11 2.38
C THR L 20 4.95 38.94 1.44
N LEU L 21 4.16 38.89 0.36
CA LEU L 21 4.19 37.76 -0.55
C LEU L 21 3.71 38.25 -1.91
N ARG L 22 4.26 37.65 -2.97
CA ARG L 22 3.84 37.96 -4.33
C ARG L 22 2.81 36.93 -4.79
N ILE L 23 1.63 36.99 -4.15
CA ILE L 23 0.49 36.22 -4.64
C ILE L 23 0.16 36.62 -6.06
N VAL L 24 -0.08 35.62 -6.91
CA VAL L 24 -0.54 35.81 -8.27
C VAL L 24 -1.99 35.32 -8.37
N ARG L 25 -2.78 36.00 -9.19
CA ARG L 25 -4.20 35.70 -9.32
C ARG L 25 -4.64 35.90 -10.77
N GLU L 26 -5.93 35.71 -11.00
CA GLU L 26 -6.48 35.53 -12.34
C GLU L 26 -7.20 36.79 -12.80
N HIS L 27 -7.61 36.78 -14.08
CA HIS L 27 -8.50 37.79 -14.63
C HIS L 27 -9.07 37.32 -15.97
N TYR L 28 -10.38 37.41 -16.14
CA TYR L 28 -11.04 36.93 -17.36
C TYR L 28 -11.77 38.08 -18.06
N LEU L 29 -11.29 38.46 -19.24
CA LEU L 29 -11.94 39.51 -20.03
C LEU L 29 -13.18 38.94 -20.73
N ARG L 30 -14.00 39.83 -21.26
CA ARG L 30 -15.14 39.41 -22.07
C ARG L 30 -15.26 40.33 -23.28
N PRO L 31 -15.92 39.87 -24.34
CA PRO L 31 -16.29 40.77 -25.45
C PRO L 31 -17.28 41.89 -25.11
N CYS L 32 -18.41 41.53 -24.52
CA CYS L 32 -19.56 42.43 -24.37
C CYS L 32 -19.88 42.69 -22.89
N VAL L 33 -19.36 43.79 -22.36
CA VAL L 33 -19.80 44.31 -21.06
C VAL L 33 -21.02 45.20 -21.29
N PRO L 34 -22.18 44.89 -20.69
CA PRO L 34 -23.33 45.79 -20.80
C PRO L 34 -22.96 47.21 -20.41
N CYS L 35 -23.53 48.18 -21.13
CA CYS L 35 -23.24 49.58 -20.82
C CYS L 35 -24.43 50.33 -20.24
N HIS L 36 -25.57 49.67 -20.06
CA HIS L 36 -26.73 50.24 -19.34
C HIS L 36 -27.03 51.66 -19.78
N SER L 37 -27.14 51.84 -21.09
CA SER L 37 -27.46 53.13 -21.69
C SER L 37 -28.62 52.98 -22.67
N PRO L 38 -29.38 54.04 -22.87
CA PRO L 38 -30.50 53.98 -23.83
C PRO L 38 -30.13 54.33 -25.27
N LEU L 39 -28.83 54.44 -25.56
CA LEU L 39 -28.36 54.69 -26.92
C LEU L 39 -27.28 53.68 -27.30
N CYS L 40 -27.20 52.56 -26.61
CA CYS L 40 -26.40 51.43 -27.01
C CYS L 40 -26.90 50.93 -28.35
N PRO L 41 -26.06 50.93 -29.40
CA PRO L 41 -26.56 50.70 -30.76
C PRO L 41 -26.86 49.25 -31.08
N GLN L 42 -26.88 48.35 -30.09
CA GLN L 42 -27.32 46.99 -30.29
C GLN L 42 -27.90 46.45 -28.99
N PRO L 43 -29.22 46.27 -28.92
CA PRO L 43 -29.84 45.82 -27.67
C PRO L 43 -29.46 44.40 -27.27
N ALA L 44 -29.60 43.47 -28.22
CA ALA L 44 -29.59 42.05 -27.90
C ALA L 44 -28.30 41.61 -27.22
N ALA L 45 -27.15 42.00 -27.77
CA ALA L 45 -25.86 41.47 -27.35
C ALA L 45 -25.67 41.48 -25.83
N CYS L 46 -26.24 42.46 -25.14
CA CYS L 46 -26.28 42.44 -23.68
C CYS L 46 -27.68 42.37 -23.10
N SER L 47 -28.67 42.96 -23.78
CA SER L 47 -30.10 42.95 -23.48
C SER L 47 -30.44 43.87 -22.31
N HIS L 48 -29.44 44.48 -21.67
CA HIS L 48 -29.63 45.52 -20.67
C HIS L 48 -30.60 45.07 -19.57
N ASP L 49 -30.23 44.00 -18.87
CA ASP L 49 -31.16 43.40 -17.91
C ASP L 49 -30.82 43.92 -16.52
N GLY L 50 -31.27 45.15 -16.26
CA GLY L 50 -31.09 45.76 -14.95
C GLY L 50 -31.75 47.11 -14.87
N LYS L 51 -31.09 48.03 -14.18
CA LYS L 51 -31.56 49.40 -14.03
C LYS L 51 -31.05 50.21 -15.21
N LEU L 52 -31.93 50.97 -15.86
CA LEU L 52 -31.60 51.56 -17.14
C LEU L 52 -32.03 53.01 -17.17
N LEU L 53 -31.07 53.88 -17.52
CA LEU L 53 -31.28 55.32 -17.57
C LEU L 53 -32.32 55.68 -18.65
N SER L 54 -32.73 56.95 -18.61
CA SER L 54 -33.61 57.53 -19.62
C SER L 54 -32.96 58.84 -20.05
N SER L 55 -32.80 59.02 -21.36
CA SER L 55 -32.00 60.14 -21.85
C SER L 55 -32.79 61.43 -21.82
N ASP L 56 -32.46 62.30 -20.87
CA ASP L 56 -32.94 63.68 -20.88
C ASP L 56 -31.85 64.69 -20.55
N VAL L 57 -30.70 64.24 -20.03
CA VAL L 57 -29.66 65.10 -19.49
C VAL L 57 -28.90 65.82 -20.60
N THR L 58 -28.15 66.84 -20.21
CA THR L 58 -27.31 67.59 -21.15
C THR L 58 -25.93 66.98 -21.30
N HIS L 59 -25.50 66.16 -20.36
CA HIS L 59 -24.10 65.75 -20.23
C HIS L 59 -24.05 64.50 -19.35
N TYR L 60 -22.84 64.12 -18.95
CA TYR L 60 -22.59 63.00 -18.05
C TYR L 60 -21.26 63.23 -17.34
N VAL L 61 -21.26 63.13 -16.03
CA VAL L 61 -20.07 63.40 -15.22
C VAL L 61 -19.68 62.12 -14.50
N ILE L 62 -18.41 61.74 -14.64
CA ILE L 62 -17.82 60.56 -14.03
C ILE L 62 -16.63 60.94 -13.16
N PRO L 63 -16.69 60.86 -11.83
CA PRO L 63 -15.50 61.16 -11.05
C PRO L 63 -14.40 60.21 -11.48
N ASP L 64 -13.12 60.59 -11.34
CA ASP L 64 -12.20 59.54 -11.78
C ASP L 64 -11.97 58.49 -10.69
N TRP L 65 -11.33 58.85 -9.56
CA TRP L 65 -11.50 58.04 -8.36
C TRP L 65 -11.80 58.84 -7.08
N LYS L 66 -11.13 59.98 -6.91
CA LYS L 66 -11.28 60.83 -5.72
C LYS L 66 -12.61 61.55 -5.58
N VAL L 67 -13.20 62.03 -6.69
CA VAL L 67 -14.43 62.81 -6.56
C VAL L 67 -15.57 62.00 -5.96
N VAL L 68 -15.48 60.67 -5.98
CA VAL L 68 -16.43 59.84 -5.25
C VAL L 68 -15.82 59.30 -3.96
N GLN L 69 -14.51 59.43 -3.78
CA GLN L 69 -13.87 58.97 -2.56
C GLN L 69 -14.23 59.84 -1.36
N ASP L 70 -14.19 61.16 -1.54
CA ASP L 70 -14.47 62.10 -0.47
C ASP L 70 -15.72 62.93 -0.71
N TYR L 71 -15.94 63.41 -1.93
CA TYR L 71 -17.09 64.25 -2.25
C TYR L 71 -18.38 63.47 -2.42
N LEU L 72 -18.41 62.18 -2.03
CA LEU L 72 -19.59 61.36 -2.29
C LEU L 72 -20.86 62.00 -1.73
N GLU L 73 -20.74 62.61 -0.54
CA GLU L 73 -21.90 63.17 0.17
C GLU L 73 -22.64 64.21 -0.66
N ILE L 74 -21.98 64.75 -1.69
CA ILE L 74 -22.65 65.64 -2.63
C ILE L 74 -23.60 64.86 -3.53
N LEU L 75 -23.12 63.75 -4.10
CA LEU L 75 -23.80 63.08 -5.21
C LEU L 75 -24.96 62.21 -4.74
N GLU L 76 -25.89 62.85 -4.01
CA GLU L 76 -27.13 62.23 -3.55
C GLU L 76 -28.36 63.06 -3.87
N PHE L 77 -28.22 64.37 -4.04
CA PHE L 77 -29.30 65.29 -4.34
C PHE L 77 -30.09 64.76 -5.54
N PRO L 78 -31.40 64.52 -5.39
CA PRO L 78 -32.17 63.95 -6.51
C PRO L 78 -32.31 64.88 -7.70
N GLU L 79 -31.73 66.07 -7.65
CA GLU L 79 -31.66 66.92 -8.83
C GLU L 79 -30.51 66.50 -9.76
N LEU L 80 -29.40 66.04 -9.19
CA LEU L 80 -28.31 65.49 -9.98
C LEU L 80 -28.81 64.29 -10.79
N LYS L 81 -28.50 64.28 -12.08
CA LYS L 81 -28.99 63.27 -13.01
C LYS L 81 -27.88 62.88 -13.99
N GLY L 82 -27.78 61.58 -14.25
CA GLY L 82 -26.87 61.06 -15.25
C GLY L 82 -25.51 60.61 -14.75
N ILE L 83 -25.49 59.86 -13.65
CA ILE L 83 -24.25 59.41 -13.04
C ILE L 83 -24.01 57.97 -13.43
N ILE L 84 -22.76 57.62 -13.75
CA ILE L 84 -22.39 56.24 -14.00
C ILE L 84 -21.07 55.98 -13.27
N PHE L 85 -21.02 54.92 -12.47
CA PHE L 85 -19.81 54.62 -11.71
C PHE L 85 -18.98 53.55 -12.40
N MET L 86 -17.68 53.84 -12.55
CA MET L 86 -16.69 52.86 -13.00
C MET L 86 -16.25 51.96 -11.85
N GLN L 87 -16.34 50.65 -12.04
CA GLN L 87 -16.03 49.72 -10.96
C GLN L 87 -14.64 49.94 -10.35
N THR L 88 -13.71 50.55 -11.09
CA THR L 88 -12.37 50.74 -10.56
C THR L 88 -12.34 51.78 -9.45
N ALA L 89 -13.23 52.77 -9.53
CA ALA L 89 -13.36 53.74 -8.45
C ALA L 89 -13.98 53.08 -7.22
N CYS L 90 -15.06 52.33 -7.43
CA CYS L 90 -15.65 51.55 -6.34
C CYS L 90 -14.61 50.68 -5.65
N GLN L 91 -13.80 49.97 -6.43
CA GLN L 91 -12.77 49.13 -5.83
C GLN L 91 -11.74 49.96 -5.06
N ALA L 92 -11.34 51.12 -5.60
CA ALA L 92 -10.43 52.00 -4.87
C ALA L 92 -11.00 52.41 -3.53
N VAL L 93 -12.25 52.88 -3.52
CA VAL L 93 -12.85 53.39 -2.29
C VAL L 93 -13.04 52.25 -1.29
N GLN L 94 -13.45 51.07 -1.77
CA GLN L 94 -13.62 49.93 -0.90
C GLN L 94 -12.30 49.55 -0.23
N HIS L 95 -11.23 49.44 -1.02
CA HIS L 95 -9.95 49.05 -0.44
C HIS L 95 -9.19 50.21 0.20
N GLN L 96 -9.78 51.41 0.25
CA GLN L 96 -9.09 52.55 0.84
C GLN L 96 -9.90 53.28 1.90
N ARG L 97 -11.22 53.11 1.96
CA ARG L 97 -12.07 53.90 2.85
C ARG L 97 -12.90 52.99 3.75
N GLY L 98 -12.46 51.75 3.96
CA GLY L 98 -13.11 50.85 4.89
C GLY L 98 -14.43 50.36 4.34
N ARG L 99 -15.46 50.39 5.18
CA ARG L 99 -16.74 49.76 4.86
C ARG L 99 -17.93 50.70 4.92
N ARG L 100 -17.82 51.83 5.62
CA ARG L 100 -18.97 52.71 5.79
C ARG L 100 -19.29 53.52 4.54
N GLN L 101 -18.32 54.30 4.07
CA GLN L 101 -18.51 55.06 2.84
C GLN L 101 -18.92 54.13 1.71
N TYR L 102 -18.27 52.99 1.63
CA TYR L 102 -18.59 52.02 0.59
C TYR L 102 -20.03 51.52 0.74
N ASN L 103 -20.50 51.32 1.98
CA ASN L 103 -21.89 50.87 2.17
C ASN L 103 -22.87 51.95 1.71
N LYS L 104 -22.56 53.22 1.97
CA LYS L 104 -23.43 54.27 1.43
C LYS L 104 -23.40 54.26 -0.09
N LEU L 105 -22.20 54.09 -0.68
CA LEU L 105 -22.10 54.05 -2.13
C LEU L 105 -22.91 52.90 -2.71
N ARG L 106 -22.90 51.73 -2.04
CA ARG L 106 -23.60 50.61 -2.66
C ARG L 106 -25.11 50.76 -2.48
N ASN L 107 -25.54 51.38 -1.38
CA ASN L 107 -26.94 51.74 -1.27
C ASN L 107 -27.35 52.71 -2.37
N LEU L 108 -26.54 53.75 -2.58
CA LEU L 108 -26.75 54.67 -3.69
C LEU L 108 -27.00 53.93 -4.99
N LEU L 109 -26.04 53.09 -5.40
CA LEU L 109 -26.21 52.24 -6.58
C LEU L 109 -27.53 51.45 -6.55
N LYS L 110 -27.72 50.62 -5.53
CA LYS L 110 -28.94 49.82 -5.39
C LYS L 110 -30.11 50.70 -4.92
N ASP L 111 -30.62 51.49 -5.86
CA ASP L 111 -31.71 52.43 -5.58
C ASP L 111 -32.30 52.89 -6.90
N ALA L 112 -33.63 52.83 -7.00
CA ALA L 112 -34.38 53.29 -8.17
C ALA L 112 -34.84 54.74 -8.05
N ARG L 113 -34.14 55.56 -7.27
CA ARG L 113 -34.48 56.98 -7.17
C ARG L 113 -33.52 57.87 -7.94
N HIS L 114 -32.26 57.48 -8.05
CA HIS L 114 -31.23 58.29 -8.70
C HIS L 114 -30.92 57.70 -10.07
N ASP L 115 -30.07 58.40 -10.81
CA ASP L 115 -29.43 57.84 -12.00
C ASP L 115 -28.01 57.38 -11.65
N CYS L 116 -27.92 56.23 -10.98
CA CYS L 116 -26.64 55.57 -10.75
C CYS L 116 -26.65 54.19 -11.39
N ILE L 117 -25.61 53.89 -12.17
CA ILE L 117 -25.29 52.55 -12.65
C ILE L 117 -23.83 52.24 -12.34
N LEU L 118 -23.41 51.03 -12.67
CA LEU L 118 -22.03 50.59 -12.46
C LEU L 118 -21.52 50.02 -13.77
N PHE L 119 -20.24 50.24 -14.06
CA PHE L 119 -19.62 49.77 -15.30
C PHE L 119 -18.42 48.87 -15.04
N ALA L 120 -18.32 47.81 -15.83
CA ALA L 120 -17.23 46.84 -15.78
C ALA L 120 -16.09 47.29 -16.71
N ASN L 121 -15.55 48.47 -16.39
CA ASN L 121 -14.26 48.90 -16.95
C ASN L 121 -13.26 47.77 -17.06
N GLU L 122 -13.06 47.01 -15.99
CA GLU L 122 -11.92 46.09 -15.94
C GLU L 122 -12.25 44.73 -16.56
N PHE L 123 -13.50 44.46 -16.86
CA PHE L 123 -13.91 43.19 -17.48
C PHE L 123 -14.22 43.38 -18.96
N GLN L 124 -13.83 44.49 -19.55
CA GLN L 124 -14.06 44.80 -20.95
C GLN L 124 -12.73 44.77 -21.69
N GLN L 125 -12.77 44.36 -22.96
CA GLN L 125 -11.64 43.70 -23.59
C GLN L 125 -10.63 44.70 -24.15
N CYS L 126 -11.02 45.96 -24.32
CA CYS L 126 -10.11 46.99 -24.81
C CYS L 126 -10.03 48.20 -23.90
N CYS L 127 -10.74 48.22 -22.78
CA CYS L 127 -10.55 49.24 -21.77
C CYS L 127 -9.52 48.86 -20.71
N TYR L 128 -9.14 47.59 -20.63
CA TYR L 128 -8.12 47.17 -19.67
C TYR L 128 -6.75 47.51 -20.20
N LEU L 129 -5.89 48.04 -19.32
CA LEU L 129 -4.52 48.34 -19.71
C LEU L 129 -3.52 47.86 -18.66
N PRO L 130 -2.44 47.23 -19.09
CA PRO L 130 -1.43 46.75 -18.13
C PRO L 130 -0.43 47.84 -17.78
N ARG L 131 0.10 47.74 -16.57
CA ARG L 131 1.09 48.69 -16.07
C ARG L 131 2.35 48.64 -16.94
N GLU L 132 3.22 49.64 -16.76
CA GLU L 132 4.40 49.80 -17.60
C GLU L 132 5.56 50.21 -16.71
N ARG L 133 6.76 50.29 -17.30
CA ARG L 133 7.94 50.65 -16.51
C ARG L 133 7.82 52.05 -15.94
N GLY L 134 7.66 52.14 -14.62
CA GLY L 134 7.69 53.37 -13.87
C GLY L 134 6.25 53.78 -13.69
N GLU L 135 5.64 53.63 -12.53
CA GLU L 135 4.21 53.91 -12.49
C GLU L 135 3.82 54.21 -11.04
N SER L 136 2.51 54.25 -10.81
CA SER L 136 1.89 54.56 -9.53
C SER L 136 0.41 54.27 -9.67
N MET L 137 -0.27 54.07 -8.54
CA MET L 137 -1.70 53.78 -8.63
C MET L 137 -2.46 54.96 -9.19
N GLU L 138 -2.03 56.18 -8.86
CA GLU L 138 -2.74 57.37 -9.33
C GLU L 138 -2.68 57.50 -10.85
N LYS L 139 -1.47 57.42 -11.39
CA LYS L 139 -1.28 57.61 -12.83
C LYS L 139 -1.91 56.48 -13.63
N TRP L 140 -1.60 55.23 -13.29
CA TRP L 140 -2.30 54.09 -13.89
C TRP L 140 -3.81 54.28 -13.80
N GLN L 141 -4.28 54.80 -12.67
CA GLN L 141 -5.71 54.93 -12.42
C GLN L 141 -6.32 55.90 -13.41
N THR L 142 -5.72 57.08 -13.52
CA THR L 142 -6.21 58.12 -14.41
C THR L 142 -6.12 57.68 -15.87
N ARG L 143 -5.03 57.00 -16.24
CA ARG L 143 -4.93 56.45 -17.59
C ARG L 143 -6.09 55.52 -17.88
N SER L 144 -6.40 54.62 -16.95
CA SER L 144 -7.47 53.66 -17.16
C SER L 144 -8.80 54.36 -17.28
N ILE L 145 -9.06 55.34 -16.41
CA ILE L 145 -10.30 56.10 -16.46
C ILE L 145 -10.42 56.85 -17.78
N TYR L 146 -9.33 57.47 -18.22
CA TYR L 146 -9.34 58.17 -19.50
C TYR L 146 -9.73 57.24 -20.63
N ASN L 147 -8.97 56.16 -20.80
CA ASN L 147 -9.26 55.18 -21.85
C ASN L 147 -10.69 54.64 -21.76
N ALA L 148 -11.18 54.37 -20.55
CA ALA L 148 -12.58 53.97 -20.38
C ALA L 148 -13.52 55.03 -20.92
N ALA L 149 -13.25 56.30 -20.62
CA ALA L 149 -14.10 57.38 -21.11
C ALA L 149 -14.10 57.41 -22.62
N VAL L 150 -12.92 57.38 -23.24
CA VAL L 150 -12.79 57.38 -24.69
C VAL L 150 -13.59 56.23 -25.30
N TRP L 151 -13.43 55.03 -24.74
CA TRP L 151 -14.16 53.89 -25.26
C TRP L 151 -15.66 54.08 -25.15
N TYR L 152 -16.14 54.56 -23.99
CA TYR L 152 -17.57 54.77 -23.82
C TYR L 152 -18.08 55.79 -24.82
N TYR L 153 -17.28 56.81 -25.10
CA TYR L 153 -17.66 57.83 -26.08
C TYR L 153 -17.79 57.20 -27.46
N HIS L 154 -16.75 56.49 -27.90
CA HIS L 154 -16.77 55.95 -29.26
C HIS L 154 -17.84 54.86 -29.42
N HIS L 155 -18.17 54.15 -28.35
CA HIS L 155 -19.26 53.17 -28.43
C HIS L 155 -20.60 53.87 -28.54
N CYS L 156 -20.68 55.08 -27.99
CA CYS L 156 -21.84 55.96 -28.07
C CYS L 156 -21.98 56.63 -29.43
N GLN L 157 -20.96 56.53 -30.30
CA GLN L 157 -20.96 57.06 -31.66
C GLN L 157 -20.80 58.57 -31.69
N ASP L 158 -20.20 59.12 -30.64
CA ASP L 158 -20.00 60.56 -30.44
C ASP L 158 -21.33 61.32 -30.52
N ARG L 159 -22.24 60.96 -29.60
CA ARG L 159 -23.58 61.51 -29.57
C ARG L 159 -23.86 62.25 -28.28
N MET L 160 -23.53 61.65 -27.14
CA MET L 160 -23.81 62.26 -25.84
C MET L 160 -22.52 62.84 -25.28
N PRO L 161 -22.46 64.14 -25.00
CA PRO L 161 -21.16 64.75 -24.65
C PRO L 161 -20.67 64.38 -23.27
N ILE L 162 -19.63 63.54 -23.20
CA ILE L 162 -19.04 63.15 -21.93
C ILE L 162 -18.25 64.31 -21.34
N VAL L 163 -18.30 64.45 -20.02
CA VAL L 163 -17.56 65.48 -19.30
C VAL L 163 -16.77 64.78 -18.20
N MET L 164 -15.51 64.45 -18.49
CA MET L 164 -14.62 63.84 -17.50
C MET L 164 -14.25 64.89 -16.47
N VAL L 165 -14.77 64.78 -15.25
CA VAL L 165 -14.37 65.69 -14.17
C VAL L 165 -13.23 65.07 -13.38
N THR L 166 -12.25 65.89 -13.03
CA THR L 166 -11.14 65.45 -12.19
C THR L 166 -10.84 66.53 -11.16
N GLU L 167 -10.10 66.15 -10.12
CA GLU L 167 -9.40 67.12 -9.31
C GLU L 167 -7.92 67.14 -9.63
N ASP L 168 -7.46 66.20 -10.46
CA ASP L 168 -6.14 66.27 -11.06
C ASP L 168 -6.06 67.50 -11.97
N GLU L 169 -4.96 68.23 -11.86
CA GLU L 169 -4.68 69.30 -12.81
C GLU L 169 -3.98 68.82 -14.07
N GLU L 170 -3.13 67.80 -13.97
CA GLU L 170 -2.33 67.42 -15.13
C GLU L 170 -3.16 66.65 -16.15
N ALA L 171 -4.19 65.95 -15.69
CA ALA L 171 -5.14 65.40 -16.63
C ALA L 171 -5.84 66.51 -17.41
N ILE L 172 -6.21 67.62 -16.75
CA ILE L 172 -6.69 68.78 -17.50
C ILE L 172 -5.68 69.24 -18.55
N GLN L 173 -4.40 69.45 -18.16
CA GLN L 173 -3.53 70.05 -19.16
C GLN L 173 -3.21 69.11 -20.32
N GLN L 174 -3.24 67.79 -20.12
CA GLN L 174 -2.87 66.90 -21.22
C GLN L 174 -4.04 66.09 -21.79
N TYR L 175 -4.77 65.33 -20.99
CA TYR L 175 -5.73 64.39 -21.56
C TYR L 175 -6.88 65.11 -22.26
N GLY L 176 -7.34 66.23 -21.70
CA GLY L 176 -8.56 66.84 -22.18
C GLY L 176 -8.47 67.63 -23.47
N SER L 177 -7.45 67.37 -24.29
CA SER L 177 -7.25 68.17 -25.49
C SER L 177 -7.08 67.35 -26.77
N GLU L 178 -7.40 66.05 -26.73
CA GLU L 178 -7.16 65.19 -27.89
C GLU L 178 -8.34 64.25 -28.14
N THR L 179 -9.56 64.68 -27.81
CA THR L 179 -10.76 63.98 -28.29
C THR L 179 -11.93 64.96 -28.25
N GLU L 180 -12.43 65.33 -29.42
CA GLU L 180 -13.51 66.30 -29.51
C GLU L 180 -14.77 65.75 -28.85
N GLY L 181 -15.34 66.51 -27.93
CA GLY L 181 -16.57 66.12 -27.29
C GLY L 181 -16.45 65.66 -25.85
N VAL L 182 -15.26 65.78 -25.25
CA VAL L 182 -15.04 65.31 -23.89
C VAL L 182 -14.01 66.21 -23.23
N PHE L 183 -14.35 66.70 -22.04
CA PHE L 183 -13.55 67.68 -21.32
C PHE L 183 -12.98 67.05 -20.06
N VAL L 184 -11.84 67.56 -19.61
CA VAL L 184 -11.29 67.23 -18.31
C VAL L 184 -11.19 68.53 -17.52
N ILE L 185 -12.24 68.81 -16.72
CA ILE L 185 -12.38 70.05 -15.98
C ILE L 185 -12.48 69.75 -14.50
N THR L 186 -12.07 70.72 -13.68
CA THR L 186 -12.20 70.60 -12.24
C THR L 186 -13.69 70.62 -11.85
N PHE L 187 -13.96 70.37 -10.57
CA PHE L 187 -15.34 70.16 -10.14
C PHE L 187 -16.11 71.47 -10.07
N LYS L 188 -15.52 72.50 -9.44
CA LYS L 188 -16.21 73.78 -9.37
C LYS L 188 -16.46 74.34 -10.76
N ASN L 189 -15.53 74.12 -11.68
CA ASN L 189 -15.76 74.51 -13.06
C ASN L 189 -16.92 73.73 -13.67
N TYR L 190 -17.01 72.43 -13.39
CA TYR L 190 -18.17 71.65 -13.78
C TYR L 190 -19.47 72.30 -13.33
N LEU L 191 -19.58 72.56 -12.03
CA LEU L 191 -20.80 73.16 -11.47
C LEU L 191 -21.12 74.48 -12.15
N ASP L 192 -20.23 75.48 -12.00
CA ASP L 192 -20.42 76.77 -12.67
C ASP L 192 -20.82 76.61 -14.14
N ASN L 193 -19.95 76.00 -14.94
CA ASN L 193 -20.19 75.78 -16.36
C ASN L 193 -21.56 75.18 -16.67
N PHE L 194 -22.09 74.35 -15.77
CA PHE L 194 -23.34 73.67 -16.07
C PHE L 194 -24.51 74.04 -15.18
N TRP L 195 -24.34 74.01 -13.86
CA TRP L 195 -25.47 73.94 -12.94
C TRP L 195 -25.46 75.09 -11.93
N PRO L 196 -25.80 76.31 -12.38
CA PRO L 196 -25.73 77.46 -11.48
C PRO L 196 -26.71 77.39 -10.32
N ASP L 197 -27.98 77.07 -10.59
CA ASP L 197 -29.04 77.13 -9.60
C ASP L 197 -28.88 76.10 -8.50
N LEU L 198 -27.82 75.29 -8.59
CA LEU L 198 -27.41 74.35 -7.56
C LEU L 198 -26.40 74.98 -6.60
N LYS L 199 -26.46 76.32 -6.45
CA LYS L 199 -25.54 77.05 -5.59
C LYS L 199 -25.45 76.46 -4.18
N ALA L 200 -26.46 75.70 -3.74
CA ALA L 200 -26.33 75.05 -2.44
C ALA L 200 -25.13 74.10 -2.47
N ALA L 201 -25.03 73.31 -3.54
CA ALA L 201 -23.88 72.45 -3.71
C ALA L 201 -22.61 73.28 -3.82
N HIS L 202 -22.69 74.44 -4.48
CA HIS L 202 -21.51 75.30 -4.60
C HIS L 202 -20.99 75.71 -3.23
N GLU L 203 -21.89 76.12 -2.33
CA GLU L 203 -21.49 76.48 -0.98
C GLU L 203 -21.00 75.26 -0.20
N LEU L 204 -21.61 74.09 -0.40
CA LEU L 204 -21.13 72.93 0.35
C LEU L 204 -19.76 72.50 -0.17
N CYS L 205 -19.50 72.72 -1.45
CA CYS L 205 -18.20 72.40 -2.04
C CYS L 205 -17.13 73.36 -1.55
N ASP L 206 -17.44 74.65 -1.43
CA ASP L 206 -16.47 75.57 -0.86
C ASP L 206 -16.19 75.24 0.61
N SER L 207 -17.24 74.90 1.36
CA SER L 207 -17.09 74.39 2.72
C SER L 207 -16.11 73.23 2.77
N ILE L 208 -16.34 72.20 1.95
CA ILE L 208 -15.52 71.01 2.03
C ILE L 208 -14.14 71.23 1.42
N LEU L 209 -13.95 72.24 0.59
CA LEU L 209 -12.61 72.50 0.06
C LEU L 209 -11.77 73.31 1.04
N GLN L 210 -12.39 74.20 1.81
CA GLN L 210 -11.62 74.82 2.89
C GLN L 210 -11.34 73.81 3.99
N SER L 211 -12.34 72.98 4.34
CA SER L 211 -12.06 71.86 5.25
C SER L 211 -11.12 70.83 4.63
N ARG L 212 -10.88 70.89 3.32
CA ARG L 212 -9.86 70.06 2.67
C ARG L 212 -8.48 70.63 2.91
N ARG L 213 -8.31 71.94 2.72
CA ARG L 213 -7.03 72.56 2.99
C ARG L 213 -6.58 72.26 4.42
N GLU L 214 -7.50 72.38 5.38
CA GLU L 214 -7.32 71.81 6.71
C GLU L 214 -6.84 70.36 6.66
N ARG L 215 -7.59 69.48 5.97
CA ARG L 215 -7.35 68.04 5.98
C ARG L 215 -5.88 67.64 5.87
N GLU L 216 -5.16 68.12 4.84
CA GLU L 216 -3.75 67.79 4.74
C GLU L 216 -2.97 68.29 5.96
N ASN L 217 -3.35 69.43 6.51
CA ASN L 217 -2.59 69.97 7.64
C ASN L 217 -2.80 69.12 8.89
N GLU L 218 -4.03 68.68 9.16
CA GLU L 218 -4.25 67.82 10.32
C GLU L 218 -3.69 66.42 10.11
N SER L 219 -3.67 65.93 8.86
CA SER L 219 -3.20 64.58 8.61
C SER L 219 -1.69 64.48 8.48
N GLN L 220 -1.02 65.58 8.15
CA GLN L 220 0.44 65.62 8.12
C GLN L 220 1.04 66.24 9.37
N GLU L 221 0.23 66.84 10.23
CA GLU L 221 0.62 67.16 11.60
C GLU L 221 0.24 66.06 12.59
N SER L 222 0.10 64.82 12.12
CA SER L 222 -0.16 63.67 12.98
C SER L 222 0.90 62.58 12.88
N HIS L 223 1.69 62.56 11.81
CA HIS L 223 2.80 61.61 11.63
C HIS L 223 2.38 60.16 11.76
N GLY L 224 3.05 59.43 12.66
CA GLY L 224 2.83 58.01 12.84
C GLY L 224 2.73 57.56 14.28
N LYS L 225 2.21 58.41 15.16
CA LYS L 225 2.00 58.06 16.55
C LYS L 225 0.69 58.62 17.04
N GLU L 226 -0.03 57.81 17.83
CA GLU L 226 -1.36 58.13 18.32
C GLU L 226 -1.40 58.39 19.82
N TYR L 227 -0.55 57.73 20.61
CA TYR L 227 -0.53 57.86 22.06
C TYR L 227 0.91 57.92 22.54
N PRO L 228 1.17 58.76 23.55
CA PRO L 228 2.47 58.72 24.23
C PRO L 228 2.88 57.33 24.68
N GLU L 229 4.09 56.94 24.28
CA GLU L 229 4.62 55.62 24.57
C GLU L 229 5.11 55.56 26.01
N HIS L 230 4.84 54.44 26.66
CA HIS L 230 5.15 54.28 28.08
C HIS L 230 6.64 54.01 28.24
N LEU L 231 7.06 53.67 29.45
CA LEU L 231 8.46 53.77 29.83
C LEU L 231 8.66 52.94 31.10
N PRO L 232 9.88 52.78 31.61
CA PRO L 232 10.12 51.81 32.68
C PRO L 232 9.63 52.30 34.03
N LEU L 233 9.90 51.48 35.03
CA LEU L 233 9.43 51.68 36.40
C LEU L 233 10.43 52.44 37.26
N GLU L 234 11.72 52.09 37.19
CA GLU L 234 12.71 52.81 38.00
C GLU L 234 12.55 54.32 37.83
N VAL L 235 12.18 54.75 36.64
CA VAL L 235 11.77 56.13 36.44
C VAL L 235 10.62 56.49 37.39
N LEU L 236 9.68 55.55 37.61
CA LEU L 236 8.53 55.96 38.40
C LEU L 236 8.76 55.93 39.91
N GLU L 237 9.46 54.93 40.46
CA GLU L 237 10.00 55.08 41.82
C GLU L 237 10.69 56.42 42.02
N ALA L 238 11.70 56.73 41.20
CA ALA L 238 12.43 57.97 41.42
C ALA L 238 11.50 59.18 41.29
N GLY L 239 10.75 59.29 40.20
CA GLY L 239 9.88 60.44 40.03
C GLY L 239 8.88 60.63 41.15
N ILE L 240 8.43 59.53 41.78
CA ILE L 240 7.71 59.64 43.06
C ILE L 240 8.61 60.25 44.13
N LYS L 241 9.74 59.58 44.43
CA LYS L 241 10.53 59.92 45.60
C LYS L 241 11.00 61.36 45.55
N SER L 242 11.68 61.74 44.47
CA SER L 242 12.08 63.12 44.21
C SER L 242 10.91 64.09 44.31
N GLY L 243 9.67 63.61 44.18
CA GLY L 243 8.53 64.47 44.42
C GLY L 243 8.15 65.23 43.18
N ARG L 244 7.89 64.50 42.10
CA ARG L 244 7.28 65.08 40.91
C ARG L 244 6.18 64.20 40.32
N TYR L 245 5.58 63.32 41.13
CA TYR L 245 4.51 62.45 40.65
C TYR L 245 3.55 62.16 41.80
N ILE L 246 2.32 62.64 41.66
CA ILE L 246 1.18 62.20 42.47
C ILE L 246 0.57 60.96 41.82
N GLN L 247 -0.24 60.25 42.59
CA GLN L 247 -0.93 59.07 42.04
C GLN L 247 -2.18 58.79 42.85
N GLY L 248 -3.33 58.72 42.16
CA GLY L 248 -4.59 58.39 42.79
C GLY L 248 -5.49 57.57 41.89
N ILE L 249 -6.76 57.41 42.27
CA ILE L 249 -7.72 56.70 41.43
C ILE L 249 -8.21 57.66 40.34
N LEU L 250 -8.85 57.11 39.30
CA LEU L 250 -9.32 57.89 38.17
C LEU L 250 -10.73 57.46 37.79
N ASN L 251 -11.65 58.41 37.71
CA ASN L 251 -13.00 58.09 37.26
C ASN L 251 -13.37 58.97 36.06
N VAL L 252 -14.55 58.73 35.51
CA VAL L 252 -15.05 59.43 34.34
C VAL L 252 -16.48 59.85 34.62
N ASN L 253 -16.89 60.97 34.03
CA ASN L 253 -18.30 61.33 33.99
C ASN L 253 -19.03 60.32 33.10
N LYS L 254 -20.36 60.43 33.03
CA LYS L 254 -21.13 59.53 32.19
C LYS L 254 -22.15 60.23 31.29
N HIS L 255 -22.58 61.45 31.61
CA HIS L 255 -23.17 62.31 30.60
C HIS L 255 -22.16 62.61 29.49
N ARG L 256 -21.01 63.13 29.87
CA ARG L 256 -19.89 63.37 28.96
C ARG L 256 -18.82 62.36 29.32
N ALA L 257 -18.61 61.36 28.46
CA ALA L 257 -17.66 60.30 28.81
C ALA L 257 -16.45 60.21 27.90
N GLN L 258 -16.26 61.17 26.99
CA GLN L 258 -15.01 61.22 26.23
C GLN L 258 -14.18 62.43 26.60
N ILE L 259 -14.66 63.26 27.53
CA ILE L 259 -14.01 64.51 27.85
C ILE L 259 -13.75 64.55 29.34
N GLU L 260 -14.81 64.39 30.13
CA GLU L 260 -14.81 64.73 31.56
C GLU L 260 -14.23 63.57 32.36
N ALA L 261 -12.91 63.43 32.28
CA ALA L 261 -12.21 62.39 33.03
C ALA L 261 -11.53 63.04 34.23
N PHE L 262 -11.73 62.46 35.41
CA PHE L 262 -11.21 63.02 36.64
C PHE L 262 -10.14 62.12 37.24
N VAL L 263 -9.19 62.73 37.95
CA VAL L 263 -8.09 61.99 38.57
C VAL L 263 -8.18 62.24 40.07
N ARG L 264 -8.86 61.33 40.78
CA ARG L 264 -9.02 61.46 42.22
C ARG L 264 -7.67 61.58 42.91
N LEU L 265 -7.43 62.71 43.56
CA LEU L 265 -6.17 62.95 44.26
C LEU L 265 -5.92 61.88 45.32
N ASP L 278 -10.04 68.07 41.91
CA ASP L 278 -9.73 66.87 41.13
C ASP L 278 -9.17 67.29 39.79
N ILE L 279 -8.04 66.68 39.41
CA ILE L 279 -7.45 66.87 38.08
C ILE L 279 -8.45 66.58 36.97
N LEU L 280 -8.72 67.60 36.15
CA LEU L 280 -9.52 67.45 34.94
C LEU L 280 -8.62 66.92 33.83
N ILE L 281 -8.87 65.70 33.37
CA ILE L 281 -8.23 65.20 32.15
C ILE L 281 -9.16 65.48 30.99
N HIS L 282 -8.68 66.25 30.02
CA HIS L 282 -9.43 66.60 28.82
C HIS L 282 -8.83 65.89 27.62
N GLY L 283 -9.63 65.06 26.96
CA GLY L 283 -9.04 64.47 25.76
C GLY L 283 -8.73 62.99 25.92
N MET L 284 -8.77 62.29 24.79
CA MET L 284 -8.31 60.90 24.75
C MET L 284 -6.79 60.85 24.63
N LYS L 285 -6.23 61.62 23.70
CA LYS L 285 -4.77 61.73 23.57
C LYS L 285 -4.12 62.10 24.90
N ALA L 286 -4.84 62.82 25.76
CA ALA L 286 -4.36 63.08 27.11
C ALA L 286 -4.67 61.95 28.06
N ARG L 287 -5.68 61.12 27.77
CA ARG L 287 -6.05 60.05 28.68
C ARG L 287 -5.12 58.86 28.56
N ASN L 288 -4.53 58.64 27.38
CA ASN L 288 -3.37 57.76 27.21
C ASN L 288 -3.68 56.34 27.68
N ARG L 289 -4.64 55.71 26.99
CA ARG L 289 -4.88 54.27 27.06
C ARG L 289 -4.95 53.76 28.50
N SER L 290 -5.95 54.25 29.22
CA SER L 290 -6.11 53.88 30.62
C SER L 290 -7.57 54.00 31.04
N ILE L 291 -7.95 53.14 31.99
CA ILE L 291 -9.33 52.84 32.35
C ILE L 291 -9.55 53.19 33.82
N HIS L 292 -10.83 53.30 34.20
CA HIS L 292 -11.24 53.61 35.55
C HIS L 292 -10.65 52.62 36.56
N GLY L 293 -10.64 53.02 37.83
CA GLY L 293 -10.18 52.16 38.90
C GLY L 293 -8.69 51.89 38.89
N ASP L 294 -7.91 52.73 38.21
CA ASP L 294 -6.50 52.48 37.93
C ASP L 294 -5.62 53.42 38.76
N VAL L 295 -4.37 53.04 38.94
CA VAL L 295 -3.41 53.78 39.76
C VAL L 295 -2.30 54.31 38.87
N VAL L 296 -2.35 55.60 38.54
CA VAL L 296 -1.51 56.19 37.51
C VAL L 296 -0.72 57.33 38.16
N VAL L 297 0.50 57.55 37.66
CA VAL L 297 1.39 58.57 38.20
C VAL L 297 1.44 59.74 37.23
N VAL L 298 1.40 60.95 37.77
CA VAL L 298 1.00 62.15 37.03
C VAL L 298 1.86 63.32 37.48
N GLU L 299 2.33 64.09 36.50
CA GLU L 299 2.95 65.40 36.69
C GLU L 299 1.91 66.51 36.64
N LEU L 300 2.36 67.72 36.99
CA LEU L 300 1.54 68.92 36.95
C LEU L 300 1.69 69.57 35.57
N LEU L 301 1.20 70.78 35.41
CA LEU L 301 1.20 71.45 34.12
C LEU L 301 1.14 72.95 34.34
N PRO L 302 1.55 73.75 33.36
CA PRO L 302 1.64 75.20 33.57
C PRO L 302 0.27 75.86 33.55
N LYS L 303 0.10 76.81 34.48
CA LYS L 303 -1.15 77.54 34.68
C LYS L 303 -1.65 78.28 33.43
N ASN L 304 -0.83 78.41 32.39
CA ASN L 304 -1.29 79.04 31.16
C ASN L 304 -2.08 78.11 30.26
N GLU L 305 -2.22 76.84 30.62
CA GLU L 305 -2.90 75.82 29.83
C GLU L 305 -3.84 75.00 30.70
N TRP L 306 -4.62 75.69 31.54
CA TRP L 306 -5.63 75.05 32.35
C TRP L 306 -7.00 75.55 31.91
N LYS L 307 -8.04 74.77 32.23
CA LYS L 307 -9.34 74.98 31.60
C LYS L 307 -10.49 75.12 32.59
N GLY L 308 -11.71 75.14 32.07
CA GLY L 308 -12.86 75.60 32.82
C GLY L 308 -13.98 74.60 32.82
N ARG L 309 -14.82 74.68 33.86
CA ARG L 309 -15.87 73.71 34.10
C ARG L 309 -17.23 74.33 33.74
N GLU L 329 -12.96 77.30 36.75
CA GLU L 329 -11.73 78.09 36.79
C GLU L 329 -10.59 77.17 36.31
N PRO L 330 -9.44 77.74 35.96
CA PRO L 330 -8.26 76.92 35.64
C PRO L 330 -7.90 75.95 36.76
N MET L 331 -7.99 74.66 36.45
CA MET L 331 -7.66 73.60 37.39
C MET L 331 -6.37 72.88 37.00
N PRO L 332 -5.71 72.24 37.98
CA PRO L 332 -4.37 71.63 37.76
C PRO L 332 -4.46 70.32 36.99
N THR L 333 -4.54 70.44 35.66
CA THR L 333 -4.52 69.26 34.81
C THR L 333 -3.13 68.62 34.78
N GLY L 334 -3.10 67.36 34.39
CA GLY L 334 -1.89 66.56 34.48
C GLY L 334 -1.41 65.87 33.21
N ARG L 335 -0.57 64.86 33.39
CA ARG L 335 0.08 64.14 32.30
C ARG L 335 0.57 62.81 32.86
N VAL L 336 0.13 61.71 32.26
CA VAL L 336 0.42 60.37 32.76
C VAL L 336 1.37 59.67 31.78
N VAL L 337 2.43 59.09 32.33
CA VAL L 337 3.54 58.52 31.55
C VAL L 337 3.65 57.01 31.72
N GLY L 338 3.19 56.49 32.86
CA GLY L 338 3.33 55.08 33.13
C GLY L 338 2.39 54.65 34.24
N ILE L 339 1.96 53.39 34.17
CA ILE L 339 1.04 52.82 35.13
C ILE L 339 1.79 51.78 35.94
N LEU L 340 2.03 52.08 37.22
CA LEU L 340 2.57 51.08 38.14
C LEU L 340 1.69 49.84 38.22
N GLN L 341 0.44 50.03 38.67
CA GLN L 341 -0.44 48.96 39.11
C GLN L 341 -1.75 49.03 38.34
N LYS L 342 -2.26 47.87 37.92
CA LYS L 342 -2.92 47.70 36.62
C LYS L 342 -4.19 46.87 36.84
N ASN L 343 -5.31 47.56 37.05
CA ASN L 343 -6.54 47.01 37.60
C ASN L 343 -7.60 46.93 36.50
N TRP L 344 -7.97 45.71 36.09
CA TRP L 344 -8.99 45.55 35.08
C TRP L 344 -10.26 44.98 35.69
N ARG L 345 -11.24 44.73 34.83
CA ARG L 345 -12.51 44.10 35.17
C ARG L 345 -13.07 43.53 33.88
N ASP L 346 -14.34 43.12 33.89
CA ASP L 346 -14.85 42.13 32.92
C ASP L 346 -16.33 42.45 32.68
N TYR L 347 -16.59 43.09 31.54
CA TYR L 347 -17.79 43.84 31.24
C TYR L 347 -18.80 42.99 30.49
N VAL L 348 -19.87 43.64 30.02
CA VAL L 348 -20.98 42.99 29.34
C VAL L 348 -21.35 43.87 28.15
N VAL L 349 -21.26 43.32 26.95
CA VAL L 349 -21.27 44.09 25.72
C VAL L 349 -22.32 43.51 24.78
N THR L 350 -22.40 44.10 23.58
CA THR L 350 -23.32 43.66 22.55
C THR L 350 -22.62 43.78 21.20
N PHE L 351 -23.15 43.05 20.24
CA PHE L 351 -22.88 42.82 18.83
C PHE L 351 -23.70 43.77 17.96
N PRO L 352 -23.16 44.15 16.82
CA PRO L 352 -23.88 45.04 15.89
C PRO L 352 -25.10 44.38 15.28
N SER L 353 -25.78 45.14 14.43
CA SER L 353 -27.11 44.81 13.91
C SER L 353 -27.01 44.22 12.50
N LYS L 354 -28.08 43.53 12.11
CA LYS L 354 -28.07 42.70 10.92
C LYS L 354 -27.66 43.49 9.67
N GLU L 355 -28.42 44.52 9.31
CA GLU L 355 -28.10 45.24 8.09
C GLU L 355 -26.68 45.79 8.08
N GLU L 356 -26.00 45.85 9.23
CA GLU L 356 -24.58 46.14 9.28
C GLU L 356 -23.72 44.92 9.63
N VAL L 357 -24.23 43.69 9.46
CA VAL L 357 -23.40 42.50 9.50
C VAL L 357 -23.33 41.82 8.13
N GLN L 358 -24.47 41.73 7.43
CA GLN L 358 -24.51 41.28 6.05
C GLN L 358 -23.53 42.04 5.17
N SER L 359 -23.11 43.22 5.59
CA SER L 359 -22.11 44.01 4.87
C SER L 359 -20.70 43.79 5.39
N GLN L 360 -20.55 43.22 6.59
CA GLN L 360 -19.23 42.87 7.11
C GLN L 360 -18.56 41.77 6.30
N GLY L 361 -19.20 41.26 5.25
CA GLY L 361 -18.92 39.95 4.69
C GLY L 361 -19.80 38.85 5.24
N LYS L 362 -19.30 37.61 5.23
CA LYS L 362 -19.88 36.54 6.03
C LYS L 362 -18.84 35.74 6.80
N ASN L 363 -17.56 36.10 6.70
CA ASN L 363 -16.49 35.49 7.49
C ASN L 363 -15.69 36.59 8.19
N ALA L 364 -16.41 37.53 8.80
CA ALA L 364 -15.83 38.80 9.24
C ALA L 364 -15.05 38.54 10.51
N GLN L 365 -13.72 38.46 10.39
CA GLN L 365 -12.88 38.15 11.54
C GLN L 365 -13.03 39.22 12.62
N LYS L 366 -12.66 40.45 12.30
CA LYS L 366 -12.70 41.53 13.28
C LYS L 366 -14.13 42.04 13.44
N ILE L 367 -14.41 42.57 14.64
CA ILE L 367 -15.76 43.02 15.00
C ILE L 367 -15.59 44.05 16.12
N LEU L 368 -16.61 44.90 16.29
CA LEU L 368 -16.64 45.93 17.30
C LEU L 368 -17.80 45.65 18.25
N VAL L 369 -17.59 45.89 19.54
CA VAL L 369 -18.57 45.57 20.56
C VAL L 369 -18.89 46.82 21.37
N THR L 370 -20.16 46.95 21.73
CA THR L 370 -20.68 48.09 22.48
C THR L 370 -20.87 47.72 23.94
N PRO L 371 -20.17 48.37 24.87
CA PRO L 371 -20.34 48.05 26.29
C PRO L 371 -21.70 48.48 26.83
N TRP L 372 -21.91 48.27 28.12
CA TRP L 372 -23.20 48.55 28.74
C TRP L 372 -23.20 49.79 29.62
N ASP L 373 -22.05 50.22 30.13
CA ASP L 373 -21.95 51.49 30.82
C ASP L 373 -21.23 52.51 29.95
N TYR L 374 -21.71 53.75 29.98
CA TYR L 374 -21.12 54.80 29.16
C TYR L 374 -19.67 55.09 29.51
N ARG L 375 -19.14 54.53 30.60
CA ARG L 375 -17.81 54.88 31.06
C ARG L 375 -16.72 54.12 30.32
N ILE L 376 -17.06 53.19 29.43
CA ILE L 376 -16.07 52.27 28.90
C ILE L 376 -15.94 52.47 27.39
N PRO L 377 -14.72 52.45 26.84
CA PRO L 377 -14.56 52.57 25.38
C PRO L 377 -15.08 51.34 24.65
N LYS L 378 -14.99 51.34 23.33
CA LYS L 378 -15.38 50.17 22.55
C LYS L 378 -14.17 49.30 22.32
N ILE L 379 -14.41 48.01 22.11
CA ILE L 379 -13.36 47.00 22.15
C ILE L 379 -13.34 46.25 20.83
N ARG L 380 -12.12 45.95 20.35
CA ARG L 380 -11.88 45.28 19.08
C ARG L 380 -11.62 43.80 19.35
N ILE L 381 -12.53 42.94 18.89
CA ILE L 381 -12.38 41.50 19.10
C ILE L 381 -12.66 40.78 17.81
N SER L 382 -12.18 39.54 17.73
CA SER L 382 -12.28 38.71 16.53
C SER L 382 -13.10 37.46 16.83
N THR L 383 -14.24 37.33 16.18
CA THR L 383 -15.11 36.19 16.38
C THR L 383 -15.75 35.80 15.05
N GLN L 384 -16.41 34.64 15.05
CA GLN L 384 -17.05 34.13 13.84
C GLN L 384 -18.44 33.58 14.15
N GLN L 385 -19.20 34.30 14.98
CA GLN L 385 -20.57 33.88 15.24
C GLN L 385 -21.52 35.08 15.26
N ALA L 386 -21.07 36.23 14.74
CA ALA L 386 -21.80 37.47 14.94
C ALA L 386 -23.20 37.45 14.31
N GLU L 387 -23.41 36.65 13.26
CA GLU L 387 -24.69 36.65 12.58
C GLU L 387 -25.75 35.77 13.24
N THR L 388 -25.44 35.09 14.35
CA THR L 388 -26.46 34.33 15.06
C THR L 388 -26.45 34.62 16.57
N LEU L 389 -25.86 35.72 16.99
CA LEU L 389 -25.95 36.13 18.38
C LEU L 389 -26.43 37.56 18.51
N GLN L 390 -27.35 38.00 17.66
CA GLN L 390 -27.78 39.39 17.73
C GLN L 390 -28.99 39.59 18.63
N ASP L 391 -29.26 38.64 19.53
CA ASP L 391 -30.26 38.84 20.58
C ASP L 391 -29.75 38.31 21.90
N PHE L 392 -28.48 38.54 22.21
CA PHE L 392 -27.91 38.06 23.47
C PHE L 392 -26.84 39.02 23.97
N ARG L 393 -26.76 39.12 25.30
CA ARG L 393 -25.62 39.76 25.95
C ARG L 393 -24.45 38.78 26.08
N VAL L 394 -23.24 39.26 25.80
CA VAL L 394 -22.06 38.42 25.94
C VAL L 394 -21.07 39.06 26.90
N VAL L 395 -19.93 38.39 27.12
CA VAL L 395 -18.90 38.89 28.04
C VAL L 395 -17.53 38.73 27.39
N VAL L 396 -16.67 39.73 27.58
CA VAL L 396 -15.32 39.74 27.03
C VAL L 396 -14.37 40.20 28.12
N ARG L 397 -13.07 40.21 27.80
CA ARG L 397 -12.04 40.69 28.70
C ARG L 397 -11.01 41.44 27.85
N ILE L 398 -9.88 41.81 28.45
CA ILE L 398 -8.87 42.60 27.77
C ILE L 398 -7.47 42.08 28.04
N ASP L 399 -6.67 41.99 26.97
CA ASP L 399 -5.31 41.46 27.01
C ASP L 399 -4.24 42.53 26.81
N SER L 400 -4.47 43.50 25.93
CA SER L 400 -3.42 44.44 25.55
C SER L 400 -4.06 45.64 24.86
N TRP L 401 -3.75 46.84 25.36
CA TRP L 401 -4.04 48.07 24.64
C TRP L 401 -2.90 48.39 23.67
N GLU L 402 -3.25 48.59 22.41
CA GLU L 402 -2.28 48.80 21.34
C GLU L 402 -2.47 50.18 20.75
N SER L 403 -1.37 50.83 20.39
CA SER L 403 -1.38 52.21 19.94
C SER L 403 -1.63 52.38 18.45
N THR L 404 -1.33 51.36 17.63
CA THR L 404 -1.75 51.48 16.23
C THR L 404 -3.25 51.34 16.06
N SER L 405 -4.00 51.14 17.15
CA SER L 405 -5.45 51.22 17.15
C SER L 405 -5.89 52.32 18.11
N VAL L 406 -7.01 52.97 17.80
CA VAL L 406 -7.59 53.90 18.76
C VAL L 406 -8.35 53.18 19.86
N TYR L 407 -8.57 51.87 19.73
CA TYR L 407 -9.37 51.15 20.71
C TYR L 407 -8.49 50.08 21.33
N PRO L 408 -8.91 49.44 22.42
CA PRO L 408 -8.16 48.27 22.91
C PRO L 408 -8.70 46.97 22.36
N ASN L 409 -7.80 45.99 22.28
CA ASN L 409 -8.13 44.69 21.71
C ASN L 409 -8.76 43.79 22.77
N GLY L 410 -9.50 42.79 22.32
CA GLY L 410 -10.08 41.86 23.27
C GLY L 410 -10.29 40.45 22.75
N HIS L 411 -11.07 39.66 23.50
CA HIS L 411 -11.48 38.32 23.09
C HIS L 411 -12.68 37.90 23.94
N PHE L 412 -13.63 37.20 23.32
CA PHE L 412 -14.85 36.71 23.96
C PHE L 412 -14.57 35.86 25.20
N VAL L 413 -15.54 35.78 26.11
CA VAL L 413 -15.35 34.99 27.33
C VAL L 413 -16.43 33.93 27.53
N ARG L 414 -17.70 34.33 27.55
CA ARG L 414 -18.83 33.42 27.77
C ARG L 414 -20.14 34.10 27.42
N VAL L 415 -21.15 33.27 27.15
CA VAL L 415 -22.48 33.76 26.79
C VAL L 415 -23.25 34.17 28.05
N LEU L 416 -24.23 35.05 27.86
CA LEU L 416 -25.17 35.47 28.89
C LEU L 416 -26.61 35.30 28.44
N GLY L 417 -27.54 35.82 29.23
CA GLY L 417 -28.96 35.62 29.05
C GLY L 417 -29.46 36.42 27.85
N ARG L 418 -30.78 36.50 27.75
CA ARG L 418 -31.44 37.05 26.57
C ARG L 418 -32.09 38.40 26.86
N ILE L 419 -31.92 39.32 25.92
CA ILE L 419 -32.37 40.70 25.98
C ILE L 419 -33.88 40.79 25.77
N GLY L 420 -34.62 41.01 26.85
CA GLY L 420 -36.07 41.01 26.78
C GLY L 420 -36.71 40.28 27.95
N ASP L 421 -36.04 39.26 28.46
CA ASP L 421 -36.56 38.51 29.60
C ASP L 421 -35.78 38.90 30.84
N LEU L 422 -36.48 38.95 31.98
CA LEU L 422 -35.91 39.46 33.23
C LEU L 422 -34.59 38.78 33.58
N GLU L 423 -34.41 37.53 33.18
CA GLU L 423 -33.27 36.75 33.63
C GLU L 423 -31.96 37.29 33.06
N GLY L 424 -31.95 37.68 31.79
CA GLY L 424 -30.75 38.26 31.23
C GLY L 424 -30.34 39.54 31.93
N GLU L 425 -31.32 40.37 32.30
CA GLU L 425 -30.99 41.60 33.01
C GLU L 425 -30.48 41.32 34.40
N ILE L 426 -31.13 40.41 35.14
CA ILE L 426 -30.61 40.03 36.45
C ILE L 426 -29.19 39.50 36.34
N ALA L 427 -28.93 38.66 35.33
CA ALA L 427 -27.59 38.14 35.14
C ALA L 427 -26.59 39.27 34.88
N THR L 428 -27.00 40.27 34.11
CA THR L 428 -26.15 41.42 33.85
C THR L 428 -25.85 42.16 35.15
N ILE L 429 -26.88 42.38 35.96
CA ILE L 429 -26.69 43.08 37.23
C ILE L 429 -25.74 42.33 38.14
N LEU L 430 -25.88 41.01 38.20
CA LEU L 430 -24.93 40.20 38.97
C LEU L 430 -23.50 40.37 38.46
N VAL L 431 -23.26 39.99 37.19
CA VAL L 431 -21.90 40.00 36.64
C VAL L 431 -21.26 41.37 36.77
N GLU L 432 -21.99 42.43 36.44
CA GLU L 432 -21.42 43.77 36.42
C GLU L 432 -21.00 44.22 37.81
N ASN L 433 -21.87 44.03 38.80
CA ASN L 433 -21.64 44.54 40.14
C ASN L 433 -20.75 43.63 40.98
N SER L 434 -20.07 42.66 40.36
CA SER L 434 -19.12 41.78 41.05
C SER L 434 -19.75 41.00 42.21
N ILE L 435 -20.72 40.14 41.87
CA ILE L 435 -21.34 39.24 42.83
C ILE L 435 -21.37 37.84 42.21
N SER L 436 -21.04 36.85 43.02
CA SER L 436 -20.95 35.46 42.55
C SER L 436 -22.29 34.75 42.73
N VAL L 437 -22.59 33.86 41.79
CA VAL L 437 -23.81 33.05 41.83
C VAL L 437 -23.45 31.56 41.71
N ILE L 438 -22.26 31.19 42.17
CA ILE L 438 -21.80 29.80 42.07
C ILE L 438 -21.99 29.13 43.43
N PRO L 439 -22.82 28.09 43.51
CA PRO L 439 -22.84 27.23 44.70
C PRO L 439 -21.48 26.57 44.92
N PHE L 440 -21.27 26.10 46.14
CA PHE L 440 -19.94 25.74 46.60
C PHE L 440 -19.54 24.36 46.07
N SER L 441 -18.30 23.99 46.36
CA SER L 441 -17.71 22.73 45.96
C SER L 441 -17.85 21.68 47.06
N GLU L 442 -17.42 20.45 46.73
CA GLU L 442 -17.59 19.32 47.64
C GLU L 442 -16.93 19.58 48.98
N ALA L 443 -15.64 19.93 48.98
CA ALA L 443 -14.95 20.14 50.24
C ALA L 443 -15.41 21.43 50.92
N GLN L 444 -15.99 22.35 50.15
CA GLN L 444 -16.57 23.56 50.71
C GLN L 444 -17.99 23.30 51.20
N MET L 445 -18.66 22.28 50.65
CA MET L 445 -19.95 21.82 51.12
C MET L 445 -19.80 20.91 52.34
N CYS L 446 -19.07 19.81 52.15
CA CYS L 446 -19.00 18.71 53.12
C CYS L 446 -18.79 19.16 54.56
N GLU L 447 -18.12 20.28 54.79
CA GLU L 447 -17.88 20.77 56.16
C GLU L 447 -19.10 21.42 56.78
N MET L 448 -20.17 20.64 56.89
CA MET L 448 -21.48 21.11 57.33
C MET L 448 -21.84 20.52 58.68
N PRO L 449 -22.62 21.25 59.49
CA PRO L 449 -23.24 20.62 60.66
C PRO L 449 -24.36 19.69 60.20
N VAL L 450 -24.31 18.45 60.65
CA VAL L 450 -25.22 17.43 60.15
C VAL L 450 -26.58 17.52 60.83
N ASN L 451 -27.49 18.28 60.22
CA ASN L 451 -28.89 18.34 60.61
C ASN L 451 -29.70 17.36 59.76
N THR L 452 -29.47 16.08 60.04
CA THR L 452 -30.09 14.86 59.52
C THR L 452 -31.30 14.49 60.37
N PRO L 453 -32.32 13.86 59.77
CA PRO L 453 -33.47 13.41 60.60
C PRO L 453 -33.12 12.26 61.51
N GLU L 454 -32.26 11.33 61.08
CA GLU L 454 -31.87 10.22 61.93
C GLU L 454 -30.97 10.67 63.08
N SER L 455 -30.30 11.80 62.94
CA SER L 455 -29.57 12.42 64.05
C SER L 455 -29.45 13.90 63.80
N PRO L 456 -30.39 14.69 64.31
CA PRO L 456 -30.30 16.15 64.24
C PRO L 456 -29.43 16.70 65.35
N TRP L 457 -29.36 18.04 65.41
CA TRP L 457 -28.42 18.72 66.28
C TRP L 457 -29.01 18.86 67.67
N LYS L 458 -28.17 18.65 68.68
CA LYS L 458 -28.59 18.83 70.06
C LYS L 458 -27.36 18.96 70.94
N VAL L 459 -27.47 19.81 71.96
CA VAL L 459 -26.29 20.39 72.60
C VAL L 459 -25.60 19.35 73.47
N SER L 460 -24.29 19.23 73.30
CA SER L 460 -23.49 18.33 74.12
C SER L 460 -23.41 18.86 75.54
N PRO L 461 -23.67 18.03 76.56
CA PRO L 461 -24.00 18.57 77.89
C PRO L 461 -22.86 19.31 78.56
N GLU L 462 -21.60 19.02 78.23
CA GLU L 462 -20.51 19.78 78.82
C GLU L 462 -20.58 21.25 78.44
N GLU L 463 -21.08 21.56 77.24
CA GLU L 463 -21.31 22.95 76.88
C GLU L 463 -22.54 23.53 77.56
N GLU L 464 -23.48 22.68 77.97
CA GLU L 464 -24.60 23.14 78.79
C GLU L 464 -24.13 23.53 80.18
N GLN L 465 -23.28 22.69 80.79
CA GLN L 465 -22.50 23.12 81.95
C GLN L 465 -21.83 24.47 81.70
N LYS L 466 -21.05 24.55 80.62
CA LYS L 466 -20.11 25.66 80.51
C LYS L 466 -20.84 26.97 80.26
N ARG L 467 -22.03 26.89 79.65
CA ARG L 467 -22.91 28.02 79.40
C ARG L 467 -23.89 28.17 80.57
N LYS L 468 -24.90 29.02 80.39
CA LYS L 468 -25.84 29.38 81.46
C LYS L 468 -27.22 29.54 80.83
N ASP L 469 -28.02 28.47 80.91
CA ASP L 469 -29.30 28.42 80.23
C ASP L 469 -30.27 29.43 80.82
N LEU L 470 -31.16 29.93 79.96
CA LEU L 470 -32.26 30.80 80.37
C LEU L 470 -33.57 30.43 79.67
N ARG L 471 -33.69 29.22 79.14
CA ARG L 471 -34.91 28.82 78.43
C ARG L 471 -36.09 28.56 79.35
N LYS L 472 -36.04 28.81 80.64
CA LYS L 472 -37.19 28.54 81.48
C LYS L 472 -37.61 29.76 82.29
N SER L 473 -36.65 30.55 82.76
CA SER L 473 -36.89 31.61 83.72
C SER L 473 -37.04 32.98 83.07
N HIS L 474 -37.04 33.05 81.74
CA HIS L 474 -37.15 34.34 81.07
C HIS L 474 -37.81 34.14 79.71
N LEU L 475 -38.49 35.18 79.23
CA LEU L 475 -39.22 35.13 77.97
C LEU L 475 -38.42 35.77 76.85
N VAL L 476 -38.31 35.07 75.73
CA VAL L 476 -37.66 35.57 74.51
C VAL L 476 -38.65 35.45 73.36
N PHE L 477 -38.90 36.55 72.67
CA PHE L 477 -39.62 36.52 71.40
C PHE L 477 -39.08 37.62 70.49
N SER L 478 -39.68 37.74 69.30
CA SER L 478 -39.20 38.72 68.33
C SER L 478 -40.30 39.09 67.35
N ILE L 479 -40.49 40.39 67.14
CA ILE L 479 -41.10 40.87 65.91
C ILE L 479 -40.08 40.78 64.78
N ASP L 480 -40.57 40.56 63.56
CA ASP L 480 -39.66 40.38 62.42
C ASP L 480 -40.38 40.66 61.10
N PRO L 481 -39.70 41.24 60.12
CA PRO L 481 -40.35 41.58 58.83
C PRO L 481 -41.03 40.42 58.16
N LYS L 482 -42.01 40.69 57.30
CA LYS L 482 -42.66 39.64 56.54
C LYS L 482 -41.60 38.89 55.74
N GLY L 483 -41.58 37.57 55.90
CA GLY L 483 -40.65 36.76 55.13
C GLY L 483 -39.34 36.48 55.82
N CYS L 484 -39.24 36.80 57.11
CA CYS L 484 -37.99 36.78 57.86
C CYS L 484 -37.61 35.32 58.17
N GLU L 485 -37.21 34.61 57.12
CA GLU L 485 -36.73 33.24 57.24
C GLU L 485 -35.46 33.13 58.07
N ASP L 486 -34.91 34.26 58.52
CA ASP L 486 -33.65 34.24 59.26
C ASP L 486 -33.58 35.46 60.19
N VAL L 487 -33.86 35.22 61.48
CA VAL L 487 -33.97 36.29 62.46
C VAL L 487 -32.58 36.65 62.97
N ASN L 488 -32.29 37.94 63.13
CA ASN L 488 -31.22 38.36 64.01
C ASN L 488 -31.74 38.86 65.36
N ASP L 489 -32.62 39.87 65.32
CA ASP L 489 -32.90 40.69 66.49
C ASP L 489 -33.74 39.94 67.52
N THR L 490 -33.33 40.02 68.79
CA THR L 490 -34.12 39.54 69.92
C THR L 490 -33.82 40.44 71.11
N LEU L 491 -34.77 40.52 72.04
CA LEU L 491 -34.56 41.23 73.29
C LEU L 491 -35.38 40.58 74.39
N SER L 492 -35.23 41.10 75.61
CA SER L 492 -36.02 40.65 76.76
C SER L 492 -35.90 41.64 77.91
N VAL L 493 -37.03 42.10 78.44
CA VAL L 493 -37.07 42.93 79.64
C VAL L 493 -38.08 42.34 80.61
N ARG L 494 -37.62 42.06 81.83
CA ARG L 494 -38.49 41.59 82.90
C ARG L 494 -38.37 42.44 84.15
N THR L 495 -39.01 41.99 85.23
CA THR L 495 -38.83 42.57 86.55
C THR L 495 -38.26 41.50 87.48
N LEU L 496 -37.46 41.95 88.45
CA LEU L 496 -36.80 41.09 89.41
C LEU L 496 -37.52 41.15 90.75
N ASN L 497 -36.95 40.45 91.73
CA ASN L 497 -37.57 40.25 93.03
C ASN L 497 -37.61 41.54 93.86
N ASN L 498 -37.16 42.64 93.26
CA ASN L 498 -37.23 43.97 93.85
C ASN L 498 -38.29 44.84 93.17
N GLY L 499 -38.31 44.89 91.85
CA GLY L 499 -39.24 45.77 91.17
C GLY L 499 -38.66 46.52 89.98
N ASN L 500 -37.35 46.41 89.76
CA ASN L 500 -36.73 47.16 88.68
C ASN L 500 -36.65 46.34 87.38
N LEU L 501 -36.27 47.03 86.30
CA LEU L 501 -36.43 46.57 84.92
C LEU L 501 -35.09 46.22 84.30
N GLU L 502 -34.73 44.94 84.30
CA GLU L 502 -33.47 44.50 83.70
C GLU L 502 -33.59 44.51 82.19
N LEU L 503 -32.58 45.07 81.52
CA LEU L 503 -32.61 45.23 80.07
C LEU L 503 -31.57 44.30 79.46
N GLY L 504 -31.91 43.68 78.33
CA GLY L 504 -30.97 42.84 77.60
C GLY L 504 -31.31 42.54 76.15
N VAL L 505 -30.30 42.52 75.29
CA VAL L 505 -30.46 42.29 73.86
C VAL L 505 -29.65 41.06 73.49
N HIS L 506 -30.25 40.15 72.73
CA HIS L 506 -29.71 38.81 72.55
C HIS L 506 -29.49 38.50 71.07
N ILE L 507 -28.22 38.41 70.68
CA ILE L 507 -27.81 38.28 69.28
C ILE L 507 -27.20 36.90 69.10
N ALA L 508 -27.52 36.26 67.97
CA ALA L 508 -27.09 34.89 67.73
C ALA L 508 -25.57 34.77 67.59
N ASP L 509 -25.00 33.80 68.30
CA ASP L 509 -23.57 33.60 68.48
C ASP L 509 -22.95 32.74 67.39
N VAL L 510 -23.12 33.07 66.11
CA VAL L 510 -22.62 32.15 65.11
C VAL L 510 -21.13 32.37 64.95
N THR L 511 -20.35 31.63 65.74
CA THR L 511 -18.89 31.58 65.64
C THR L 511 -18.35 30.16 65.70
N HIS L 512 -19.19 29.17 65.97
CA HIS L 512 -18.79 27.78 66.17
C HIS L 512 -18.69 27.00 64.87
N PHE L 513 -19.28 27.51 63.79
CA PHE L 513 -19.28 26.80 62.53
C PHE L 513 -18.39 27.49 61.50
N VAL L 514 -17.74 28.59 61.87
CA VAL L 514 -16.71 29.23 61.06
C VAL L 514 -15.45 29.27 61.93
N ALA L 515 -14.57 28.30 61.72
CA ALA L 515 -13.27 28.21 62.35
C ALA L 515 -12.23 29.05 61.60
N PRO L 516 -11.22 29.57 62.30
CA PRO L 516 -10.26 30.45 61.64
C PRO L 516 -9.42 29.68 60.62
N ASN L 517 -9.08 30.37 59.53
CA ASN L 517 -8.33 29.81 58.40
C ASN L 517 -9.04 28.62 57.77
N SER L 518 -10.38 28.61 57.85
CA SER L 518 -11.23 27.59 57.26
C SER L 518 -11.43 27.88 55.77
N TYR L 519 -12.37 27.15 55.17
CA TYR L 519 -12.86 27.47 53.83
C TYR L 519 -14.11 28.34 53.90
N ILE L 520 -14.92 28.16 54.93
CA ILE L 520 -16.09 29.02 55.09
C ILE L 520 -15.62 30.41 55.49
N ASP L 521 -14.48 30.51 56.17
CA ASP L 521 -13.97 31.79 56.63
C ASP L 521 -13.31 32.58 55.50
N ILE L 522 -12.52 31.92 54.66
CA ILE L 522 -12.03 32.58 53.45
C ILE L 522 -13.20 32.99 52.57
N GLU L 523 -14.20 32.11 52.42
CA GLU L 523 -15.39 32.44 51.63
C GLU L 523 -16.05 33.71 52.15
N ALA L 524 -16.30 33.79 53.45
CA ALA L 524 -16.90 34.98 54.03
C ALA L 524 -16.00 36.21 53.86
N ARG L 525 -14.68 36.02 54.05
CA ARG L 525 -13.72 37.09 53.81
C ARG L 525 -13.80 37.63 52.39
N THR L 526 -14.18 36.78 51.43
CA THR L 526 -14.32 37.25 50.06
C THR L 526 -15.65 37.96 49.86
N ARG L 527 -16.77 37.26 50.09
CA ARG L 527 -18.09 37.87 49.97
C ARG L 527 -18.31 38.72 51.22
N ALA L 528 -17.81 39.95 51.17
CA ALA L 528 -17.86 40.82 52.35
C ALA L 528 -19.28 41.14 52.81
N THR L 529 -20.18 41.42 51.87
CA THR L 529 -21.53 41.88 52.21
C THR L 529 -22.62 41.15 51.45
N THR L 530 -23.63 40.68 52.17
CA THR L 530 -24.79 40.04 51.55
C THR L 530 -25.51 41.01 50.62
N TYR L 531 -25.72 40.59 49.38
CA TYR L 531 -26.31 41.49 48.39
C TYR L 531 -27.80 41.16 48.28
N TYR L 532 -28.62 42.20 48.16
CA TYR L 532 -30.07 42.03 48.09
C TYR L 532 -30.66 42.73 46.87
N LEU L 533 -31.33 41.97 46.02
CA LEU L 533 -32.09 42.56 44.92
C LEU L 533 -33.55 42.23 45.21
N ALA L 534 -34.46 43.08 44.74
CA ALA L 534 -35.81 42.90 45.25
C ALA L 534 -36.63 41.86 44.48
N ASP L 535 -36.13 40.64 44.30
CA ASP L 535 -36.94 39.44 44.48
C ASP L 535 -36.45 38.58 45.63
N ARG L 536 -35.19 38.18 45.62
CA ARG L 536 -34.60 37.19 46.51
C ARG L 536 -33.51 37.80 47.39
N ARG L 537 -33.07 37.00 48.36
CA ARG L 537 -31.88 37.29 49.16
C ARG L 537 -30.67 36.65 48.50
N TYR L 538 -29.52 36.64 49.20
CA TYR L 538 -28.36 35.81 48.81
C TYR L 538 -27.58 35.44 50.07
N ASP L 539 -27.83 34.23 50.57
CA ASP L 539 -27.20 33.66 51.75
C ASP L 539 -25.67 33.74 51.70
N MET L 540 -25.07 34.31 52.75
CA MET L 540 -23.61 34.26 52.87
C MET L 540 -23.11 32.83 53.03
N LEU L 541 -23.89 32.00 53.68
CA LEU L 541 -23.54 30.64 54.03
C LEU L 541 -24.15 29.71 52.99
N PRO L 542 -23.89 28.41 53.07
CA PRO L 542 -24.72 27.47 52.30
C PRO L 542 -26.15 27.64 52.80
N SER L 543 -27.11 27.02 52.13
CA SER L 543 -28.46 27.56 52.19
C SER L 543 -29.33 26.80 53.16
N VAL L 544 -28.73 25.90 53.94
CA VAL L 544 -29.42 25.25 55.05
C VAL L 544 -28.62 25.36 56.35
N LEU L 545 -27.32 25.64 56.29
CA LEU L 545 -26.51 25.84 57.49
C LEU L 545 -27.06 26.93 58.40
N SER L 546 -27.46 28.07 57.84
CA SER L 546 -28.18 29.07 58.61
C SER L 546 -29.69 29.07 58.41
N ALA L 547 -30.18 28.67 57.23
CA ALA L 547 -31.61 28.72 56.97
C ALA L 547 -32.36 27.47 57.41
N ASP L 548 -31.78 26.63 58.25
CA ASP L 548 -32.57 26.15 59.39
C ASP L 548 -31.85 26.36 60.71
N LEU L 549 -30.53 26.19 60.74
CA LEU L 549 -29.81 25.97 61.99
C LEU L 549 -29.48 27.25 62.75
N CYS L 550 -29.60 28.41 62.14
CA CYS L 550 -29.25 29.65 62.81
C CYS L 550 -30.43 30.56 63.10
N SER L 551 -31.60 30.27 62.55
CA SER L 551 -32.73 31.19 62.60
C SER L 551 -33.62 30.84 63.78
N LEU L 552 -34.14 31.87 64.45
CA LEU L 552 -34.84 31.65 65.71
C LEU L 552 -36.29 31.37 65.35
N LEU L 553 -36.63 30.09 65.27
CA LEU L 553 -37.90 29.59 64.78
C LEU L 553 -38.36 28.44 65.65
N GLY L 554 -39.67 28.24 65.74
CA GLY L 554 -40.11 27.01 66.38
C GLY L 554 -40.09 26.96 67.89
N GLY L 555 -38.91 27.06 68.50
CA GLY L 555 -38.82 26.71 69.91
C GLY L 555 -37.89 25.54 70.12
N VAL L 556 -36.88 25.47 69.25
CA VAL L 556 -35.78 24.53 69.42
C VAL L 556 -34.60 25.31 70.01
N ASP L 557 -33.61 24.56 70.49
CA ASP L 557 -32.43 25.17 71.09
C ASP L 557 -31.49 25.80 70.06
N ARG L 558 -30.85 26.89 70.46
CA ARG L 558 -30.11 27.76 69.56
C ARG L 558 -29.07 28.52 70.38
N TYR L 559 -27.80 28.24 70.13
CA TYR L 559 -26.72 29.02 70.72
C TYR L 559 -26.90 30.51 70.44
N ALA L 560 -26.56 31.34 71.42
CA ALA L 560 -26.70 32.79 71.27
C ALA L 560 -25.72 33.47 72.23
N VAL L 561 -25.85 34.80 72.34
CA VAL L 561 -25.07 35.65 73.21
C VAL L 561 -26.03 36.69 73.76
N SER L 562 -26.32 36.62 75.05
CA SER L 562 -27.28 37.54 75.65
C SER L 562 -26.51 38.51 76.54
N ILE L 563 -26.34 39.74 76.06
CA ILE L 563 -25.91 40.83 76.92
C ILE L 563 -27.06 41.17 77.85
N MET L 564 -26.73 41.65 79.04
CA MET L 564 -27.71 41.70 80.13
C MET L 564 -27.30 42.83 81.04
N TRP L 565 -28.05 43.91 81.01
CA TRP L 565 -27.93 45.04 81.93
C TRP L 565 -29.10 45.01 82.90
N GLU L 566 -29.14 46.05 83.74
CA GLU L 566 -30.34 46.36 84.50
C GLU L 566 -30.33 47.85 84.81
N LEU L 567 -31.52 48.43 84.78
CA LEU L 567 -31.71 49.84 84.46
C LEU L 567 -32.61 50.44 85.52
N ASP L 568 -32.84 51.75 85.43
CA ASP L 568 -33.50 52.48 86.50
C ASP L 568 -35.00 52.55 86.21
N LYS L 569 -35.74 53.26 87.07
CA LYS L 569 -37.19 53.26 87.08
C LYS L 569 -37.78 54.60 86.67
N ALA L 570 -37.35 55.68 87.35
CA ALA L 570 -37.84 57.01 87.01
C ALA L 570 -36.86 57.79 86.14
N SER L 571 -35.59 57.40 86.14
CA SER L 571 -34.56 58.02 85.32
C SER L 571 -34.13 57.14 84.15
N TYR L 572 -34.26 55.83 84.29
CA TYR L 572 -33.94 54.85 83.25
C TYR L 572 -32.47 54.90 82.81
N GLU L 573 -31.57 54.70 83.77
CA GLU L 573 -30.15 54.58 83.49
C GLU L 573 -29.61 53.32 84.15
N ILE L 574 -28.78 52.56 83.42
CA ILE L 574 -28.37 51.27 83.97
C ILE L 574 -27.35 51.48 85.08
N LYS L 575 -27.14 50.44 85.90
CA LYS L 575 -25.90 50.40 86.67
C LYS L 575 -25.14 49.09 86.50
N LYS L 576 -25.85 47.97 86.38
CA LYS L 576 -25.25 46.64 86.35
C LYS L 576 -24.61 46.39 84.99
N VAL L 577 -23.60 45.52 84.98
CA VAL L 577 -22.92 45.10 83.76
C VAL L 577 -22.43 43.66 83.89
N TRP L 578 -22.72 42.85 82.88
CA TRP L 578 -22.27 41.47 82.74
C TRP L 578 -22.47 41.00 81.31
N TYR L 579 -21.45 40.37 80.72
CA TYR L 579 -21.50 40.07 79.29
C TYR L 579 -22.03 38.67 78.99
N GLY L 580 -21.36 37.64 79.50
CA GLY L 580 -21.91 36.32 79.68
C GLY L 580 -22.03 35.56 78.37
N ARG L 581 -22.77 34.45 78.47
CA ARG L 581 -23.18 33.64 77.33
C ARG L 581 -24.57 33.11 77.67
N THR L 582 -25.21 32.43 76.73
CA THR L 582 -26.55 31.92 77.01
C THR L 582 -26.93 30.92 75.92
N ILE L 583 -27.95 30.11 76.23
CA ILE L 583 -28.56 29.18 75.28
C ILE L 583 -30.06 29.45 75.30
N ILE L 584 -30.54 30.29 74.38
CA ILE L 584 -31.91 30.76 74.41
C ILE L 584 -32.70 30.23 73.23
N ARG L 585 -33.99 30.54 73.23
CA ARG L 585 -35.04 29.85 72.51
C ARG L 585 -36.29 30.71 72.62
N SER L 586 -37.08 30.78 71.56
CA SER L 586 -38.11 31.81 71.55
C SER L 586 -39.50 31.19 71.50
N ALA L 587 -40.48 32.08 71.67
CA ALA L 587 -41.87 31.70 71.89
C ALA L 587 -42.81 32.13 70.79
N TYR L 588 -42.79 33.42 70.42
CA TYR L 588 -43.80 34.04 69.57
C TYR L 588 -43.18 34.63 68.32
N LYS L 589 -43.52 34.06 67.17
CA LYS L 589 -42.93 34.45 65.89
C LYS L 589 -43.90 35.39 65.22
N LEU L 590 -43.45 36.61 64.91
CA LEU L 590 -44.35 37.74 64.69
C LEU L 590 -44.13 38.44 63.36
N PHE L 591 -44.81 39.57 63.18
CA PHE L 591 -44.71 40.42 62.01
C PHE L 591 -45.49 41.69 62.28
N TYR L 592 -45.22 42.72 61.47
CA TYR L 592 -45.37 44.10 61.94
C TYR L 592 -46.82 44.57 62.00
N GLU L 593 -47.69 44.11 61.12
CA GLU L 593 -49.06 44.62 61.16
C GLU L 593 -49.91 43.92 62.23
N ALA L 594 -49.68 42.62 62.46
CA ALA L 594 -50.26 41.99 63.64
C ALA L 594 -49.79 42.66 64.92
N ALA L 595 -48.51 43.07 64.96
CA ALA L 595 -48.03 43.86 66.09
C ALA L 595 -48.74 45.21 66.19
N GLN L 596 -49.06 45.82 65.04
CA GLN L 596 -49.82 47.06 65.06
C GLN L 596 -51.22 46.84 65.60
N GLU L 597 -51.79 45.65 65.37
CA GLU L 597 -53.14 45.38 65.83
C GLU L 597 -53.17 45.06 67.32
N LEU L 598 -52.27 44.18 67.77
CA LEU L 598 -51.97 44.04 69.19
C LEU L 598 -51.82 45.40 69.88
N LEU L 599 -50.87 46.21 69.43
CA LEU L 599 -50.54 47.45 70.12
C LEU L 599 -51.68 48.46 70.06
N ASP L 600 -52.71 48.20 69.25
CA ASP L 600 -53.97 48.91 69.31
C ASP L 600 -54.92 48.31 70.35
N GLY L 601 -54.72 47.06 70.73
CA GLY L 601 -55.58 46.38 71.68
C GLY L 601 -56.46 45.30 71.08
N ASN L 602 -56.17 44.85 69.87
CA ASN L 602 -57.04 43.91 69.19
C ASN L 602 -57.02 42.55 69.89
N LEU L 603 -58.21 42.03 70.18
CA LEU L 603 -58.36 40.70 70.77
C LEU L 603 -59.33 39.87 69.95
N ASP L 616 -56.64 25.88 74.64
CA ASP L 616 -56.81 26.31 76.03
C ASP L 616 -57.17 27.80 76.14
N GLU L 617 -58.20 28.09 76.93
CA GLU L 617 -58.66 29.47 77.15
C GLU L 617 -57.78 30.16 78.19
N LYS L 618 -57.73 29.60 79.40
CA LYS L 618 -56.98 30.18 80.52
C LYS L 618 -55.59 30.62 80.08
N SER L 619 -54.79 29.67 79.59
CA SER L 619 -53.43 29.99 79.17
C SER L 619 -53.38 30.92 77.97
N ARG L 620 -54.42 30.93 77.13
CA ARG L 620 -54.49 31.96 76.09
C ARG L 620 -54.45 33.35 76.71
N GLN L 621 -55.37 33.63 77.63
CA GLN L 621 -55.41 34.98 78.18
C GLN L 621 -54.16 35.26 79.00
N ALA L 622 -53.66 34.25 79.72
CA ALA L 622 -52.44 34.43 80.50
C ALA L 622 -51.26 34.84 79.61
N LYS L 623 -50.99 34.03 78.57
CA LYS L 623 -49.91 34.34 77.63
C LYS L 623 -50.11 35.72 77.03
N LEU L 624 -51.30 36.00 76.50
CA LEU L 624 -51.46 37.27 75.78
C LEU L 624 -51.33 38.47 76.70
N GLU L 625 -51.75 38.36 77.98
CA GLU L 625 -51.56 39.48 78.89
C GLU L 625 -50.09 39.66 79.25
N GLU L 626 -49.38 38.54 79.45
CA GLU L 626 -47.94 38.64 79.72
C GLU L 626 -47.21 39.30 78.54
N LEU L 627 -47.62 38.96 77.32
CA LEU L 627 -46.89 39.46 76.17
C LEU L 627 -47.28 40.89 75.81
N VAL L 628 -48.53 41.28 76.04
CA VAL L 628 -48.87 42.69 75.83
C VAL L 628 -48.27 43.54 76.96
N TRP L 629 -48.03 42.95 78.13
CA TRP L 629 -47.22 43.64 79.14
C TRP L 629 -45.79 43.86 78.63
N ALA L 630 -45.20 42.81 78.04
CA ALA L 630 -43.89 42.97 77.41
C ALA L 630 -43.91 44.10 76.37
N ILE L 631 -44.95 44.13 75.54
CA ILE L 631 -45.08 45.16 74.51
C ILE L 631 -45.09 46.55 75.17
N GLY L 632 -45.94 46.74 76.17
CA GLY L 632 -46.04 48.05 76.80
C GLY L 632 -44.74 48.47 77.45
N LYS L 633 -44.09 47.56 78.17
CA LYS L 633 -42.89 47.94 78.90
C LYS L 633 -41.73 48.22 77.96
N LEU L 634 -41.63 47.50 76.84
CA LEU L 634 -40.56 47.82 75.92
C LEU L 634 -40.88 49.05 75.07
N THR L 635 -42.16 49.30 74.79
CA THR L 635 -42.59 50.61 74.32
C THR L 635 -42.04 51.71 75.21
N ASP L 636 -42.25 51.58 76.52
CA ASP L 636 -41.83 52.62 77.47
C ASP L 636 -40.31 52.78 77.47
N ILE L 637 -39.60 51.67 77.59
CA ILE L 637 -38.13 51.69 77.60
C ILE L 637 -37.62 52.39 76.35
N ALA L 638 -38.11 52.00 75.17
CA ALA L 638 -37.65 52.60 73.93
C ALA L 638 -38.02 54.08 73.88
N ARG L 639 -39.27 54.43 74.21
CA ARG L 639 -39.71 55.82 74.22
C ARG L 639 -38.72 56.69 74.99
N HIS L 640 -38.19 56.18 76.10
CA HIS L 640 -37.43 57.08 76.95
C HIS L 640 -35.91 56.96 76.78
N VAL L 641 -35.41 55.82 76.28
CA VAL L 641 -34.09 55.84 75.66
C VAL L 641 -34.06 56.87 74.53
N ARG L 642 -35.14 56.94 73.74
CA ARG L 642 -35.29 57.99 72.75
C ARG L 642 -35.26 59.37 73.40
N ALA L 643 -36.07 59.55 74.44
CA ALA L 643 -36.11 60.81 75.18
C ALA L 643 -34.72 61.29 75.55
N LYS L 644 -33.96 60.44 76.25
CA LYS L 644 -32.58 60.78 76.58
C LYS L 644 -31.76 61.10 75.33
N ARG L 645 -31.63 60.14 74.43
CA ARG L 645 -30.61 60.32 73.39
C ARG L 645 -31.04 61.31 72.32
N ASP L 646 -32.24 61.90 72.46
CA ASP L 646 -32.59 63.12 71.75
C ASP L 646 -32.42 64.37 72.59
N GLY L 647 -32.48 64.26 73.91
CA GLY L 647 -32.01 65.35 74.75
C GLY L 647 -30.53 65.62 74.53
N CYS L 648 -29.75 64.56 74.29
CA CYS L 648 -28.46 64.72 73.63
C CYS L 648 -28.65 65.35 72.26
N GLY L 649 -29.38 64.65 71.40
CA GLY L 649 -29.78 65.13 70.09
C GLY L 649 -29.10 64.41 68.95
N ALA L 650 -29.83 63.48 68.32
CA ALA L 650 -29.36 62.78 67.14
C ALA L 650 -29.72 63.60 65.89
N LEU L 651 -29.53 63.00 64.73
CA LEU L 651 -30.03 63.53 63.47
C LEU L 651 -30.82 62.41 62.80
N GLU L 652 -32.14 62.43 62.94
CA GLU L 652 -33.00 61.39 62.39
C GLU L 652 -33.58 61.90 61.08
N LEU L 653 -33.12 61.32 59.98
CA LEU L 653 -33.52 61.68 58.64
C LEU L 653 -34.04 60.41 57.94
N GLU L 654 -34.37 60.53 56.67
CA GLU L 654 -35.04 59.44 55.97
C GLU L 654 -34.46 59.27 54.58
N GLY L 655 -34.88 58.20 53.91
CA GLY L 655 -34.44 57.91 52.57
C GLY L 655 -35.63 57.65 51.66
N VAL L 656 -35.38 57.76 50.36
CA VAL L 656 -36.43 57.55 49.35
C VAL L 656 -36.40 56.07 48.97
N GLU L 657 -37.09 55.25 49.77
CA GLU L 657 -37.10 53.81 49.56
C GLU L 657 -38.51 53.34 49.25
N VAL L 658 -38.59 52.33 48.37
CA VAL L 658 -39.87 51.79 47.90
C VAL L 658 -39.77 50.27 47.92
N CYS L 659 -40.90 49.61 48.16
CA CYS L 659 -40.92 48.16 48.21
C CYS L 659 -41.72 47.62 47.04
N VAL L 660 -41.50 46.34 46.74
CA VAL L 660 -42.06 45.73 45.53
C VAL L 660 -42.58 44.34 45.88
N GLN L 661 -43.84 44.08 45.59
CA GLN L 661 -44.46 42.77 45.81
C GLN L 661 -44.49 42.03 44.47
N LEU L 662 -44.15 40.73 44.52
CA LEU L 662 -44.11 39.90 43.33
C LEU L 662 -44.95 38.65 43.53
N ASP L 663 -45.99 38.52 42.71
CA ASP L 663 -46.98 37.46 42.83
C ASP L 663 -46.40 36.16 42.27
N ASP L 664 -47.25 35.14 42.14
CA ASP L 664 -46.89 33.91 41.42
C ASP L 664 -46.18 34.22 40.10
N LYS L 665 -46.84 34.95 39.20
CA LYS L 665 -46.27 35.23 37.88
C LYS L 665 -44.94 35.97 37.96
N LYS L 666 -44.56 36.47 39.15
CA LYS L 666 -43.30 37.13 39.42
C LYS L 666 -43.24 38.54 38.82
N ASN L 667 -44.40 39.13 38.57
CA ASN L 667 -44.48 40.42 37.90
C ASN L 667 -45.21 41.40 38.81
N ILE L 668 -45.19 42.67 38.41
CA ILE L 668 -45.49 43.75 39.34
C ILE L 668 -47.00 43.90 39.45
N HIS L 669 -47.60 43.22 40.44
CA HIS L 669 -48.91 43.62 40.94
C HIS L 669 -48.99 45.13 41.12
N ASP L 670 -48.08 45.69 41.92
CA ASP L 670 -48.08 47.11 42.27
C ASP L 670 -46.77 47.45 42.93
N LEU L 671 -46.46 48.74 42.98
CA LEU L 671 -45.42 49.29 43.84
C LEU L 671 -46.06 50.01 45.03
N ILE L 672 -45.30 50.09 46.13
CA ILE L 672 -45.78 50.75 47.33
C ILE L 672 -44.62 51.47 48.03
N PRO L 673 -44.70 52.79 48.20
CA PRO L 673 -43.76 53.48 49.09
C PRO L 673 -43.82 52.96 50.52
N LYS L 674 -42.66 52.68 51.09
CA LYS L 674 -42.59 52.20 52.46
C LYS L 674 -42.29 53.39 53.38
N GLN L 675 -42.26 53.12 54.68
CA GLN L 675 -42.30 54.17 55.68
C GLN L 675 -41.49 53.73 56.88
N PRO L 676 -41.09 54.67 57.76
CA PRO L 676 -40.53 54.27 59.06
C PRO L 676 -41.60 54.12 60.13
N LEU L 677 -41.62 52.98 60.83
CA LEU L 677 -42.66 52.72 61.81
C LEU L 677 -42.12 52.93 63.21
N GLU L 678 -43.02 53.32 64.12
CA GLU L 678 -42.69 53.51 65.53
C GLU L 678 -41.82 52.38 66.09
N VAL L 679 -42.19 51.13 65.78
CA VAL L 679 -41.48 49.99 66.35
C VAL L 679 -40.09 49.85 65.73
N HIS L 680 -39.95 50.22 64.45
CA HIS L 680 -38.63 50.28 63.85
C HIS L 680 -37.73 51.23 64.64
N GLU L 681 -38.23 52.42 64.96
CA GLU L 681 -37.46 53.36 65.77
C GLU L 681 -37.12 52.79 67.13
N THR L 682 -38.09 52.13 67.79
CA THR L 682 -37.84 51.51 69.08
C THR L 682 -36.67 50.54 69.00
N VAL L 683 -36.77 49.53 68.14
CA VAL L 683 -35.72 48.53 68.06
C VAL L 683 -34.42 49.14 67.56
N ALA L 684 -34.50 50.16 66.70
CA ALA L 684 -33.31 50.85 66.24
C ALA L 684 -32.54 51.46 67.41
N GLU L 685 -33.25 52.11 68.33
CA GLU L 685 -32.55 52.73 69.45
C GLU L 685 -32.09 51.70 70.47
N CYS L 686 -32.86 50.63 70.67
CA CYS L 686 -32.41 49.58 71.57
C CYS L 686 -31.10 48.98 71.08
N MET L 687 -30.98 48.76 69.77
CA MET L 687 -29.75 48.14 69.28
C MET L 687 -28.65 49.15 69.06
N ILE L 688 -28.99 50.44 68.90
CA ILE L 688 -27.96 51.48 68.93
C ILE L 688 -27.28 51.48 70.29
N LEU L 689 -28.05 51.64 71.37
CA LEU L 689 -27.47 51.58 72.71
C LEU L 689 -26.74 50.27 72.98
N ALA L 690 -27.30 49.15 72.52
CA ALA L 690 -26.63 47.87 72.73
C ALA L 690 -25.26 47.85 72.07
N ASN L 691 -25.23 47.98 70.73
CA ASN L 691 -23.99 48.03 69.99
C ASN L 691 -23.04 49.09 70.54
N HIS L 692 -23.58 50.15 71.14
CA HIS L 692 -22.73 51.20 71.70
C HIS L 692 -21.97 50.70 72.90
N TRP L 693 -22.67 50.12 73.89
CA TRP L 693 -21.96 49.53 75.02
C TRP L 693 -21.00 48.44 74.56
N VAL L 694 -21.41 47.66 73.54
CA VAL L 694 -20.53 46.66 72.93
C VAL L 694 -19.22 47.30 72.50
N ALA L 695 -19.30 48.38 71.72
CA ALA L 695 -18.10 49.03 71.22
C ALA L 695 -17.28 49.61 72.36
N LYS L 696 -17.94 50.15 73.38
CA LYS L 696 -17.21 50.63 74.55
C LYS L 696 -16.38 49.50 75.16
N LYS L 697 -17.07 48.44 75.61
CA LYS L 697 -16.41 47.24 76.10
C LYS L 697 -15.21 46.85 75.24
N ILE L 698 -15.40 46.75 73.93
CA ILE L 698 -14.33 46.22 73.10
C ILE L 698 -13.23 47.24 72.83
N TRP L 699 -13.48 48.53 73.06
CA TRP L 699 -12.41 49.51 72.97
C TRP L 699 -11.57 49.53 74.25
N GLU L 700 -12.21 49.82 75.38
CA GLU L 700 -11.51 49.70 76.66
C GLU L 700 -10.87 48.32 76.83
N SER L 701 -11.37 47.30 76.14
CA SER L 701 -10.78 45.97 76.26
C SER L 701 -9.58 45.79 75.34
N PHE L 702 -9.60 46.39 74.15
CA PHE L 702 -8.46 46.29 73.24
C PHE L 702 -8.16 47.68 72.72
N PRO L 703 -7.07 48.32 73.17
CA PRO L 703 -6.89 49.73 72.78
C PRO L 703 -6.60 49.97 71.30
N HIS L 704 -5.58 49.29 70.75
CA HIS L 704 -5.17 49.56 69.38
C HIS L 704 -5.72 48.57 68.36
N GLN L 705 -6.69 47.73 68.74
CA GLN L 705 -7.15 46.65 67.85
C GLN L 705 -8.66 46.46 67.98
N ALA L 706 -9.39 47.11 67.09
CA ALA L 706 -10.82 46.88 66.87
C ALA L 706 -11.16 47.53 65.54
N LEU L 707 -12.46 47.60 65.23
CA LEU L 707 -12.93 48.11 63.96
C LEU L 707 -14.21 48.89 64.25
N LEU L 708 -14.13 50.20 64.10
CA LEU L 708 -15.19 51.13 64.47
C LEU L 708 -15.70 51.85 63.22
N ARG L 709 -16.79 52.58 63.39
CA ARG L 709 -17.60 53.10 62.30
C ARG L 709 -17.91 54.55 62.62
N GLN L 710 -17.45 55.46 61.77
CA GLN L 710 -17.47 56.89 62.05
C GLN L 710 -18.34 57.63 61.03
N HIS L 711 -18.80 58.80 61.45
CA HIS L 711 -19.37 59.79 60.55
C HIS L 711 -18.71 61.16 60.76
N PRO L 712 -17.64 61.45 60.02
CA PRO L 712 -16.95 62.72 60.21
C PRO L 712 -17.85 63.87 59.80
N PRO L 713 -17.79 64.99 60.51
CA PRO L 713 -18.74 66.07 60.30
C PRO L 713 -18.77 66.56 58.86
N PRO L 714 -19.87 67.16 58.45
CA PRO L 714 -20.02 67.62 57.06
C PRO L 714 -19.39 68.98 56.86
N HIS L 715 -19.51 69.56 55.67
CA HIS L 715 -19.09 70.94 55.48
C HIS L 715 -20.18 71.71 54.75
N GLN L 716 -20.01 73.03 54.73
CA GLN L 716 -21.10 73.94 54.40
C GLN L 716 -21.65 73.80 52.99
N GLU L 717 -20.87 73.23 52.06
CA GLU L 717 -21.19 73.48 50.65
C GLU L 717 -22.38 72.66 50.17
N PHE L 718 -22.53 71.43 50.66
CA PHE L 718 -23.75 70.66 50.41
C PHE L 718 -24.96 71.30 51.08
N PHE L 719 -24.74 72.06 52.14
CA PHE L 719 -25.76 72.89 52.78
C PHE L 719 -26.07 74.17 52.03
N SER L 720 -25.16 74.68 51.19
CA SER L 720 -25.36 75.99 50.59
C SER L 720 -26.67 76.09 49.80
N GLU L 721 -26.83 75.28 48.76
CA GLU L 721 -28.11 75.26 48.03
C GLU L 721 -29.29 74.93 48.92
N LEU L 722 -29.10 74.02 49.88
CA LEU L 722 -30.14 73.75 50.88
C LEU L 722 -30.61 75.03 51.55
N ARG L 723 -29.66 75.80 52.08
CA ARG L 723 -29.93 77.07 52.72
C ARG L 723 -30.62 78.03 51.76
N GLU L 724 -30.14 78.11 50.52
CA GLU L 724 -30.81 78.86 49.45
C GLU L 724 -32.32 78.59 49.40
N CYS L 725 -32.67 77.31 49.23
CA CYS L 725 -34.10 76.97 49.14
C CYS L 725 -34.82 77.18 50.46
N ALA L 726 -34.15 77.01 51.59
CA ALA L 726 -34.75 77.41 52.86
C ALA L 726 -34.99 78.91 52.88
N LYS L 727 -34.08 79.69 52.30
CA LYS L 727 -34.16 81.13 52.12
C LYS L 727 -35.04 81.52 50.96
N ALA L 728 -35.82 80.58 50.44
CA ALA L 728 -36.76 80.92 49.37
C ALA L 728 -38.20 80.95 49.87
N LYS L 729 -38.61 80.00 50.71
CA LYS L 729 -39.92 80.04 51.34
C LYS L 729 -39.74 80.08 52.86
N GLY L 730 -39.57 81.28 53.42
CA GLY L 730 -39.78 81.50 54.84
C GLY L 730 -38.67 81.12 55.78
N PHE L 731 -38.50 79.81 55.97
CA PHE L 731 -37.63 79.21 56.97
C PHE L 731 -36.25 79.86 57.04
N PHE L 732 -35.84 80.24 58.25
CA PHE L 732 -34.43 80.48 58.53
C PHE L 732 -33.85 79.28 59.27
N ILE L 733 -32.72 78.79 58.79
CA ILE L 733 -31.98 77.71 59.46
C ILE L 733 -30.59 78.27 59.80
N ASP L 734 -29.85 77.52 60.61
CA ASP L 734 -28.43 77.78 60.80
C ASP L 734 -27.65 76.47 60.85
N THR L 735 -26.35 76.55 60.58
CA THR L 735 -25.45 75.39 60.56
C THR L 735 -24.33 75.59 61.57
N ARG L 736 -24.53 75.20 62.83
CA ARG L 736 -23.40 75.22 63.74
C ARG L 736 -23.23 73.90 64.49
N SER L 737 -24.32 73.16 64.67
CA SER L 737 -24.26 71.92 65.44
C SER L 737 -25.43 71.03 65.08
N ASN L 738 -25.20 69.71 65.04
CA ASN L 738 -26.25 68.77 64.70
C ASN L 738 -27.45 68.92 65.62
N LYS L 739 -27.20 69.35 66.86
CA LYS L 739 -28.29 69.64 67.79
C LYS L 739 -29.19 70.73 67.21
N THR L 740 -28.60 71.89 66.91
CA THR L 740 -29.41 73.01 66.45
C THR L 740 -29.85 72.82 65.00
N LEU L 741 -29.08 72.10 64.19
CA LEU L 741 -29.61 71.62 62.91
C LEU L 741 -30.93 70.91 63.09
N ALA L 742 -30.93 69.84 63.90
CA ALA L 742 -32.13 69.03 64.05
C ALA L 742 -33.27 69.81 64.71
N ASP L 743 -32.93 70.69 65.66
CA ASP L 743 -33.95 71.49 66.31
C ASP L 743 -34.57 72.49 65.35
N SER L 744 -33.76 73.38 64.78
CA SER L 744 -34.28 74.32 63.80
C SER L 744 -34.90 73.65 62.59
N LEU L 745 -34.70 72.34 62.42
CA LEU L 745 -35.48 71.63 61.41
C LEU L 745 -36.86 71.23 61.93
N ASP L 746 -36.90 70.41 62.98
CA ASP L 746 -38.13 69.69 63.34
C ASP L 746 -39.30 70.62 63.67
N ASN L 747 -39.02 71.87 64.04
CA ASN L 747 -40.08 72.84 64.27
C ASN L 747 -40.79 73.23 62.98
N ALA L 748 -40.04 73.46 61.91
CA ALA L 748 -40.62 74.01 60.68
C ALA L 748 -41.60 73.01 60.06
N ASN L 749 -42.90 73.33 60.18
CA ASN L 749 -44.00 72.46 59.79
C ASN L 749 -44.97 73.32 59.00
N ASP L 750 -44.81 73.38 57.68
CA ASP L 750 -45.64 74.26 56.88
C ASP L 750 -47.11 73.85 57.04
N PRO L 751 -47.99 74.76 57.45
CA PRO L 751 -49.38 74.35 57.73
C PRO L 751 -50.15 73.80 56.55
N HIS L 752 -50.21 74.53 55.43
CA HIS L 752 -51.07 74.14 54.32
C HIS L 752 -50.44 73.14 53.35
N ASP L 753 -49.36 72.45 53.72
CA ASP L 753 -48.91 71.39 52.82
C ASP L 753 -48.12 70.33 53.56
N PRO L 754 -48.26 69.04 53.21
CA PRO L 754 -47.48 68.01 53.90
C PRO L 754 -46.08 67.76 53.33
N ILE L 755 -45.87 68.04 52.04
CA ILE L 755 -44.66 67.56 51.38
C ILE L 755 -43.41 68.22 51.96
N VAL L 756 -43.57 69.37 52.61
CA VAL L 756 -42.42 70.25 52.87
C VAL L 756 -41.39 69.54 53.74
N ASN L 757 -41.85 68.84 54.77
CA ASN L 757 -40.92 68.24 55.73
C ASN L 757 -40.14 67.10 55.08
N ARG L 758 -40.85 66.13 54.52
CA ARG L 758 -40.25 65.09 53.69
C ARG L 758 -39.20 65.65 52.73
N LEU L 759 -39.62 66.60 51.88
CA LEU L 759 -38.73 67.12 50.85
C LEU L 759 -37.50 67.78 51.44
N LEU L 760 -37.69 68.57 52.51
CA LEU L 760 -36.58 69.30 53.11
C LEU L 760 -35.57 68.34 53.73
N ARG L 761 -36.05 67.42 54.57
CA ARG L 761 -35.16 66.41 55.10
C ARG L 761 -34.53 65.53 54.02
N SER L 762 -35.16 65.41 52.85
CA SER L 762 -34.56 64.57 51.82
C SER L 762 -33.45 65.28 51.04
N MET L 763 -33.61 66.58 50.78
CA MET L 763 -32.47 67.33 50.26
C MET L 763 -31.38 67.47 51.32
N ALA L 764 -31.77 67.58 52.59
CA ALA L 764 -30.80 67.48 53.67
C ALA L 764 -30.06 66.15 53.62
N THR L 765 -30.77 65.06 53.29
CA THR L 765 -30.15 63.75 53.19
C THR L 765 -29.34 63.59 51.91
N GLN L 766 -29.47 64.49 50.95
CA GLN L 766 -28.51 64.51 49.84
C GLN L 766 -27.22 65.26 50.16
N ALA L 767 -27.13 65.87 51.35
CA ALA L 767 -26.03 66.76 51.71
C ALA L 767 -24.80 65.99 52.19
N MET L 768 -24.97 65.18 53.23
CA MET L 768 -23.99 64.87 54.25
C MET L 768 -22.96 63.80 53.85
N SER L 769 -22.21 63.36 54.88
CA SER L 769 -20.94 62.66 54.86
C SER L 769 -21.14 61.14 54.83
N ASN L 770 -20.05 60.40 55.09
CA ASN L 770 -19.99 58.97 54.83
C ASN L 770 -19.64 58.24 56.12
N ALA L 771 -19.77 56.91 56.09
CA ALA L 771 -19.53 56.07 57.25
C ALA L 771 -18.65 54.87 56.89
N LEU L 772 -17.42 54.88 57.39
CA LEU L 772 -16.36 54.01 56.90
C LEU L 772 -15.54 53.51 58.09
N TYR L 773 -14.91 52.37 57.92
CA TYR L 773 -14.27 51.63 59.00
C TYR L 773 -12.78 51.94 59.05
N PHE L 774 -12.19 51.69 60.23
CA PHE L 774 -10.83 52.09 60.51
C PHE L 774 -10.36 51.37 61.77
N SER L 775 -9.06 51.11 61.85
CA SER L 775 -8.51 50.21 62.86
C SER L 775 -8.02 50.99 64.08
N THR L 776 -8.97 51.64 64.77
CA THR L 776 -8.74 52.17 66.13
C THR L 776 -7.49 53.03 66.24
N GLY L 777 -6.56 52.63 67.11
CA GLY L 777 -5.38 53.39 67.45
C GLY L 777 -4.44 53.64 66.29
N SER L 778 -4.82 53.14 65.11
CA SER L 778 -4.21 53.58 63.87
C SER L 778 -4.54 55.04 63.56
N CYS L 779 -5.52 55.63 64.23
CA CYS L 779 -5.90 57.02 64.03
C CYS L 779 -6.08 57.71 65.37
N ALA L 780 -6.36 59.01 65.30
CA ALA L 780 -6.55 59.88 66.45
C ALA L 780 -7.98 59.83 66.98
N GLU L 781 -8.13 60.28 68.23
CA GLU L 781 -9.43 60.25 68.91
C GLU L 781 -10.49 60.97 68.10
N GLU L 782 -10.16 62.17 67.60
CA GLU L 782 -11.12 62.97 66.84
C GLU L 782 -11.78 62.18 65.72
N GLU L 783 -11.09 61.15 65.20
CA GLU L 783 -11.61 60.30 64.14
C GLU L 783 -12.30 59.06 64.66
N PHE L 784 -12.86 59.11 65.88
CA PHE L 784 -13.52 57.95 66.45
C PHE L 784 -15.01 58.18 66.68
N HIS L 785 -15.52 59.37 66.37
CA HIS L 785 -16.85 59.78 66.79
C HIS L 785 -17.91 59.33 65.79
N HIS L 786 -19.16 59.42 66.25
CA HIS L 786 -20.35 59.03 65.50
C HIS L 786 -21.34 60.21 65.54
N TYR L 787 -20.78 61.38 65.24
CA TYR L 787 -21.49 62.66 65.20
C TYR L 787 -22.91 62.62 64.64
N GLY L 788 -23.12 61.94 63.53
CA GLY L 788 -24.47 61.87 62.96
C GLY L 788 -25.52 61.32 63.90
N LEU L 789 -25.10 60.55 64.91
CA LEU L 789 -26.01 59.94 65.87
C LEU L 789 -25.69 60.44 67.28
N ALA L 790 -24.81 61.42 67.41
CA ALA L 790 -24.39 62.05 68.66
C ALA L 790 -23.71 61.08 69.62
N LEU L 791 -23.38 59.88 69.16
CA LEU L 791 -22.57 58.98 69.99
C LEU L 791 -21.10 59.42 69.91
N ASP L 792 -20.22 58.66 70.56
CA ASP L 792 -18.79 58.79 70.34
C ASP L 792 -18.13 57.49 69.91
N LYS L 793 -18.90 56.40 69.78
CA LYS L 793 -18.41 55.18 69.15
C LYS L 793 -19.62 54.33 68.79
N TYR L 794 -19.64 53.81 67.56
CA TYR L 794 -20.81 53.07 67.11
C TYR L 794 -20.42 52.09 66.01
N THR L 795 -20.82 50.84 66.19
CA THR L 795 -20.59 49.75 65.24
C THR L 795 -21.85 48.91 65.23
N HIS L 796 -21.89 47.86 64.41
CA HIS L 796 -22.94 46.88 64.60
C HIS L 796 -22.39 45.62 65.27
N PHE L 797 -23.27 44.91 65.96
CA PHE L 797 -22.99 43.55 66.44
C PHE L 797 -24.18 42.62 66.21
N THR L 798 -25.29 43.13 65.68
CA THR L 798 -26.52 42.36 65.51
C THR L 798 -26.60 41.59 64.20
N SER L 799 -25.48 41.30 63.56
CA SER L 799 -25.61 40.54 62.33
C SER L 799 -24.31 39.84 61.96
N PRO L 800 -24.00 38.71 62.60
CA PRO L 800 -22.75 38.01 62.26
C PRO L 800 -22.85 37.21 60.98
N ILE L 801 -24.05 37.17 60.41
CA ILE L 801 -24.40 36.21 59.38
C ILE L 801 -24.35 36.85 58.01
N ARG L 802 -24.89 38.06 57.87
CA ARG L 802 -25.02 38.73 56.59
C ARG L 802 -23.95 39.80 56.37
N ARG L 803 -22.87 39.78 57.14
CA ARG L 803 -21.83 40.80 57.02
C ARG L 803 -20.50 40.18 57.42
N TYR L 804 -19.46 41.02 57.51
CA TYR L 804 -18.16 40.45 57.84
C TYR L 804 -17.46 41.11 59.01
N SER L 805 -17.58 42.43 59.17
CA SER L 805 -17.10 43.07 60.39
C SER L 805 -17.76 42.51 61.64
N ASP L 806 -18.97 41.95 61.52
CA ASP L 806 -19.64 41.42 62.69
C ASP L 806 -19.06 40.09 63.17
N ILE L 807 -18.50 39.28 62.28
CA ILE L 807 -17.81 38.08 62.77
C ILE L 807 -16.51 38.46 63.45
N VAL L 808 -15.81 39.46 62.92
CA VAL L 808 -14.69 40.09 63.64
C VAL L 808 -15.13 40.46 65.06
N VAL L 809 -16.21 41.23 65.18
CA VAL L 809 -16.69 41.67 66.49
C VAL L 809 -17.06 40.48 67.36
N HIS L 810 -17.58 39.40 66.75
CA HIS L 810 -17.91 38.20 67.50
C HIS L 810 -16.66 37.56 68.10
N ARG L 811 -15.67 37.29 67.24
CA ARG L 811 -14.41 36.76 67.69
C ARG L 811 -13.81 37.61 68.80
N LEU L 812 -13.89 38.93 68.67
CA LEU L 812 -13.22 39.78 69.65
C LEU L 812 -13.98 39.81 70.97
N LEU L 813 -15.31 39.96 70.93
CA LEU L 813 -16.09 39.95 72.16
C LEU L 813 -15.96 38.62 72.89
N MET L 814 -15.94 37.51 72.15
CA MET L 814 -15.80 36.22 72.82
C MET L 814 -14.38 36.01 73.33
N ALA L 815 -13.38 36.50 72.60
CA ALA L 815 -12.03 36.56 73.14
C ALA L 815 -11.96 37.36 74.43
N ALA L 816 -12.79 38.41 74.55
CA ALA L 816 -12.71 39.23 75.74
C ALA L 816 -13.34 38.52 76.94
N ILE L 817 -14.54 37.96 76.73
CA ILE L 817 -15.18 37.22 77.79
C ILE L 817 -14.38 35.98 78.16
N SER L 818 -13.57 35.43 77.24
CA SER L 818 -12.79 34.25 77.58
C SER L 818 -11.45 34.62 78.18
N LYS L 819 -10.94 35.83 77.93
CA LYS L 819 -9.63 36.22 78.42
C LYS L 819 -9.72 36.82 79.81
N ASP L 820 -10.84 37.47 80.14
CA ASP L 820 -10.96 38.04 81.49
C ASP L 820 -11.29 36.91 82.47
N LYS L 821 -10.36 35.96 82.50
CA LYS L 821 -10.24 34.91 83.50
C LYS L 821 -8.78 34.72 83.90
N LYS L 822 -7.88 35.55 83.39
CA LYS L 822 -6.43 35.39 83.54
C LYS L 822 -5.94 34.06 82.98
N MET L 823 -6.17 33.88 81.68
CA MET L 823 -5.52 32.82 80.89
C MET L 823 -5.19 33.42 79.53
N GLU L 824 -4.80 32.60 78.55
CA GLU L 824 -4.44 33.11 77.24
C GLU L 824 -5.21 32.38 76.15
N ILE L 825 -5.55 33.11 75.10
CA ILE L 825 -6.31 32.59 73.97
C ILE L 825 -5.31 32.22 72.87
N LYS L 826 -4.84 30.97 72.88
CA LYS L 826 -3.95 30.55 71.81
C LYS L 826 -4.59 30.75 70.43
N GLY L 827 -3.76 31.10 69.46
CA GLY L 827 -4.23 31.48 68.14
C GLY L 827 -4.49 32.97 67.97
N ASN L 828 -3.77 33.62 67.06
CA ASN L 828 -3.81 35.07 67.00
C ASN L 828 -5.15 35.52 66.39
N LEU L 829 -5.39 36.82 66.38
CA LEU L 829 -6.65 37.36 65.89
C LEU L 829 -6.51 38.18 64.62
N PHE L 830 -5.63 39.19 64.61
CA PHE L 830 -5.53 40.10 63.49
C PHE L 830 -4.18 40.82 63.55
N SER L 831 -3.97 41.75 62.62
CA SER L 831 -2.89 42.72 62.72
C SER L 831 -3.33 44.00 62.02
N ASN L 832 -2.49 45.05 62.16
CA ASN L 832 -2.85 46.38 61.67
C ASN L 832 -3.16 46.36 60.18
N LYS L 833 -2.18 45.93 59.37
CA LYS L 833 -2.35 45.97 57.92
C LYS L 833 -3.51 45.09 57.50
N ASP L 834 -3.61 43.90 58.10
CA ASP L 834 -4.73 43.00 57.81
C ASP L 834 -6.06 43.70 58.07
N LEU L 835 -6.22 44.35 59.21
CA LEU L 835 -7.47 45.02 59.52
C LEU L 835 -7.76 46.17 58.57
N GLU L 836 -6.72 46.92 58.15
CA GLU L 836 -7.01 48.05 57.29
C GLU L 836 -7.37 47.59 55.88
N GLU L 837 -6.72 46.54 55.39
CA GLU L 837 -7.12 46.02 54.08
C GLU L 837 -8.51 45.38 54.14
N LEU L 838 -8.85 44.73 55.25
CA LEU L 838 -10.21 44.21 55.39
C LEU L 838 -11.24 45.34 55.40
N CYS L 839 -10.98 46.43 56.13
CA CYS L 839 -11.99 47.47 56.20
C CYS L 839 -12.12 48.22 54.88
N ARG L 840 -11.01 48.37 54.12
CA ARG L 840 -11.16 48.98 52.80
C ARG L 840 -11.93 48.05 51.86
N HIS L 841 -11.63 46.74 51.91
CA HIS L 841 -12.39 45.76 51.15
C HIS L 841 -13.87 45.85 51.46
N ILE L 842 -14.22 45.95 52.75
CA ILE L 842 -15.62 46.01 53.14
C ILE L 842 -16.27 47.30 52.68
N ASN L 843 -15.53 48.42 52.72
CA ASN L 843 -16.06 49.66 52.18
C ASN L 843 -16.41 49.51 50.70
N ASN L 844 -15.45 48.97 49.93
CA ASN L 844 -15.71 48.67 48.52
C ASN L 844 -16.97 47.84 48.35
N ARG L 845 -17.05 46.71 49.07
CA ARG L 845 -18.15 45.79 48.83
C ARG L 845 -19.49 46.38 49.26
N ASN L 846 -19.53 47.13 50.36
CA ASN L 846 -20.80 47.70 50.78
C ASN L 846 -21.26 48.79 49.82
N GLN L 847 -20.34 49.65 49.35
CA GLN L 847 -20.73 50.66 48.38
C GLN L 847 -21.20 50.00 47.09
N ALA L 848 -20.55 48.91 46.69
CA ALA L 848 -21.00 48.18 45.50
C ALA L 848 -22.40 47.61 45.71
N ALA L 849 -22.64 47.01 46.87
CA ALA L 849 -23.98 46.56 47.21
C ALA L 849 -24.99 47.70 47.10
N GLN L 850 -24.64 48.86 47.64
CA GLN L 850 -25.49 50.05 47.56
C GLN L 850 -25.88 50.34 46.13
N HIS L 851 -24.88 50.47 45.26
CA HIS L 851 -25.15 50.70 43.84
C HIS L 851 -26.04 49.60 43.27
N SER L 852 -25.86 48.37 43.76
CA SER L 852 -26.68 47.27 43.28
C SER L 852 -28.14 47.50 43.63
N GLN L 853 -28.46 47.76 44.90
CA GLN L 853 -29.85 48.04 45.23
C GLN L 853 -30.40 49.21 44.42
N LYS L 854 -29.61 50.29 44.29
CA LYS L 854 -30.16 51.49 43.64
C LYS L 854 -30.55 51.17 42.20
N GLN L 855 -29.62 50.63 41.40
CA GLN L 855 -29.94 50.42 40.00
C GLN L 855 -30.84 49.21 39.78
N SER L 856 -30.88 48.27 40.73
CA SER L 856 -31.83 47.18 40.62
C SER L 856 -33.24 47.70 40.78
N THR L 857 -33.48 48.51 41.81
CA THR L 857 -34.80 49.10 42.00
C THR L 857 -35.18 50.04 40.87
N GLU L 858 -34.22 50.83 40.34
CA GLU L 858 -34.57 51.66 39.18
C GLU L 858 -35.06 50.78 38.04
N LEU L 859 -34.37 49.67 37.78
CA LEU L 859 -34.80 48.78 36.70
C LEU L 859 -36.16 48.15 37.00
N PHE L 860 -36.41 47.79 38.27
CA PHE L 860 -37.71 47.21 38.61
C PHE L 860 -38.83 48.23 38.38
N GLN L 861 -38.57 49.52 38.62
CA GLN L 861 -39.60 50.51 38.35
C GLN L 861 -39.76 50.73 36.85
N CYS L 862 -38.65 50.71 36.11
CA CYS L 862 -38.70 50.87 34.66
C CYS L 862 -39.59 49.83 34.00
N MET L 863 -39.67 48.62 34.55
CA MET L 863 -40.58 47.63 33.98
C MET L 863 -42.01 47.82 34.46
N TYR L 864 -42.22 48.49 35.59
CA TYR L 864 -43.58 48.89 35.97
C TYR L 864 -44.21 49.77 34.91
N PHE L 865 -43.38 50.54 34.21
CA PHE L 865 -43.77 51.42 33.11
C PHE L 865 -43.55 50.78 31.74
N LYS L 866 -43.51 49.46 31.69
CA LYS L 866 -43.26 48.73 30.45
C LYS L 866 -44.44 48.85 29.49
N ASP L 867 -44.29 48.17 28.35
CA ASP L 867 -45.19 48.13 27.20
C ASP L 867 -46.68 48.08 27.47
N LYS L 868 -47.14 47.34 28.50
CA LYS L 868 -48.59 47.28 28.73
C LYS L 868 -49.19 48.67 28.70
N ASP L 869 -50.10 48.87 27.74
CA ASP L 869 -50.58 50.17 27.26
C ASP L 869 -50.99 51.14 28.36
N PRO L 870 -50.24 52.24 28.54
CA PRO L 870 -50.59 53.28 29.52
C PRO L 870 -51.58 54.29 28.95
N ALA L 871 -52.65 53.79 28.34
CA ALA L 871 -53.61 54.65 27.66
C ALA L 871 -55.03 54.40 28.12
N THR L 872 -55.32 53.17 28.54
CA THR L 872 -56.65 52.80 29.04
C THR L 872 -56.64 52.16 30.42
N GLU L 873 -55.54 51.52 30.83
CA GLU L 873 -55.42 51.10 32.22
C GLU L 873 -55.18 52.31 33.09
N GLU L 874 -55.93 52.41 34.20
CA GLU L 874 -55.92 53.62 35.02
C GLU L 874 -54.68 53.68 35.90
N ARG L 875 -53.52 53.70 35.23
CA ARG L 875 -52.22 53.76 35.89
C ARG L 875 -51.34 54.80 35.21
N CYS L 876 -51.92 55.98 34.95
CA CYS L 876 -51.26 56.94 34.07
C CYS L 876 -50.89 58.24 34.76
N ILE L 877 -51.83 58.88 35.45
CA ILE L 877 -51.65 60.23 35.95
C ILE L 877 -50.95 60.18 37.30
N SER L 878 -49.97 61.05 37.47
CA SER L 878 -49.30 61.30 38.74
C SER L 878 -49.51 62.77 39.12
N ASP L 879 -48.86 63.19 40.20
CA ASP L 879 -48.85 64.59 40.61
C ASP L 879 -47.40 65.08 40.60
N GLY L 880 -47.18 66.31 41.05
CA GLY L 880 -45.82 66.81 41.05
C GLY L 880 -45.53 68.10 41.80
N VAL L 881 -44.48 68.06 42.61
CA VAL L 881 -43.88 69.23 43.24
C VAL L 881 -42.48 69.37 42.67
N ILE L 882 -41.81 70.47 43.01
CA ILE L 882 -40.46 70.70 42.53
C ILE L 882 -39.54 70.91 43.73
N TYR L 883 -38.23 70.83 43.48
CA TYR L 883 -37.24 71.19 44.49
C TYR L 883 -36.07 72.02 43.96
N SER L 884 -35.86 72.13 42.65
CA SER L 884 -34.75 72.91 42.15
C SER L 884 -34.98 73.27 40.68
N ILE L 885 -34.55 74.47 40.32
CA ILE L 885 -34.74 75.05 38.99
C ILE L 885 -33.47 74.87 38.17
N ARG L 886 -33.62 74.48 36.90
CA ARG L 886 -32.50 74.41 35.97
C ARG L 886 -32.89 75.14 34.69
N THR L 887 -31.93 75.31 33.78
CA THR L 887 -32.17 76.25 32.70
C THR L 887 -33.01 75.70 31.55
N ASN L 888 -33.47 74.46 31.63
CA ASN L 888 -34.37 73.93 30.60
C ASN L 888 -35.56 73.17 31.15
N GLY L 889 -35.54 72.78 32.42
CA GLY L 889 -36.56 71.95 33.01
C GLY L 889 -36.33 71.80 34.50
N VAL L 890 -37.37 71.93 35.31
CA VAL L 890 -37.16 71.96 36.76
C VAL L 890 -37.30 70.54 37.29
N LEU L 891 -36.47 70.21 38.28
CA LEU L 891 -36.39 68.84 38.75
C LEU L 891 -37.70 68.41 39.40
N LEU L 892 -38.22 67.27 39.00
CA LEU L 892 -39.53 66.82 39.46
C LEU L 892 -39.40 65.69 40.46
N PHE L 893 -40.53 65.35 41.07
CA PHE L 893 -40.59 64.40 42.16
C PHE L 893 -42.01 63.85 42.22
N ILE L 894 -42.14 62.61 42.68
CA ILE L 894 -43.44 61.96 42.75
C ILE L 894 -43.64 61.43 44.16
N PRO L 895 -44.54 62.02 44.96
CA PRO L 895 -44.71 61.56 46.34
C PRO L 895 -45.42 60.23 46.47
N ARG L 896 -46.15 59.80 45.44
CA ARG L 896 -46.95 58.57 45.52
C ARG L 896 -46.18 57.33 45.10
N PHE L 897 -45.14 57.46 44.28
CA PHE L 897 -44.18 56.38 44.05
C PHE L 897 -42.80 56.67 44.64
N GLY L 898 -42.19 57.80 44.31
CA GLY L 898 -40.92 58.15 44.90
C GLY L 898 -39.81 58.35 43.90
N ILE L 899 -40.14 58.67 42.66
CA ILE L 899 -39.17 58.68 41.58
C ILE L 899 -38.77 60.12 41.31
N LYS L 900 -37.56 60.29 40.79
CA LYS L 900 -37.01 61.59 40.42
C LYS L 900 -36.58 61.57 38.96
N GLY L 901 -36.23 62.76 38.47
CA GLY L 901 -35.79 62.92 37.10
C GLY L 901 -36.00 64.32 36.58
N ALA L 902 -35.06 64.78 35.78
CA ALA L 902 -35.12 66.12 35.19
C ALA L 902 -35.91 66.10 33.88
N ALA L 903 -36.90 66.99 33.78
CA ALA L 903 -37.76 67.09 32.63
C ALA L 903 -37.31 68.29 31.81
N TYR L 904 -38.05 68.58 30.73
CA TYR L 904 -37.71 69.70 29.88
C TYR L 904 -38.97 70.46 29.51
N LEU L 905 -38.95 71.79 29.68
CA LEU L 905 -39.98 72.64 29.11
C LEU L 905 -39.61 73.03 27.68
N LYS L 906 -38.44 73.65 27.51
CA LYS L 906 -37.88 73.84 26.19
C LYS L 906 -37.69 72.49 25.51
N ASN L 907 -38.26 72.34 24.32
CA ASN L 907 -38.05 71.14 23.52
C ASN L 907 -37.17 71.48 22.33
N LYS L 908 -36.68 70.42 21.67
CA LYS L 908 -35.72 70.50 20.57
C LYS L 908 -36.02 71.61 19.56
N ASP L 909 -37.28 71.76 19.17
CA ASP L 909 -37.68 72.79 18.23
C ASP L 909 -38.10 74.09 18.90
N GLY L 910 -37.65 74.34 20.12
CA GLY L 910 -37.92 75.61 20.79
C GLY L 910 -39.40 75.89 20.99
N LEU L 911 -40.24 74.93 20.63
CA LEU L 911 -41.70 75.06 20.71
C LEU L 911 -42.12 74.90 22.17
N VAL L 912 -41.98 75.99 22.91
CA VAL L 912 -42.21 76.01 24.36
C VAL L 912 -43.70 75.86 24.65
N ILE L 913 -44.03 75.56 25.89
CA ILE L 913 -45.37 75.08 26.24
C ILE L 913 -46.24 76.27 26.62
N SER L 914 -47.52 76.18 26.29
CA SER L 914 -48.57 76.91 26.97
C SER L 914 -49.64 75.92 27.41
N CYS L 915 -50.75 76.41 27.96
CA CYS L 915 -51.88 75.54 28.23
C CYS L 915 -53.18 76.24 27.88
N GLY L 916 -54.18 75.44 27.53
CA GLY L 916 -55.50 75.91 27.20
C GLY L 916 -56.37 76.17 28.41
N PRO L 917 -57.68 76.21 28.19
CA PRO L 917 -58.60 76.46 29.31
C PRO L 917 -58.56 75.37 30.37
N ASP L 918 -58.38 74.11 29.95
CA ASP L 918 -58.36 72.96 30.85
C ASP L 918 -56.95 72.44 31.07
N SER L 919 -55.95 73.34 30.98
CA SER L 919 -54.54 73.00 31.08
C SER L 919 -54.11 72.08 29.94
N CYS L 920 -54.64 72.33 28.75
CA CYS L 920 -54.32 71.53 27.57
C CYS L 920 -52.91 71.91 27.14
N SER L 921 -51.93 71.07 27.49
CA SER L 921 -50.55 71.31 27.09
C SER L 921 -50.41 71.36 25.58
N GLU L 922 -50.04 72.53 25.05
CA GLU L 922 -49.87 72.72 23.62
C GLU L 922 -48.66 73.60 23.38
N TRP L 923 -47.90 73.28 22.35
CA TRP L 923 -46.55 73.81 22.16
C TRP L 923 -46.60 74.92 21.12
N LYS L 924 -46.09 76.10 21.49
CA LYS L 924 -46.01 77.25 20.60
C LYS L 924 -44.67 77.94 20.82
N PRO L 925 -44.05 78.47 19.76
CA PRO L 925 -42.68 78.98 19.89
C PRO L 925 -42.60 80.18 20.83
N GLY L 926 -41.41 80.39 21.35
CA GLY L 926 -41.17 81.51 22.24
C GLY L 926 -39.92 81.31 23.07
N SER L 927 -39.71 82.25 23.97
CA SER L 927 -38.48 82.36 24.77
C SER L 927 -38.81 82.22 26.26
N LEU L 928 -37.75 82.21 27.07
CA LEU L 928 -37.82 81.73 28.45
C LEU L 928 -37.10 82.72 29.34
N GLN L 929 -37.36 82.61 30.65
CA GLN L 929 -36.74 83.49 31.64
C GLN L 929 -36.40 82.69 32.89
N ARG L 930 -35.26 83.03 33.50
CA ARG L 930 -34.72 82.31 34.65
C ARG L 930 -34.26 83.31 35.70
N PHE L 931 -34.83 83.22 36.90
CA PHE L 931 -34.32 83.91 38.07
C PHE L 931 -34.02 82.89 39.18
N GLN L 932 -33.57 83.41 40.32
CA GLN L 932 -33.23 82.56 41.46
C GLN L 932 -34.40 81.68 41.88
N ASN L 933 -35.61 82.24 41.92
CA ASN L 933 -36.74 81.57 42.54
C ASN L 933 -37.92 81.40 41.57
N LYS L 934 -37.72 81.59 40.28
CA LYS L 934 -38.80 81.41 39.33
C LYS L 934 -38.23 81.07 37.96
N ILE L 935 -39.13 80.65 37.07
CA ILE L 935 -38.80 80.34 35.68
C ILE L 935 -40.07 80.47 34.86
N THR L 936 -39.98 81.12 33.71
CA THR L 936 -41.16 81.55 32.97
C THR L 936 -41.03 81.10 31.53
N SER L 937 -42.17 81.01 30.84
CA SER L 937 -42.23 80.60 29.44
C SER L 937 -43.13 81.59 28.73
N THR L 938 -42.54 82.53 27.99
CA THR L 938 -43.30 83.47 27.17
C THR L 938 -43.28 82.97 25.73
N THR L 939 -44.46 82.61 25.23
CA THR L 939 -44.56 82.00 23.92
C THR L 939 -44.78 83.08 22.86
N THR L 940 -45.11 82.67 21.63
CA THR L 940 -45.22 83.63 20.54
C THR L 940 -46.36 84.62 20.76
N ASP L 941 -47.46 84.16 21.35
CA ASP L 941 -48.58 85.07 21.61
C ASP L 941 -48.34 85.89 22.88
N GLY L 942 -47.72 85.29 23.89
CA GLY L 942 -47.47 85.97 25.16
C GLY L 942 -48.01 85.27 26.39
N GLU L 943 -48.58 84.08 26.33
CA GLU L 943 -49.20 83.51 27.51
C GLU L 943 -48.13 83.01 28.47
N SER L 944 -47.74 83.85 29.43
CA SER L 944 -46.69 83.50 30.38
C SER L 944 -47.24 82.56 31.45
N VAL L 945 -46.39 81.63 31.89
CA VAL L 945 -46.72 80.77 33.02
C VAL L 945 -45.45 80.58 33.86
N THR L 946 -45.49 81.05 35.10
CA THR L 946 -44.36 80.98 36.02
C THR L 946 -44.65 79.97 37.13
N PHE L 947 -43.68 79.12 37.44
CA PHE L 947 -43.73 78.28 38.63
C PHE L 947 -42.57 78.67 39.54
N HIS L 948 -42.88 79.02 40.80
CA HIS L 948 -41.81 79.53 41.65
C HIS L 948 -41.16 78.45 42.51
N LEU L 949 -41.95 77.78 43.36
CA LEU L 949 -41.43 76.72 44.23
C LEU L 949 -42.57 75.91 44.85
N PHE L 950 -42.49 74.57 44.81
CA PHE L 950 -43.52 73.68 45.33
C PHE L 950 -44.81 73.72 44.53
N ASP L 951 -44.76 74.28 43.32
CA ASP L 951 -45.98 74.48 42.55
C ASP L 951 -46.53 73.16 42.05
N HIS L 952 -47.77 72.86 42.43
CA HIS L 952 -48.40 71.57 42.15
C HIS L 952 -48.69 71.49 40.66
N VAL L 953 -47.83 70.76 39.98
CA VAL L 953 -47.84 70.45 38.55
C VAL L 953 -48.15 68.97 38.42
N THR L 954 -48.29 68.48 37.19
CA THR L 954 -48.84 67.16 36.93
C THR L 954 -48.34 66.70 35.58
N VAL L 955 -47.83 65.48 35.56
CA VAL L 955 -47.00 64.93 34.49
C VAL L 955 -47.60 63.62 34.01
N ARG L 956 -47.81 63.51 32.71
CA ARG L 956 -48.10 62.23 32.08
C ARG L 956 -46.78 61.65 31.57
N ILE L 957 -46.78 60.35 31.30
CA ILE L 957 -45.56 59.55 31.36
C ILE L 957 -45.10 59.21 29.95
N SER L 958 -43.88 58.69 29.86
CA SER L 958 -43.35 58.11 28.65
C SER L 958 -42.30 57.08 29.03
N ILE L 959 -41.92 56.26 28.05
CA ILE L 959 -40.73 55.41 28.15
C ILE L 959 -40.07 55.36 26.78
N GLN L 960 -38.75 55.42 26.75
CA GLN L 960 -38.01 55.35 25.50
C GLN L 960 -37.05 54.17 25.56
N ALA L 961 -37.23 53.24 24.64
CA ALA L 961 -36.39 52.05 24.56
C ALA L 961 -35.00 52.43 24.05
N SER L 962 -34.07 51.48 24.16
CA SER L 962 -32.84 51.55 23.40
C SER L 962 -32.33 50.13 23.18
N ARG L 963 -31.17 50.02 22.53
CA ARG L 963 -30.57 48.71 22.28
C ARG L 963 -29.23 48.53 22.95
N CYS L 964 -28.29 49.46 22.72
CA CYS L 964 -26.98 49.45 23.36
C CYS L 964 -26.99 49.63 24.87
N HIS L 965 -28.16 49.84 25.46
CA HIS L 965 -28.23 50.24 26.86
C HIS L 965 -29.60 49.87 27.43
N SER L 966 -29.89 50.39 28.61
CA SER L 966 -31.05 50.03 29.40
C SER L 966 -32.18 51.00 29.08
N ASP L 967 -33.36 50.46 28.78
CA ASP L 967 -34.55 51.29 28.66
C ASP L 967 -34.70 52.19 29.88
N THR L 968 -35.32 53.35 29.66
CA THR L 968 -35.50 54.35 30.72
C THR L 968 -36.83 55.05 30.55
N ILE L 969 -37.46 55.37 31.68
CA ILE L 969 -38.68 56.16 31.71
C ILE L 969 -38.32 57.64 31.79
N ARG L 970 -39.28 58.48 31.45
CA ARG L 970 -39.00 59.89 31.19
C ARG L 970 -40.31 60.67 31.25
N LEU L 971 -40.25 61.83 31.91
CA LEU L 971 -41.41 62.66 32.17
C LEU L 971 -41.64 63.68 31.07
N GLU L 972 -42.92 64.04 30.89
CA GLU L 972 -43.30 65.21 30.10
C GLU L 972 -44.49 65.87 30.78
N ILE L 973 -44.40 67.17 31.02
CA ILE L 973 -45.47 67.90 31.67
C ILE L 973 -46.60 68.11 30.68
N ILE L 974 -47.80 67.64 31.03
CA ILE L 974 -48.89 67.56 30.07
C ILE L 974 -50.09 68.31 30.66
N SER L 975 -49.85 69.09 31.70
CA SER L 975 -50.89 69.97 32.24
C SER L 975 -50.24 71.04 33.09
N ASN L 976 -51.07 71.81 33.79
CA ASN L 976 -50.64 72.79 34.77
C ASN L 976 -51.42 72.71 36.08
N LYS L 977 -52.53 71.99 36.10
CA LYS L 977 -53.47 72.02 37.22
C LYS L 977 -52.98 71.09 38.34
N PRO L 978 -53.00 71.56 39.59
CA PRO L 978 -52.83 70.63 40.72
C PRO L 978 -53.84 69.49 40.64
N TYR L 979 -53.36 68.26 40.47
CA TYR L 979 -54.24 67.16 40.11
C TYR L 979 -55.11 66.76 41.29
N LYS L 980 -56.36 67.21 41.27
CA LYS L 980 -57.37 66.65 42.16
C LYS L 980 -57.72 65.24 41.68
N ILE L 981 -57.87 64.33 42.63
CA ILE L 981 -58.27 62.96 42.30
C ILE L 981 -59.72 62.93 41.85
N PRO L 982 -60.02 62.47 40.62
CA PRO L 982 -61.40 62.12 40.28
C PRO L 982 -62.04 61.20 41.30
N ASN L 983 -63.08 61.67 41.98
CA ASN L 983 -63.66 60.91 43.08
C ASN L 983 -64.20 59.56 42.64
N THR L 984 -64.42 59.36 41.34
CA THR L 984 -64.95 58.12 40.80
C THR L 984 -63.96 56.95 40.83
N GLU L 985 -62.77 57.08 41.40
CA GLU L 985 -61.78 56.00 41.33
C GLU L 985 -60.90 56.00 42.58
N ASN L 1018 -46.81 17.42 5.83
CA ASN L 1018 -46.58 17.21 4.40
C ASN L 1018 -45.59 16.07 4.17
N ILE L 1019 -44.37 16.43 3.72
CA ILE L 1019 -43.35 15.45 3.35
C ILE L 1019 -42.87 14.65 4.56
N ILE L 1020 -42.86 15.27 5.73
CA ILE L 1020 -42.37 14.65 6.96
C ILE L 1020 -43.15 13.41 7.43
N GLN L 1021 -44.48 13.35 7.22
CA GLN L 1021 -45.19 12.18 7.73
C GLN L 1021 -45.31 10.95 6.84
N GLU L 1022 -45.32 11.03 5.51
CA GLU L 1022 -45.26 9.77 4.74
C GLU L 1022 -44.03 8.96 5.09
N GLU L 1023 -42.84 9.58 5.01
CA GLU L 1023 -41.61 8.88 5.29
C GLU L 1023 -41.37 8.67 6.79
N TYR L 1024 -42.08 9.39 7.65
CA TYR L 1024 -42.10 9.04 9.07
C TYR L 1024 -42.58 7.61 9.25
N GLN L 1025 -43.81 7.33 8.83
CA GLN L 1025 -44.41 5.99 8.94
C GLN L 1025 -43.63 4.96 8.16
N GLU L 1026 -42.76 5.38 7.25
CA GLU L 1026 -41.97 4.48 6.42
C GLU L 1026 -40.69 4.02 7.13
N TYR L 1027 -39.92 4.94 7.71
CA TYR L 1027 -38.58 4.63 8.19
C TYR L 1027 -38.50 4.65 9.72
N ARG L 1028 -39.58 4.27 10.39
CA ARG L 1028 -39.57 4.15 11.84
C ARG L 1028 -38.71 2.96 12.28
N GLN L 1029 -38.25 3.02 13.52
CA GLN L 1029 -37.88 1.80 14.21
C GLN L 1029 -39.08 0.86 14.23
N THR L 1030 -38.82 -0.44 14.17
CA THR L 1030 -39.91 -1.40 14.10
C THR L 1030 -40.72 -1.40 15.39
N LYS L 1031 -42.04 -1.50 15.26
CA LYS L 1031 -42.95 -1.28 16.36
C LYS L 1031 -43.20 -2.59 17.11
N GLY L 1032 -42.72 -2.66 18.34
CA GLY L 1032 -43.18 -3.70 19.25
C GLY L 1032 -42.56 -5.07 19.04
N ARG L 1033 -43.41 -6.05 18.77
CA ARG L 1033 -43.06 -7.47 18.80
C ARG L 1033 -42.33 -7.80 17.50
N SER L 1034 -41.01 -7.75 17.53
CA SER L 1034 -40.22 -8.02 16.33
C SER L 1034 -39.35 -9.25 16.54
N LEU L 1035 -38.85 -9.78 15.42
CA LEU L 1035 -37.98 -10.95 15.50
C LEU L 1035 -36.69 -10.67 16.26
N TYR L 1036 -36.06 -9.51 15.99
CA TYR L 1036 -34.83 -9.17 16.68
C TYR L 1036 -35.03 -9.14 18.19
N THR L 1037 -36.10 -8.47 18.63
CA THR L 1037 -36.54 -8.53 20.03
C THR L 1037 -36.53 -9.96 20.55
N LEU L 1038 -37.23 -10.86 19.86
CA LEU L 1038 -37.40 -12.21 20.35
C LEU L 1038 -36.07 -12.95 20.44
N LEU L 1039 -35.22 -12.80 19.42
CA LEU L 1039 -33.96 -13.52 19.44
C LEU L 1039 -33.02 -12.97 20.50
N GLU L 1040 -33.10 -11.67 20.80
CA GLU L 1040 -32.32 -11.15 21.90
C GLU L 1040 -32.85 -11.64 23.24
N GLU L 1041 -34.19 -11.73 23.37
CA GLU L 1041 -34.76 -12.41 24.53
C GLU L 1041 -34.20 -13.82 24.68
N ILE L 1042 -34.10 -14.54 23.57
CA ILE L 1042 -33.61 -15.92 23.65
C ILE L 1042 -32.16 -15.92 24.11
N ARG L 1043 -31.36 -14.99 23.59
CA ARG L 1043 -29.95 -14.93 23.98
C ARG L 1043 -29.78 -14.61 25.46
N ASP L 1044 -30.47 -13.58 25.96
CA ASP L 1044 -30.27 -13.25 27.37
C ASP L 1044 -31.01 -14.17 28.34
N LEU L 1045 -31.98 -14.97 27.88
CA LEU L 1045 -32.52 -16.02 28.73
C LEU L 1045 -31.68 -17.29 28.69
N ALA L 1046 -30.89 -17.48 27.63
CA ALA L 1046 -30.01 -18.64 27.61
C ALA L 1046 -28.79 -18.41 28.50
N LEU L 1047 -28.39 -17.15 28.67
CA LEU L 1047 -27.25 -16.77 29.48
C LEU L 1047 -27.68 -16.29 30.87
N LEU L 1048 -28.89 -16.63 31.27
CA LEU L 1048 -29.49 -16.10 32.50
C LEU L 1048 -28.93 -16.89 33.68
N ASP L 1049 -29.51 -16.70 34.87
CA ASP L 1049 -29.08 -17.42 36.06
C ASP L 1049 -30.31 -17.52 36.96
N VAL L 1050 -30.95 -18.68 36.94
CA VAL L 1050 -32.26 -18.89 37.57
C VAL L 1050 -32.05 -19.74 38.82
N SER L 1051 -30.86 -19.68 39.39
CA SER L 1051 -30.55 -20.40 40.61
C SER L 1051 -30.16 -19.51 41.78
N ASN L 1052 -29.97 -18.21 41.56
CA ASN L 1052 -29.72 -17.27 42.65
C ASN L 1052 -30.98 -16.46 42.95
N LEU M 4 -15.17 40.20 2.66
CA LEU M 4 -14.71 40.26 1.28
C LEU M 4 -15.79 39.76 0.33
N GLU M 5 -15.99 40.47 -0.78
CA GLU M 5 -17.00 40.10 -1.75
C GLU M 5 -16.51 38.92 -2.59
N LEU M 6 -17.25 37.82 -2.57
CA LEU M 6 -17.00 36.71 -3.47
C LEU M 6 -18.02 36.64 -4.59
N LEU M 7 -19.05 37.48 -4.57
CA LEU M 7 -20.02 37.53 -5.67
C LEU M 7 -20.68 38.90 -5.65
N SER M 8 -20.42 39.71 -6.66
CA SER M 8 -20.97 41.06 -6.69
C SER M 8 -22.46 41.02 -7.04
N ASP M 9 -23.11 42.17 -6.92
CA ASP M 9 -24.54 42.25 -7.26
C ASP M 9 -24.78 42.03 -8.75
N GLN M 10 -23.83 42.44 -9.60
CA GLN M 10 -24.01 42.21 -11.03
C GLN M 10 -23.92 40.73 -11.38
N GLY M 11 -23.23 39.94 -10.56
CA GLY M 11 -23.05 38.52 -10.82
C GLY M 11 -21.66 38.08 -11.19
N TYR M 12 -20.69 38.99 -11.27
CA TYR M 12 -19.33 38.61 -11.65
C TYR M 12 -18.53 38.19 -10.43
N ARG M 13 -17.68 37.19 -10.63
CA ARG M 13 -16.82 36.68 -9.56
C ARG M 13 -15.61 37.59 -9.40
N VAL M 14 -14.64 37.14 -8.60
CA VAL M 14 -13.42 37.91 -8.38
C VAL M 14 -12.60 37.99 -9.66
N ASP M 15 -12.48 36.87 -10.38
CA ASP M 15 -11.65 36.84 -11.57
C ASP M 15 -12.39 37.23 -12.85
N GLY M 16 -13.71 37.40 -12.78
CA GLY M 16 -14.46 37.95 -13.89
C GLY M 16 -15.39 37.01 -14.62
N ARG M 17 -15.50 35.76 -14.19
CA ARG M 17 -16.40 34.82 -14.85
C ARG M 17 -17.70 34.68 -14.06
N ARG M 18 -18.75 34.23 -14.76
CA ARG M 18 -20.06 34.10 -14.14
C ARG M 18 -20.11 32.84 -13.28
N ALA M 19 -21.31 32.52 -12.76
CA ALA M 19 -21.49 31.36 -11.91
C ALA M 19 -21.15 30.07 -12.67
N GLY M 20 -21.89 29.80 -13.74
CA GLY M 20 -21.72 28.59 -14.51
C GLY M 20 -20.74 28.74 -15.65
N GLU M 21 -19.51 29.13 -15.34
CA GLU M 21 -18.47 29.31 -16.34
C GLU M 21 -17.20 28.64 -15.86
N LEU M 22 -16.55 27.89 -16.76
CA LEU M 22 -15.32 27.18 -16.45
C LEU M 22 -14.11 28.05 -16.77
N ARG M 23 -12.95 27.59 -16.32
CA ARG M 23 -11.69 28.24 -16.70
C ARG M 23 -11.27 27.76 -18.09
N LYS M 24 -10.06 28.13 -18.48
CA LYS M 24 -9.48 27.72 -19.76
C LYS M 24 -8.51 26.58 -19.56
N ILE M 25 -8.69 25.52 -20.34
CA ILE M 25 -7.82 24.34 -20.26
C ILE M 25 -6.97 24.29 -21.52
N GLN M 26 -5.76 23.74 -21.37
CA GLN M 26 -4.77 23.70 -22.45
C GLN M 26 -3.93 22.46 -22.21
N ALA M 27 -4.22 21.40 -22.97
CA ALA M 27 -3.67 20.07 -22.73
C ALA M 27 -2.56 19.76 -23.73
N ARG M 28 -2.05 18.54 -23.63
CA ARG M 28 -1.00 18.02 -24.51
C ARG M 28 -0.91 16.52 -24.28
N MET M 29 -0.62 15.78 -25.36
CA MET M 29 -0.51 14.34 -25.30
C MET M 29 0.87 13.91 -25.79
N GLY M 30 1.45 12.92 -25.11
CA GLY M 30 2.76 12.43 -25.50
C GLY M 30 3.91 13.33 -25.10
N VAL M 31 4.10 13.54 -23.80
CA VAL M 31 5.15 14.45 -23.35
C VAL M 31 6.48 13.75 -23.16
N PHE M 32 6.49 12.56 -22.56
CA PHE M 32 7.74 11.85 -22.30
C PHE M 32 7.93 10.69 -23.25
N ALA M 33 9.18 10.27 -23.39
CA ALA M 33 9.57 9.21 -24.31
C ALA M 33 9.90 7.90 -23.63
N GLN M 34 10.63 7.94 -22.51
CA GLN M 34 11.03 6.71 -21.83
C GLN M 34 9.81 5.98 -21.28
N ALA M 35 8.85 6.71 -20.72
CA ALA M 35 7.70 6.08 -20.10
C ALA M 35 6.77 5.51 -21.17
N ASP M 36 5.77 4.74 -20.71
CA ASP M 36 4.79 4.13 -21.58
C ASP M 36 3.56 5.01 -21.80
N GLY M 37 3.52 6.18 -21.19
CA GLY M 37 2.42 7.11 -21.37
C GLY M 37 2.73 8.42 -20.70
N SER M 38 2.01 9.45 -21.11
CA SER M 38 2.25 10.78 -20.56
C SER M 38 1.06 11.68 -20.88
N ALA M 39 1.00 12.80 -20.17
CA ALA M 39 -0.02 13.81 -20.38
C ALA M 39 0.42 15.09 -19.69
N TYR M 40 -0.29 16.17 -19.98
CA TYR M 40 -0.01 17.46 -19.37
C TYR M 40 -1.25 18.31 -19.54
N ILE M 41 -1.80 18.81 -18.44
CA ILE M 41 -2.99 19.64 -18.46
C ILE M 41 -2.81 20.84 -17.54
N GLU M 42 -3.33 21.99 -17.96
CA GLU M 42 -3.37 23.20 -17.14
C GLU M 42 -4.81 23.70 -17.08
N GLN M 43 -5.53 23.31 -16.03
CA GLN M 43 -6.92 23.74 -15.85
C GLN M 43 -6.90 25.10 -15.17
N GLY M 44 -7.18 26.15 -15.93
CA GLY M 44 -7.09 27.49 -15.38
C GLY M 44 -5.68 27.88 -15.05
N ASN M 45 -5.37 27.99 -13.76
CA ASN M 45 -4.03 28.35 -13.30
C ASN M 45 -3.38 27.24 -12.48
N THR M 46 -3.87 26.01 -12.61
CA THR M 46 -3.31 24.85 -11.92
C THR M 46 -2.62 23.96 -12.94
N LYS M 47 -1.33 23.70 -12.73
CA LYS M 47 -0.54 22.90 -13.65
C LYS M 47 -0.32 21.52 -13.05
N ALA M 48 -0.81 20.49 -13.75
CA ALA M 48 -0.66 19.10 -13.32
C ALA M 48 0.25 18.35 -14.29
N LEU M 49 0.46 17.07 -14.00
CA LEU M 49 1.30 16.19 -14.81
C LEU M 49 1.06 14.76 -14.35
N ALA M 50 1.09 13.81 -15.29
CA ALA M 50 0.81 12.42 -14.96
C ALA M 50 1.68 11.51 -15.83
N VAL M 51 2.21 10.45 -15.22
CA VAL M 51 3.00 9.45 -15.92
C VAL M 51 2.56 8.07 -15.44
N VAL M 52 2.28 7.17 -16.39
CA VAL M 52 1.85 5.82 -16.09
C VAL M 52 2.83 4.82 -16.71
N TYR M 53 2.87 3.64 -16.12
CA TYR M 53 3.69 2.53 -16.62
C TYR M 53 2.81 1.31 -16.85
N GLY M 54 2.99 0.69 -18.01
CA GLY M 54 2.14 -0.38 -18.48
C GLY M 54 2.17 -1.63 -17.64
N PRO M 55 1.26 -2.55 -17.89
CA PRO M 55 1.23 -3.81 -17.14
C PRO M 55 2.56 -4.55 -17.26
N HIS M 56 3.13 -4.87 -16.10
CA HIS M 56 4.48 -5.42 -16.00
C HIS M 56 4.48 -6.50 -14.92
N GLU M 57 5.67 -7.04 -14.67
CA GLU M 57 5.82 -8.03 -13.61
C GLU M 57 5.73 -7.35 -12.25
N ILE M 58 5.08 -8.03 -11.30
CA ILE M 58 4.87 -7.45 -9.98
C ILE M 58 6.22 -7.30 -9.28
N ARG M 59 6.50 -6.09 -8.81
CA ARG M 59 7.75 -5.82 -8.13
C ARG M 59 7.80 -6.54 -6.79
N GLY M 60 8.98 -7.05 -6.46
CA GLY M 60 9.19 -7.76 -5.21
C GLY M 60 8.82 -9.23 -5.26
N SER M 61 7.76 -9.58 -6.00
CA SER M 61 7.35 -10.98 -6.15
C SER M 61 7.16 -11.64 -4.79
N ARG M 62 6.45 -10.92 -3.92
CA ARG M 62 6.18 -11.35 -2.55
C ARG M 62 4.83 -12.05 -2.42
N ALA M 63 4.38 -12.71 -3.49
CA ALA M 63 3.08 -13.36 -3.54
C ALA M 63 1.99 -12.42 -3.01
N ARG M 64 1.84 -11.31 -3.73
CA ARG M 64 0.83 -10.29 -3.43
C ARG M 64 -0.07 -10.04 -4.63
N ALA M 65 -0.26 -11.06 -5.47
CA ALA M 65 -1.00 -10.91 -6.70
C ALA M 65 -2.48 -11.21 -6.48
N LEU M 66 -3.29 -10.85 -7.47
CA LEU M 66 -4.71 -11.16 -7.48
C LEU M 66 -5.01 -12.02 -8.71
N PRO M 67 -5.47 -13.26 -8.53
CA PRO M 67 -5.69 -14.14 -9.68
C PRO M 67 -6.85 -13.76 -10.57
N ASP M 68 -7.60 -12.70 -10.28
CA ASP M 68 -8.77 -12.36 -11.07
C ASP M 68 -8.63 -11.08 -11.87
N ARG M 69 -7.78 -10.15 -11.44
CA ARG M 69 -7.67 -8.85 -12.09
C ARG M 69 -6.24 -8.34 -11.92
N ALA M 70 -6.01 -7.09 -12.28
CA ALA M 70 -4.70 -6.48 -12.17
C ALA M 70 -4.63 -5.63 -10.91
N LEU M 71 -3.43 -5.16 -10.60
CA LEU M 71 -3.17 -4.40 -9.38
C LEU M 71 -2.80 -2.97 -9.78
N VAL M 72 -3.72 -2.04 -9.54
CA VAL M 72 -3.51 -0.62 -9.80
C VAL M 72 -2.81 0.00 -8.62
N ASN M 73 -1.71 0.70 -8.87
CA ASN M 73 -0.92 1.35 -7.83
C ASN M 73 -0.68 2.79 -8.25
N CYS M 74 -1.31 3.74 -7.55
CA CYS M 74 -1.20 5.15 -7.87
C CYS M 74 -0.50 5.89 -6.72
N GLN M 75 0.39 6.81 -7.07
CA GLN M 75 1.07 7.66 -6.10
C GLN M 75 0.69 9.12 -6.36
N TYR M 76 1.02 9.97 -5.38
CA TYR M 76 0.91 11.41 -5.52
C TYR M 76 2.06 12.13 -4.84
N SER M 77 2.55 13.17 -5.51
CA SER M 77 3.64 14.00 -5.02
C SER M 77 3.31 15.44 -5.36
N SER M 78 4.09 16.36 -4.83
CA SER M 78 3.85 17.79 -5.05
C SER M 78 5.16 18.55 -4.93
N ALA M 79 5.41 19.46 -5.86
CA ALA M 79 6.62 20.26 -5.77
C ALA M 79 6.53 21.21 -4.58
N THR M 80 7.69 21.53 -4.02
CA THR M 80 7.81 22.40 -2.86
C THR M 80 7.63 23.87 -3.18
N PHE M 81 7.49 24.24 -4.46
CA PHE M 81 7.20 25.62 -4.84
C PHE M 81 5.81 25.76 -5.46
N SER M 82 4.89 24.88 -5.09
CA SER M 82 3.56 24.83 -5.70
C SER M 82 2.60 25.87 -5.14
N THR M 83 2.97 26.61 -4.09
CA THR M 83 2.11 27.63 -3.53
C THR M 83 2.96 28.79 -3.04
N GLY M 84 2.31 29.78 -2.43
CA GLY M 84 3.04 30.99 -2.04
C GLY M 84 4.14 30.73 -1.03
N GLU M 85 3.84 29.93 0.00
CA GLU M 85 4.85 29.55 0.97
C GLU M 85 5.52 28.25 0.53
N ARG M 86 6.74 28.04 1.03
CA ARG M 86 7.49 26.85 0.61
C ARG M 86 6.74 25.58 1.02
N LYS M 87 6.54 25.40 2.32
CA LYS M 87 5.74 24.30 2.87
C LYS M 87 6.23 22.96 2.30
N ARG M 88 7.48 22.64 2.60
CA ARG M 88 8.01 21.33 2.24
C ARG M 88 7.48 20.28 3.19
N ARG M 89 7.17 19.12 2.64
CA ARG M 89 6.62 17.99 3.37
C ARG M 89 7.42 16.75 3.07
N PRO M 90 7.53 15.82 4.02
CA PRO M 90 8.20 14.55 3.75
C PRO M 90 7.26 13.61 3.03
N HIS M 91 7.82 12.54 2.50
CA HIS M 91 6.99 11.57 1.80
C HIS M 91 6.34 10.62 2.80
N GLY M 92 5.66 11.19 3.79
CA GLY M 92 4.92 10.42 4.76
C GLY M 92 3.59 11.06 5.10
N ASP M 93 3.27 12.18 4.44
CA ASP M 93 2.06 12.91 4.78
C ASP M 93 0.83 12.06 4.46
N ARG M 94 -0.24 12.28 5.23
CA ARG M 94 -1.50 11.58 5.02
C ARG M 94 -2.43 12.26 4.01
N LYS M 95 -2.12 13.48 3.58
CA LYS M 95 -2.90 14.08 2.50
C LYS M 95 -2.60 13.44 1.15
N SER M 96 -1.32 13.19 0.87
CA SER M 96 -0.99 12.50 -0.37
C SER M 96 -1.53 11.07 -0.38
N CYS M 97 -1.43 10.37 0.76
CA CYS M 97 -1.94 9.01 0.80
C CYS M 97 -3.45 8.98 0.61
N GLU M 98 -4.19 9.90 1.25
CA GLU M 98 -5.64 9.82 1.08
C GLU M 98 -6.10 10.26 -0.30
N MET M 99 -5.41 11.23 -0.92
CA MET M 99 -5.85 11.62 -2.26
C MET M 99 -5.50 10.52 -3.26
N GLY M 100 -4.32 9.90 -3.10
CA GLY M 100 -3.92 8.79 -3.93
C GLY M 100 -4.74 7.55 -3.67
N LEU M 101 -5.41 7.48 -2.53
CA LEU M 101 -6.28 6.35 -2.23
C LEU M 101 -7.62 6.57 -2.89
N GLN M 102 -8.07 7.82 -2.95
CA GLN M 102 -9.28 8.11 -3.72
C GLN M 102 -8.99 7.95 -5.21
N LEU M 103 -7.77 8.26 -5.65
CA LEU M 103 -7.38 8.03 -7.04
C LEU M 103 -7.38 6.53 -7.34
N ARG M 104 -6.87 5.71 -6.41
CA ARG M 104 -6.87 4.28 -6.65
C ARG M 104 -8.29 3.75 -6.64
N GLN M 105 -9.16 4.38 -5.86
CA GLN M 105 -10.54 3.92 -5.79
C GLN M 105 -11.27 4.23 -7.09
N THR M 106 -11.06 5.43 -7.64
CA THR M 106 -11.78 5.76 -8.87
C THR M 106 -11.19 5.04 -10.08
N PHE M 107 -9.89 4.78 -10.09
CA PHE M 107 -9.32 4.05 -11.23
C PHE M 107 -9.43 2.54 -11.08
N GLU M 108 -9.79 2.03 -9.90
CA GLU M 108 -10.14 0.62 -9.80
C GLU M 108 -11.57 0.37 -10.24
N ALA M 109 -12.32 1.45 -10.49
CA ALA M 109 -13.69 1.35 -10.96
C ALA M 109 -13.86 1.79 -12.41
N ALA M 110 -13.02 2.72 -12.88
CA ALA M 110 -13.15 3.18 -14.27
C ALA M 110 -12.46 2.21 -15.23
N ILE M 111 -11.24 1.78 -14.90
CA ILE M 111 -10.49 0.89 -15.77
C ILE M 111 -11.15 -0.48 -15.81
N LEU M 112 -11.22 -1.07 -17.00
CA LEU M 112 -11.75 -2.43 -17.18
C LEU M 112 -10.58 -3.38 -16.93
N THR M 113 -10.35 -3.65 -15.65
CA THR M 113 -9.12 -4.28 -15.19
C THR M 113 -9.11 -5.80 -15.31
N GLN M 114 -10.25 -6.44 -15.59
CA GLN M 114 -10.21 -7.89 -15.66
C GLN M 114 -9.72 -8.36 -17.03
N LEU M 115 -8.57 -7.85 -17.44
CA LEU M 115 -7.91 -8.32 -18.65
C LEU M 115 -6.40 -8.47 -18.50
N HIS M 116 -5.86 -8.25 -17.31
CA HIS M 116 -4.42 -8.33 -17.08
C HIS M 116 -4.14 -9.10 -15.79
N PRO M 117 -4.40 -10.41 -15.79
CA PRO M 117 -4.16 -11.19 -14.57
C PRO M 117 -2.68 -11.16 -14.21
N ARG M 118 -2.40 -11.06 -12.91
CA ARG M 118 -1.03 -11.08 -12.38
C ARG M 118 -0.20 -9.94 -12.96
N SER M 119 -0.77 -8.74 -12.96
CA SER M 119 -0.06 -7.59 -13.50
C SER M 119 -0.29 -6.37 -12.61
N GLN M 120 0.68 -5.46 -12.64
CA GLN M 120 0.62 -4.22 -11.89
C GLN M 120 0.44 -3.06 -12.86
N ILE M 121 -0.26 -2.01 -12.39
CA ILE M 121 -0.35 -0.76 -13.12
C ILE M 121 0.12 0.37 -12.21
N ASP M 122 1.23 1.00 -12.57
CA ASP M 122 1.81 2.06 -11.76
C ASP M 122 1.45 3.42 -12.35
N ILE M 123 0.77 4.25 -11.57
CA ILE M 123 0.33 5.57 -11.99
C ILE M 123 0.99 6.61 -11.09
N TYR M 124 1.64 7.60 -11.70
CA TYR M 124 2.30 8.66 -10.96
C TYR M 124 1.74 10.01 -11.40
N VAL M 125 1.48 10.87 -10.42
CA VAL M 125 0.95 12.22 -10.68
C VAL M 125 1.85 13.23 -9.99
N GLN M 126 2.25 14.27 -10.73
CA GLN M 126 3.09 15.33 -10.18
C GLN M 126 2.41 16.68 -10.42
N VAL M 127 2.22 17.44 -9.35
CA VAL M 127 1.60 18.76 -9.42
C VAL M 127 2.69 19.82 -9.34
N LEU M 128 2.79 20.64 -10.38
CA LEU M 128 3.82 21.67 -10.42
C LEU M 128 3.34 23.02 -9.89
N GLN M 129 2.02 23.26 -9.90
CA GLN M 129 1.48 24.50 -9.36
C GLN M 129 0.01 24.28 -9.05
N ALA M 130 -0.38 24.44 -7.79
CA ALA M 130 -1.72 24.16 -7.30
C ALA M 130 -2.46 25.46 -6.99
N ASP M 131 -3.52 25.75 -7.73
CA ASP M 131 -4.38 26.89 -7.42
C ASP M 131 -5.80 26.51 -7.82
N GLY M 132 -6.57 26.05 -6.85
CA GLY M 132 -7.93 25.63 -7.07
C GLY M 132 -8.09 24.13 -6.88
N GLY M 133 -9.00 23.52 -7.64
CA GLY M 133 -9.20 22.09 -7.54
C GLY M 133 -8.04 21.24 -8.03
N THR M 134 -7.35 20.58 -7.10
CA THR M 134 -6.23 19.72 -7.48
C THR M 134 -6.69 18.31 -7.85
N TYR M 135 -7.74 17.81 -7.19
CA TYR M 135 -8.21 16.45 -7.41
C TYR M 135 -8.70 16.25 -8.84
N ALA M 136 -9.53 17.17 -9.35
CA ALA M 136 -10.05 17.00 -10.69
C ALA M 136 -8.96 17.15 -11.74
N ALA M 137 -7.97 18.01 -11.48
CA ALA M 137 -6.86 18.16 -12.41
C ALA M 137 -6.00 16.90 -12.44
N CYS M 138 -5.84 16.25 -11.29
CA CYS M 138 -5.05 15.02 -11.26
C CYS M 138 -5.81 13.89 -11.93
N VAL M 139 -7.13 13.82 -11.72
CA VAL M 139 -7.92 12.76 -12.34
C VAL M 139 -7.90 12.92 -13.85
N ASN M 140 -8.09 14.14 -14.34
CA ASN M 140 -8.09 14.34 -15.79
C ASN M 140 -6.69 14.11 -16.40
N ALA M 141 -5.63 14.52 -15.69
CA ALA M 141 -4.29 14.29 -16.22
C ALA M 141 -3.95 12.80 -16.24
N ALA M 142 -4.48 12.02 -15.31
CA ALA M 142 -4.15 10.61 -15.33
C ALA M 142 -5.06 9.84 -16.26
N THR M 143 -6.26 10.36 -16.52
CA THR M 143 -7.10 9.77 -17.56
C THR M 143 -6.44 9.96 -18.92
N LEU M 144 -5.86 11.13 -19.15
CA LEU M 144 -5.18 11.37 -20.40
C LEU M 144 -3.91 10.54 -20.50
N ALA M 145 -3.16 10.38 -19.40
CA ALA M 145 -1.95 9.57 -19.48
C ALA M 145 -2.27 8.10 -19.71
N VAL M 146 -3.36 7.61 -19.11
CA VAL M 146 -3.76 6.23 -19.32
C VAL M 146 -4.21 6.03 -20.77
N LEU M 147 -4.91 7.02 -21.33
CA LEU M 147 -5.28 6.93 -22.74
C LEU M 147 -4.02 6.90 -23.60
N ASP M 148 -3.01 7.69 -23.22
CA ASP M 148 -1.77 7.70 -23.97
C ASP M 148 -1.09 6.34 -23.90
N ALA M 149 -1.32 5.60 -22.82
CA ALA M 149 -0.72 4.28 -22.68
C ALA M 149 -1.50 3.17 -23.36
N GLY M 150 -2.72 3.45 -23.84
CA GLY M 150 -3.48 2.46 -24.57
C GLY M 150 -4.24 1.49 -23.71
N ILE M 151 -4.38 1.75 -22.42
CA ILE M 151 -5.12 0.88 -21.50
C ILE M 151 -6.62 1.03 -21.72
N PRO M 152 -7.32 -0.06 -22.00
CA PRO M 152 -8.78 0.02 -22.20
C PRO M 152 -9.54 0.43 -20.95
N MET M 153 -10.63 1.17 -21.15
CA MET M 153 -11.50 1.61 -20.06
C MET M 153 -12.92 1.73 -20.55
N ARG M 154 -13.85 1.68 -19.59
CA ARG M 154 -15.28 1.69 -19.92
C ARG M 154 -15.67 3.01 -20.57
N ASP M 155 -15.15 4.12 -20.06
CA ASP M 155 -15.56 5.44 -20.51
C ASP M 155 -14.44 6.42 -20.20
N PHE M 156 -14.71 7.71 -20.42
CA PHE M 156 -13.75 8.79 -20.21
C PHE M 156 -14.15 9.51 -18.92
N VAL M 157 -13.53 9.11 -17.81
CA VAL M 157 -13.90 9.68 -16.51
C VAL M 157 -13.35 11.09 -16.38
N CYS M 158 -14.20 12.01 -15.92
CA CYS M 158 -13.83 13.40 -15.73
C CYS M 158 -14.47 13.93 -14.45
N ALA M 159 -13.77 14.84 -13.79
CA ALA M 159 -14.16 15.33 -12.48
C ALA M 159 -14.18 16.85 -12.46
N CYS M 160 -15.11 17.41 -11.69
CA CYS M 160 -15.21 18.84 -11.49
C CYS M 160 -15.85 19.11 -10.13
N SER M 161 -15.63 20.31 -9.61
CA SER M 161 -16.14 20.66 -8.30
C SER M 161 -17.25 21.72 -8.45
N ALA M 162 -17.76 22.16 -7.30
CA ALA M 162 -18.81 23.18 -7.26
C ALA M 162 -18.83 23.79 -5.86
N GLY M 163 -19.80 24.66 -5.63
CA GLY M 163 -19.93 25.31 -4.34
C GLY M 163 -21.30 25.91 -4.18
N PHE M 164 -21.44 26.73 -3.13
CA PHE M 164 -22.74 27.35 -2.85
C PHE M 164 -22.49 28.59 -2.01
N VAL M 165 -22.76 29.76 -2.58
CA VAL M 165 -22.60 31.04 -1.89
C VAL M 165 -23.82 31.90 -2.16
N ASP M 166 -24.43 32.40 -1.09
CA ASP M 166 -25.53 33.36 -1.20
C ASP M 166 -26.65 32.81 -2.09
N GLY M 167 -27.01 31.55 -1.88
CA GLY M 167 -28.13 30.95 -2.58
C GLY M 167 -27.89 30.58 -4.03
N THR M 168 -26.65 30.50 -4.48
CA THR M 168 -26.36 30.13 -5.86
C THR M 168 -25.26 29.07 -5.87
N ALA M 169 -25.21 28.31 -6.96
CA ALA M 169 -24.25 27.23 -7.11
C ALA M 169 -23.13 27.66 -8.04
N LEU M 170 -21.89 27.53 -7.58
CA LEU M 170 -20.73 27.90 -8.35
C LEU M 170 -20.23 26.69 -9.15
N ALA M 171 -19.06 26.83 -9.78
CA ALA M 171 -18.48 25.76 -10.57
C ALA M 171 -16.99 26.02 -10.73
N ASP M 172 -16.18 24.97 -10.56
CA ASP M 172 -14.73 25.03 -10.71
C ASP M 172 -14.14 26.09 -9.77
N LEU M 173 -14.33 25.84 -8.48
CA LEU M 173 -13.92 26.80 -7.45
C LEU M 173 -12.40 26.95 -7.45
N SER M 174 -11.94 28.12 -6.98
CA SER M 174 -10.52 28.40 -6.88
C SER M 174 -10.08 28.38 -5.43
N HIS M 175 -8.77 28.57 -5.22
CA HIS M 175 -8.22 28.51 -3.86
C HIS M 175 -8.76 29.63 -2.98
N VAL M 176 -8.95 30.82 -3.55
CA VAL M 176 -9.50 31.93 -2.79
C VAL M 176 -10.91 31.60 -2.34
N GLU M 177 -11.71 31.03 -3.24
CA GLU M 177 -13.08 30.67 -2.90
C GLU M 177 -13.12 29.41 -2.02
N GLU M 178 -12.17 28.50 -2.21
CA GLU M 178 -12.14 27.29 -1.41
C GLU M 178 -11.83 27.60 0.04
N ALA M 179 -10.87 28.48 0.29
CA ALA M 179 -10.47 28.84 1.64
C ALA M 179 -11.36 29.96 2.18
N ALA M 180 -12.66 29.70 2.14
CA ALA M 180 -13.65 30.65 2.64
C ALA M 180 -14.74 29.98 3.45
N GLY M 181 -14.63 28.69 3.75
CA GLY M 181 -15.62 28.00 4.54
C GLY M 181 -16.96 27.86 3.84
N GLY M 182 -16.99 27.11 2.74
CA GLY M 182 -18.20 26.88 2.01
C GLY M 182 -18.41 25.41 1.70
N PRO M 183 -19.63 25.05 1.31
CA PRO M 183 -19.92 23.64 1.01
C PRO M 183 -19.32 23.19 -0.31
N GLN M 184 -18.03 22.89 -0.34
CA GLN M 184 -17.41 22.38 -1.56
C GLN M 184 -17.87 20.95 -1.81
N LEU M 185 -17.70 20.52 -3.06
CA LEU M 185 -18.26 19.24 -3.49
C LEU M 185 -17.64 18.88 -4.84
N ALA M 186 -17.27 17.59 -4.99
CA ALA M 186 -16.60 17.11 -6.18
C ALA M 186 -17.15 15.75 -6.58
N LEU M 187 -17.13 15.48 -7.89
CA LEU M 187 -17.61 14.22 -8.47
C LEU M 187 -16.52 13.53 -9.27
N ALA M 188 -16.91 12.42 -9.89
CA ALA M 188 -16.10 11.75 -10.91
C ALA M 188 -17.10 11.00 -11.79
N LEU M 189 -17.38 11.56 -12.96
CA LEU M 189 -18.53 11.17 -13.76
C LEU M 189 -18.13 10.37 -14.98
N LEU M 190 -19.00 9.45 -15.37
CA LEU M 190 -18.90 8.72 -16.62
C LEU M 190 -19.97 9.24 -17.57
N PRO M 191 -19.61 10.02 -18.60
CA PRO M 191 -20.62 10.78 -19.32
C PRO M 191 -21.71 9.95 -19.99
N ALA M 192 -21.37 8.78 -20.54
CA ALA M 192 -22.37 8.03 -21.29
C ALA M 192 -23.49 7.52 -20.40
N SER M 193 -23.15 7.03 -19.21
CA SER M 193 -24.15 6.48 -18.30
C SER M 193 -24.61 7.46 -17.23
N GLY M 194 -23.84 8.52 -16.98
CA GLY M 194 -24.17 9.43 -15.91
C GLY M 194 -23.82 8.95 -14.53
N GLN M 195 -23.11 7.81 -14.42
CA GLN M 195 -22.77 7.26 -13.12
C GLN M 195 -21.65 8.05 -12.46
N ILE M 196 -21.60 7.95 -11.13
CA ILE M 196 -20.63 8.68 -10.31
C ILE M 196 -19.67 7.68 -9.69
N ALA M 197 -18.37 7.88 -9.91
CA ALA M 197 -17.37 6.97 -9.36
C ALA M 197 -16.91 7.36 -7.97
N LEU M 198 -16.97 8.66 -7.63
CA LEU M 198 -16.56 9.13 -6.32
C LEU M 198 -17.33 10.42 -6.02
N LEU M 199 -17.72 10.60 -4.76
CA LEU M 199 -18.40 11.81 -4.35
C LEU M 199 -17.80 12.38 -3.07
N GLU M 200 -17.58 13.69 -3.07
CA GLU M 200 -17.00 14.35 -1.90
C GLU M 200 -17.71 15.66 -1.65
N MET M 201 -17.62 16.12 -0.40
CA MET M 201 -18.21 17.35 0.08
C MET M 201 -17.55 17.67 1.43
N ASP M 202 -17.69 18.91 1.85
CA ASP M 202 -17.23 19.30 3.18
C ASP M 202 -17.97 20.55 3.58
N ALA M 203 -17.89 20.85 4.88
CA ALA M 203 -18.57 21.99 5.49
C ALA M 203 -20.07 21.78 5.38
N ARG M 204 -20.86 22.65 5.97
CA ARG M 204 -22.29 22.40 6.05
C ARG M 204 -23.02 22.90 4.80
N LEU M 205 -24.18 22.31 4.57
CA LEU M 205 -25.09 22.68 3.49
C LEU M 205 -26.45 22.06 3.77
N HIS M 206 -27.49 22.83 3.56
CA HIS M 206 -28.85 22.33 3.79
C HIS M 206 -29.16 21.26 2.74
N GLU M 207 -30.14 20.40 3.04
CA GLU M 207 -30.44 19.31 2.11
C GLU M 207 -31.20 19.76 0.87
N ASP M 208 -31.85 20.92 0.88
CA ASP M 208 -32.59 21.31 -0.32
C ASP M 208 -31.70 21.74 -1.46
N HIS M 209 -30.47 22.18 -1.20
CA HIS M 209 -29.63 22.68 -2.27
C HIS M 209 -28.60 21.65 -2.72
N LEU M 210 -28.67 20.42 -2.18
CA LEU M 210 -27.72 19.41 -2.61
C LEU M 210 -28.02 18.98 -4.04
N GLU M 211 -29.30 18.96 -4.41
CA GLU M 211 -29.68 18.53 -5.74
C GLU M 211 -29.17 19.51 -6.78
N ARG M 212 -29.13 20.79 -6.41
CA ARG M 212 -28.76 21.83 -7.36
C ARG M 212 -27.25 21.95 -7.45
N VAL M 213 -26.56 21.75 -6.33
CA VAL M 213 -25.10 21.77 -6.37
C VAL M 213 -24.60 20.56 -7.14
N LEU M 214 -25.21 19.39 -6.89
CA LEU M 214 -24.81 18.18 -7.59
C LEU M 214 -25.11 18.30 -9.08
N GLU M 215 -26.27 18.86 -9.44
CA GLU M 215 -26.59 19.01 -10.86
C GLU M 215 -25.62 19.97 -11.53
N ALA M 216 -25.28 21.08 -10.87
CA ALA M 216 -24.35 22.03 -11.47
C ALA M 216 -22.97 21.41 -11.61
N ALA M 217 -22.56 20.58 -10.66
CA ALA M 217 -21.26 19.91 -10.77
C ALA M 217 -21.26 18.90 -11.90
N ALA M 218 -22.34 18.12 -12.03
CA ALA M 218 -22.42 17.15 -13.11
C ALA M 218 -22.42 17.85 -14.47
N GLN M 219 -23.14 18.97 -14.57
CA GLN M 219 -23.15 19.72 -15.82
C GLN M 219 -21.77 20.30 -16.13
N ALA M 220 -21.05 20.79 -15.12
CA ALA M 220 -19.71 21.28 -15.40
C ALA M 220 -18.76 20.16 -15.78
N ALA M 221 -19.03 18.94 -15.29
CA ALA M 221 -18.20 17.82 -15.71
C ALA M 221 -18.51 17.42 -17.14
N ARG M 222 -19.79 17.52 -17.52
CA ARG M 222 -20.15 17.23 -18.91
C ARG M 222 -19.60 18.29 -19.84
N ASP M 223 -19.40 19.50 -19.32
CA ASP M 223 -18.76 20.54 -20.12
C ASP M 223 -17.26 20.34 -20.25
N VAL M 224 -16.62 19.78 -19.22
CA VAL M 224 -15.22 19.40 -19.36
C VAL M 224 -15.07 18.24 -20.33
N HIS M 225 -16.09 17.37 -20.40
CA HIS M 225 -16.00 16.19 -21.25
C HIS M 225 -15.81 16.58 -22.71
N THR M 226 -16.59 17.55 -23.19
CA THR M 226 -16.53 17.93 -24.59
C THR M 226 -15.17 18.53 -24.93
N LEU M 227 -14.64 19.35 -24.03
CA LEU M 227 -13.37 20.02 -24.29
C LEU M 227 -12.22 19.03 -24.31
N LEU M 228 -12.26 18.02 -23.44
CA LEU M 228 -11.19 17.02 -23.51
C LEU M 228 -11.42 16.07 -24.68
N ASP M 229 -12.67 15.86 -25.07
CA ASP M 229 -12.99 14.99 -26.19
C ASP M 229 -12.43 15.56 -27.47
N ARG M 230 -12.52 16.88 -27.64
CA ARG M 230 -11.97 17.46 -28.86
C ARG M 230 -10.45 17.35 -28.90
N VAL M 231 -9.80 17.35 -27.74
CA VAL M 231 -8.36 17.17 -27.69
C VAL M 231 -7.98 15.75 -28.08
N VAL M 232 -8.76 14.78 -27.59
CA VAL M 232 -8.44 13.38 -27.91
C VAL M 232 -8.69 13.13 -29.39
N ARG M 233 -9.80 13.64 -29.92
CA ARG M 233 -10.11 13.44 -31.34
C ARG M 233 -9.06 14.10 -32.22
N GLN M 234 -8.58 15.30 -31.83
CA GLN M 234 -7.52 15.92 -32.63
C GLN M 234 -6.22 15.13 -32.54
N HIS M 235 -5.97 14.48 -31.41
CA HIS M 235 -4.73 13.71 -31.29
C HIS M 235 -4.81 12.44 -32.13
N VAL M 236 -5.95 11.75 -32.07
CA VAL M 236 -6.09 10.51 -32.83
C VAL M 236 -6.11 10.80 -34.33
N ARG M 237 -6.76 11.89 -34.74
CA ARG M 237 -6.70 12.26 -36.15
C ARG M 237 -5.28 12.66 -36.55
N GLU M 238 -4.50 13.20 -35.60
CA GLU M 238 -3.11 13.53 -35.89
C GLU M 238 -2.31 12.28 -36.15
N ALA M 239 -2.50 11.25 -35.32
CA ALA M 239 -1.69 10.06 -35.48
C ALA M 239 -2.15 9.25 -36.68
N SER M 240 -3.45 9.27 -36.97
CA SER M 240 -3.97 8.60 -38.17
C SER M 240 -3.41 9.26 -39.42
N ILE M 241 -3.33 10.59 -39.43
CA ILE M 241 -2.69 11.32 -40.51
C ILE M 241 -1.22 10.95 -40.61
N LEU M 242 -0.54 10.86 -39.48
CA LEU M 242 0.86 10.46 -39.47
C LEU M 242 1.03 9.06 -40.02
N LEU M 243 0.16 8.14 -39.61
CA LEU M 243 0.22 6.78 -40.14
C LEU M 243 -0.32 6.74 -41.57
N GLY M 244 -0.36 5.53 -42.12
CA GLY M 244 -0.85 5.32 -43.46
C GLY M 244 0.11 4.51 -44.32
#